data_1Z1M
#
_entry.id   1Z1M
#
_entity_poly.entity_id   1
_entity_poly.type   'polypeptide(L)'
_entity_poly.pdbx_seq_one_letter_code
;MCNTNMSVPTDGAVTTSQIPASEQETLVRPKPLLLKLLKSVGAQKDTYTMKEVLFYLGQYIMTKRLYDEKQQHIVYCSND
LLGDLFGVPSFSVKEHRKIYTMIYRNLVVVNQQESSDSS
;
_entity_poly.pdbx_strand_id   A
#
# COMPACT_ATOMS: atom_id res chain seq x y z
N MET A 1 -16.48 9.45 2.90
CA MET A 1 -15.99 9.95 1.58
C MET A 1 -16.85 9.42 0.45
N CYS A 2 -17.81 10.23 0.01
CA CYS A 2 -18.70 9.83 -1.08
C CYS A 2 -19.11 11.05 -1.91
N ASN A 3 -18.89 12.23 -1.37
CA ASN A 3 -19.19 13.47 -2.08
C ASN A 3 -17.92 14.04 -2.71
N THR A 4 -16.87 13.24 -2.74
CA THR A 4 -15.59 13.67 -3.30
C THR A 4 -15.44 13.21 -4.75
N ASN A 5 -15.60 14.15 -5.67
CA ASN A 5 -15.49 13.85 -7.10
C ASN A 5 -14.57 14.85 -7.79
N MET A 6 -14.44 16.03 -7.21
CA MET A 6 -13.59 17.07 -7.77
C MET A 6 -12.95 17.90 -6.67
N SER A 7 -13.06 17.41 -5.43
CA SER A 7 -12.48 18.10 -4.27
C SER A 7 -13.10 19.48 -4.09
N VAL A 8 -12.70 20.16 -3.02
CA VAL A 8 -13.22 21.49 -2.73
C VAL A 8 -12.09 22.44 -2.33
N PRO A 9 -12.01 23.61 -2.98
CA PRO A 9 -10.98 24.61 -2.68
C PRO A 9 -11.30 25.44 -1.44
N THR A 10 -12.12 24.88 -0.55
CA THR A 10 -12.52 25.57 0.67
C THR A 10 -12.30 24.70 1.90
N ASP A 11 -11.26 25.03 2.67
CA ASP A 11 -10.93 24.28 3.88
C ASP A 11 -10.69 22.80 3.56
N GLY A 12 -10.17 22.54 2.37
CA GLY A 12 -9.89 21.18 1.95
C GLY A 12 -8.63 21.06 1.14
N ALA A 13 -7.79 22.09 1.20
CA ALA A 13 -6.52 22.10 0.46
C ALA A 13 -6.76 21.94 -1.05
N VAL A 14 -5.67 21.80 -1.80
CA VAL A 14 -5.76 21.66 -3.24
C VAL A 14 -6.24 20.25 -3.63
N THR A 15 -5.39 19.26 -3.37
CA THR A 15 -5.71 17.88 -3.71
C THR A 15 -5.53 16.96 -2.50
N THR A 16 -6.39 15.96 -2.40
CA THR A 16 -6.34 15.03 -1.28
C THR A 16 -5.40 13.86 -1.57
N SER A 17 -4.48 14.07 -2.51
CA SER A 17 -3.50 13.04 -2.88
C SER A 17 -2.23 13.18 -2.04
N GLN A 18 -1.39 12.16 -2.10
CA GLN A 18 -0.15 12.14 -1.32
C GLN A 18 0.79 11.11 -1.88
N ILE A 19 0.30 9.89 -1.94
CA ILE A 19 1.14 8.72 -1.80
C ILE A 19 1.19 7.91 -3.09
N PRO A 20 2.36 7.40 -3.46
CA PRO A 20 2.58 6.71 -4.73
C PRO A 20 1.80 5.39 -4.81
N ALA A 21 0.63 5.46 -5.42
CA ALA A 21 -0.26 4.30 -5.49
C ALA A 21 -1.32 4.50 -6.56
N SER A 22 -1.05 5.43 -7.47
CA SER A 22 -2.00 5.80 -8.51
C SER A 22 -1.38 6.84 -9.44
N GLU A 23 -0.88 7.93 -8.86
CA GLU A 23 -0.10 8.91 -9.61
C GLU A 23 1.29 8.36 -9.90
N GLN A 24 1.94 7.83 -8.87
CA GLN A 24 3.20 7.11 -9.04
C GLN A 24 3.00 5.61 -8.83
N GLU A 25 2.58 4.92 -9.89
CA GLU A 25 2.06 3.56 -9.76
C GLU A 25 3.20 2.55 -9.59
N THR A 26 3.83 2.18 -10.70
CA THR A 26 4.84 1.11 -10.70
C THR A 26 4.18 -0.25 -10.84
N LEU A 27 4.62 -1.01 -11.83
CA LEU A 27 4.09 -2.34 -12.03
C LEU A 27 4.75 -3.30 -11.06
N VAL A 28 4.28 -3.25 -9.82
CA VAL A 28 5.00 -3.85 -8.71
C VAL A 28 5.12 -5.34 -8.87
N ARG A 29 6.25 -5.87 -8.45
CA ARG A 29 6.41 -7.30 -8.39
C ARG A 29 7.23 -7.72 -7.17
N PRO A 30 6.56 -7.91 -6.03
CA PRO A 30 7.22 -8.25 -4.77
C PRO A 30 7.33 -9.75 -4.54
N LYS A 31 8.04 -10.13 -3.48
CA LYS A 31 8.06 -11.51 -3.03
C LYS A 31 6.81 -11.83 -2.21
N PRO A 32 6.48 -13.12 -2.04
CA PRO A 32 5.31 -13.54 -1.26
C PRO A 32 5.16 -12.77 0.04
N LEU A 33 4.32 -11.74 0.02
CA LEU A 33 4.18 -10.82 1.15
C LEU A 33 3.01 -9.87 0.92
N LEU A 34 2.90 -9.37 -0.30
CA LEU A 34 1.79 -8.51 -0.67
C LEU A 34 0.74 -9.30 -1.44
N LEU A 35 1.09 -10.55 -1.76
CA LEU A 35 0.22 -11.39 -2.55
C LEU A 35 -0.53 -12.38 -1.65
N LYS A 36 0.18 -12.91 -0.66
CA LYS A 36 -0.48 -13.49 0.50
C LYS A 36 -1.34 -12.45 1.19
N LEU A 37 -1.17 -11.19 0.77
CA LEU A 37 -1.93 -10.09 1.32
C LEU A 37 -3.18 -9.85 0.48
N LEU A 38 -3.01 -9.84 -0.83
CA LEU A 38 -4.08 -9.44 -1.75
C LEU A 38 -4.82 -10.65 -2.31
N LYS A 39 -4.07 -11.66 -2.73
CA LYS A 39 -4.66 -12.90 -3.22
C LYS A 39 -5.64 -13.48 -2.20
N SER A 40 -5.48 -13.08 -0.95
CA SER A 40 -6.40 -13.50 0.11
C SER A 40 -7.78 -12.87 -0.08
N VAL A 41 -7.81 -11.55 -0.19
CA VAL A 41 -9.07 -10.82 -0.37
C VAL A 41 -9.81 -11.33 -1.61
N GLY A 42 -9.06 -11.55 -2.69
CA GLY A 42 -9.65 -11.97 -3.94
C GLY A 42 -8.68 -11.91 -5.10
N ALA A 43 -7.61 -11.15 -4.93
CA ALA A 43 -6.62 -10.97 -5.99
C ALA A 43 -6.09 -12.31 -6.50
N GLN A 44 -5.52 -12.30 -7.69
CA GLN A 44 -4.98 -13.51 -8.31
C GLN A 44 -4.23 -13.18 -9.60
N LYS A 45 -3.02 -12.66 -9.46
CA LYS A 45 -2.20 -12.30 -10.61
C LYS A 45 -0.75 -12.68 -10.39
N ASP A 46 0.03 -12.70 -11.48
CA ASP A 46 1.46 -12.94 -11.39
C ASP A 46 2.19 -11.68 -10.92
N THR A 47 1.57 -10.52 -11.16
CA THR A 47 2.11 -9.25 -10.70
C THR A 47 1.00 -8.34 -10.19
N TYR A 48 1.40 -7.16 -9.76
CA TYR A 48 0.44 -6.19 -9.25
C TYR A 48 0.89 -4.76 -9.55
N THR A 49 0.08 -3.81 -9.12
CA THR A 49 0.47 -2.41 -9.17
C THR A 49 0.14 -1.71 -7.86
N MET A 50 0.84 -0.62 -7.58
CA MET A 50 0.60 0.16 -6.38
C MET A 50 -0.83 0.70 -6.34
N LYS A 51 -1.53 0.58 -7.46
CA LYS A 51 -2.92 1.04 -7.55
C LYS A 51 -3.86 -0.07 -7.11
N GLU A 52 -3.62 -1.26 -7.64
CA GLU A 52 -4.31 -2.44 -7.16
C GLU A 52 -4.05 -2.63 -5.66
N VAL A 53 -2.78 -2.76 -5.31
CA VAL A 53 -2.39 -2.87 -3.92
C VAL A 53 -2.93 -1.71 -3.08
N LEU A 54 -3.10 -0.55 -3.71
CA LEU A 54 -3.69 0.61 -3.03
C LEU A 54 -5.04 0.23 -2.42
N PHE A 55 -6.05 0.04 -3.26
CA PHE A 55 -7.39 -0.21 -2.77
C PHE A 55 -7.53 -1.61 -2.20
N TYR A 56 -6.66 -2.53 -2.64
CA TYR A 56 -6.75 -3.93 -2.26
C TYR A 56 -6.20 -4.15 -0.85
N LEU A 57 -5.00 -3.65 -0.60
CA LEU A 57 -4.45 -3.68 0.75
C LEU A 57 -5.38 -2.93 1.70
N GLY A 58 -6.00 -1.87 1.20
CA GLY A 58 -7.09 -1.25 1.93
C GLY A 58 -8.17 -2.25 2.31
N GLN A 59 -8.46 -3.17 1.39
CA GLN A 59 -9.45 -4.21 1.65
C GLN A 59 -9.00 -5.09 2.81
N TYR A 60 -7.84 -5.74 2.66
CA TYR A 60 -7.41 -6.75 3.61
C TYR A 60 -7.33 -6.19 5.03
N ILE A 61 -6.82 -4.96 5.15
CA ILE A 61 -6.78 -4.28 6.44
C ILE A 61 -8.18 -4.20 7.04
N MET A 62 -9.06 -3.44 6.38
CA MET A 62 -10.44 -3.30 6.82
C MET A 62 -11.09 -4.66 7.03
N THR A 63 -10.65 -5.66 6.27
CA THR A 63 -11.22 -7.00 6.35
C THR A 63 -10.40 -7.88 7.28
N LYS A 64 -10.79 -9.16 7.37
CA LYS A 64 -10.10 -10.12 8.22
C LYS A 64 -10.17 -9.71 9.69
N ARG A 65 -10.97 -8.70 9.96
CA ARG A 65 -11.14 -8.18 11.31
C ARG A 65 -9.80 -7.93 11.99
N LEU A 66 -9.07 -6.93 11.49
CA LEU A 66 -7.81 -6.54 12.09
C LEU A 66 -7.82 -5.05 12.46
N TYR A 67 -8.84 -4.33 12.01
CA TYR A 67 -8.90 -2.89 12.19
C TYR A 67 -9.24 -2.53 13.63
N ASP A 68 -9.05 -1.25 13.96
CA ASP A 68 -9.51 -0.69 15.24
C ASP A 68 -11.00 -0.98 15.48
N GLU A 69 -11.65 -0.10 16.24
CA GLU A 69 -13.10 -0.09 16.32
C GLU A 69 -13.61 1.31 16.61
N LYS A 70 -12.78 2.31 16.30
CA LYS A 70 -13.15 3.71 16.49
C LYS A 70 -13.51 4.34 15.14
N GLN A 71 -12.52 4.40 14.24
CA GLN A 71 -12.72 4.98 12.93
C GLN A 71 -12.08 4.13 11.84
N GLN A 72 -11.83 2.85 12.17
CA GLN A 72 -11.22 1.92 11.23
C GLN A 72 -9.92 2.48 10.67
N HIS A 73 -9.05 2.97 11.57
CA HIS A 73 -7.78 3.53 11.16
C HIS A 73 -6.66 3.14 12.13
N ILE A 74 -7.02 2.56 13.29
CA ILE A 74 -6.02 1.93 14.14
C ILE A 74 -6.12 0.42 14.03
N VAL A 75 -5.61 -0.12 12.94
CA VAL A 75 -5.78 -1.52 12.62
C VAL A 75 -4.70 -2.37 13.29
N TYR A 76 -5.11 -3.10 14.32
CA TYR A 76 -4.18 -3.91 15.10
C TYR A 76 -3.93 -5.26 14.41
N CYS A 77 -2.66 -5.58 14.22
CA CYS A 77 -2.29 -6.77 13.47
C CYS A 77 -1.24 -7.59 14.22
N SER A 78 -1.68 -8.25 15.29
CA SER A 78 -0.83 -9.21 15.99
C SER A 78 -1.04 -10.61 15.43
N ASN A 79 0.04 -11.19 14.88
CA ASN A 79 -0.05 -12.47 14.19
C ASN A 79 -1.04 -12.40 13.03
N ASP A 80 -0.73 -11.55 12.05
CA ASP A 80 -1.60 -11.34 10.91
C ASP A 80 -0.78 -11.22 9.62
N LEU A 81 -1.41 -11.52 8.49
CA LEU A 81 -0.75 -11.40 7.20
C LEU A 81 -0.35 -9.95 6.93
N LEU A 82 -1.24 -9.03 7.31
CA LEU A 82 -0.90 -7.62 7.33
C LEU A 82 0.39 -7.40 8.12
N GLY A 83 0.59 -8.23 9.13
CA GLY A 83 1.81 -8.17 9.92
C GLY A 83 3.05 -8.48 9.10
N ASP A 84 2.96 -9.49 8.24
CA ASP A 84 4.07 -9.84 7.36
C ASP A 84 4.52 -8.61 6.56
N LEU A 85 3.58 -7.71 6.28
CA LEU A 85 3.90 -6.49 5.56
C LEU A 85 4.98 -5.71 6.28
N PHE A 86 4.67 -5.25 7.48
CA PHE A 86 5.68 -4.67 8.35
C PHE A 86 5.87 -5.51 9.61
N GLY A 87 4.88 -5.47 10.50
CA GLY A 87 4.94 -6.26 11.72
C GLY A 87 4.39 -5.52 12.92
N VAL A 88 3.73 -4.39 12.67
CA VAL A 88 3.19 -3.57 13.75
C VAL A 88 2.08 -4.31 14.50
N PRO A 89 1.90 -4.00 15.79
CA PRO A 89 0.68 -4.35 16.52
C PRO A 89 -0.48 -3.43 16.17
N SER A 90 -0.16 -2.33 15.49
CA SER A 90 -1.16 -1.36 15.07
C SER A 90 -0.57 -0.37 14.08
N PHE A 91 -1.34 0.00 13.06
CA PHE A 91 -0.88 0.99 12.10
C PHE A 91 -2.04 1.86 11.61
N SER A 92 -1.73 3.11 11.27
CA SER A 92 -2.73 4.07 10.84
C SER A 92 -2.87 4.08 9.32
N VAL A 93 -3.91 3.43 8.82
CA VAL A 93 -4.19 3.42 7.39
C VAL A 93 -4.63 4.80 6.92
N LYS A 94 -5.14 5.61 7.83
CA LYS A 94 -5.59 6.95 7.52
C LYS A 94 -4.48 7.75 6.84
N GLU A 95 -3.25 7.57 7.33
CA GLU A 95 -2.09 8.19 6.71
C GLU A 95 -1.43 7.23 5.71
N HIS A 96 -1.94 7.24 4.49
CA HIS A 96 -1.50 6.27 3.48
C HIS A 96 -0.07 6.55 3.04
N ARG A 97 0.41 7.75 3.33
CA ARG A 97 1.79 8.11 2.98
C ARG A 97 2.78 7.27 3.75
N LYS A 98 2.71 7.32 5.08
CA LYS A 98 3.66 6.62 5.93
C LYS A 98 3.37 5.12 5.95
N ILE A 99 2.11 4.75 5.79
CA ILE A 99 1.70 3.36 5.89
C ILE A 99 2.20 2.55 4.70
N TYR A 100 2.16 3.15 3.51
CA TYR A 100 2.58 2.45 2.30
C TYR A 100 4.08 2.60 2.06
N THR A 101 4.67 3.66 2.62
CA THR A 101 6.10 3.87 2.49
C THR A 101 6.88 2.88 3.37
N MET A 102 6.25 2.42 4.44
CA MET A 102 6.84 1.39 5.28
C MET A 102 6.44 -0.01 4.80
N ILE A 103 5.35 -0.08 4.04
CA ILE A 103 5.06 -1.29 3.27
C ILE A 103 6.24 -1.68 2.40
N TYR A 104 6.69 -0.75 1.56
CA TYR A 104 7.87 -0.97 0.74
C TYR A 104 9.14 -0.59 1.51
N ARG A 105 9.66 -1.55 2.26
CA ARG A 105 10.79 -1.30 3.15
C ARG A 105 12.06 -1.02 2.35
N ASN A 106 12.61 -2.07 1.73
CA ASN A 106 13.86 -1.93 0.98
C ASN A 106 13.62 -1.33 -0.39
N LEU A 107 13.19 -2.16 -1.34
CA LEU A 107 12.92 -1.70 -2.70
C LEU A 107 12.28 -2.80 -3.53
N VAL A 108 11.40 -2.41 -4.45
CA VAL A 108 10.76 -3.36 -5.36
C VAL A 108 9.87 -2.63 -6.36
N VAL A 109 10.27 -2.64 -7.63
CA VAL A 109 9.54 -1.95 -8.68
C VAL A 109 9.55 -2.73 -9.98
N VAL A 110 9.00 -2.13 -11.03
CA VAL A 110 9.01 -2.75 -12.36
C VAL A 110 10.42 -3.10 -12.79
N ASN A 111 10.56 -4.22 -13.50
CA ASN A 111 11.87 -4.68 -13.95
C ASN A 111 12.24 -4.06 -15.29
N GLN A 112 11.53 -4.48 -16.35
CA GLN A 112 11.78 -3.97 -17.69
C GLN A 112 13.23 -4.21 -18.11
N GLN A 113 13.48 -5.32 -18.79
CA GLN A 113 14.83 -5.67 -19.24
C GLN A 113 15.36 -4.60 -20.19
N GLU A 114 16.68 -4.41 -20.17
CA GLU A 114 17.33 -3.41 -21.01
C GLU A 114 18.53 -4.01 -21.73
N SER A 115 19.15 -3.21 -22.59
CA SER A 115 20.32 -3.65 -23.35
C SER A 115 21.41 -2.58 -23.35
N SER A 116 22.65 -3.02 -23.35
CA SER A 116 23.79 -2.10 -23.34
C SER A 116 24.18 -1.69 -24.76
N ASP A 117 23.18 -1.45 -25.59
CA ASP A 117 23.39 -1.04 -26.97
C ASP A 117 24.15 -2.11 -27.76
N SER A 118 25.48 -2.10 -27.64
CA SER A 118 26.32 -3.07 -28.34
C SER A 118 26.60 -4.28 -27.47
N SER A 119 25.76 -5.30 -27.58
CA SER A 119 25.92 -6.53 -26.81
C SER A 119 25.23 -7.70 -27.49
N MET A 1 -40.42 8.88 11.57
CA MET A 1 -39.42 7.82 11.84
C MET A 1 -40.11 6.52 12.23
N CYS A 2 -40.36 5.66 11.24
CA CYS A 2 -41.02 4.38 11.48
C CYS A 2 -40.02 3.23 11.41
N ASN A 3 -38.90 3.47 10.72
CA ASN A 3 -37.88 2.45 10.57
C ASN A 3 -36.81 2.59 11.66
N THR A 4 -36.40 1.45 12.23
CA THR A 4 -35.41 1.44 13.28
C THR A 4 -34.09 0.86 12.78
N ASN A 5 -33.19 1.73 12.34
CA ASN A 5 -31.88 1.30 11.83
C ASN A 5 -30.89 2.45 11.85
N MET A 6 -29.72 2.21 12.44
CA MET A 6 -28.69 3.24 12.54
C MET A 6 -27.45 2.85 11.75
N SER A 7 -27.65 2.42 10.51
CA SER A 7 -26.54 2.02 9.64
C SER A 7 -26.28 3.09 8.58
N VAL A 8 -25.00 3.38 8.33
CA VAL A 8 -24.62 4.37 7.33
C VAL A 8 -23.30 3.99 6.67
N PRO A 9 -23.35 3.31 5.51
CA PRO A 9 -22.15 2.90 4.78
C PRO A 9 -21.32 4.11 4.30
N THR A 10 -20.24 3.83 3.59
CA THR A 10 -19.38 4.87 3.05
C THR A 10 -18.68 5.65 4.16
N ASP A 11 -17.37 5.78 4.04
CA ASP A 11 -16.58 6.53 5.03
C ASP A 11 -17.01 7.99 5.06
N GLY A 12 -17.20 8.51 6.27
CA GLY A 12 -17.64 9.89 6.43
C GLY A 12 -16.53 10.89 6.16
N ALA A 13 -16.42 11.88 7.02
CA ALA A 13 -15.42 12.93 6.87
C ALA A 13 -15.59 13.67 5.55
N VAL A 14 -14.65 14.56 5.25
CA VAL A 14 -14.71 15.34 4.02
C VAL A 14 -13.79 14.75 2.95
N THR A 15 -12.48 14.93 3.15
CA THR A 15 -11.49 14.46 2.18
C THR A 15 -10.97 13.08 2.58
N THR A 16 -10.60 12.28 1.57
CA THR A 16 -10.07 10.95 1.81
C THR A 16 -8.85 10.69 0.94
N SER A 17 -7.93 9.86 1.45
CA SER A 17 -6.72 9.50 0.71
C SER A 17 -5.86 10.73 0.44
N GLN A 18 -4.67 10.51 -0.09
CA GLN A 18 -3.74 11.59 -0.38
C GLN A 18 -2.86 11.24 -1.56
N ILE A 19 -2.42 9.99 -1.59
CA ILE A 19 -1.22 9.63 -2.30
C ILE A 19 -1.46 9.53 -3.81
N PRO A 20 -0.92 10.48 -4.59
CA PRO A 20 -1.14 10.55 -6.04
C PRO A 20 -0.69 9.27 -6.75
N ALA A 21 -1.44 8.88 -7.78
CA ALA A 21 -1.08 7.72 -8.59
C ALA A 21 0.07 8.05 -9.53
N SER A 22 0.74 7.02 -10.04
CA SER A 22 1.88 7.19 -10.93
C SER A 22 3.01 7.94 -10.21
N GLU A 23 2.89 8.08 -8.89
CA GLU A 23 3.94 8.68 -8.09
C GLU A 23 4.98 7.62 -7.70
N GLN A 24 4.63 6.80 -6.72
CA GLN A 24 5.41 5.61 -6.42
C GLN A 24 4.81 4.37 -7.09
N GLU A 25 4.78 4.38 -8.42
CA GLU A 25 4.10 3.33 -9.18
C GLU A 25 4.65 1.95 -8.83
N THR A 26 5.96 1.78 -9.03
CA THR A 26 6.67 0.61 -8.53
C THR A 26 6.53 -0.56 -9.49
N LEU A 27 5.34 -0.70 -10.06
CA LEU A 27 4.94 -1.94 -10.68
C LEU A 27 5.15 -3.06 -9.68
N VAL A 28 4.18 -3.23 -8.82
CA VAL A 28 4.40 -3.91 -7.56
C VAL A 28 4.45 -5.40 -7.75
N ARG A 29 5.62 -5.95 -7.58
CA ARG A 29 5.83 -7.32 -7.91
C ARG A 29 6.69 -8.02 -6.85
N PRO A 30 6.19 -8.09 -5.61
CA PRO A 30 6.96 -8.58 -4.47
C PRO A 30 6.82 -10.09 -4.27
N LYS A 31 7.72 -10.66 -3.48
CA LYS A 31 7.61 -12.05 -3.05
C LYS A 31 6.38 -12.22 -2.16
N PRO A 32 5.91 -13.47 -1.97
CA PRO A 32 4.73 -13.76 -1.15
C PRO A 32 4.75 -13.01 0.18
N LEU A 33 4.09 -11.85 0.21
CA LEU A 33 4.11 -10.99 1.38
C LEU A 33 3.08 -9.88 1.23
N LEU A 34 2.80 -9.50 0.00
CA LEU A 34 1.81 -8.48 -0.30
C LEU A 34 0.84 -9.07 -1.31
N LEU A 35 0.83 -10.38 -1.38
CA LEU A 35 0.00 -11.09 -2.34
C LEU A 35 -0.71 -12.25 -1.65
N LYS A 36 0.03 -13.00 -0.85
CA LYS A 36 -0.57 -13.77 0.22
C LYS A 36 -1.42 -12.84 1.08
N LEU A 37 -1.22 -11.54 0.89
CA LEU A 37 -2.03 -10.52 1.52
C LEU A 37 -3.27 -10.23 0.66
N LEU A 38 -3.06 -10.15 -0.64
CA LEU A 38 -4.11 -9.70 -1.56
C LEU A 38 -4.87 -10.89 -2.15
N LYS A 39 -4.14 -11.84 -2.72
CA LYS A 39 -4.73 -13.10 -3.17
C LYS A 39 -5.72 -13.65 -2.15
N SER A 40 -5.52 -13.28 -0.89
CA SER A 40 -6.45 -13.65 0.18
C SER A 40 -7.80 -12.96 -0.03
N VAL A 41 -7.77 -11.64 -0.18
CA VAL A 41 -9.00 -10.87 -0.43
C VAL A 41 -9.71 -11.39 -1.67
N GLY A 42 -8.95 -11.59 -2.75
CA GLY A 42 -9.53 -11.97 -4.01
C GLY A 42 -8.57 -11.80 -5.16
N ALA A 43 -7.48 -11.08 -4.91
CA ALA A 43 -6.48 -10.80 -5.95
C ALA A 43 -6.01 -12.09 -6.61
N GLN A 44 -5.79 -12.03 -7.93
CA GLN A 44 -5.40 -13.21 -8.69
C GLN A 44 -4.54 -12.82 -9.90
N LYS A 45 -3.32 -12.35 -9.64
CA LYS A 45 -2.36 -12.09 -10.70
C LYS A 45 -0.95 -12.51 -10.28
N ASP A 46 -0.06 -12.62 -11.26
CA ASP A 46 1.33 -12.94 -10.99
C ASP A 46 2.08 -11.71 -10.48
N THR A 47 1.59 -10.54 -10.89
CA THR A 47 2.15 -9.27 -10.41
C THR A 47 1.05 -8.33 -9.98
N TYR A 48 1.47 -7.16 -9.51
CA TYR A 48 0.53 -6.12 -9.13
C TYR A 48 1.07 -4.74 -9.50
N THR A 49 0.31 -3.73 -9.09
CA THR A 49 0.86 -2.39 -8.98
C THR A 49 0.36 -1.71 -7.72
N MET A 50 0.69 -0.44 -7.57
CA MET A 50 0.47 0.26 -6.33
C MET A 50 -0.92 0.88 -6.28
N LYS A 51 -1.65 0.77 -7.39
CA LYS A 51 -3.05 1.21 -7.44
C LYS A 51 -3.96 0.03 -7.10
N GLU A 52 -3.67 -1.12 -7.70
CA GLU A 52 -4.22 -2.38 -7.23
C GLU A 52 -4.04 -2.50 -5.72
N VAL A 53 -2.78 -2.62 -5.31
CA VAL A 53 -2.43 -2.75 -3.90
C VAL A 53 -2.98 -1.59 -3.08
N LEU A 54 -3.12 -0.42 -3.70
CA LEU A 54 -3.73 0.72 -3.04
C LEU A 54 -5.05 0.32 -2.39
N PHE A 55 -6.06 0.07 -3.21
CA PHE A 55 -7.38 -0.24 -2.68
C PHE A 55 -7.48 -1.70 -2.23
N TYR A 56 -6.51 -2.51 -2.63
CA TYR A 56 -6.52 -3.94 -2.28
C TYR A 56 -5.98 -4.16 -0.88
N LEU A 57 -4.75 -3.71 -0.64
CA LEU A 57 -4.20 -3.71 0.70
C LEU A 57 -5.16 -2.99 1.64
N GLY A 58 -5.78 -1.94 1.14
CA GLY A 58 -6.86 -1.29 1.88
C GLY A 58 -7.91 -2.28 2.33
N GLN A 59 -8.32 -3.17 1.43
CA GLN A 59 -9.25 -4.24 1.80
C GLN A 59 -8.76 -4.99 3.01
N TYR A 60 -7.69 -5.77 2.84
CA TYR A 60 -7.33 -6.79 3.82
C TYR A 60 -7.11 -6.17 5.20
N ILE A 61 -6.63 -4.94 5.23
CA ILE A 61 -6.57 -4.17 6.48
C ILE A 61 -7.93 -4.12 7.13
N MET A 62 -8.86 -3.42 6.50
CA MET A 62 -10.23 -3.31 6.98
C MET A 62 -10.97 -4.64 6.86
N THR A 63 -10.28 -5.66 6.37
CA THR A 63 -10.85 -6.99 6.22
C THR A 63 -10.22 -7.97 7.22
N LYS A 64 -10.86 -9.13 7.38
CA LYS A 64 -10.32 -10.20 8.23
C LYS A 64 -10.29 -9.78 9.69
N ARG A 65 -10.98 -8.67 10.00
CA ARG A 65 -11.05 -8.16 11.35
C ARG A 65 -9.66 -7.92 11.93
N LEU A 66 -9.06 -6.79 11.56
CA LEU A 66 -7.79 -6.38 12.15
C LEU A 66 -7.80 -4.90 12.52
N TYR A 67 -8.81 -4.18 12.02
CA TYR A 67 -8.90 -2.74 12.24
C TYR A 67 -9.50 -2.43 13.60
N ASP A 68 -9.29 -1.20 14.07
CA ASP A 68 -9.58 -0.84 15.46
C ASP A 68 -11.08 -0.77 15.71
N GLU A 69 -11.86 -0.85 14.64
CA GLU A 69 -13.32 -0.89 14.73
C GLU A 69 -13.89 0.47 15.12
N LYS A 70 -13.06 1.33 15.70
CA LYS A 70 -13.49 2.66 16.10
C LYS A 70 -13.67 3.56 14.88
N GLN A 71 -12.59 3.74 14.12
CA GLN A 71 -12.65 4.56 12.91
C GLN A 71 -11.97 3.84 11.75
N GLN A 72 -11.82 2.53 11.88
CA GLN A 72 -11.19 1.71 10.84
C GLN A 72 -9.81 2.24 10.49
N HIS A 73 -9.21 3.00 11.41
CA HIS A 73 -7.94 3.65 11.16
C HIS A 73 -6.78 2.82 11.69
N ILE A 74 -6.69 2.70 13.01
CA ILE A 74 -5.63 1.92 13.63
C ILE A 74 -5.85 0.43 13.41
N VAL A 75 -4.79 -0.29 13.08
CA VAL A 75 -4.92 -1.67 12.65
C VAL A 75 -4.08 -2.61 13.52
N TYR A 76 -4.71 -3.19 14.53
CA TYR A 76 -4.08 -4.21 15.35
C TYR A 76 -4.02 -5.54 14.62
N CYS A 77 -2.93 -5.77 13.90
CA CYS A 77 -2.79 -6.99 13.10
C CYS A 77 -2.41 -8.18 13.97
N SER A 78 -1.30 -8.06 14.69
CA SER A 78 -0.84 -9.11 15.59
C SER A 78 -0.79 -10.47 14.89
N ASN A 79 0.37 -10.76 14.30
CA ASN A 79 0.58 -12.04 13.62
C ASN A 79 -0.39 -12.21 12.45
N ASP A 80 -1.00 -11.11 12.03
CA ASP A 80 -1.84 -11.11 10.85
C ASP A 80 -0.99 -11.15 9.57
N LEU A 81 -1.64 -11.38 8.44
CA LEU A 81 -0.96 -11.30 7.15
C LEU A 81 -0.54 -9.85 6.87
N LEU A 82 -1.45 -8.91 7.16
CA LEU A 82 -1.09 -7.50 7.20
C LEU A 82 0.10 -7.28 8.12
N GLY A 83 0.32 -8.24 9.02
CA GLY A 83 1.45 -8.17 9.93
C GLY A 83 2.76 -8.52 9.26
N ASP A 84 2.73 -9.52 8.38
CA ASP A 84 3.91 -9.85 7.58
C ASP A 84 4.42 -8.63 6.84
N LEU A 85 3.52 -7.71 6.55
CA LEU A 85 3.89 -6.43 5.95
C LEU A 85 4.94 -5.72 6.79
N PHE A 86 4.47 -5.13 7.90
CA PHE A 86 5.31 -4.26 8.70
C PHE A 86 6.07 -5.05 9.75
N GLY A 87 5.32 -5.75 10.61
CA GLY A 87 5.87 -6.22 11.86
C GLY A 87 5.30 -5.46 13.05
N VAL A 88 4.39 -4.53 12.76
CA VAL A 88 3.79 -3.70 13.78
C VAL A 88 2.76 -4.47 14.61
N PRO A 89 2.42 -3.96 15.80
CA PRO A 89 1.18 -4.33 16.48
C PRO A 89 -0.02 -3.58 15.91
N SER A 90 0.17 -2.30 15.60
CA SER A 90 -0.88 -1.47 15.03
C SER A 90 -0.30 -0.49 14.01
N PHE A 91 -1.06 -0.20 12.96
CA PHE A 91 -0.66 0.85 12.01
C PHE A 91 -1.85 1.69 11.57
N SER A 92 -1.57 2.85 10.99
CA SER A 92 -2.61 3.76 10.55
C SER A 92 -3.23 3.29 9.23
N VAL A 93 -3.69 4.23 8.42
CA VAL A 93 -4.23 3.92 7.10
C VAL A 93 -4.66 5.18 6.38
N LYS A 94 -5.25 6.11 7.12
CA LYS A 94 -5.49 7.45 6.62
C LYS A 94 -4.18 8.20 6.45
N GLU A 95 -3.14 7.70 7.13
CA GLU A 95 -1.78 8.19 6.92
C GLU A 95 -1.13 7.44 5.76
N HIS A 96 -1.78 7.48 4.60
CA HIS A 96 -1.39 6.64 3.48
C HIS A 96 0.07 6.86 3.11
N ARG A 97 0.55 8.07 3.30
CA ARG A 97 1.94 8.41 2.98
C ARG A 97 2.90 7.52 3.76
N LYS A 98 2.82 7.59 5.08
CA LYS A 98 3.72 6.83 5.94
C LYS A 98 3.39 5.34 5.91
N ILE A 99 2.12 5.02 5.73
CA ILE A 99 1.65 3.64 5.84
C ILE A 99 2.12 2.82 4.63
N TYR A 100 2.19 3.47 3.47
CA TYR A 100 2.65 2.80 2.26
C TYR A 100 4.15 2.94 2.09
N THR A 101 4.74 3.92 2.77
CA THR A 101 6.19 4.08 2.75
C THR A 101 6.87 2.97 3.55
N MET A 102 6.18 2.47 4.58
CA MET A 102 6.72 1.38 5.39
C MET A 102 6.26 0.02 4.85
N ILE A 103 5.15 0.01 4.13
CA ILE A 103 4.77 -1.17 3.35
C ILE A 103 5.78 -1.45 2.25
N TYR A 104 6.14 -0.41 1.50
CA TYR A 104 7.08 -0.55 0.40
C TYR A 104 8.52 -0.40 0.88
N ARG A 105 9.05 -1.47 1.48
CA ARG A 105 10.43 -1.48 1.93
C ARG A 105 11.12 -2.77 1.47
N ASN A 106 11.27 -2.92 0.16
CA ASN A 106 11.85 -4.12 -0.42
C ASN A 106 12.90 -3.78 -1.47
N LEU A 107 13.53 -4.81 -2.03
CA LEU A 107 14.56 -4.61 -3.04
C LEU A 107 14.15 -5.23 -4.36
N VAL A 108 12.90 -5.00 -4.76
CA VAL A 108 12.38 -5.56 -6.00
C VAL A 108 11.16 -4.77 -6.49
N VAL A 109 10.54 -4.04 -5.57
CA VAL A 109 9.35 -3.26 -5.90
C VAL A 109 9.61 -2.31 -7.07
N VAL A 110 10.13 -1.11 -6.78
CA VAL A 110 10.47 -0.15 -7.83
C VAL A 110 11.61 -0.67 -8.70
N ASN A 111 11.48 -0.46 -10.00
CA ASN A 111 12.51 -0.89 -10.94
C ASN A 111 13.50 0.24 -11.21
N GLN A 112 14.54 0.32 -10.39
CA GLN A 112 15.55 1.35 -10.53
C GLN A 112 16.46 1.08 -11.71
N GLN A 113 16.12 1.67 -12.86
CA GLN A 113 16.91 1.48 -14.08
C GLN A 113 17.19 2.83 -14.75
N GLU A 114 18.44 3.28 -14.65
CA GLU A 114 18.83 4.55 -15.24
C GLU A 114 20.02 4.36 -16.19
N SER A 115 19.94 4.99 -17.36
CA SER A 115 21.00 4.90 -18.36
C SER A 115 21.89 6.13 -18.32
N SER A 116 22.72 6.22 -17.28
CA SER A 116 23.64 7.34 -17.13
C SER A 116 22.89 8.66 -17.10
N ASP A 117 22.43 9.06 -15.92
CA ASP A 117 21.69 10.30 -15.76
C ASP A 117 22.64 11.50 -15.73
N SER A 118 22.30 12.55 -16.47
CA SER A 118 23.13 13.75 -16.52
C SER A 118 22.59 14.82 -15.57
N SER A 119 23.26 14.97 -14.43
CA SER A 119 22.85 15.95 -13.43
C SER A 119 21.42 15.71 -12.97
N MET A 1 -21.25 -5.67 -16.48
CA MET A 1 -21.78 -4.78 -15.41
C MET A 1 -23.25 -4.48 -15.65
N CYS A 2 -24.13 -5.31 -15.08
CA CYS A 2 -25.57 -5.12 -15.25
C CYS A 2 -26.30 -5.40 -13.93
N ASN A 3 -25.54 -5.44 -12.84
CA ASN A 3 -26.12 -5.69 -11.52
C ASN A 3 -25.86 -4.52 -10.59
N THR A 4 -25.90 -3.31 -11.14
CA THR A 4 -25.67 -2.11 -10.36
C THR A 4 -26.30 -0.89 -11.03
N ASN A 5 -27.04 -0.10 -10.25
CA ASN A 5 -27.69 1.10 -10.77
C ASN A 5 -26.91 2.35 -10.39
N MET A 6 -26.37 3.02 -11.40
CA MET A 6 -25.59 4.24 -11.18
C MET A 6 -26.49 5.47 -11.20
N SER A 7 -27.13 5.74 -10.07
CA SER A 7 -28.00 6.90 -9.95
C SER A 7 -27.39 7.96 -9.03
N VAL A 8 -27.15 7.57 -7.77
CA VAL A 8 -26.54 8.47 -6.81
C VAL A 8 -25.62 7.70 -5.85
N PRO A 9 -24.33 7.56 -6.23
CA PRO A 9 -23.35 6.84 -5.42
C PRO A 9 -23.15 7.46 -4.04
N THR A 10 -22.68 8.70 -4.03
CA THR A 10 -22.43 9.41 -2.78
C THR A 10 -22.87 10.87 -2.87
N ASP A 11 -22.98 11.52 -1.72
CA ASP A 11 -23.40 12.92 -1.67
C ASP A 11 -22.24 13.81 -1.23
N GLY A 12 -21.03 13.38 -1.53
CA GLY A 12 -19.85 14.15 -1.15
C GLY A 12 -18.57 13.35 -1.30
N ALA A 13 -17.83 13.63 -2.37
CA ALA A 13 -16.57 12.92 -2.63
C ALA A 13 -16.81 11.44 -2.91
N VAL A 14 -16.21 10.95 -3.99
CA VAL A 14 -16.37 9.54 -4.36
C VAL A 14 -15.10 8.75 -4.05
N THR A 15 -15.17 7.44 -4.22
CA THR A 15 -14.04 6.57 -3.94
C THR A 15 -12.96 6.72 -5.01
N THR A 16 -11.88 7.40 -4.65
CA THR A 16 -10.77 7.61 -5.58
C THR A 16 -9.43 7.56 -4.85
N SER A 17 -8.34 7.72 -5.61
CA SER A 17 -7.00 7.70 -5.03
C SER A 17 -6.84 8.79 -3.98
N GLN A 18 -5.70 8.79 -3.29
CA GLN A 18 -5.43 9.76 -2.24
C GLN A 18 -3.96 10.12 -2.21
N ILE A 19 -3.13 9.10 -2.39
CA ILE A 19 -1.77 9.14 -1.89
C ILE A 19 -0.90 10.05 -2.76
N PRO A 20 0.22 10.55 -2.20
CA PRO A 20 1.19 11.34 -2.97
C PRO A 20 1.71 10.60 -4.20
N ALA A 21 0.94 10.68 -5.29
CA ALA A 21 1.26 9.94 -6.50
C ALA A 21 0.37 10.37 -7.65
N SER A 22 0.41 9.61 -8.75
CA SER A 22 -0.38 9.94 -9.93
C SER A 22 -1.49 8.92 -10.14
N GLU A 23 -1.94 8.31 -9.06
CA GLU A 23 -3.01 7.31 -9.11
C GLU A 23 -2.67 6.20 -10.10
N GLN A 24 -2.10 5.11 -9.56
CA GLN A 24 -1.63 3.99 -10.39
C GLN A 24 -0.50 4.44 -11.31
N GLU A 25 0.43 3.53 -11.58
CA GLU A 25 1.68 3.90 -12.25
C GLU A 25 2.56 2.68 -12.51
N THR A 26 2.97 2.02 -11.43
CA THR A 26 4.02 1.01 -11.50
C THR A 26 3.45 -0.37 -11.27
N LEU A 27 3.60 -1.25 -12.25
CA LEU A 27 3.25 -2.63 -12.05
C LEU A 27 4.30 -3.28 -11.17
N VAL A 28 4.23 -2.98 -9.89
CA VAL A 28 5.19 -3.46 -8.93
C VAL A 28 4.88 -4.88 -8.55
N ARG A 29 5.89 -5.72 -8.55
CA ARG A 29 5.67 -7.15 -8.51
C ARG A 29 6.51 -7.78 -7.40
N PRO A 30 6.04 -7.68 -6.14
CA PRO A 30 6.86 -8.01 -4.97
C PRO A 30 6.84 -9.50 -4.65
N LYS A 31 7.86 -9.95 -3.93
CA LYS A 31 7.90 -11.33 -3.44
C LYS A 31 6.72 -11.61 -2.52
N PRO A 32 6.27 -12.87 -2.46
CA PRO A 32 5.09 -13.25 -1.68
C PRO A 32 5.22 -12.88 -0.22
N LEU A 33 4.65 -11.74 0.16
CA LEU A 33 4.69 -11.28 1.54
C LEU A 33 3.47 -10.42 1.85
N LEU A 34 2.90 -9.83 0.80
CA LEU A 34 1.74 -8.97 0.96
C LEU A 34 0.68 -9.38 -0.05
N LEU A 35 0.95 -10.47 -0.76
CA LEU A 35 0.06 -10.95 -1.79
C LEU A 35 -0.72 -12.15 -1.30
N LYS A 36 -0.11 -12.93 -0.41
CA LYS A 36 -0.86 -13.77 0.50
C LYS A 36 -1.77 -12.90 1.36
N LEU A 37 -1.49 -11.59 1.33
CA LEU A 37 -2.27 -10.61 2.05
C LEU A 37 -3.43 -10.12 1.17
N LEU A 38 -3.19 -10.05 -0.13
CA LEU A 38 -4.15 -9.48 -1.07
C LEU A 38 -4.94 -10.55 -1.79
N LYS A 39 -4.24 -11.52 -2.37
CA LYS A 39 -4.88 -12.70 -2.92
C LYS A 39 -5.80 -13.36 -1.90
N SER A 40 -5.58 -13.00 -0.62
CA SER A 40 -6.49 -13.42 0.45
C SER A 40 -7.85 -12.74 0.31
N VAL A 41 -7.84 -11.42 0.17
CA VAL A 41 -9.07 -10.66 -0.04
C VAL A 41 -9.83 -11.18 -1.25
N GLY A 42 -9.34 -10.81 -2.43
CA GLY A 42 -9.96 -11.23 -3.67
C GLY A 42 -8.96 -11.30 -4.80
N ALA A 43 -7.79 -10.73 -4.58
CA ALA A 43 -6.73 -10.74 -5.59
C ALA A 43 -6.39 -12.15 -6.02
N GLN A 44 -5.74 -12.27 -7.17
CA GLN A 44 -5.35 -13.58 -7.70
C GLN A 44 -4.17 -13.45 -8.65
N LYS A 45 -3.63 -12.23 -8.74
CA LYS A 45 -2.50 -11.97 -9.61
C LYS A 45 -1.18 -11.99 -8.83
N ASP A 46 -0.15 -12.57 -9.44
CA ASP A 46 1.18 -12.57 -8.84
C ASP A 46 1.84 -11.20 -9.00
N THR A 47 1.14 -10.29 -9.68
CA THR A 47 1.66 -8.95 -9.91
C THR A 47 0.64 -7.90 -9.48
N TYR A 48 1.15 -6.75 -9.05
CA TYR A 48 0.29 -5.68 -8.57
C TYR A 48 0.78 -4.32 -9.02
N THR A 49 0.10 -3.30 -8.55
CA THR A 49 0.68 -1.97 -8.55
C THR A 49 0.57 -1.32 -7.18
N MET A 50 0.87 -0.04 -7.11
CA MET A 50 0.90 0.69 -5.86
C MET A 50 -0.49 1.21 -5.49
N LYS A 51 -1.32 1.44 -6.50
CA LYS A 51 -2.70 1.84 -6.26
C LYS A 51 -3.56 0.62 -5.99
N GLU A 52 -3.31 -0.45 -6.74
CA GLU A 52 -3.96 -1.72 -6.52
C GLU A 52 -3.82 -2.14 -5.06
N VAL A 53 -2.58 -2.33 -4.62
CA VAL A 53 -2.30 -2.70 -3.24
C VAL A 53 -2.84 -1.67 -2.26
N LEU A 54 -2.83 -0.41 -2.68
CA LEU A 54 -3.34 0.68 -1.85
C LEU A 54 -4.71 0.32 -1.27
N PHE A 55 -5.74 0.36 -2.12
CA PHE A 55 -7.10 0.08 -1.66
C PHE A 55 -7.23 -1.36 -1.21
N TYR A 56 -6.37 -2.23 -1.74
CA TYR A 56 -6.45 -3.67 -1.46
C TYR A 56 -6.01 -3.98 -0.03
N LEU A 57 -5.06 -3.22 0.48
CA LEU A 57 -4.64 -3.34 1.86
C LEU A 57 -5.71 -2.77 2.77
N GLY A 58 -6.35 -1.70 2.31
CA GLY A 58 -7.57 -1.23 2.95
C GLY A 58 -8.64 -2.30 2.99
N GLN A 59 -8.74 -3.08 1.91
CA GLN A 59 -9.69 -4.19 1.86
C GLN A 59 -9.43 -5.16 3.01
N TYR A 60 -8.22 -5.71 3.06
CA TYR A 60 -7.90 -6.77 4.01
C TYR A 60 -8.23 -6.35 5.44
N ILE A 61 -7.72 -5.19 5.85
CA ILE A 61 -7.86 -4.75 7.23
C ILE A 61 -9.33 -4.60 7.61
N MET A 62 -10.10 -3.93 6.76
CA MET A 62 -11.52 -3.72 7.02
C MET A 62 -12.30 -5.03 6.96
N THR A 63 -11.77 -6.00 6.22
CA THR A 63 -12.48 -7.24 5.97
C THR A 63 -12.24 -8.28 7.07
N LYS A 64 -10.98 -8.70 7.22
CA LYS A 64 -10.65 -9.86 8.03
C LYS A 64 -10.60 -9.51 9.52
N ARG A 65 -11.36 -8.48 9.91
CA ARG A 65 -11.49 -8.12 11.32
C ARG A 65 -10.17 -7.59 11.88
N LEU A 66 -9.16 -7.49 11.02
CA LEU A 66 -7.90 -6.87 11.41
C LEU A 66 -7.96 -5.36 11.20
N TYR A 67 -8.55 -4.66 12.17
CA TYR A 67 -8.71 -3.22 12.07
C TYR A 67 -9.37 -2.65 13.33
N ASP A 68 -9.29 -1.34 13.50
CA ASP A 68 -9.65 -0.70 14.76
C ASP A 68 -11.12 -0.90 15.09
N GLU A 69 -11.88 -1.41 14.12
CA GLU A 69 -13.28 -1.78 14.32
C GLU A 69 -14.17 -0.55 14.43
N LYS A 70 -13.58 0.60 14.73
CA LYS A 70 -14.31 1.85 14.78
C LYS A 70 -13.80 2.81 13.71
N GLN A 71 -12.57 3.29 13.90
CA GLN A 71 -11.85 3.96 12.84
C GLN A 71 -11.00 2.98 12.05
N GLN A 72 -11.59 2.41 10.99
CA GLN A 72 -10.93 1.37 10.21
C GLN A 72 -9.57 1.85 9.70
N HIS A 73 -9.37 3.17 9.72
CA HIS A 73 -8.09 3.75 9.31
C HIS A 73 -6.93 3.19 10.12
N ILE A 74 -7.22 2.73 11.34
CA ILE A 74 -6.24 2.03 12.14
C ILE A 74 -6.47 0.53 12.06
N VAL A 75 -5.44 -0.24 12.35
CA VAL A 75 -5.55 -1.69 12.37
C VAL A 75 -4.50 -2.32 13.29
N TYR A 76 -4.98 -2.82 14.43
CA TYR A 76 -4.13 -3.59 15.33
C TYR A 76 -4.17 -5.07 14.98
N CYS A 77 -3.01 -5.64 14.68
CA CYS A 77 -2.94 -6.95 14.06
C CYS A 77 -1.75 -7.75 14.58
N SER A 78 -1.89 -8.31 15.78
CA SER A 78 -0.88 -9.21 16.32
C SER A 78 -0.93 -10.56 15.60
N ASN A 79 0.19 -10.92 14.96
CA ASN A 79 0.25 -12.14 14.17
C ASN A 79 -0.77 -12.13 13.04
N ASP A 80 -0.53 -11.28 12.06
CA ASP A 80 -1.43 -11.14 10.91
C ASP A 80 -0.69 -11.32 9.60
N LEU A 81 -1.43 -11.56 8.52
CA LEU A 81 -0.85 -11.62 7.19
C LEU A 81 -0.13 -10.33 6.86
N LEU A 82 -0.76 -9.20 7.20
CA LEU A 82 -0.07 -7.92 7.19
C LEU A 82 1.27 -8.03 7.89
N GLY A 83 1.26 -8.66 9.06
CA GLY A 83 2.47 -8.79 9.85
C GLY A 83 3.62 -9.40 9.07
N ASP A 84 3.29 -10.35 8.20
CA ASP A 84 4.30 -10.94 7.32
C ASP A 84 4.99 -9.86 6.48
N LEU A 85 4.19 -8.94 5.95
CA LEU A 85 4.70 -7.92 5.03
C LEU A 85 5.22 -6.71 5.81
N PHE A 86 4.71 -6.51 7.02
CA PHE A 86 5.05 -5.33 7.80
C PHE A 86 5.52 -5.72 9.21
N GLY A 87 4.61 -6.27 10.00
CA GLY A 87 4.97 -6.76 11.31
C GLY A 87 4.47 -5.87 12.43
N VAL A 88 3.90 -4.73 12.05
CA VAL A 88 3.40 -3.76 13.03
C VAL A 88 2.33 -4.38 13.93
N PRO A 89 2.26 -3.95 15.19
CA PRO A 89 1.09 -4.17 16.04
C PRO A 89 -0.06 -3.26 15.66
N SER A 90 0.24 -2.27 14.82
CA SER A 90 -0.76 -1.34 14.32
C SER A 90 -0.22 -0.50 13.17
N PHE A 91 -1.05 -0.26 12.17
CA PHE A 91 -0.74 0.75 11.16
C PHE A 91 -1.98 1.55 10.79
N SER A 92 -1.76 2.78 10.31
CA SER A 92 -2.86 3.66 9.95
C SER A 92 -2.86 3.94 8.46
N VAL A 93 -3.75 3.28 7.74
CA VAL A 93 -3.98 3.57 6.33
C VAL A 93 -4.30 5.04 6.13
N LYS A 94 -4.86 5.67 7.16
CA LYS A 94 -5.21 7.09 7.11
C LYS A 94 -4.06 7.92 6.54
N GLU A 95 -2.83 7.53 6.91
CA GLU A 95 -1.64 8.15 6.33
C GLU A 95 -1.03 7.23 5.29
N HIS A 96 -1.72 7.05 4.17
CA HIS A 96 -1.28 6.15 3.12
C HIS A 96 0.15 6.45 2.70
N ARG A 97 0.53 7.73 2.78
CA ARG A 97 1.89 8.15 2.42
C ARG A 97 2.93 7.36 3.21
N LYS A 98 2.98 7.60 4.52
CA LYS A 98 3.96 6.96 5.37
C LYS A 98 3.80 5.45 5.38
N ILE A 99 2.56 4.99 5.48
CA ILE A 99 2.25 3.57 5.54
C ILE A 99 2.82 2.84 4.32
N TYR A 100 2.82 3.51 3.17
CA TYR A 100 3.35 2.93 1.95
C TYR A 100 4.76 3.45 1.65
N THR A 101 5.27 4.32 2.51
CA THR A 101 6.66 4.72 2.42
C THR A 101 7.53 3.81 3.29
N MET A 102 6.92 3.18 4.29
CA MET A 102 7.58 2.15 5.06
C MET A 102 7.48 0.81 4.34
N ILE A 103 6.33 0.54 3.73
CA ILE A 103 6.15 -0.67 2.95
C ILE A 103 7.12 -0.71 1.77
N TYR A 104 7.09 0.33 0.94
CA TYR A 104 7.97 0.40 -0.23
C TYR A 104 9.35 0.91 0.18
N ARG A 105 10.38 0.16 -0.22
CA ARG A 105 11.76 0.54 0.08
C ARG A 105 12.70 0.11 -1.04
N ASN A 106 12.33 -0.96 -1.74
CA ASN A 106 13.12 -1.45 -2.86
C ASN A 106 12.75 -0.72 -4.15
N LEU A 107 13.68 -0.70 -5.09
CA LEU A 107 13.49 0.00 -6.36
C LEU A 107 12.84 -0.92 -7.39
N VAL A 108 12.35 -2.06 -6.92
CA VAL A 108 11.69 -3.02 -7.80
C VAL A 108 10.45 -2.42 -8.46
N VAL A 109 10.46 -2.34 -9.78
CA VAL A 109 9.36 -1.75 -10.52
C VAL A 109 9.15 -2.48 -11.85
N VAL A 110 8.38 -1.87 -12.75
CA VAL A 110 8.14 -2.43 -14.07
C VAL A 110 9.45 -2.82 -14.76
N ASN A 111 10.22 -1.81 -15.15
CA ASN A 111 11.51 -2.03 -15.81
C ASN A 111 11.33 -2.77 -17.14
N GLN A 112 11.26 -4.10 -17.06
CA GLN A 112 11.15 -4.93 -18.25
C GLN A 112 9.86 -4.65 -19.00
N GLN A 113 9.98 -4.27 -20.26
CA GLN A 113 8.82 -4.00 -21.11
C GLN A 113 8.99 -4.63 -22.49
N GLU A 114 9.81 -3.99 -23.32
CA GLU A 114 10.08 -4.49 -24.67
C GLU A 114 8.77 -4.73 -25.43
N SER A 115 8.22 -3.66 -25.99
CA SER A 115 6.97 -3.74 -26.75
C SER A 115 5.86 -4.35 -25.90
N SER A 116 5.94 -4.12 -24.59
CA SER A 116 4.94 -4.64 -23.66
C SER A 116 4.90 -6.17 -23.69
N ASP A 117 4.12 -6.72 -24.60
CA ASP A 117 3.97 -8.17 -24.71
C ASP A 117 3.56 -8.77 -23.37
N SER A 118 2.45 -8.29 -22.81
CA SER A 118 1.96 -8.76 -21.52
C SER A 118 1.52 -10.22 -21.61
N SER A 119 2.41 -11.11 -21.22
CA SER A 119 2.12 -12.54 -21.24
C SER A 119 2.84 -13.26 -20.11
N MET A 1 2.35 32.55 -25.69
CA MET A 1 3.36 31.52 -25.34
C MET A 1 4.71 32.16 -25.05
N CYS A 2 4.96 32.45 -23.78
CA CYS A 2 6.22 33.08 -23.37
C CYS A 2 7.18 32.04 -22.82
N ASN A 3 8.40 32.02 -23.35
CA ASN A 3 9.41 31.07 -22.92
C ASN A 3 10.34 31.67 -21.87
N THR A 4 9.91 32.79 -21.29
CA THR A 4 10.69 33.47 -20.27
C THR A 4 10.10 33.24 -18.88
N ASN A 5 10.97 33.01 -17.90
CA ASN A 5 10.53 32.76 -16.53
C ASN A 5 10.72 34.00 -15.67
N MET A 6 10.63 35.18 -16.28
CA MET A 6 10.80 36.44 -15.56
C MET A 6 9.47 36.92 -14.99
N SER A 7 8.53 37.21 -15.87
CA SER A 7 7.22 37.70 -15.46
C SER A 7 6.14 36.66 -15.71
N VAL A 8 6.55 35.39 -15.71
CA VAL A 8 5.61 34.29 -15.95
C VAL A 8 5.65 33.28 -14.80
N PRO A 9 4.48 32.96 -14.22
CA PRO A 9 4.39 32.03 -13.10
C PRO A 9 4.68 30.59 -13.51
N THR A 10 5.33 29.84 -12.64
CA THR A 10 5.69 28.46 -12.91
C THR A 10 4.81 27.49 -12.11
N ASP A 11 3.83 28.05 -11.40
CA ASP A 11 2.94 27.24 -10.57
C ASP A 11 1.65 26.93 -11.32
N GLY A 12 1.19 25.68 -11.22
CA GLY A 12 -0.03 25.28 -11.90
C GLY A 12 -0.66 24.06 -11.26
N ALA A 13 -0.06 23.59 -10.16
CA ALA A 13 -0.58 22.42 -9.46
C ALA A 13 -0.43 22.59 -7.95
N VAL A 14 -1.44 22.15 -7.21
CA VAL A 14 -1.42 22.27 -5.75
C VAL A 14 -1.48 20.90 -5.08
N THR A 15 -2.33 20.03 -5.60
CA THR A 15 -2.49 18.69 -5.05
C THR A 15 -2.80 17.68 -6.14
N THR A 16 -1.76 17.02 -6.64
CA THR A 16 -1.93 15.99 -7.66
C THR A 16 -1.03 14.78 -7.37
N SER A 17 -0.54 14.71 -6.14
CA SER A 17 0.34 13.62 -5.74
C SER A 17 0.11 13.26 -4.27
N GLN A 18 0.96 12.37 -3.75
CA GLN A 18 0.85 11.94 -2.37
C GLN A 18 2.13 11.28 -1.93
N ILE A 19 2.20 9.98 -2.20
CA ILE A 19 3.23 9.16 -1.62
C ILE A 19 4.09 8.54 -2.71
N PRO A 20 5.43 8.61 -2.56
CA PRO A 20 6.38 8.45 -3.66
C PRO A 20 6.36 7.06 -4.27
N ALA A 21 6.70 6.97 -5.54
CA ALA A 21 6.70 5.71 -6.27
C ALA A 21 7.38 5.85 -7.63
N SER A 22 7.11 4.91 -8.53
CA SER A 22 7.56 5.04 -9.91
C SER A 22 6.58 5.87 -10.72
N GLU A 23 5.31 5.50 -10.64
CA GLU A 23 4.24 6.31 -11.21
C GLU A 23 2.90 5.96 -10.54
N GLN A 24 2.89 6.05 -9.21
CA GLN A 24 1.73 5.63 -8.43
C GLN A 24 1.28 4.23 -8.82
N GLU A 25 2.25 3.36 -9.11
CA GLU A 25 1.95 1.99 -9.50
C GLU A 25 3.09 1.04 -9.12
N THR A 26 4.33 1.48 -9.37
CA THR A 26 5.50 0.67 -9.07
C THR A 26 5.67 -0.50 -10.04
N LEU A 27 4.56 -1.10 -10.41
CA LEU A 27 4.55 -2.46 -10.91
C LEU A 27 5.06 -3.40 -9.84
N VAL A 28 4.21 -3.62 -8.86
CA VAL A 28 4.60 -4.23 -7.62
C VAL A 28 4.69 -5.72 -7.75
N ARG A 29 5.89 -6.23 -7.65
CA ARG A 29 6.13 -7.60 -8.00
C ARG A 29 7.07 -8.27 -7.01
N PRO A 30 6.68 -8.32 -5.72
CA PRO A 30 7.56 -8.76 -4.65
C PRO A 30 7.43 -10.26 -4.36
N LYS A 31 8.22 -10.73 -3.39
CA LYS A 31 8.08 -12.09 -2.89
C LYS A 31 6.70 -12.30 -2.26
N PRO A 32 6.27 -13.57 -2.11
CA PRO A 32 4.96 -13.89 -1.52
C PRO A 32 4.80 -13.32 -0.12
N LEU A 33 4.39 -12.06 -0.03
CA LEU A 33 4.18 -11.40 1.25
C LEU A 33 3.58 -10.01 1.03
N LEU A 34 3.15 -9.75 -0.20
CA LEU A 34 2.31 -8.61 -0.52
C LEU A 34 1.10 -9.10 -1.29
N LEU A 35 1.10 -10.41 -1.56
CA LEU A 35 0.12 -11.01 -2.43
C LEU A 35 -0.48 -12.25 -1.79
N LYS A 36 0.30 -12.88 -0.90
CA LYS A 36 -0.27 -13.72 0.14
C LYS A 36 -1.19 -12.88 1.02
N LEU A 37 -1.13 -11.57 0.81
CA LEU A 37 -1.97 -10.63 1.53
C LEU A 37 -3.17 -10.24 0.67
N LEU A 38 -2.97 -10.24 -0.65
CA LEU A 38 -3.98 -9.72 -1.57
C LEU A 38 -4.74 -10.84 -2.27
N LYS A 39 -4.02 -11.83 -2.77
CA LYS A 39 -4.64 -13.04 -3.32
C LYS A 39 -5.61 -13.65 -2.31
N SER A 40 -5.48 -13.23 -1.05
CA SER A 40 -6.43 -13.64 -0.01
C SER A 40 -7.78 -12.95 -0.19
N VAL A 41 -7.74 -11.64 -0.40
CA VAL A 41 -8.98 -10.87 -0.64
C VAL A 41 -9.72 -11.43 -1.83
N GLY A 42 -9.25 -11.08 -3.03
CA GLY A 42 -9.80 -11.64 -4.24
C GLY A 42 -8.83 -11.55 -5.40
N ALA A 43 -7.58 -11.21 -5.09
CA ALA A 43 -6.54 -11.15 -6.11
C ALA A 43 -6.06 -12.54 -6.49
N GLN A 44 -5.35 -12.65 -7.60
CA GLN A 44 -4.81 -13.92 -8.06
C GLN A 44 -3.89 -13.72 -9.27
N LYS A 45 -2.80 -12.98 -9.06
CA LYS A 45 -1.83 -12.75 -10.12
C LYS A 45 -0.41 -12.76 -9.58
N ASP A 46 0.56 -12.56 -10.46
CA ASP A 46 1.97 -12.55 -10.07
C ASP A 46 2.48 -11.12 -9.91
N THR A 47 1.73 -10.16 -10.45
CA THR A 47 2.09 -8.76 -10.33
C THR A 47 0.91 -7.92 -9.87
N TYR A 48 1.20 -6.74 -9.34
CA TYR A 48 0.19 -5.77 -9.02
C TYR A 48 0.58 -4.39 -9.50
N THR A 49 -0.20 -3.40 -9.08
CA THR A 49 0.25 -2.01 -9.14
C THR A 49 -0.29 -1.24 -7.93
N MET A 50 0.33 -0.10 -7.66
CA MET A 50 0.13 0.58 -6.38
C MET A 50 -1.28 1.12 -6.23
N LYS A 51 -2.06 1.08 -7.32
CA LYS A 51 -3.45 1.49 -7.26
C LYS A 51 -4.32 0.31 -6.89
N GLU A 52 -4.03 -0.83 -7.52
CA GLU A 52 -4.58 -2.10 -7.10
C GLU A 52 -4.28 -2.34 -5.62
N VAL A 53 -3.00 -2.37 -5.27
CA VAL A 53 -2.57 -2.54 -3.90
C VAL A 53 -3.17 -1.48 -2.99
N LEU A 54 -3.39 -0.28 -3.54
CA LEU A 54 -4.01 0.80 -2.79
C LEU A 54 -5.31 0.32 -2.13
N PHE A 55 -6.31 0.02 -2.95
CA PHE A 55 -7.60 -0.40 -2.42
C PHE A 55 -7.54 -1.82 -1.88
N TYR A 56 -6.82 -2.69 -2.58
CA TYR A 56 -6.78 -4.11 -2.23
C TYR A 56 -6.22 -4.32 -0.84
N LEU A 57 -5.15 -3.61 -0.50
CA LEU A 57 -4.61 -3.65 0.84
C LEU A 57 -5.61 -3.05 1.82
N GLY A 58 -6.17 -1.90 1.44
CA GLY A 58 -7.26 -1.33 2.21
C GLY A 58 -8.33 -2.35 2.52
N GLN A 59 -8.56 -3.28 1.57
CA GLN A 59 -9.53 -4.34 1.77
C GLN A 59 -9.11 -5.24 2.93
N TYR A 60 -7.99 -5.96 2.75
CA TYR A 60 -7.59 -6.99 3.71
C TYR A 60 -7.49 -6.41 5.12
N ILE A 61 -7.00 -5.18 5.23
CA ILE A 61 -6.89 -4.50 6.51
C ILE A 61 -8.26 -4.37 7.18
N MET A 62 -9.08 -3.49 6.62
CA MET A 62 -10.35 -3.14 7.26
C MET A 62 -11.30 -4.34 7.35
N THR A 63 -11.02 -5.37 6.55
CA THR A 63 -11.97 -6.49 6.41
C THR A 63 -11.66 -7.62 7.39
N LYS A 64 -10.38 -7.97 7.50
CA LYS A 64 -10.00 -9.17 8.25
C LYS A 64 -10.03 -8.92 9.76
N ARG A 65 -10.72 -7.86 10.16
CA ARG A 65 -10.96 -7.57 11.57
C ARG A 65 -9.65 -7.33 12.31
N LEU A 66 -8.60 -6.96 11.57
CA LEU A 66 -7.36 -6.49 12.19
C LEU A 66 -7.45 -5.01 12.51
N TYR A 67 -8.49 -4.35 12.01
CA TYR A 67 -8.66 -2.91 12.18
C TYR A 67 -9.23 -2.57 13.54
N ASP A 68 -9.25 -1.28 13.86
CA ASP A 68 -9.56 -0.82 15.21
C ASP A 68 -11.06 -0.90 15.49
N GLU A 69 -11.83 -1.22 14.46
CA GLU A 69 -13.27 -1.45 14.60
C GLU A 69 -14.03 -0.13 14.78
N LYS A 70 -13.32 0.92 15.17
CA LYS A 70 -13.95 2.22 15.40
C LYS A 70 -13.87 3.09 14.16
N GLN A 71 -12.66 3.59 13.86
CA GLN A 71 -12.46 4.48 12.73
C GLN A 71 -11.76 3.77 11.59
N GLN A 72 -11.56 2.47 11.74
CA GLN A 72 -10.98 1.64 10.70
C GLN A 72 -9.62 2.18 10.25
N HIS A 73 -9.02 3.05 11.06
CA HIS A 73 -7.74 3.64 10.73
C HIS A 73 -6.60 2.90 11.43
N ILE A 74 -6.73 2.72 12.74
CA ILE A 74 -5.77 1.91 13.48
C ILE A 74 -5.98 0.42 13.18
N VAL A 75 -4.90 -0.34 13.13
CA VAL A 75 -4.97 -1.74 12.74
C VAL A 75 -4.13 -2.60 13.67
N TYR A 76 -4.74 -3.07 14.74
CA TYR A 76 -4.09 -4.04 15.62
C TYR A 76 -3.91 -5.39 14.93
N CYS A 77 -2.67 -5.70 14.58
CA CYS A 77 -2.37 -6.90 13.81
C CYS A 77 -0.97 -7.43 14.14
N SER A 78 -0.85 -8.09 15.28
CA SER A 78 0.42 -8.63 15.74
C SER A 78 0.62 -10.07 15.26
N ASN A 79 -0.37 -10.58 14.54
CA ASN A 79 -0.31 -11.94 14.02
C ASN A 79 -1.24 -12.11 12.82
N ASP A 80 -0.88 -11.45 11.72
CA ASP A 80 -1.73 -11.46 10.53
C ASP A 80 -0.87 -11.46 9.26
N LEU A 81 -1.51 -11.73 8.11
CA LEU A 81 -0.86 -11.55 6.83
C LEU A 81 -0.44 -10.09 6.65
N LEU A 82 -1.28 -9.18 7.13
CA LEU A 82 -0.91 -7.78 7.22
C LEU A 82 0.38 -7.63 8.04
N GLY A 83 0.57 -8.54 8.99
CA GLY A 83 1.79 -8.58 9.76
C GLY A 83 3.01 -8.83 8.90
N ASP A 84 2.88 -9.75 7.93
CA ASP A 84 3.94 -9.97 6.96
C ASP A 84 4.32 -8.67 6.26
N LEU A 85 3.34 -7.77 6.15
CA LEU A 85 3.60 -6.44 5.60
C LEU A 85 4.39 -5.59 6.57
N PHE A 86 3.78 -5.26 7.70
CA PHE A 86 4.37 -4.34 8.68
C PHE A 86 5.06 -5.10 9.79
N GLY A 87 4.29 -5.91 10.52
CA GLY A 87 4.78 -6.51 11.75
C GLY A 87 4.40 -5.67 12.96
N VAL A 88 3.76 -4.53 12.71
CA VAL A 88 3.35 -3.63 13.77
C VAL A 88 2.27 -4.28 14.65
N PRO A 89 2.16 -3.83 15.91
CA PRO A 89 1.00 -4.13 16.76
C PRO A 89 -0.22 -3.31 16.34
N SER A 90 0.03 -2.20 15.65
CA SER A 90 -1.03 -1.36 15.12
C SER A 90 -0.48 -0.41 14.07
N PHE A 91 -1.25 -0.16 13.01
CA PHE A 91 -0.85 0.84 12.02
C PHE A 91 -2.04 1.68 11.57
N SER A 92 -1.74 2.86 11.02
CA SER A 92 -2.77 3.86 10.74
C SER A 92 -2.92 4.09 9.24
N VAL A 93 -3.93 3.46 8.65
CA VAL A 93 -4.28 3.72 7.26
C VAL A 93 -4.74 5.16 7.06
N LYS A 94 -4.99 5.85 8.17
CA LYS A 94 -5.26 7.28 8.13
C LYS A 94 -4.11 8.02 7.45
N GLU A 95 -2.93 7.40 7.48
CA GLU A 95 -1.77 7.93 6.78
C GLU A 95 -1.69 7.34 5.36
N HIS A 96 -0.66 7.71 4.63
CA HIS A 96 -0.47 7.23 3.26
C HIS A 96 0.93 7.54 2.75
N ARG A 97 1.49 8.65 3.22
CA ARG A 97 2.90 8.95 2.96
C ARG A 97 3.79 7.93 3.65
N LYS A 98 3.76 7.93 4.97
CA LYS A 98 4.55 6.98 5.74
C LYS A 98 3.99 5.57 5.65
N ILE A 99 2.66 5.47 5.60
CA ILE A 99 2.01 4.18 5.72
C ILE A 99 2.23 3.33 4.46
N TYR A 100 2.33 3.99 3.32
CA TYR A 100 2.63 3.29 2.08
C TYR A 100 4.12 3.08 1.91
N THR A 101 4.90 3.99 2.49
CA THR A 101 6.36 3.82 2.53
C THR A 101 6.74 2.55 3.29
N MET A 102 5.98 2.25 4.34
CA MET A 102 6.20 1.01 5.09
C MET A 102 5.77 -0.18 4.29
N ILE A 103 4.62 -0.08 3.64
CA ILE A 103 4.10 -1.18 2.83
C ILE A 103 5.14 -1.64 1.82
N TYR A 104 5.90 -0.69 1.29
CA TYR A 104 6.97 -1.01 0.34
C TYR A 104 8.34 -0.76 0.97
N ARG A 105 8.83 -1.74 1.71
CA ARG A 105 10.09 -1.61 2.43
C ARG A 105 11.27 -1.98 1.54
N ASN A 106 11.51 -3.28 1.39
CA ASN A 106 12.64 -3.76 0.60
C ASN A 106 12.20 -4.91 -0.31
N LEU A 107 12.78 -4.95 -1.51
CA LEU A 107 12.47 -6.01 -2.47
C LEU A 107 10.97 -6.07 -2.74
N VAL A 108 10.44 -5.03 -3.37
CA VAL A 108 9.02 -4.97 -3.68
C VAL A 108 8.76 -4.01 -4.84
N VAL A 109 9.57 -2.96 -4.93
CA VAL A 109 9.44 -1.98 -6.00
C VAL A 109 10.39 -2.30 -7.14
N VAL A 110 9.98 -1.97 -8.37
CA VAL A 110 10.79 -2.25 -9.55
C VAL A 110 12.17 -1.62 -9.44
N ASN A 111 13.19 -2.35 -9.86
CA ASN A 111 14.57 -1.88 -9.77
C ASN A 111 15.25 -1.91 -11.14
N GLN A 112 16.29 -1.09 -11.29
CA GLN A 112 17.03 -1.03 -12.54
C GLN A 112 17.83 -2.30 -12.77
N GLN A 113 17.51 -3.01 -13.85
CA GLN A 113 18.19 -4.26 -14.17
C GLN A 113 19.45 -4.00 -14.98
N GLU A 114 20.25 -3.04 -14.52
CA GLU A 114 21.50 -2.69 -15.20
C GLU A 114 22.70 -3.19 -14.42
N SER A 115 22.54 -3.30 -13.10
CA SER A 115 23.61 -3.76 -12.23
C SER A 115 23.99 -5.21 -12.54
N SER A 116 25.26 -5.42 -12.90
CA SER A 116 25.75 -6.75 -13.22
C SER A 116 26.67 -7.27 -12.12
N ASP A 117 26.18 -8.26 -11.36
CA ASP A 117 26.95 -8.83 -10.27
C ASP A 117 27.78 -10.02 -10.76
N SER A 118 27.90 -10.15 -12.08
CA SER A 118 28.68 -11.24 -12.67
C SER A 118 30.08 -10.78 -13.02
N SER A 119 31.04 -11.11 -12.16
CA SER A 119 32.44 -10.74 -12.38
C SER A 119 32.58 -9.22 -12.51
N MET A 1 -30.94 5.25 -18.64
CA MET A 1 -31.14 5.50 -20.09
C MET A 1 -31.76 6.87 -20.33
N CYS A 2 -32.98 7.06 -19.84
CA CYS A 2 -33.68 8.31 -20.00
C CYS A 2 -33.57 9.17 -18.74
N ASN A 3 -32.52 8.94 -17.96
CA ASN A 3 -32.29 9.67 -16.73
C ASN A 3 -30.83 10.08 -16.59
N THR A 4 -30.58 11.39 -16.56
CA THR A 4 -29.22 11.90 -16.41
C THR A 4 -29.21 13.13 -15.51
N ASN A 5 -30.29 13.90 -15.56
CA ASN A 5 -30.43 15.11 -14.74
C ASN A 5 -29.33 16.12 -15.07
N MET A 6 -28.17 15.97 -14.44
CA MET A 6 -27.04 16.87 -14.67
C MET A 6 -25.78 16.34 -14.02
N SER A 7 -24.74 17.17 -13.99
CA SER A 7 -23.47 16.79 -13.37
C SER A 7 -23.67 16.48 -11.88
N VAL A 8 -22.75 15.70 -11.32
CA VAL A 8 -22.81 15.34 -9.91
C VAL A 8 -21.76 16.10 -9.10
N PRO A 9 -22.20 16.82 -8.04
CA PRO A 9 -21.31 17.62 -7.20
C PRO A 9 -20.22 16.77 -6.54
N THR A 10 -20.55 15.52 -6.24
CA THR A 10 -19.60 14.59 -5.62
C THR A 10 -19.01 15.18 -4.35
N ASP A 11 -19.69 14.94 -3.22
CA ASP A 11 -19.23 15.46 -1.93
C ASP A 11 -18.15 14.56 -1.35
N GLY A 12 -17.08 15.18 -0.85
CA GLY A 12 -15.99 14.42 -0.26
C GLY A 12 -14.65 15.10 -0.45
N ALA A 13 -14.58 16.38 -0.08
CA ALA A 13 -13.35 17.14 -0.20
C ALA A 13 -12.51 17.05 1.07
N VAL A 14 -13.11 16.43 2.08
CA VAL A 14 -12.44 16.25 3.37
C VAL A 14 -11.08 15.58 3.19
N THR A 15 -10.22 15.78 4.18
CA THR A 15 -8.84 15.29 4.12
C THR A 15 -8.72 13.93 4.78
N THR A 16 -8.91 12.88 3.99
CA THR A 16 -8.79 11.51 4.50
C THR A 16 -7.65 10.79 3.81
N SER A 17 -7.52 10.99 2.51
CA SER A 17 -6.43 10.40 1.74
C SER A 17 -5.12 11.11 2.01
N GLN A 18 -4.11 10.83 1.19
CA GLN A 18 -2.80 11.44 1.34
C GLN A 18 -2.12 11.53 0.00
N ILE A 19 -1.88 10.36 -0.57
CA ILE A 19 -0.80 10.19 -1.50
C ILE A 19 -1.34 10.03 -2.92
N PRO A 20 -0.70 10.70 -3.90
CA PRO A 20 -1.23 10.84 -5.26
C PRO A 20 -1.23 9.51 -6.02
N ALA A 21 -2.41 8.92 -6.17
CA ALA A 21 -2.56 7.67 -6.90
C ALA A 21 -2.33 7.88 -8.39
N SER A 22 -1.84 6.85 -9.07
CA SER A 22 -1.57 6.92 -10.50
C SER A 22 -0.54 8.01 -10.81
N GLU A 23 0.15 8.48 -9.76
CA GLU A 23 1.19 9.48 -9.93
C GLU A 23 2.56 8.85 -9.72
N GLN A 24 2.80 8.34 -8.51
CA GLN A 24 4.03 7.58 -8.23
C GLN A 24 3.68 6.14 -7.87
N GLU A 25 3.65 5.27 -8.88
CA GLU A 25 3.11 3.93 -8.71
C GLU A 25 4.24 2.90 -8.64
N THR A 26 4.43 2.18 -9.74
CA THR A 26 5.22 0.94 -9.72
C THR A 26 4.88 0.07 -10.92
N LEU A 27 5.58 -1.06 -11.00
CA LEU A 27 4.98 -2.29 -11.49
C LEU A 27 5.57 -3.45 -10.73
N VAL A 28 5.24 -3.50 -9.44
CA VAL A 28 6.04 -4.22 -8.47
C VAL A 28 5.73 -5.69 -8.49
N ARG A 29 6.75 -6.50 -8.25
CA ARG A 29 6.59 -7.95 -8.33
C ARG A 29 7.24 -8.62 -7.13
N PRO A 30 6.61 -8.50 -5.95
CA PRO A 30 7.25 -8.79 -4.67
C PRO A 30 7.06 -10.24 -4.23
N LYS A 31 7.95 -10.70 -3.37
CA LYS A 31 7.79 -11.99 -2.70
C LYS A 31 6.48 -12.00 -1.91
N PRO A 32 5.90 -13.19 -1.69
CA PRO A 32 4.60 -13.33 -1.03
C PRO A 32 4.51 -12.57 0.29
N LEU A 33 4.13 -11.30 0.20
CA LEU A 33 3.98 -10.45 1.38
C LEU A 33 2.90 -9.40 1.17
N LEU A 34 2.54 -9.17 -0.09
CA LEU A 34 1.47 -8.26 -0.43
C LEU A 34 0.45 -9.01 -1.27
N LEU A 35 0.63 -10.32 -1.33
CA LEU A 35 -0.08 -11.14 -2.29
C LEU A 35 -0.74 -12.32 -1.59
N LYS A 36 -0.07 -12.84 -0.56
CA LYS A 36 -0.78 -13.49 0.54
C LYS A 36 -1.55 -12.45 1.33
N LEU A 37 -1.33 -11.19 0.99
CA LEU A 37 -2.06 -10.08 1.57
C LEU A 37 -3.27 -9.77 0.71
N LEU A 38 -3.11 -9.94 -0.61
CA LEU A 38 -4.09 -9.48 -1.57
C LEU A 38 -4.88 -10.64 -2.17
N LYS A 39 -4.18 -11.61 -2.73
CA LYS A 39 -4.83 -12.79 -3.29
C LYS A 39 -5.75 -13.44 -2.26
N SER A 40 -5.53 -13.11 -1.00
CA SER A 40 -6.40 -13.58 0.08
C SER A 40 -7.74 -12.85 0.06
N VAL A 41 -7.71 -11.53 -0.08
CA VAL A 41 -8.91 -10.71 -0.01
C VAL A 41 -9.70 -10.77 -1.32
N GLY A 42 -9.00 -11.01 -2.43
CA GLY A 42 -9.68 -11.12 -3.71
C GLY A 42 -8.72 -11.16 -4.88
N ALA A 43 -7.54 -10.57 -4.71
CA ALA A 43 -6.57 -10.45 -5.78
C ALA A 43 -6.20 -11.82 -6.36
N GLN A 44 -5.51 -11.81 -7.50
CA GLN A 44 -5.08 -13.06 -8.14
C GLN A 44 -4.24 -12.76 -9.38
N LYS A 45 -3.02 -12.31 -9.17
CA LYS A 45 -2.08 -12.05 -10.27
C LYS A 45 -0.66 -12.44 -9.88
N ASP A 46 0.25 -12.34 -10.84
CA ASP A 46 1.65 -12.62 -10.59
C ASP A 46 2.40 -11.34 -10.20
N THR A 47 1.83 -10.20 -10.55
CA THR A 47 2.37 -8.91 -10.15
C THR A 47 1.26 -7.94 -9.76
N TYR A 48 1.64 -6.79 -9.22
CA TYR A 48 0.68 -5.77 -8.86
C TYR A 48 1.20 -4.39 -9.15
N THR A 49 0.31 -3.42 -9.01
CA THR A 49 0.70 -2.02 -9.09
C THR A 49 0.09 -1.23 -7.95
N MET A 50 0.71 -0.11 -7.62
CA MET A 50 0.44 0.59 -6.37
C MET A 50 -1.02 0.99 -6.25
N LYS A 51 -1.74 0.97 -7.37
CA LYS A 51 -3.13 1.40 -7.39
C LYS A 51 -4.04 0.21 -7.15
N GLU A 52 -3.77 -0.87 -7.87
CA GLU A 52 -4.44 -2.15 -7.63
C GLU A 52 -4.40 -2.49 -6.14
N VAL A 53 -3.20 -2.55 -5.59
CA VAL A 53 -3.00 -2.89 -4.19
C VAL A 53 -3.31 -1.70 -3.28
N LEU A 54 -3.37 -0.50 -3.85
CA LEU A 54 -3.89 0.66 -3.13
C LEU A 54 -5.22 0.31 -2.47
N PHE A 55 -6.25 0.14 -3.29
CA PHE A 55 -7.57 -0.18 -2.77
C PHE A 55 -7.61 -1.61 -2.21
N TYR A 56 -6.86 -2.50 -2.85
CA TYR A 56 -6.89 -3.92 -2.49
C TYR A 56 -6.40 -4.14 -1.06
N LEU A 57 -5.16 -3.74 -0.81
CA LEU A 57 -4.62 -3.80 0.54
C LEU A 57 -5.54 -3.04 1.50
N GLY A 58 -6.16 -1.99 0.98
CA GLY A 58 -7.25 -1.35 1.70
C GLY A 58 -8.31 -2.32 2.13
N GLN A 59 -8.76 -3.17 1.20
CA GLN A 59 -9.76 -4.18 1.49
C GLN A 59 -9.29 -5.09 2.62
N TYR A 60 -8.11 -5.67 2.48
CA TYR A 60 -7.65 -6.71 3.39
C TYR A 60 -7.58 -6.21 4.83
N ILE A 61 -7.08 -4.99 5.00
CA ILE A 61 -7.10 -4.34 6.31
C ILE A 61 -8.51 -4.31 6.87
N MET A 62 -9.40 -3.64 6.16
CA MET A 62 -10.81 -3.58 6.55
C MET A 62 -11.38 -4.97 6.81
N THR A 63 -10.90 -5.95 6.06
CA THR A 63 -11.41 -7.32 6.19
C THR A 63 -10.64 -8.10 7.24
N LYS A 64 -11.15 -9.29 7.59
CA LYS A 64 -10.51 -10.14 8.59
C LYS A 64 -10.34 -9.40 9.91
N ARG A 65 -11.14 -8.36 10.10
CA ARG A 65 -11.20 -7.64 11.38
C ARG A 65 -9.83 -7.52 12.04
N LEU A 66 -8.86 -6.98 11.30
CA LEU A 66 -7.57 -6.62 11.88
C LEU A 66 -7.57 -5.18 12.37
N TYR A 67 -8.50 -4.38 11.85
CA TYR A 67 -8.59 -2.97 12.22
C TYR A 67 -9.05 -2.81 13.66
N ASP A 68 -9.12 -1.55 14.11
CA ASP A 68 -9.54 -1.25 15.48
C ASP A 68 -10.97 -1.75 15.72
N GLU A 69 -11.95 -0.87 15.49
CA GLU A 69 -13.36 -1.20 15.69
C GLU A 69 -14.24 0.01 15.41
N LYS A 70 -13.70 1.19 15.68
CA LYS A 70 -14.41 2.43 15.41
C LYS A 70 -13.54 3.36 14.56
N GLN A 71 -12.39 3.72 15.09
CA GLN A 71 -11.32 4.28 14.29
C GLN A 71 -10.61 3.19 13.50
N GLN A 72 -11.28 2.68 12.47
CA GLN A 72 -10.80 1.51 11.74
C GLN A 72 -9.39 1.74 11.20
N HIS A 73 -8.97 2.99 11.16
CA HIS A 73 -7.64 3.33 10.68
C HIS A 73 -6.58 3.08 11.75
N ILE A 74 -6.95 2.34 12.80
CA ILE A 74 -5.97 1.84 13.74
C ILE A 74 -5.96 0.31 13.75
N VAL A 75 -5.08 -0.27 12.94
CA VAL A 75 -5.18 -1.68 12.60
C VAL A 75 -4.28 -2.52 13.49
N TYR A 76 -4.85 -3.05 14.58
CA TYR A 76 -4.11 -3.92 15.49
C TYR A 76 -3.78 -5.25 14.83
N CYS A 77 -2.49 -5.57 14.76
CA CYS A 77 -2.04 -6.75 14.03
C CYS A 77 -1.25 -7.69 14.94
N SER A 78 0.08 -7.63 14.85
CA SER A 78 0.95 -8.47 15.65
C SER A 78 0.65 -9.95 15.45
N ASN A 79 -0.17 -10.26 14.45
CA ASN A 79 -0.54 -11.64 14.15
C ASN A 79 -1.49 -11.70 12.95
N ASP A 80 -0.92 -11.52 11.75
CA ASP A 80 -1.73 -11.45 10.54
C ASP A 80 -0.85 -11.24 9.31
N LEU A 81 -1.43 -11.43 8.13
CA LEU A 81 -0.71 -11.17 6.89
C LEU A 81 -0.30 -9.70 6.78
N LEU A 82 -1.09 -8.84 7.42
CA LEU A 82 -0.75 -7.42 7.51
C LEU A 82 0.45 -7.20 8.42
N GLY A 83 0.71 -8.17 9.29
CA GLY A 83 1.96 -8.19 10.03
C GLY A 83 3.12 -8.59 9.15
N ASP A 84 2.84 -9.40 8.14
CA ASP A 84 3.83 -9.72 7.12
C ASP A 84 4.18 -8.49 6.29
N LEU A 85 3.29 -7.49 6.30
CA LEU A 85 3.59 -6.20 5.71
C LEU A 85 4.81 -5.59 6.38
N PHE A 86 4.63 -5.19 7.64
CA PHE A 86 5.73 -4.67 8.44
C PHE A 86 5.88 -5.46 9.74
N GLY A 87 4.78 -5.58 10.47
CA GLY A 87 4.82 -6.29 11.74
C GLY A 87 4.45 -5.40 12.92
N VAL A 88 3.57 -4.44 12.66
CA VAL A 88 3.16 -3.48 13.69
C VAL A 88 2.06 -4.04 14.58
N PRO A 89 1.96 -3.56 15.83
CA PRO A 89 0.81 -3.83 16.68
C PRO A 89 -0.40 -2.99 16.29
N SER A 90 -0.16 -1.99 15.44
CA SER A 90 -1.21 -1.14 14.91
C SER A 90 -0.65 -0.20 13.85
N PHE A 91 -1.38 -0.02 12.75
CA PHE A 91 -0.95 0.91 11.71
C PHE A 91 -2.10 1.78 11.22
N SER A 92 -1.77 3.02 10.85
CA SER A 92 -2.78 3.97 10.40
C SER A 92 -2.85 4.03 8.88
N VAL A 93 -3.83 3.32 8.32
CA VAL A 93 -4.07 3.36 6.89
C VAL A 93 -4.48 4.76 6.44
N LYS A 94 -5.00 5.54 7.38
CA LYS A 94 -5.44 6.90 7.09
C LYS A 94 -4.26 7.77 6.66
N GLU A 95 -3.06 7.38 7.07
CA GLU A 95 -1.85 8.11 6.69
C GLU A 95 -1.48 7.82 5.24
N HIS A 96 -1.64 6.56 4.84
CA HIS A 96 -1.42 6.15 3.44
C HIS A 96 0.04 6.29 3.05
N ARG A 97 0.48 7.53 2.80
CA ARG A 97 1.86 7.79 2.41
C ARG A 97 2.82 7.03 3.31
N LYS A 98 2.64 7.17 4.62
CA LYS A 98 3.52 6.52 5.58
C LYS A 98 3.30 5.02 5.61
N ILE A 99 2.06 4.60 5.39
CA ILE A 99 1.69 3.20 5.53
C ILE A 99 2.25 2.35 4.39
N TYR A 100 2.31 2.93 3.20
CA TYR A 100 2.84 2.22 2.04
C TYR A 100 4.35 2.37 1.93
N THR A 101 4.89 3.44 2.52
CA THR A 101 6.32 3.65 2.54
C THR A 101 7.02 2.63 3.44
N MET A 102 6.37 2.27 4.54
CA MET A 102 6.94 1.28 5.45
C MET A 102 6.61 -0.13 4.99
N ILE A 103 5.51 -0.29 4.25
CA ILE A 103 5.23 -1.56 3.58
C ILE A 103 6.32 -1.89 2.56
N TYR A 104 6.66 -0.92 1.71
CA TYR A 104 7.69 -1.12 0.70
C TYR A 104 9.06 -0.68 1.22
N ARG A 105 9.85 -1.66 1.64
CA ARG A 105 11.20 -1.37 2.14
C ARG A 105 12.26 -1.93 1.20
N ASN A 106 13.15 -1.05 0.73
CA ASN A 106 14.21 -1.46 -0.19
C ASN A 106 13.63 -2.12 -1.43
N LEU A 107 12.45 -1.67 -1.85
CA LEU A 107 11.79 -2.22 -3.02
C LEU A 107 12.66 -2.08 -4.26
N VAL A 108 12.66 -3.10 -5.10
CA VAL A 108 13.43 -3.08 -6.35
C VAL A 108 12.68 -2.30 -7.43
N VAL A 109 11.41 -2.65 -7.63
CA VAL A 109 10.54 -1.94 -8.57
C VAL A 109 11.17 -1.84 -9.96
N VAL A 110 10.43 -1.25 -10.91
CA VAL A 110 10.92 -1.07 -12.26
C VAL A 110 10.80 0.38 -12.69
N ASN A 111 11.81 0.87 -13.41
CA ASN A 111 11.88 2.27 -13.80
C ASN A 111 11.80 3.18 -12.57
N GLN A 112 12.94 3.32 -11.88
CA GLN A 112 12.99 4.12 -10.66
C GLN A 112 13.63 5.48 -10.93
N GLN A 113 13.15 6.50 -10.23
CA GLN A 113 13.66 7.86 -10.39
C GLN A 113 14.79 8.13 -9.39
N GLU A 114 15.31 7.07 -8.78
CA GLU A 114 16.39 7.20 -7.82
C GLU A 114 17.62 6.43 -8.26
N SER A 115 18.78 7.09 -8.22
CA SER A 115 20.03 6.47 -8.64
C SER A 115 20.58 5.57 -7.54
N SER A 116 20.76 4.29 -7.86
CA SER A 116 21.28 3.33 -6.91
C SER A 116 22.80 3.30 -6.93
N ASP A 117 23.40 2.84 -5.84
CA ASP A 117 24.85 2.77 -5.73
C ASP A 117 25.29 1.44 -5.13
N SER A 118 24.40 0.44 -5.18
CA SER A 118 24.70 -0.87 -4.64
C SER A 118 24.11 -1.97 -5.53
N SER A 119 22.79 -1.98 -5.64
CA SER A 119 22.09 -2.98 -6.46
C SER A 119 21.78 -2.41 -7.84
N MET A 1 23.91 -12.46 7.78
CA MET A 1 23.70 -12.34 9.25
C MET A 1 22.23 -12.48 9.61
N CYS A 2 21.93 -12.43 10.90
CA CYS A 2 20.55 -12.53 11.39
C CYS A 2 19.94 -13.89 11.02
N ASN A 3 19.43 -13.99 9.80
CA ASN A 3 18.85 -15.23 9.31
C ASN A 3 18.80 -15.26 7.79
N THR A 4 18.81 -14.07 7.17
CA THR A 4 18.76 -13.95 5.73
C THR A 4 20.04 -14.49 5.08
N ASN A 5 19.90 -15.05 3.88
CA ASN A 5 21.04 -15.60 3.16
C ASN A 5 20.93 -15.32 1.68
N MET A 6 19.73 -15.43 1.14
CA MET A 6 19.47 -15.16 -0.28
C MET A 6 20.38 -16.02 -1.16
N SER A 7 19.94 -17.23 -1.46
CA SER A 7 20.71 -18.15 -2.30
C SER A 7 20.09 -18.27 -3.68
N VAL A 8 20.44 -17.34 -4.57
CA VAL A 8 19.92 -17.35 -5.93
C VAL A 8 21.04 -17.08 -6.95
N PRO A 9 21.06 -17.85 -8.05
CA PRO A 9 22.10 -17.70 -9.08
C PRO A 9 21.89 -16.46 -9.94
N THR A 10 20.77 -15.79 -9.73
CA THR A 10 20.45 -14.58 -10.49
C THR A 10 20.81 -13.32 -9.70
N ASP A 11 20.64 -13.39 -8.38
CA ASP A 11 20.96 -12.27 -7.51
C ASP A 11 20.27 -10.98 -7.98
N GLY A 12 19.01 -10.82 -7.58
CA GLY A 12 18.26 -9.64 -7.97
C GLY A 12 17.41 -9.10 -6.85
N ALA A 13 17.46 -7.78 -6.66
CA ALA A 13 16.67 -7.13 -5.62
C ALA A 13 15.17 -7.21 -5.91
N VAL A 14 14.37 -7.04 -4.88
CA VAL A 14 12.92 -7.10 -5.03
C VAL A 14 12.37 -5.78 -5.59
N THR A 15 11.09 -5.78 -5.92
CA THR A 15 10.46 -4.59 -6.51
C THR A 15 9.90 -3.69 -5.41
N THR A 16 9.95 -2.37 -5.65
CA THR A 16 9.61 -1.40 -4.61
C THR A 16 8.99 -0.14 -5.21
N SER A 17 8.10 0.48 -4.46
CA SER A 17 7.38 1.68 -4.93
C SER A 17 6.99 2.57 -3.76
N GLN A 18 6.01 3.45 -3.96
CA GLN A 18 5.56 4.35 -2.91
C GLN A 18 4.28 5.04 -3.31
N ILE A 19 4.16 6.29 -2.86
CA ILE A 19 3.04 7.10 -3.21
C ILE A 19 3.16 8.51 -2.58
N PRO A 20 4.24 9.22 -2.91
CA PRO A 20 4.48 10.58 -2.42
C PRO A 20 3.32 11.53 -2.71
N ALA A 21 2.37 11.05 -3.48
CA ALA A 21 1.20 11.84 -3.87
C ALA A 21 0.28 11.07 -4.80
N SER A 22 0.55 9.77 -4.92
CA SER A 22 -0.14 8.93 -5.90
C SER A 22 0.13 9.42 -7.31
N GLU A 23 1.09 10.33 -7.43
CA GLU A 23 1.50 10.84 -8.74
C GLU A 23 2.81 10.21 -9.17
N GLN A 24 3.44 9.46 -8.26
CA GLN A 24 4.66 8.72 -8.57
C GLN A 24 4.54 7.29 -8.08
N GLU A 25 3.88 6.45 -8.87
CA GLU A 25 3.35 5.20 -8.36
C GLU A 25 4.32 4.05 -8.59
N THR A 26 4.10 3.29 -9.66
CA THR A 26 4.69 1.97 -9.77
C THR A 26 4.10 1.17 -10.94
N LEU A 27 4.71 0.02 -11.20
CA LEU A 27 3.98 -1.17 -11.57
C LEU A 27 4.61 -2.36 -10.88
N VAL A 28 4.46 -2.38 -9.56
CA VAL A 28 5.39 -3.12 -8.71
C VAL A 28 5.02 -4.59 -8.64
N ARG A 29 6.02 -5.43 -8.47
CA ARG A 29 5.81 -6.86 -8.55
C ARG A 29 6.41 -7.56 -7.34
N PRO A 30 5.77 -7.40 -6.17
CA PRO A 30 6.31 -7.86 -4.88
C PRO A 30 6.27 -9.37 -4.73
N LYS A 31 7.26 -9.91 -4.02
CA LYS A 31 7.26 -11.33 -3.66
C LYS A 31 6.19 -11.60 -2.59
N PRO A 32 5.69 -12.85 -2.52
CA PRO A 32 4.60 -13.21 -1.60
C PRO A 32 4.86 -12.73 -0.18
N LEU A 33 4.34 -11.54 0.13
CA LEU A 33 4.49 -10.98 1.48
C LEU A 33 3.63 -9.72 1.65
N LEU A 34 3.10 -9.22 0.54
CA LEU A 34 2.17 -8.11 0.57
C LEU A 34 0.95 -8.51 -0.25
N LEU A 35 1.23 -9.18 -1.36
CA LEU A 35 0.30 -10.12 -1.92
C LEU A 35 0.38 -11.43 -1.16
N LYS A 36 -0.44 -12.39 -1.55
CA LYS A 36 -0.79 -13.51 -0.69
C LYS A 36 -1.55 -13.04 0.55
N LEU A 37 -1.24 -11.83 1.02
CA LEU A 37 -2.12 -11.09 1.90
C LEU A 37 -3.25 -10.48 1.07
N LEU A 38 -3.00 -10.36 -0.22
CA LEU A 38 -4.02 -9.86 -1.14
C LEU A 38 -4.54 -10.99 -2.03
N LYS A 39 -3.69 -11.98 -2.28
CA LYS A 39 -4.09 -13.16 -3.05
C LYS A 39 -5.10 -13.99 -2.26
N SER A 40 -5.37 -13.58 -1.03
CA SER A 40 -6.33 -14.28 -0.18
C SER A 40 -7.65 -13.53 -0.11
N VAL A 41 -7.59 -12.21 -0.24
CA VAL A 41 -8.79 -11.38 -0.13
C VAL A 41 -9.55 -11.33 -1.45
N GLY A 42 -8.83 -11.51 -2.56
CA GLY A 42 -9.50 -11.67 -3.84
C GLY A 42 -8.63 -11.29 -5.03
N ALA A 43 -7.31 -11.36 -4.84
CA ALA A 43 -6.38 -11.10 -5.93
C ALA A 43 -6.30 -12.28 -6.89
N GLN A 44 -5.52 -12.12 -7.95
CA GLN A 44 -5.31 -13.19 -8.92
C GLN A 44 -4.13 -12.85 -9.84
N LYS A 45 -3.78 -11.57 -9.90
CA LYS A 45 -2.67 -11.13 -10.73
C LYS A 45 -1.33 -11.52 -10.10
N ASP A 46 -0.26 -11.38 -10.89
CA ASP A 46 1.08 -11.69 -10.40
C ASP A 46 1.83 -10.40 -10.04
N THR A 47 1.19 -9.26 -10.27
CA THR A 47 1.76 -7.97 -9.91
C THR A 47 0.72 -7.06 -9.28
N TYR A 48 1.17 -5.90 -8.82
CA TYR A 48 0.26 -4.89 -8.32
C TYR A 48 0.66 -3.51 -8.77
N THR A 49 -0.20 -2.55 -8.49
CA THR A 49 0.20 -1.16 -8.47
C THR A 49 -0.24 -0.51 -7.15
N MET A 50 0.36 0.61 -6.84
CA MET A 50 0.29 1.16 -5.49
C MET A 50 -1.11 1.66 -5.16
N LYS A 51 -1.92 1.89 -6.20
CA LYS A 51 -3.34 2.19 -6.00
C LYS A 51 -4.15 0.90 -5.94
N GLU A 52 -3.73 -0.08 -6.75
CA GLU A 52 -4.36 -1.39 -6.76
C GLU A 52 -4.22 -2.06 -5.40
N VAL A 53 -3.05 -1.91 -4.79
CA VAL A 53 -2.77 -2.50 -3.49
C VAL A 53 -3.17 -1.55 -2.37
N LEU A 54 -3.30 -0.28 -2.70
CA LEU A 54 -3.92 0.68 -1.79
C LEU A 54 -5.26 0.16 -1.30
N PHE A 55 -6.19 -0.01 -2.23
CA PHE A 55 -7.53 -0.46 -1.89
C PHE A 55 -7.54 -1.93 -1.48
N TYR A 56 -6.70 -2.74 -2.14
CA TYR A 56 -6.67 -4.17 -1.89
C TYR A 56 -6.23 -4.48 -0.47
N LEU A 57 -5.11 -3.91 -0.06
CA LEU A 57 -4.65 -4.05 1.32
C LEU A 57 -5.74 -3.61 2.28
N GLY A 58 -6.37 -2.47 1.97
CA GLY A 58 -7.56 -2.06 2.70
C GLY A 58 -8.56 -3.18 2.82
N GLN A 59 -8.78 -3.90 1.72
CA GLN A 59 -9.73 -5.02 1.71
C GLN A 59 -9.36 -6.05 2.76
N TYR A 60 -8.10 -6.50 2.74
CA TYR A 60 -7.65 -7.54 3.65
C TYR A 60 -7.79 -7.12 5.12
N ILE A 61 -7.44 -5.87 5.41
CA ILE A 61 -7.62 -5.34 6.78
C ILE A 61 -9.08 -5.50 7.20
N MET A 62 -9.95 -5.44 6.22
CA MET A 62 -11.38 -5.62 6.46
C MET A 62 -11.73 -7.10 6.61
N THR A 63 -11.13 -7.94 5.77
CA THR A 63 -11.49 -9.36 5.71
C THR A 63 -11.21 -10.07 7.04
N LYS A 64 -9.93 -10.10 7.41
CA LYS A 64 -9.51 -10.83 8.61
C LYS A 64 -9.69 -9.96 9.85
N ARG A 65 -10.44 -8.88 9.69
CA ARG A 65 -10.88 -8.06 10.82
C ARG A 65 -9.73 -7.80 11.80
N LEU A 66 -8.85 -6.87 11.44
CA LEU A 66 -7.84 -6.37 12.38
C LEU A 66 -8.22 -4.97 12.84
N TYR A 67 -7.96 -3.97 12.00
CA TYR A 67 -8.69 -2.72 12.03
C TYR A 67 -8.47 -1.96 13.33
N ASP A 68 -9.00 -0.74 13.37
CA ASP A 68 -9.07 0.05 14.59
C ASP A 68 -10.50 0.09 15.12
N GLU A 69 -11.46 -0.03 14.20
CA GLU A 69 -12.88 -0.06 14.53
C GLU A 69 -13.37 1.33 14.95
N LYS A 70 -12.46 2.18 15.40
CA LYS A 70 -12.81 3.53 15.81
C LYS A 70 -13.27 4.36 14.62
N GLN A 71 -12.32 4.76 13.78
CA GLN A 71 -12.64 5.49 12.55
C GLN A 71 -12.12 4.73 11.34
N GLN A 72 -11.81 3.45 11.54
CA GLN A 72 -11.37 2.58 10.45
C GLN A 72 -10.15 3.16 9.74
N HIS A 73 -9.17 3.61 10.52
CA HIS A 73 -7.93 4.14 9.95
C HIS A 73 -6.71 3.44 10.54
N ILE A 74 -6.81 3.00 11.80
CA ILE A 74 -5.73 2.23 12.42
C ILE A 74 -6.03 0.73 12.32
N VAL A 75 -5.01 -0.09 12.56
CA VAL A 75 -5.16 -1.53 12.38
C VAL A 75 -4.40 -2.31 13.45
N TYR A 76 -5.04 -2.48 14.60
CA TYR A 76 -4.49 -3.31 15.66
C TYR A 76 -4.39 -4.77 15.23
N CYS A 77 -3.17 -5.28 15.16
CA CYS A 77 -2.94 -6.62 14.62
C CYS A 77 -1.55 -7.15 14.97
N SER A 78 -1.45 -7.75 16.15
CA SER A 78 -0.18 -8.32 16.60
C SER A 78 -0.01 -9.75 16.08
N ASN A 79 -0.74 -10.09 15.02
CA ASN A 79 -0.68 -11.42 14.44
C ASN A 79 -1.53 -11.50 13.16
N ASP A 80 -0.97 -10.98 12.06
CA ASP A 80 -1.68 -10.93 10.80
C ASP A 80 -0.72 -11.08 9.62
N LEU A 81 -1.28 -11.31 8.43
CA LEU A 81 -0.50 -11.26 7.21
C LEU A 81 0.08 -9.86 7.01
N LEU A 82 -0.66 -8.86 7.46
CA LEU A 82 -0.10 -7.51 7.60
C LEU A 82 1.17 -7.57 8.43
N GLY A 83 1.16 -8.43 9.44
CA GLY A 83 2.34 -8.64 10.25
C GLY A 83 3.53 -9.11 9.43
N ASP A 84 3.26 -9.94 8.43
CA ASP A 84 4.29 -10.33 7.47
C ASP A 84 4.94 -9.09 6.86
N LEU A 85 4.14 -8.03 6.69
CA LEU A 85 4.67 -6.73 6.28
C LEU A 85 5.38 -6.05 7.43
N PHE A 86 4.61 -5.52 8.37
CA PHE A 86 5.15 -4.71 9.45
C PHE A 86 5.47 -5.54 10.68
N GLY A 87 4.53 -6.41 11.05
CA GLY A 87 4.50 -6.93 12.41
C GLY A 87 3.95 -5.91 13.38
N VAL A 88 3.23 -4.93 12.83
CA VAL A 88 2.79 -3.78 13.61
C VAL A 88 1.83 -4.19 14.72
N PRO A 89 1.83 -3.44 15.83
CA PRO A 89 0.70 -3.45 16.76
C PRO A 89 -0.53 -2.75 16.16
N SER A 90 -0.32 -2.00 15.08
CA SER A 90 -1.35 -1.11 14.56
C SER A 90 -0.82 -0.22 13.45
N PHE A 91 -1.51 -0.21 12.31
CA PHE A 91 -1.07 0.62 11.20
C PHE A 91 -2.22 1.50 10.69
N SER A 92 -1.85 2.67 10.18
CA SER A 92 -2.83 3.72 9.90
C SER A 92 -2.97 3.97 8.40
N VAL A 93 -3.85 3.21 7.77
CA VAL A 93 -4.20 3.43 6.36
C VAL A 93 -4.49 4.90 6.07
N LYS A 94 -4.83 5.65 7.12
CA LYS A 94 -5.18 7.05 6.96
C LYS A 94 -4.04 7.85 6.35
N GLU A 95 -2.85 7.25 6.33
CA GLU A 95 -1.65 7.96 5.87
C GLU A 95 -1.28 7.57 4.45
N HIS A 96 -1.45 6.29 4.13
CA HIS A 96 -0.97 5.73 2.86
C HIS A 96 0.55 5.79 2.78
N ARG A 97 1.08 6.98 2.54
CA ARG A 97 2.52 7.16 2.35
C ARG A 97 3.32 6.35 3.36
N LYS A 98 2.82 6.28 4.59
CA LYS A 98 3.53 5.59 5.67
C LYS A 98 3.46 4.07 5.49
N ILE A 99 2.28 3.51 5.67
CA ILE A 99 2.03 2.09 5.40
C ILE A 99 2.77 1.66 4.15
N TYR A 100 2.82 2.55 3.17
CA TYR A 100 3.15 2.15 1.83
C TYR A 100 4.66 2.27 1.59
N THR A 101 5.32 3.05 2.43
CA THR A 101 6.77 3.20 2.34
C THR A 101 7.48 2.18 3.22
N MET A 102 6.79 1.72 4.26
CA MET A 102 7.31 0.66 5.11
C MET A 102 7.17 -0.69 4.43
N ILE A 103 6.12 -0.82 3.63
CA ILE A 103 5.96 -2.00 2.79
C ILE A 103 6.98 -1.99 1.65
N TYR A 104 7.17 -0.82 1.06
CA TYR A 104 8.13 -0.66 -0.04
C TYR A 104 9.24 0.30 0.36
N ARG A 105 10.41 -0.24 0.66
CA ARG A 105 11.52 0.57 1.19
C ARG A 105 12.39 1.14 0.06
N ASN A 106 13.35 0.35 -0.40
CA ASN A 106 14.32 0.82 -1.38
C ASN A 106 13.66 1.02 -2.75
N LEU A 107 13.27 2.25 -3.04
CA LEU A 107 12.51 2.57 -4.24
C LEU A 107 13.16 1.97 -5.48
N VAL A 108 12.48 1.02 -6.10
CA VAL A 108 12.90 0.48 -7.39
C VAL A 108 11.87 -0.50 -7.95
N VAL A 109 10.95 0.02 -8.76
CA VAL A 109 9.97 -0.83 -9.44
C VAL A 109 10.23 -0.88 -10.95
N VAL A 110 9.90 0.20 -11.64
CA VAL A 110 10.12 0.27 -13.09
C VAL A 110 11.54 0.74 -13.41
N ASN A 111 12.12 0.16 -14.44
CA ASN A 111 13.50 0.47 -14.82
C ASN A 111 13.69 1.97 -15.02
N GLN A 112 13.15 2.48 -16.14
CA GLN A 112 13.26 3.90 -16.47
C GLN A 112 14.72 4.33 -16.52
N GLN A 113 15.44 3.90 -17.55
CA GLN A 113 16.84 4.26 -17.72
C GLN A 113 17.15 4.61 -19.16
N GLU A 114 16.52 3.88 -20.09
CA GLU A 114 16.71 4.14 -21.51
C GLU A 114 15.83 5.29 -21.98
N SER A 115 16.41 6.48 -22.04
CA SER A 115 15.69 7.67 -22.48
C SER A 115 15.97 7.97 -23.95
N SER A 116 14.93 7.92 -24.77
CA SER A 116 15.07 8.19 -26.20
C SER A 116 13.78 8.76 -26.78
N ASP A 117 12.69 8.62 -26.03
CA ASP A 117 11.39 9.12 -26.46
C ASP A 117 11.20 10.58 -26.08
N SER A 118 10.20 11.21 -26.68
CA SER A 118 9.91 12.62 -26.41
C SER A 118 8.42 12.90 -26.52
N SER A 119 7.79 13.23 -25.39
CA SER A 119 6.37 13.52 -25.35
C SER A 119 5.55 12.35 -25.89
N MET A 1 36.53 -6.65 8.67
CA MET A 1 35.25 -6.72 7.91
C MET A 1 34.06 -6.59 8.85
N CYS A 2 34.32 -6.10 10.06
CA CYS A 2 33.28 -5.89 11.07
C CYS A 2 32.36 -7.10 11.19
N ASN A 3 31.21 -6.91 11.82
CA ASN A 3 30.26 -7.99 12.03
C ASN A 3 28.82 -7.47 11.96
N THR A 4 28.58 -6.54 11.05
CA THR A 4 27.25 -5.98 10.87
C THR A 4 26.33 -6.94 10.14
N ASN A 5 25.10 -7.08 10.63
CA ASN A 5 24.13 -7.97 10.02
C ASN A 5 22.76 -7.30 9.92
N MET A 6 22.51 -6.34 10.80
CA MET A 6 21.24 -5.63 10.82
C MET A 6 21.46 -4.12 10.91
N SER A 7 20.68 -3.37 10.15
CA SER A 7 20.78 -1.92 10.15
C SER A 7 19.40 -1.28 9.91
N VAL A 8 18.64 -1.12 10.98
CA VAL A 8 17.29 -0.56 10.89
C VAL A 8 17.23 0.84 11.50
N PRO A 9 16.58 1.79 10.80
CA PRO A 9 16.44 3.16 11.27
C PRO A 9 15.38 3.29 12.38
N THR A 10 15.73 4.04 13.42
CA THR A 10 14.81 4.25 14.53
C THR A 10 13.59 5.05 14.10
N ASP A 11 13.78 5.88 13.08
CA ASP A 11 12.68 6.69 12.55
C ASP A 11 12.00 5.99 11.39
N GLY A 12 10.67 6.10 11.32
CA GLY A 12 9.92 5.46 10.26
C GLY A 12 9.83 6.31 9.01
N ALA A 13 10.64 7.37 8.96
CA ALA A 13 10.65 8.26 7.81
C ALA A 13 11.76 7.89 6.84
N VAL A 14 11.43 7.80 5.55
CA VAL A 14 12.40 7.45 4.53
C VAL A 14 12.35 8.45 3.37
N THR A 15 11.25 8.45 2.64
CA THR A 15 11.08 9.35 1.51
C THR A 15 9.86 10.24 1.71
N THR A 16 9.53 10.51 2.97
CA THR A 16 8.40 11.36 3.32
C THR A 16 7.07 10.74 2.87
N SER A 17 6.74 10.90 1.60
CA SER A 17 5.48 10.42 1.05
C SER A 17 5.70 9.32 0.02
N GLN A 18 4.61 8.84 -0.56
CA GLN A 18 4.67 7.84 -1.62
C GLN A 18 3.68 8.16 -2.70
N ILE A 19 2.47 8.50 -2.26
CA ILE A 19 1.30 8.41 -3.12
C ILE A 19 1.19 9.58 -4.10
N PRO A 20 1.74 10.76 -3.77
CA PRO A 20 1.81 11.90 -4.69
C PRO A 20 2.87 11.70 -5.76
N ALA A 21 3.20 10.44 -6.04
CA ALA A 21 4.15 10.11 -7.09
C ALA A 21 3.52 10.30 -8.47
N SER A 22 3.86 9.42 -9.40
CA SER A 22 3.30 9.47 -10.74
C SER A 22 1.85 9.02 -10.74
N GLU A 23 1.33 8.66 -9.55
CA GLU A 23 0.00 8.09 -9.43
C GLU A 23 -0.15 6.89 -10.37
N GLN A 24 0.21 5.71 -9.87
CA GLN A 24 0.42 4.55 -10.74
C GLN A 24 1.57 4.79 -11.70
N GLU A 25 2.35 3.74 -11.97
CA GLU A 25 3.58 3.89 -12.74
C GLU A 25 4.18 2.53 -13.08
N THR A 26 4.11 1.62 -12.12
CA THR A 26 4.92 0.42 -12.15
C THR A 26 4.25 -0.70 -12.91
N LEU A 27 4.82 -1.90 -12.83
CA LEU A 27 4.04 -3.10 -12.81
C LEU A 27 4.66 -4.09 -11.84
N VAL A 28 4.35 -3.92 -10.57
CA VAL A 28 5.21 -4.37 -9.50
C VAL A 28 5.07 -5.85 -9.27
N ARG A 29 6.15 -6.46 -8.81
CA ARG A 29 6.17 -7.89 -8.63
C ARG A 29 6.56 -8.25 -7.19
N PRO A 30 5.59 -8.14 -6.26
CA PRO A 30 5.83 -8.39 -4.84
C PRO A 30 6.14 -9.86 -4.56
N LYS A 31 7.27 -10.10 -3.90
CA LYS A 31 7.61 -11.43 -3.42
C LYS A 31 6.60 -11.88 -2.36
N PRO A 32 6.31 -13.19 -2.28
CA PRO A 32 5.31 -13.73 -1.37
C PRO A 32 5.40 -13.14 0.03
N LEU A 33 4.60 -12.11 0.30
CA LEU A 33 4.70 -11.36 1.55
C LEU A 33 3.36 -10.72 1.89
N LEU A 34 2.63 -10.28 0.87
CA LEU A 34 1.33 -9.69 1.06
C LEU A 34 0.40 -10.09 -0.07
N LEU A 35 0.86 -11.04 -0.87
CA LEU A 35 0.07 -11.53 -2.00
C LEU A 35 -0.71 -12.78 -1.60
N LYS A 36 -0.17 -13.51 -0.63
CA LYS A 36 -0.99 -14.39 0.19
C LYS A 36 -1.96 -13.57 1.02
N LEU A 37 -1.75 -12.25 1.01
CA LEU A 37 -2.58 -11.32 1.74
C LEU A 37 -3.51 -10.58 0.78
N LEU A 38 -3.14 -10.57 -0.49
CA LEU A 38 -3.86 -9.80 -1.50
C LEU A 38 -4.67 -10.73 -2.41
N LYS A 39 -4.02 -11.75 -2.94
CA LYS A 39 -4.72 -12.78 -3.71
C LYS A 39 -5.82 -13.43 -2.88
N SER A 40 -5.74 -13.28 -1.56
CA SER A 40 -6.72 -13.85 -0.65
C SER A 40 -7.95 -12.94 -0.53
N VAL A 41 -7.72 -11.63 -0.48
CA VAL A 41 -8.81 -10.68 -0.30
C VAL A 41 -9.55 -10.42 -1.62
N GLY A 42 -8.83 -10.53 -2.73
CA GLY A 42 -9.45 -10.28 -4.02
C GLY A 42 -8.63 -10.80 -5.18
N ALA A 43 -7.34 -10.47 -5.19
CA ALA A 43 -6.49 -10.79 -6.35
C ALA A 43 -6.42 -12.29 -6.60
N GLN A 44 -5.73 -12.66 -7.68
CA GLN A 44 -5.57 -14.07 -8.03
C GLN A 44 -4.50 -14.22 -9.10
N LYS A 45 -3.77 -13.15 -9.37
CA LYS A 45 -2.73 -13.16 -10.39
C LYS A 45 -1.38 -13.52 -9.80
N ASP A 46 -0.31 -13.26 -10.55
CA ASP A 46 1.04 -13.45 -10.03
C ASP A 46 1.68 -12.11 -9.71
N THR A 47 1.34 -11.08 -10.50
CA THR A 47 1.91 -9.76 -10.31
C THR A 47 0.89 -8.76 -9.81
N TYR A 48 1.35 -7.54 -9.63
CA TYR A 48 0.49 -6.45 -9.15
C TYR A 48 0.97 -5.12 -9.71
N THR A 49 0.37 -4.04 -9.26
CA THR A 49 0.88 -2.71 -9.55
C THR A 49 0.76 -1.81 -8.34
N MET A 50 1.28 -0.59 -8.46
CA MET A 50 1.29 0.36 -7.36
C MET A 50 -0.11 0.66 -6.85
N LYS A 51 -1.04 0.93 -7.77
CA LYS A 51 -2.40 1.32 -7.39
C LYS A 51 -3.22 0.07 -7.07
N GLU A 52 -2.90 -1.02 -7.75
CA GLU A 52 -3.52 -2.31 -7.48
C GLU A 52 -3.34 -2.68 -6.01
N VAL A 53 -2.10 -2.61 -5.53
CA VAL A 53 -1.80 -2.89 -4.14
C VAL A 53 -2.33 -1.78 -3.23
N LEU A 54 -2.49 -0.59 -3.81
CA LEU A 54 -3.03 0.54 -3.06
C LEU A 54 -4.37 0.17 -2.42
N PHE A 55 -5.40 0.01 -3.24
CA PHE A 55 -6.74 -0.27 -2.74
C PHE A 55 -6.83 -1.67 -2.15
N TYR A 56 -6.06 -2.60 -2.71
CA TYR A 56 -6.12 -4.00 -2.29
C TYR A 56 -5.62 -4.17 -0.87
N LEU A 57 -4.47 -3.57 -0.56
CA LEU A 57 -3.97 -3.55 0.81
C LEU A 57 -4.99 -2.87 1.71
N GLY A 58 -5.56 -1.77 1.22
CA GLY A 58 -6.66 -1.13 1.93
C GLY A 58 -7.81 -2.09 2.19
N GLN A 59 -8.00 -3.05 1.28
CA GLN A 59 -9.04 -4.06 1.45
C GLN A 59 -8.72 -4.96 2.64
N TYR A 60 -7.54 -5.59 2.61
CA TYR A 60 -7.19 -6.59 3.61
C TYR A 60 -7.16 -5.99 5.02
N ILE A 61 -6.86 -4.70 5.11
CA ILE A 61 -6.97 -3.98 6.39
C ILE A 61 -8.42 -3.94 6.83
N MET A 62 -9.25 -3.21 6.08
CA MET A 62 -10.68 -3.14 6.35
C MET A 62 -11.30 -4.54 6.39
N THR A 63 -11.57 -5.10 5.20
CA THR A 63 -12.02 -6.49 5.10
C THR A 63 -11.04 -7.43 5.79
N LYS A 64 -11.55 -8.54 6.31
CA LYS A 64 -10.75 -9.43 7.14
C LYS A 64 -10.33 -8.72 8.41
N ARG A 65 -11.28 -8.59 9.34
CA ARG A 65 -11.16 -7.66 10.46
C ARG A 65 -9.78 -7.74 11.12
N LEU A 66 -8.96 -6.74 10.83
CA LEU A 66 -7.73 -6.50 11.57
C LEU A 66 -7.79 -5.17 12.29
N TYR A 67 -8.71 -4.31 11.84
CA TYR A 67 -8.78 -2.94 12.33
C TYR A 67 -9.25 -2.90 13.79
N ASP A 68 -9.19 -1.73 14.40
CA ASP A 68 -9.62 -1.55 15.78
C ASP A 68 -11.06 -2.03 15.98
N GLU A 69 -12.02 -1.12 15.84
CA GLU A 69 -13.43 -1.45 16.00
C GLU A 69 -14.30 -0.20 15.88
N LYS A 70 -13.74 0.94 16.30
CA LYS A 70 -14.46 2.20 16.23
C LYS A 70 -13.59 3.29 15.64
N GLN A 71 -12.34 3.34 16.10
CA GLN A 71 -11.29 4.04 15.38
C GLN A 71 -10.60 3.08 14.41
N GLN A 72 -11.29 2.77 13.31
CA GLN A 72 -10.84 1.72 12.40
C GLN A 72 -9.44 2.02 11.88
N HIS A 73 -9.03 3.28 11.96
CA HIS A 73 -7.71 3.69 11.51
C HIS A 73 -6.63 3.23 12.49
N ILE A 74 -7.01 2.46 13.50
CA ILE A 74 -6.04 1.78 14.33
C ILE A 74 -6.15 0.28 14.15
N VAL A 75 -5.54 -0.21 13.07
CA VAL A 75 -5.72 -1.60 12.67
C VAL A 75 -4.63 -2.47 13.29
N TYR A 76 -5.01 -3.23 14.29
CA TYR A 76 -4.08 -4.09 15.01
C TYR A 76 -3.69 -5.30 14.17
N CYS A 77 -2.40 -5.61 14.17
CA CYS A 77 -1.88 -6.72 13.38
C CYS A 77 -0.58 -7.26 13.95
N SER A 78 -0.67 -7.92 15.10
CA SER A 78 0.50 -8.53 15.73
C SER A 78 0.62 -10.00 15.34
N ASN A 79 -0.41 -10.50 14.67
CA ASN A 79 -0.41 -11.89 14.20
C ASN A 79 -1.28 -12.03 12.95
N ASP A 80 -0.87 -11.37 11.87
CA ASP A 80 -1.64 -11.36 10.64
C ASP A 80 -0.72 -11.36 9.42
N LEU A 81 -1.29 -11.58 8.24
CA LEU A 81 -0.52 -11.51 7.00
C LEU A 81 0.10 -10.12 6.85
N LEU A 82 -0.66 -9.09 7.21
CA LEU A 82 -0.14 -7.73 7.22
C LEU A 82 0.99 -7.61 8.24
N GLY A 83 0.97 -8.51 9.23
CA GLY A 83 2.09 -8.62 10.14
C GLY A 83 3.37 -9.01 9.43
N ASP A 84 3.26 -9.90 8.45
CA ASP A 84 4.40 -10.25 7.61
C ASP A 84 4.97 -9.00 6.95
N LEU A 85 4.10 -8.07 6.59
CA LEU A 85 4.53 -6.77 6.06
C LEU A 85 5.22 -5.95 7.14
N PHE A 86 4.40 -5.34 7.99
CA PHE A 86 4.90 -4.43 9.02
C PHE A 86 5.13 -5.17 10.33
N GLY A 87 4.07 -5.74 10.88
CA GLY A 87 4.18 -6.46 12.13
C GLY A 87 3.77 -5.61 13.32
N VAL A 88 3.59 -4.31 13.09
CA VAL A 88 3.17 -3.40 14.14
C VAL A 88 1.96 -3.93 14.89
N PRO A 89 1.89 -3.69 16.22
CA PRO A 89 0.67 -3.89 16.99
C PRO A 89 -0.52 -3.16 16.39
N SER A 90 -0.24 -2.06 15.70
CA SER A 90 -1.29 -1.26 15.08
C SER A 90 -0.70 -0.22 14.13
N PHE A 91 -1.33 -0.01 12.98
CA PHE A 91 -0.90 1.02 12.05
C PHE A 91 -2.07 1.91 11.64
N SER A 92 -1.78 3.17 11.37
CA SER A 92 -2.80 4.14 11.00
C SER A 92 -2.90 4.27 9.49
N VAL A 93 -4.09 4.02 8.95
CA VAL A 93 -4.30 3.97 7.51
C VAL A 93 -4.72 5.33 6.97
N LYS A 94 -5.32 6.15 7.83
CA LYS A 94 -5.73 7.50 7.45
C LYS A 94 -4.53 8.29 6.93
N GLU A 95 -3.33 7.86 7.29
CA GLU A 95 -2.11 8.50 6.82
C GLU A 95 -1.95 8.30 5.32
N HIS A 96 -1.68 7.06 4.92
CA HIS A 96 -1.42 6.72 3.51
C HIS A 96 -0.04 7.21 3.07
N ARG A 97 0.30 8.44 3.44
CA ARG A 97 1.63 8.97 3.20
C ARG A 97 2.68 8.10 3.88
N LYS A 98 2.56 7.96 5.19
CA LYS A 98 3.51 7.16 5.97
C LYS A 98 3.22 5.67 5.85
N ILE A 99 1.93 5.34 5.77
CA ILE A 99 1.52 3.94 5.79
C ILE A 99 1.98 3.22 4.53
N TYR A 100 2.02 3.94 3.41
CA TYR A 100 2.46 3.36 2.15
C TYR A 100 3.96 3.50 1.95
N THR A 101 4.54 4.60 2.43
CA THR A 101 5.97 4.80 2.32
C THR A 101 6.73 3.69 3.05
N MET A 102 6.07 3.06 4.02
CA MET A 102 6.57 1.84 4.64
C MET A 102 6.19 0.63 3.82
N ILE A 103 4.96 0.62 3.30
CA ILE A 103 4.51 -0.46 2.44
C ILE A 103 5.52 -0.77 1.36
N TYR A 104 6.12 0.27 0.78
CA TYR A 104 7.13 0.10 -0.26
C TYR A 104 8.54 0.21 0.34
N ARG A 105 9.00 1.44 0.53
CA ARG A 105 10.32 1.70 1.08
C ARG A 105 11.41 1.06 0.21
N ASN A 106 11.68 -0.22 0.44
CA ASN A 106 12.67 -0.96 -0.35
C ASN A 106 12.02 -2.11 -1.09
N LEU A 107 11.42 -1.80 -2.24
CA LEU A 107 10.75 -2.82 -3.05
C LEU A 107 11.25 -2.81 -4.48
N VAL A 108 11.21 -3.97 -5.13
CA VAL A 108 11.67 -4.09 -6.51
C VAL A 108 10.64 -3.53 -7.49
N VAL A 109 10.59 -2.20 -7.58
CA VAL A 109 9.67 -1.52 -8.48
C VAL A 109 10.27 -1.35 -9.86
N VAL A 110 9.45 -1.50 -10.89
CA VAL A 110 9.91 -1.38 -12.27
C VAL A 110 9.66 0.03 -12.81
N ASN A 111 10.68 0.62 -13.41
CA ASN A 111 10.57 1.96 -13.96
C ASN A 111 11.19 2.03 -15.35
N GLN A 112 10.84 3.07 -16.10
CA GLN A 112 11.34 3.25 -17.46
C GLN A 112 12.23 4.48 -17.56
N GLN A 113 13.44 4.30 -18.08
CA GLN A 113 14.38 5.39 -18.23
C GLN A 113 13.86 6.42 -19.23
N GLU A 114 13.29 7.50 -18.71
CA GLU A 114 12.72 8.55 -19.55
C GLU A 114 13.79 9.23 -20.39
N SER A 115 13.87 8.83 -21.66
CA SER A 115 14.84 9.40 -22.59
C SER A 115 14.16 9.95 -23.83
N SER A 116 12.87 9.67 -23.96
CA SER A 116 12.10 10.13 -25.12
C SER A 116 10.74 10.67 -24.67
N ASP A 117 10.68 11.18 -23.45
CA ASP A 117 9.44 11.73 -22.89
C ASP A 117 8.36 10.65 -22.79
N SER A 118 7.66 10.41 -23.89
CA SER A 118 6.59 9.41 -23.91
C SER A 118 6.45 8.80 -25.31
N SER A 119 6.99 9.49 -26.30
CA SER A 119 6.92 9.03 -27.68
C SER A 119 8.28 9.13 -28.37
N MET A 1 19.95 37.77 -17.39
CA MET A 1 19.00 36.64 -17.20
C MET A 1 19.60 35.59 -16.27
N CYS A 2 20.54 36.01 -15.44
CA CYS A 2 21.19 35.10 -14.50
C CYS A 2 20.45 35.08 -13.16
N ASN A 3 19.71 36.15 -12.88
CA ASN A 3 18.96 36.25 -11.64
C ASN A 3 17.58 35.60 -11.77
N THR A 4 17.12 35.47 -13.00
CA THR A 4 15.82 34.86 -13.26
C THR A 4 15.96 33.39 -13.62
N ASN A 5 14.98 32.59 -13.21
CA ASN A 5 14.99 31.16 -13.48
C ASN A 5 14.20 30.83 -14.74
N MET A 6 14.91 30.55 -15.82
CA MET A 6 14.28 30.24 -17.10
C MET A 6 13.92 28.75 -17.17
N SER A 7 12.71 28.47 -17.63
CA SER A 7 12.21 27.10 -17.72
C SER A 7 12.15 26.44 -16.34
N VAL A 8 11.66 25.21 -16.29
CA VAL A 8 11.52 24.48 -15.04
C VAL A 8 10.64 25.24 -14.05
N PRO A 9 9.31 25.07 -14.15
CA PRO A 9 8.36 25.74 -13.26
C PRO A 9 8.63 25.43 -11.79
N THR A 10 8.28 26.38 -10.92
CA THR A 10 8.48 26.22 -9.49
C THR A 10 7.28 25.52 -8.85
N ASP A 11 7.50 24.27 -8.42
CA ASP A 11 6.44 23.50 -7.78
C ASP A 11 5.22 23.36 -8.69
N GLY A 12 5.29 22.42 -9.63
CA GLY A 12 4.17 22.19 -10.53
C GLY A 12 3.43 20.91 -10.22
N ALA A 13 2.59 20.94 -9.20
CA ALA A 13 1.85 19.76 -8.78
C ALA A 13 0.37 19.89 -9.09
N VAL A 14 -0.20 18.86 -9.69
CA VAL A 14 -1.62 18.85 -10.02
C VAL A 14 -2.45 18.36 -8.84
N THR A 15 -1.92 17.39 -8.12
CA THR A 15 -2.61 16.83 -6.96
C THR A 15 -2.19 17.52 -5.67
N THR A 16 -2.98 17.35 -4.61
CA THR A 16 -2.74 18.04 -3.35
C THR A 16 -2.69 17.05 -2.19
N SER A 17 -3.44 15.96 -2.30
CA SER A 17 -3.53 14.98 -1.23
C SER A 17 -3.48 13.55 -1.78
N GLN A 18 -2.41 12.83 -1.43
CA GLN A 18 -2.28 11.43 -1.82
C GLN A 18 -1.12 10.78 -1.11
N ILE A 19 -0.55 9.81 -1.80
CA ILE A 19 0.84 9.48 -1.64
C ILE A 19 1.60 9.64 -2.95
N PRO A 20 2.85 10.12 -2.88
CA PRO A 20 3.66 10.48 -4.04
C PRO A 20 4.01 9.27 -4.90
N ALA A 21 3.59 9.31 -6.16
CA ALA A 21 3.73 8.16 -7.06
C ALA A 21 3.04 6.93 -6.47
N SER A 22 1.85 6.65 -6.97
CA SER A 22 1.02 5.58 -6.42
C SER A 22 -0.28 5.46 -7.19
N GLU A 23 -0.52 6.41 -8.10
CA GLU A 23 -1.69 6.37 -8.95
C GLU A 23 -1.48 5.39 -10.10
N GLN A 24 -1.05 4.18 -9.74
CA GLN A 24 -0.73 3.15 -10.73
C GLN A 24 0.52 3.52 -11.53
N GLU A 25 1.40 2.55 -11.71
CA GLU A 25 2.73 2.83 -12.28
C GLU A 25 3.52 1.55 -12.47
N THR A 26 3.58 0.73 -11.42
CA THR A 26 4.57 -0.32 -11.32
C THR A 26 3.90 -1.69 -11.28
N LEU A 27 4.21 -2.53 -12.27
CA LEU A 27 3.81 -3.92 -12.22
C LEU A 27 4.76 -4.68 -11.32
N VAL A 28 4.91 -4.15 -10.12
CA VAL A 28 5.78 -4.72 -9.11
C VAL A 28 5.40 -6.16 -8.83
N ARG A 29 6.41 -6.99 -8.64
CA ARG A 29 6.17 -8.42 -8.51
C ARG A 29 6.99 -9.00 -7.37
N PRO A 30 6.60 -8.72 -6.12
CA PRO A 30 7.44 -8.97 -4.94
C PRO A 30 7.28 -10.39 -4.40
N LYS A 31 8.14 -10.74 -3.44
CA LYS A 31 8.04 -12.02 -2.75
C LYS A 31 6.69 -12.13 -2.02
N PRO A 32 6.30 -13.35 -1.61
CA PRO A 32 5.02 -13.60 -0.94
C PRO A 32 4.90 -12.82 0.38
N LEU A 33 4.56 -11.53 0.27
CA LEU A 33 4.37 -10.68 1.44
C LEU A 33 3.36 -9.58 1.13
N LEU A 34 3.00 -9.45 -0.14
CA LEU A 34 2.05 -8.44 -0.57
C LEU A 34 1.01 -9.09 -1.45
N LEU A 35 1.15 -10.40 -1.60
CA LEU A 35 0.16 -11.21 -2.25
C LEU A 35 -0.20 -12.38 -1.35
N LYS A 36 -1.42 -12.86 -1.47
CA LYS A 36 -2.07 -13.64 -0.42
C LYS A 36 -2.31 -12.77 0.81
N LEU A 37 -1.52 -11.72 0.93
CA LEU A 37 -1.94 -10.53 1.65
C LEU A 37 -3.01 -9.83 0.82
N LEU A 38 -3.01 -10.12 -0.48
CA LEU A 38 -3.98 -9.54 -1.40
C LEU A 38 -4.71 -10.63 -2.19
N LYS A 39 -4.00 -11.73 -2.48
CA LYS A 39 -4.58 -12.83 -3.24
C LYS A 39 -5.60 -13.59 -2.41
N SER A 40 -5.77 -13.17 -1.16
CA SER A 40 -6.75 -13.77 -0.27
C SER A 40 -8.02 -12.93 -0.19
N VAL A 41 -7.87 -11.62 -0.40
CA VAL A 41 -9.00 -10.70 -0.31
C VAL A 41 -9.74 -10.58 -1.65
N GLY A 42 -9.00 -10.70 -2.74
CA GLY A 42 -9.60 -10.62 -4.06
C GLY A 42 -8.61 -10.77 -5.19
N ALA A 43 -7.36 -10.40 -4.93
CA ALA A 43 -6.34 -10.40 -5.98
C ALA A 43 -6.02 -11.82 -6.43
N GLN A 44 -5.43 -11.95 -7.62
CA GLN A 44 -5.09 -13.26 -8.16
C GLN A 44 -4.12 -13.12 -9.34
N LYS A 45 -3.56 -11.92 -9.50
CA LYS A 45 -2.64 -11.67 -10.60
C LYS A 45 -1.21 -12.02 -10.21
N ASP A 46 -0.43 -12.50 -11.17
CA ASP A 46 0.97 -12.85 -10.94
C ASP A 46 1.80 -11.61 -10.66
N THR A 47 1.21 -10.44 -10.91
CA THR A 47 1.88 -9.17 -10.63
C THR A 47 0.95 -8.22 -9.92
N TYR A 48 1.49 -7.09 -9.47
CA TYR A 48 0.68 -6.07 -8.84
C TYR A 48 1.10 -4.68 -9.27
N THR A 49 0.22 -3.72 -9.01
CA THR A 49 0.54 -2.33 -9.25
C THR A 49 0.19 -1.47 -8.04
N MET A 50 0.90 -0.37 -7.89
CA MET A 50 0.77 0.47 -6.71
C MET A 50 -0.65 0.96 -6.52
N LYS A 51 -1.46 0.86 -7.58
CA LYS A 51 -2.88 1.23 -7.50
C LYS A 51 -3.71 0.01 -7.12
N GLU A 52 -3.34 -1.13 -7.69
CA GLU A 52 -3.88 -2.42 -7.23
C GLU A 52 -3.71 -2.54 -5.73
N VAL A 53 -2.45 -2.53 -5.29
CA VAL A 53 -2.13 -2.59 -3.87
C VAL A 53 -2.81 -1.47 -3.10
N LEU A 54 -2.96 -0.31 -3.73
CA LEU A 54 -3.67 0.82 -3.11
C LEU A 54 -4.98 0.36 -2.51
N PHE A 55 -5.99 0.12 -3.35
CA PHE A 55 -7.32 -0.20 -2.87
C PHE A 55 -7.35 -1.59 -2.23
N TYR A 56 -6.57 -2.51 -2.77
CA TYR A 56 -6.59 -3.90 -2.31
C TYR A 56 -6.08 -4.01 -0.88
N LEU A 57 -4.91 -3.46 -0.62
CA LEU A 57 -4.36 -3.46 0.73
C LEU A 57 -5.34 -2.81 1.69
N GLY A 58 -5.91 -1.68 1.28
CA GLY A 58 -6.99 -1.07 2.03
C GLY A 58 -8.06 -2.07 2.39
N GLN A 59 -8.43 -2.93 1.43
CA GLN A 59 -9.37 -4.00 1.70
C GLN A 59 -8.86 -4.90 2.82
N TYR A 60 -7.80 -5.64 2.54
CA TYR A 60 -7.38 -6.74 3.41
C TYR A 60 -7.19 -6.25 4.84
N ILE A 61 -6.76 -5.00 4.99
CA ILE A 61 -6.70 -4.36 6.29
C ILE A 61 -8.07 -4.36 6.96
N MET A 62 -8.98 -3.54 6.41
CA MET A 62 -10.31 -3.38 7.00
C MET A 62 -11.28 -4.45 6.51
N THR A 63 -10.75 -5.61 6.11
CA THR A 63 -11.59 -6.73 5.72
C THR A 63 -11.50 -7.87 6.73
N LYS A 64 -10.28 -8.32 7.01
CA LYS A 64 -10.07 -9.53 7.81
C LYS A 64 -10.07 -9.20 9.30
N ARG A 65 -10.75 -8.12 9.67
CA ARG A 65 -10.92 -7.75 11.07
C ARG A 65 -9.57 -7.60 11.76
N LEU A 66 -8.66 -6.86 11.11
CA LEU A 66 -7.39 -6.52 11.73
C LEU A 66 -7.41 -5.08 12.24
N TYR A 67 -8.38 -4.31 11.78
CA TYR A 67 -8.53 -2.92 12.22
C TYR A 67 -9.04 -2.86 13.65
N ASP A 68 -9.17 -1.65 14.18
CA ASP A 68 -9.65 -1.47 15.55
C ASP A 68 -11.09 -1.95 15.69
N GLU A 69 -12.05 -1.03 15.60
CA GLU A 69 -13.46 -1.35 15.74
C GLU A 69 -14.31 -0.08 15.73
N LYS A 70 -13.73 1.01 16.21
CA LYS A 70 -14.42 2.30 16.24
C LYS A 70 -13.63 3.33 15.44
N GLN A 71 -12.32 3.30 15.61
CA GLN A 71 -11.42 3.98 14.69
C GLN A 71 -10.71 2.96 13.80
N GLN A 72 -11.38 2.59 12.70
CA GLN A 72 -10.89 1.52 11.83
C GLN A 72 -9.46 1.79 11.37
N HIS A 73 -9.03 3.03 11.52
CA HIS A 73 -7.69 3.43 11.10
C HIS A 73 -6.66 3.14 12.19
N ILE A 74 -7.01 2.30 13.15
CA ILE A 74 -6.03 1.73 14.06
C ILE A 74 -6.02 0.21 13.94
N VAL A 75 -5.13 -0.30 13.10
CA VAL A 75 -5.18 -1.69 12.68
C VAL A 75 -4.31 -2.57 13.54
N TYR A 76 -4.91 -3.20 14.54
CA TYR A 76 -4.21 -4.14 15.40
C TYR A 76 -3.83 -5.40 14.63
N CYS A 77 -2.52 -5.60 14.46
CA CYS A 77 -2.03 -6.72 13.66
C CYS A 77 -0.80 -7.35 14.33
N SER A 78 -1.04 -8.08 15.42
CA SER A 78 0.05 -8.74 16.15
C SER A 78 0.24 -10.18 15.64
N ASN A 79 -0.64 -10.60 14.75
CA ASN A 79 -0.57 -11.97 14.20
C ASN A 79 -1.43 -12.09 12.95
N ASP A 80 -0.95 -11.50 11.85
CA ASP A 80 -1.67 -11.54 10.58
C ASP A 80 -0.70 -11.43 9.41
N LEU A 81 -1.23 -11.62 8.20
CA LEU A 81 -0.43 -11.44 6.99
C LEU A 81 0.11 -10.02 6.93
N LEU A 82 -0.72 -9.05 7.29
CA LEU A 82 -0.26 -7.68 7.45
C LEU A 82 0.91 -7.61 8.42
N GLY A 83 0.92 -8.54 9.38
CA GLY A 83 2.04 -8.65 10.30
C GLY A 83 3.33 -8.98 9.57
N ASP A 84 3.26 -9.86 8.57
CA ASP A 84 4.40 -10.13 7.71
C ASP A 84 4.94 -8.83 7.12
N LEU A 85 4.05 -7.87 6.91
CA LEU A 85 4.46 -6.54 6.44
C LEU A 85 5.09 -5.74 7.56
N PHE A 86 4.24 -5.15 8.41
CA PHE A 86 4.68 -4.19 9.41
C PHE A 86 5.18 -4.91 10.67
N GLY A 87 4.31 -5.71 11.26
CA GLY A 87 4.60 -6.31 12.55
C GLY A 87 4.16 -5.40 13.70
N VAL A 88 3.69 -4.21 13.35
CA VAL A 88 3.21 -3.26 14.34
C VAL A 88 2.10 -3.86 15.20
N PRO A 89 1.88 -3.31 16.39
CA PRO A 89 0.67 -3.60 17.17
C PRO A 89 -0.56 -2.95 16.56
N SER A 90 -0.35 -1.81 15.90
CA SER A 90 -1.42 -1.11 15.19
C SER A 90 -0.84 -0.10 14.21
N PHE A 91 -1.47 0.05 13.04
CA PHE A 91 -1.01 1.04 12.07
C PHE A 91 -2.18 1.88 11.55
N SER A 92 -1.86 3.07 11.06
CA SER A 92 -2.89 4.02 10.63
C SER A 92 -3.05 4.00 9.12
N VAL A 93 -4.06 3.29 8.65
CA VAL A 93 -4.37 3.25 7.22
C VAL A 93 -4.91 4.59 6.74
N LYS A 94 -5.35 5.42 7.69
CA LYS A 94 -5.85 6.75 7.37
C LYS A 94 -4.85 7.51 6.50
N GLU A 95 -3.59 7.51 6.94
CA GLU A 95 -2.51 8.01 6.12
C GLU A 95 -2.12 6.99 5.05
N HIS A 96 -1.53 7.47 3.95
CA HIS A 96 -1.22 6.61 2.82
C HIS A 96 0.17 6.93 2.27
N ARG A 97 0.62 8.15 2.48
CA ARG A 97 1.98 8.54 2.10
C ARG A 97 3.00 7.68 2.84
N LYS A 98 2.99 7.79 4.17
CA LYS A 98 3.96 7.07 5.00
C LYS A 98 3.59 5.60 5.13
N ILE A 99 2.29 5.34 5.24
CA ILE A 99 1.81 3.99 5.54
C ILE A 99 2.09 3.03 4.38
N TYR A 100 2.14 3.57 3.16
CA TYR A 100 2.49 2.78 2.00
C TYR A 100 4.00 2.78 1.76
N THR A 101 4.66 3.85 2.19
CA THR A 101 6.12 3.89 2.20
C THR A 101 6.67 2.78 3.10
N MET A 102 5.93 2.44 4.14
CA MET A 102 6.28 1.31 5.00
C MET A 102 5.95 0.00 4.31
N ILE A 103 4.78 -0.06 3.66
CA ILE A 103 4.37 -1.25 2.96
C ILE A 103 5.45 -1.71 1.96
N TYR A 104 5.99 -0.75 1.22
CA TYR A 104 7.03 -1.05 0.22
C TYR A 104 8.41 -0.93 0.83
N ARG A 105 8.85 -1.99 1.50
CA ARG A 105 10.18 -2.02 2.11
C ARG A 105 11.21 -2.59 1.14
N ASN A 106 10.76 -3.49 0.27
CA ASN A 106 11.65 -4.11 -0.71
C ASN A 106 11.87 -3.18 -1.89
N LEU A 107 13.14 -2.90 -2.18
CA LEU A 107 13.51 -2.03 -3.29
C LEU A 107 13.58 -2.82 -4.59
N VAL A 108 12.43 -3.22 -5.11
CA VAL A 108 12.37 -3.95 -6.37
C VAL A 108 11.08 -3.63 -7.13
N VAL A 109 11.23 -3.04 -8.31
CA VAL A 109 10.09 -2.62 -9.12
C VAL A 109 10.35 -2.81 -10.60
N VAL A 110 9.34 -2.57 -11.42
CA VAL A 110 9.47 -2.66 -12.86
C VAL A 110 8.94 -1.41 -13.55
N ASN A 111 9.83 -0.44 -13.75
CA ASN A 111 9.43 0.82 -14.37
C ASN A 111 9.62 0.76 -15.89
N GLN A 112 8.65 1.30 -16.62
CA GLN A 112 8.71 1.31 -18.08
C GLN A 112 9.24 2.65 -18.59
N GLN A 113 10.21 2.58 -19.49
CA GLN A 113 10.82 3.78 -20.06
C GLN A 113 10.04 4.24 -21.29
N GLU A 114 8.98 3.51 -21.63
CA GLU A 114 8.14 3.86 -22.77
C GLU A 114 6.98 4.74 -22.34
N SER A 115 6.84 5.88 -23.02
CA SER A 115 5.77 6.83 -22.70
C SER A 115 5.43 7.69 -23.91
N SER A 116 4.56 8.68 -23.69
CA SER A 116 4.13 9.59 -24.76
C SER A 116 3.39 8.85 -25.86
N ASP A 117 4.14 8.23 -26.78
CA ASP A 117 3.55 7.50 -27.89
C ASP A 117 3.36 6.03 -27.53
N SER A 118 2.82 5.27 -28.47
CA SER A 118 2.56 3.85 -28.25
C SER A 118 3.86 3.08 -28.06
N SER A 119 4.61 2.94 -29.15
CA SER A 119 5.87 2.20 -29.12
C SER A 119 6.94 2.94 -29.92
N MET A 1 24.59 40.30 -9.97
CA MET A 1 23.68 39.23 -10.47
C MET A 1 22.41 39.16 -9.63
N CYS A 2 21.27 39.03 -10.30
CA CYS A 2 19.98 38.96 -9.61
C CYS A 2 19.65 37.53 -9.21
N ASN A 3 19.05 37.36 -8.04
CA ASN A 3 18.69 36.05 -7.54
C ASN A 3 17.29 35.65 -8.01
N THR A 4 17.02 35.85 -9.29
CA THR A 4 15.73 35.51 -9.87
C THR A 4 15.48 34.01 -9.80
N ASN A 5 14.32 33.63 -9.29
CA ASN A 5 13.96 32.22 -9.16
C ASN A 5 13.75 31.57 -10.52
N MET A 6 13.73 30.24 -10.55
CA MET A 6 13.59 29.52 -11.79
C MET A 6 12.29 29.87 -12.51
N SER A 7 11.18 29.31 -12.01
CA SER A 7 9.88 29.57 -12.60
C SER A 7 8.76 29.08 -11.68
N VAL A 8 8.66 27.76 -11.52
CA VAL A 8 7.62 27.17 -10.69
C VAL A 8 8.22 26.46 -9.48
N PRO A 9 7.74 26.79 -8.26
CA PRO A 9 8.26 26.20 -7.03
C PRO A 9 7.72 24.78 -6.79
N THR A 10 6.79 24.37 -7.65
CA THR A 10 6.22 23.03 -7.58
C THR A 10 5.51 22.80 -6.25
N ASP A 11 5.16 23.90 -5.58
CA ASP A 11 4.47 23.83 -4.29
C ASP A 11 3.06 23.26 -4.46
N GLY A 12 2.43 22.93 -3.35
CA GLY A 12 1.08 22.38 -3.40
C GLY A 12 0.44 22.30 -2.02
N ALA A 13 -0.38 21.27 -1.81
CA ALA A 13 -1.06 21.10 -0.54
C ALA A 13 -0.07 20.79 0.58
N VAL A 14 -0.22 21.50 1.70
CA VAL A 14 0.65 21.31 2.85
C VAL A 14 0.30 20.04 3.61
N THR A 15 -0.98 19.71 3.65
CA THR A 15 -1.44 18.51 4.33
C THR A 15 -1.74 17.40 3.34
N THR A 16 -1.43 16.17 3.72
CA THR A 16 -1.63 15.01 2.86
C THR A 16 -2.56 14.00 3.50
N SER A 17 -3.26 13.23 2.65
CA SER A 17 -4.18 12.20 3.13
C SER A 17 -4.07 10.95 2.28
N GLN A 18 -3.19 10.99 1.27
CA GLN A 18 -3.00 9.85 0.37
C GLN A 18 -1.65 9.92 -0.30
N ILE A 19 -1.63 9.44 -1.54
CA ILE A 19 -0.54 9.72 -2.43
C ILE A 19 -1.01 9.90 -3.87
N PRO A 20 -0.24 10.66 -4.66
CA PRO A 20 -0.58 10.93 -6.07
C PRO A 20 -0.65 9.66 -6.90
N ALA A 21 -1.77 9.47 -7.59
CA ALA A 21 -1.97 8.30 -8.43
C ALA A 21 -1.19 8.43 -9.74
N SER A 22 -0.76 7.29 -10.29
CA SER A 22 -0.02 7.27 -11.54
C SER A 22 1.29 8.05 -11.41
N GLU A 23 1.68 8.35 -10.17
CA GLU A 23 2.95 9.02 -9.91
C GLU A 23 3.92 8.07 -9.22
N GLN A 24 3.60 7.68 -8.00
CA GLN A 24 4.35 6.63 -7.31
C GLN A 24 3.64 5.29 -7.43
N GLU A 25 3.53 4.80 -8.66
CA GLU A 25 2.78 3.58 -8.92
C GLU A 25 3.61 2.34 -8.64
N THR A 26 4.65 2.13 -9.44
CA THR A 26 5.46 0.92 -9.35
C THR A 26 4.65 -0.28 -9.81
N LEU A 27 5.03 -0.83 -10.95
CA LEU A 27 4.32 -1.97 -11.48
C LEU A 27 4.72 -3.21 -10.72
N VAL A 28 4.21 -3.30 -9.51
CA VAL A 28 4.85 -4.08 -8.47
C VAL A 28 5.05 -5.51 -8.89
N ARG A 29 6.10 -6.11 -8.37
CA ARG A 29 6.35 -7.50 -8.65
C ARG A 29 6.51 -8.29 -7.35
N PRO A 30 5.72 -9.38 -7.22
CA PRO A 30 5.58 -10.15 -5.99
C PRO A 30 6.84 -10.20 -5.13
N LYS A 31 6.89 -9.31 -4.14
CA LYS A 31 7.73 -9.53 -2.97
C LYS A 31 6.89 -10.13 -1.84
N PRO A 32 6.82 -11.47 -1.77
CA PRO A 32 5.79 -12.17 -1.00
C PRO A 32 5.59 -11.61 0.41
N LEU A 33 4.68 -10.64 0.53
CA LEU A 33 4.32 -10.08 1.82
C LEU A 33 2.92 -9.47 1.79
N LEU A 34 2.47 -9.10 0.60
CA LEU A 34 1.19 -8.44 0.44
C LEU A 34 0.28 -9.28 -0.44
N LEU A 35 0.87 -10.29 -1.05
CA LEU A 35 0.19 -11.08 -2.05
C LEU A 35 -0.42 -12.33 -1.44
N LYS A 36 0.22 -12.81 -0.38
CA LYS A 36 -0.46 -13.64 0.60
C LYS A 36 -1.48 -12.81 1.37
N LEU A 37 -1.42 -11.49 1.18
CA LEU A 37 -2.31 -10.57 1.85
C LEU A 37 -3.33 -10.00 0.87
N LEU A 38 -3.17 -10.36 -0.40
CA LEU A 38 -4.04 -9.85 -1.46
C LEU A 38 -4.68 -10.98 -2.24
N LYS A 39 -3.87 -11.87 -2.79
CA LYS A 39 -4.37 -13.05 -3.48
C LYS A 39 -5.35 -13.82 -2.59
N SER A 40 -5.29 -13.53 -1.29
CA SER A 40 -6.23 -14.11 -0.34
C SER A 40 -7.59 -13.40 -0.40
N VAL A 41 -7.56 -12.07 -0.29
CA VAL A 41 -8.79 -11.29 -0.23
C VAL A 41 -9.56 -11.35 -1.55
N GLY A 42 -8.83 -11.36 -2.67
CA GLY A 42 -9.48 -11.53 -3.95
C GLY A 42 -8.61 -11.08 -5.12
N ALA A 43 -7.30 -11.06 -4.90
CA ALA A 43 -6.36 -10.72 -5.96
C ALA A 43 -6.03 -11.94 -6.82
N GLN A 44 -5.71 -11.69 -8.09
CA GLN A 44 -5.59 -12.77 -9.07
C GLN A 44 -4.22 -12.76 -9.74
N LYS A 45 -3.88 -11.64 -10.39
CA LYS A 45 -2.70 -11.58 -11.24
C LYS A 45 -1.44 -11.94 -10.46
N ASP A 46 -0.34 -12.15 -11.17
CA ASP A 46 0.95 -12.38 -10.55
C ASP A 46 1.54 -11.08 -10.01
N THR A 47 1.40 -10.01 -10.80
CA THR A 47 1.94 -8.71 -10.41
C THR A 47 0.85 -7.79 -9.89
N TYR A 48 1.24 -6.56 -9.60
CA TYR A 48 0.34 -5.60 -8.99
C TYR A 48 0.74 -4.18 -9.36
N THR A 49 0.06 -3.22 -8.75
CA THR A 49 0.57 -1.86 -8.65
C THR A 49 0.24 -1.28 -7.28
N MET A 50 0.77 -0.10 -6.98
CA MET A 50 0.51 0.54 -5.70
C MET A 50 -0.91 1.07 -5.62
N LYS A 51 -1.61 1.06 -6.75
CA LYS A 51 -3.01 1.46 -6.79
C LYS A 51 -3.90 0.24 -6.61
N GLU A 52 -3.59 -0.81 -7.35
CA GLU A 52 -4.13 -2.14 -7.08
C GLU A 52 -4.06 -2.44 -5.58
N VAL A 53 -2.83 -2.47 -5.06
CA VAL A 53 -2.61 -2.76 -3.65
C VAL A 53 -3.23 -1.69 -2.76
N LEU A 54 -3.32 -0.46 -3.26
CA LEU A 54 -3.96 0.63 -2.53
C LEU A 54 -5.30 0.15 -1.96
N PHE A 55 -6.26 -0.10 -2.85
CA PHE A 55 -7.60 -0.47 -2.41
C PHE A 55 -7.68 -1.95 -2.05
N TYR A 56 -6.79 -2.76 -2.60
CA TYR A 56 -6.77 -4.20 -2.32
C TYR A 56 -6.30 -4.47 -0.89
N LEU A 57 -5.13 -3.95 -0.55
CA LEU A 57 -4.66 -3.98 0.82
C LEU A 57 -5.73 -3.42 1.75
N GLY A 58 -6.36 -2.33 1.34
CA GLY A 58 -7.54 -1.85 2.03
C GLY A 58 -8.57 -2.95 2.25
N GLN A 59 -8.87 -3.70 1.20
CA GLN A 59 -9.84 -4.79 1.29
C GLN A 59 -9.49 -5.73 2.43
N TYR A 60 -8.25 -6.21 2.44
CA TYR A 60 -7.84 -7.26 3.37
C TYR A 60 -7.84 -6.75 4.81
N ILE A 61 -7.38 -5.51 5.01
CA ILE A 61 -7.43 -4.88 6.32
C ILE A 61 -8.86 -4.79 6.82
N MET A 62 -9.78 -4.86 5.89
CA MET A 62 -11.21 -4.89 6.20
C MET A 62 -11.74 -6.32 6.19
N THR A 63 -11.01 -7.21 5.53
CA THR A 63 -11.43 -8.60 5.39
C THR A 63 -11.34 -9.34 6.72
N LYS A 64 -10.11 -9.60 7.16
CA LYS A 64 -9.87 -10.38 8.37
C LYS A 64 -9.98 -9.50 9.62
N ARG A 65 -10.75 -8.43 9.50
CA ARG A 65 -11.05 -7.55 10.64
C ARG A 65 -9.86 -7.39 11.57
N LEU A 66 -8.91 -6.55 11.15
CA LEU A 66 -7.78 -6.19 11.99
C LEU A 66 -7.97 -4.80 12.60
N TYR A 67 -8.65 -3.93 11.86
CA TYR A 67 -8.72 -2.52 12.22
C TYR A 67 -9.38 -2.33 13.59
N ASP A 68 -9.29 -1.10 14.09
CA ASP A 68 -9.71 -0.79 15.46
C ASP A 68 -11.20 -1.02 15.66
N GLU A 69 -11.93 -1.05 14.55
CA GLU A 69 -13.36 -1.37 14.57
C GLU A 69 -14.18 -0.23 15.18
N LYS A 70 -13.50 0.69 15.86
CA LYS A 70 -14.18 1.82 16.49
C LYS A 70 -13.80 3.13 15.80
N GLN A 71 -12.63 3.14 15.16
CA GLN A 71 -12.21 4.28 14.36
C GLN A 71 -11.44 3.82 13.12
N GLN A 72 -11.41 2.51 12.92
CA GLN A 72 -10.90 1.91 11.68
C GLN A 72 -9.39 2.14 11.51
N HIS A 73 -9.01 3.37 11.16
CA HIS A 73 -7.68 3.66 10.64
C HIS A 73 -6.57 3.10 11.52
N ILE A 74 -6.87 2.78 12.77
CA ILE A 74 -5.88 2.13 13.64
C ILE A 74 -6.02 0.62 13.58
N VAL A 75 -5.14 -0.03 12.82
CA VAL A 75 -5.32 -1.43 12.47
C VAL A 75 -4.52 -2.35 13.38
N TYR A 76 -5.11 -2.70 14.52
CA TYR A 76 -4.52 -3.67 15.43
C TYR A 76 -4.23 -4.99 14.72
N CYS A 77 -3.08 -5.59 15.04
CA CYS A 77 -2.68 -6.84 14.41
C CYS A 77 -1.90 -7.73 15.37
N SER A 78 -0.57 -7.57 15.36
CA SER A 78 0.30 -8.41 16.18
C SER A 78 0.10 -9.89 15.87
N ASN A 79 -0.64 -10.19 14.82
CA ASN A 79 -0.91 -11.57 14.42
C ASN A 79 -1.80 -11.63 13.18
N ASP A 80 -1.21 -11.41 12.01
CA ASP A 80 -1.95 -11.47 10.75
C ASP A 80 -1.01 -11.35 9.56
N LEU A 81 -1.56 -11.48 8.35
CA LEU A 81 -0.80 -11.22 7.14
C LEU A 81 -0.27 -9.78 7.15
N LEU A 82 -1.09 -8.85 7.62
CA LEU A 82 -0.63 -7.50 7.93
C LEU A 82 0.61 -7.56 8.81
N GLY A 83 0.61 -8.49 9.77
CA GLY A 83 1.76 -8.68 10.63
C GLY A 83 3.03 -8.90 9.84
N ASP A 84 2.93 -9.66 8.75
CA ASP A 84 4.07 -9.88 7.85
C ASP A 84 4.52 -8.56 7.23
N LEU A 85 3.59 -7.63 7.06
CA LEU A 85 3.90 -6.35 6.41
C LEU A 85 4.96 -5.59 7.20
N PHE A 86 4.58 -5.11 8.38
CA PHE A 86 5.51 -4.37 9.24
C PHE A 86 5.83 -5.17 10.49
N GLY A 87 4.80 -5.76 11.08
CA GLY A 87 4.92 -6.28 12.44
C GLY A 87 4.23 -5.39 13.44
N VAL A 88 3.41 -4.46 12.94
CA VAL A 88 2.75 -3.48 13.79
C VAL A 88 1.76 -4.12 14.75
N PRO A 89 1.59 -3.54 15.94
CA PRO A 89 0.39 -3.75 16.75
C PRO A 89 -0.78 -2.93 16.23
N SER A 90 -0.49 -2.05 15.28
CA SER A 90 -1.51 -1.20 14.65
C SER A 90 -0.87 -0.36 13.55
N PHE A 91 -1.59 -0.16 12.44
CA PHE A 91 -1.13 0.76 11.40
C PHE A 91 -2.23 1.73 10.99
N SER A 92 -1.83 2.94 10.61
CA SER A 92 -2.74 4.08 10.58
C SER A 92 -3.53 4.15 9.27
N VAL A 93 -2.93 3.63 8.20
CA VAL A 93 -3.55 3.64 6.87
C VAL A 93 -4.02 5.04 6.47
N LYS A 94 -3.63 6.05 7.26
CA LYS A 94 -4.11 7.41 7.04
C LYS A 94 -2.99 8.28 6.48
N GLU A 95 -1.81 8.16 7.08
CA GLU A 95 -0.61 8.81 6.55
C GLU A 95 -0.39 8.41 5.09
N HIS A 96 -0.61 7.13 4.81
CA HIS A 96 -0.68 6.63 3.43
C HIS A 96 0.69 6.66 2.75
N ARG A 97 1.17 7.85 2.42
CA ARG A 97 2.50 8.00 1.85
C ARG A 97 3.52 7.23 2.68
N LYS A 98 3.44 7.38 3.99
CA LYS A 98 4.38 6.74 4.90
C LYS A 98 4.06 5.27 5.09
N ILE A 99 2.78 4.93 5.05
CA ILE A 99 2.34 3.56 5.31
C ILE A 99 2.77 2.62 4.19
N TYR A 100 2.71 3.11 2.96
CA TYR A 100 3.07 2.28 1.81
C TYR A 100 4.57 2.31 1.55
N THR A 101 5.22 3.43 1.89
CA THR A 101 6.66 3.54 1.70
C THR A 101 7.42 2.68 2.71
N MET A 102 6.81 2.38 3.84
CA MET A 102 7.41 1.51 4.83
C MET A 102 7.03 0.05 4.58
N ILE A 103 5.90 -0.16 3.90
CA ILE A 103 5.56 -1.47 3.38
C ILE A 103 6.63 -1.97 2.40
N TYR A 104 6.86 -1.20 1.34
CA TYR A 104 7.76 -1.62 0.27
C TYR A 104 9.22 -1.34 0.65
N ARG A 105 10.00 -2.41 0.73
CA ARG A 105 11.43 -2.29 1.03
C ARG A 105 12.26 -3.16 0.10
N ASN A 106 13.58 -3.06 0.22
CA ASN A 106 14.50 -3.84 -0.60
C ASN A 106 14.37 -3.46 -2.08
N LEU A 107 15.42 -3.73 -2.85
CA LEU A 107 15.44 -3.37 -4.26
C LEU A 107 14.83 -4.47 -5.12
N VAL A 108 13.50 -4.50 -5.17
CA VAL A 108 12.79 -5.46 -6.02
C VAL A 108 11.70 -4.77 -6.82
N VAL A 109 10.97 -3.87 -6.17
CA VAL A 109 9.92 -3.11 -6.83
C VAL A 109 10.50 -2.17 -7.88
N VAL A 110 9.64 -1.69 -8.78
CA VAL A 110 10.06 -0.79 -9.84
C VAL A 110 10.03 0.66 -9.36
N ASN A 111 11.19 1.19 -8.99
CA ASN A 111 11.29 2.55 -8.48
C ASN A 111 11.22 3.57 -9.62
N GLN A 112 10.09 4.27 -9.72
CA GLN A 112 9.91 5.31 -10.73
C GLN A 112 9.89 4.71 -12.13
N GLN A 113 9.06 5.28 -13.00
CA GLN A 113 8.93 4.79 -14.36
C GLN A 113 10.08 5.29 -15.24
N GLU A 114 10.97 6.08 -14.65
CA GLU A 114 12.11 6.62 -15.38
C GLU A 114 13.40 5.99 -14.89
N SER A 115 14.45 6.09 -15.70
CA SER A 115 15.75 5.52 -15.36
C SER A 115 15.64 4.03 -15.08
N SER A 116 15.69 3.23 -16.14
CA SER A 116 15.60 1.78 -16.00
C SER A 116 16.94 1.18 -15.60
N ASP A 117 18.01 1.93 -15.82
CA ASP A 117 19.35 1.49 -15.47
C ASP A 117 20.28 2.67 -15.25
N SER A 118 20.48 3.46 -16.30
CA SER A 118 21.34 4.64 -16.22
C SER A 118 20.91 5.69 -17.24
N SER A 119 21.61 6.82 -17.23
CA SER A 119 21.31 7.92 -18.16
C SER A 119 19.87 8.38 -18.01
N MET A 1 -4.08 38.18 11.41
CA MET A 1 -4.02 37.79 9.98
C MET A 1 -5.34 37.15 9.53
N CYS A 2 -6.44 37.61 10.12
CA CYS A 2 -7.76 37.08 9.79
C CYS A 2 -8.33 37.76 8.55
N ASN A 3 -8.30 37.07 7.43
CA ASN A 3 -8.84 37.59 6.18
C ASN A 3 -8.17 38.91 5.81
N THR A 4 -6.89 39.03 6.14
CA THR A 4 -6.13 40.24 5.82
C THR A 4 -5.76 40.28 4.34
N ASN A 5 -5.96 39.15 3.66
CA ASN A 5 -5.63 39.06 2.24
C ASN A 5 -6.87 39.34 1.38
N MET A 6 -6.64 39.72 0.14
CA MET A 6 -7.74 40.02 -0.79
C MET A 6 -8.15 38.77 -1.56
N SER A 7 -9.08 38.95 -2.49
CA SER A 7 -9.57 37.85 -3.31
C SER A 7 -10.21 36.77 -2.45
N VAL A 8 -11.55 36.79 -2.39
CA VAL A 8 -12.29 35.81 -1.60
C VAL A 8 -12.92 34.75 -2.50
N PRO A 9 -12.29 33.57 -2.60
CA PRO A 9 -12.80 32.48 -3.42
C PRO A 9 -14.02 31.80 -2.81
N THR A 10 -14.65 30.91 -3.57
CA THR A 10 -15.82 30.19 -3.10
C THR A 10 -15.50 28.72 -2.83
N ASP A 11 -14.54 28.50 -1.95
CA ASP A 11 -14.12 27.14 -1.59
C ASP A 11 -13.69 26.36 -2.83
N GLY A 12 -12.44 26.53 -3.23
CA GLY A 12 -11.92 25.84 -4.39
C GLY A 12 -10.88 24.79 -4.04
N ALA A 13 -9.63 25.25 -3.84
CA ALA A 13 -8.54 24.35 -3.47
C ALA A 13 -8.29 23.31 -4.56
N VAL A 14 -7.21 22.55 -4.39
CA VAL A 14 -6.85 21.52 -5.37
C VAL A 14 -6.62 20.18 -4.67
N THR A 15 -6.45 19.13 -5.46
CA THR A 15 -6.23 17.79 -4.93
C THR A 15 -4.85 17.27 -5.28
N THR A 16 -3.89 17.48 -4.39
CA THR A 16 -2.52 17.04 -4.61
C THR A 16 -1.97 16.34 -3.38
N SER A 17 -0.65 16.10 -3.39
CA SER A 17 0.03 15.46 -2.26
C SER A 17 -0.69 14.18 -1.84
N GLN A 18 -0.33 13.06 -2.49
CA GLN A 18 -0.93 11.77 -2.18
C GLN A 18 0.04 10.65 -2.44
N ILE A 19 -0.48 9.58 -3.04
CA ILE A 19 0.35 8.51 -3.54
C ILE A 19 -0.44 7.43 -4.30
N PRO A 20 -1.67 7.09 -3.87
CA PRO A 20 -2.46 6.04 -4.51
C PRO A 20 -2.62 6.27 -6.01
N ALA A 21 -1.89 5.48 -6.80
CA ALA A 21 -1.91 5.62 -8.26
C ALA A 21 -1.45 7.01 -8.68
N SER A 22 -1.29 7.21 -9.99
CA SER A 22 -0.91 8.50 -10.54
C SER A 22 0.56 8.83 -10.22
N GLU A 23 0.84 9.09 -8.95
CA GLU A 23 2.20 9.38 -8.51
C GLU A 23 3.18 8.35 -9.06
N GLN A 24 3.21 7.17 -8.44
CA GLN A 24 3.98 6.05 -8.98
C GLN A 24 3.12 4.79 -9.09
N GLU A 25 3.36 4.01 -10.13
CA GLU A 25 2.52 2.84 -10.42
C GLU A 25 3.32 1.55 -10.30
N THR A 26 4.05 1.20 -11.36
CA THR A 26 4.96 0.06 -11.31
C THR A 26 4.20 -1.25 -11.38
N LEU A 27 4.82 -2.26 -12.03
CA LEU A 27 4.41 -3.63 -11.83
C LEU A 27 5.05 -4.14 -10.56
N VAL A 28 4.72 -3.46 -9.49
CA VAL A 28 5.41 -3.60 -8.23
C VAL A 28 5.21 -4.99 -7.68
N ARG A 29 6.24 -5.54 -7.10
CA ARG A 29 6.20 -6.90 -6.62
C ARG A 29 6.81 -6.99 -5.22
N PRO A 30 6.03 -6.59 -4.19
CA PRO A 30 6.58 -6.28 -2.86
C PRO A 30 6.96 -7.52 -2.07
N LYS A 31 7.96 -8.25 -2.58
CA LYS A 31 8.35 -9.52 -1.98
C LYS A 31 7.19 -10.51 -1.96
N PRO A 32 7.47 -11.80 -1.77
CA PRO A 32 6.42 -12.81 -1.56
C PRO A 32 5.85 -12.73 -0.15
N LEU A 33 5.42 -11.53 0.26
CA LEU A 33 4.77 -11.35 1.55
C LEU A 33 3.69 -12.40 1.76
N LEU A 34 2.58 -12.24 1.07
CA LEU A 34 1.66 -13.34 0.84
C LEU A 34 1.05 -13.24 -0.53
N LEU A 35 0.34 -12.14 -0.76
CA LEU A 35 -0.43 -11.96 -1.99
C LEU A 35 -1.53 -13.02 -2.09
N LYS A 36 -1.47 -14.01 -1.21
CA LYS A 36 -2.69 -14.63 -0.69
C LYS A 36 -3.28 -13.76 0.40
N LEU A 37 -2.51 -12.73 0.78
CA LEU A 37 -2.99 -11.65 1.61
C LEU A 37 -3.86 -10.71 0.77
N LEU A 38 -3.80 -10.90 -0.55
CA LEU A 38 -4.44 -9.98 -1.48
C LEU A 38 -5.27 -10.73 -2.52
N LYS A 39 -4.62 -11.58 -3.29
CA LYS A 39 -5.31 -12.43 -4.25
C LYS A 39 -6.49 -13.15 -3.60
N SER A 40 -6.45 -13.27 -2.28
CA SER A 40 -7.57 -13.81 -1.52
C SER A 40 -8.72 -12.81 -1.44
N VAL A 41 -8.39 -11.58 -1.04
CA VAL A 41 -9.41 -10.55 -0.87
C VAL A 41 -9.92 -10.05 -2.23
N GLY A 42 -9.29 -10.52 -3.30
CA GLY A 42 -9.81 -10.22 -4.64
C GLY A 42 -8.84 -10.57 -5.75
N ALA A 43 -7.59 -10.17 -5.58
CA ALA A 43 -6.61 -10.20 -6.68
C ALA A 43 -6.42 -11.63 -7.21
N GLN A 44 -5.57 -11.75 -8.21
CA GLN A 44 -5.22 -13.06 -8.78
C GLN A 44 -4.10 -12.91 -9.81
N LYS A 45 -2.91 -12.57 -9.34
CA LYS A 45 -1.79 -12.23 -10.22
C LYS A 45 -0.47 -12.76 -9.68
N ASP A 46 0.56 -12.70 -10.50
CA ASP A 46 1.92 -13.02 -10.05
C ASP A 46 2.62 -11.76 -9.56
N THR A 47 2.07 -10.60 -9.92
CA THR A 47 2.58 -9.32 -9.45
C THR A 47 1.45 -8.40 -9.08
N TYR A 48 1.78 -7.18 -8.68
CA TYR A 48 0.77 -6.16 -8.47
C TYR A 48 1.20 -4.83 -9.06
N THR A 49 0.27 -3.90 -9.06
CA THR A 49 0.60 -2.54 -9.44
C THR A 49 0.18 -1.57 -8.35
N MET A 50 0.89 -0.46 -8.25
CA MET A 50 0.80 0.42 -7.08
C MET A 50 -0.66 0.60 -6.63
N LYS A 51 -1.53 0.91 -7.57
CA LYS A 51 -2.92 1.21 -7.23
C LYS A 51 -3.65 -0.06 -6.84
N GLU A 52 -3.44 -1.10 -7.64
CA GLU A 52 -4.02 -2.40 -7.38
C GLU A 52 -3.72 -2.87 -5.96
N VAL A 53 -2.45 -3.12 -5.69
CA VAL A 53 -2.01 -3.65 -4.39
C VAL A 53 -2.41 -2.71 -3.25
N LEU A 54 -2.39 -1.40 -3.51
CA LEU A 54 -2.68 -0.42 -2.46
C LEU A 54 -4.08 -0.62 -1.90
N PHE A 55 -5.10 -0.28 -2.69
CA PHE A 55 -6.47 -0.33 -2.21
C PHE A 55 -6.91 -1.79 -1.99
N TYR A 56 -6.10 -2.73 -2.47
CA TYR A 56 -6.34 -4.14 -2.19
C TYR A 56 -5.82 -4.51 -0.81
N LEU A 57 -4.78 -3.82 -0.36
CA LEU A 57 -4.39 -3.89 1.03
C LEU A 57 -5.45 -3.23 1.90
N GLY A 58 -5.86 -2.03 1.51
CA GLY A 58 -6.99 -1.38 2.15
C GLY A 58 -8.19 -2.31 2.25
N GLN A 59 -8.42 -3.10 1.21
CA GLN A 59 -9.46 -4.12 1.23
C GLN A 59 -9.28 -5.03 2.45
N TYR A 60 -8.11 -5.66 2.54
CA TYR A 60 -7.88 -6.68 3.56
C TYR A 60 -7.96 -6.08 4.96
N ILE A 61 -7.37 -4.90 5.14
CA ILE A 61 -7.40 -4.21 6.44
C ILE A 61 -8.83 -4.15 6.97
N MET A 62 -9.70 -3.49 6.20
CA MET A 62 -11.12 -3.43 6.53
C MET A 62 -11.70 -4.82 6.71
N THR A 63 -11.11 -5.80 6.04
CA THR A 63 -11.60 -7.18 6.07
C THR A 63 -10.96 -7.96 7.23
N LYS A 64 -11.61 -9.05 7.63
CA LYS A 64 -11.05 -9.97 8.61
C LYS A 64 -10.75 -9.26 9.93
N ARG A 65 -11.38 -8.10 10.12
CA ARG A 65 -11.37 -7.42 11.42
C ARG A 65 -9.99 -7.41 12.04
N LEU A 66 -9.03 -6.83 11.32
CA LEU A 66 -7.70 -6.59 11.88
C LEU A 66 -7.54 -5.14 12.31
N TYR A 67 -8.55 -4.32 12.03
CA TYR A 67 -8.49 -2.90 12.32
C TYR A 67 -8.51 -2.64 13.82
N ASP A 68 -8.69 -1.37 14.19
CA ASP A 68 -8.65 -0.97 15.60
C ASP A 68 -10.01 -1.21 16.26
N GLU A 69 -10.88 -0.20 16.19
CA GLU A 69 -12.24 -0.32 16.69
C GLU A 69 -12.98 1.01 16.57
N LYS A 70 -12.23 2.11 16.65
CA LYS A 70 -12.83 3.44 16.67
C LYS A 70 -13.23 3.87 15.26
N GLN A 71 -12.24 4.27 14.46
CA GLN A 71 -12.50 4.72 13.10
C GLN A 71 -11.91 3.74 12.09
N GLN A 72 -11.56 2.56 12.58
CA GLN A 72 -11.07 1.48 11.71
C GLN A 72 -9.85 1.92 10.91
N HIS A 73 -9.21 3.01 11.34
CA HIS A 73 -8.02 3.51 10.68
C HIS A 73 -6.76 2.86 11.27
N ILE A 74 -6.73 2.71 12.59
CA ILE A 74 -5.66 1.98 13.23
C ILE A 74 -5.90 0.48 13.08
N VAL A 75 -4.82 -0.30 12.96
CA VAL A 75 -4.95 -1.69 12.56
C VAL A 75 -4.01 -2.60 13.35
N TYR A 76 -4.51 -3.09 14.49
CA TYR A 76 -3.74 -4.01 15.31
C TYR A 76 -3.50 -5.33 14.60
N CYS A 77 -2.25 -5.78 14.61
CA CYS A 77 -1.88 -7.02 13.93
C CYS A 77 -0.47 -7.47 14.32
N SER A 78 -0.35 -8.07 15.49
CA SER A 78 0.93 -8.59 15.96
C SER A 78 1.18 -9.99 15.40
N ASN A 79 0.14 -10.59 14.84
CA ASN A 79 0.23 -11.93 14.27
C ASN A 79 -0.75 -12.09 13.13
N ASP A 80 -0.55 -11.34 12.05
CA ASP A 80 -1.49 -11.32 10.93
C ASP A 80 -0.75 -11.52 9.60
N LEU A 81 -1.52 -11.74 8.55
CA LEU A 81 -0.97 -11.71 7.20
C LEU A 81 -0.35 -10.35 6.91
N LEU A 82 -0.99 -9.30 7.39
CA LEU A 82 -0.39 -7.97 7.42
C LEU A 82 0.87 -7.98 8.27
N GLY A 83 0.90 -8.85 9.28
CA GLY A 83 2.09 -9.02 10.08
C GLY A 83 3.33 -9.28 9.24
N ASP A 84 3.19 -10.14 8.23
CA ASP A 84 4.26 -10.35 7.27
C ASP A 84 4.57 -9.07 6.52
N LEU A 85 3.52 -8.31 6.18
CA LEU A 85 3.68 -7.06 5.46
C LEU A 85 4.51 -6.07 6.26
N PHE A 86 3.88 -5.48 7.28
CA PHE A 86 4.53 -4.47 8.10
C PHE A 86 5.26 -5.09 9.28
N GLY A 87 4.50 -5.73 10.16
CA GLY A 87 5.06 -6.18 11.43
C GLY A 87 4.60 -5.32 12.59
N VAL A 88 3.83 -4.27 12.27
CA VAL A 88 3.32 -3.36 13.29
C VAL A 88 2.27 -4.04 14.17
N PRO A 89 2.18 -3.62 15.45
CA PRO A 89 1.06 -3.99 16.32
C PRO A 89 -0.18 -3.17 16.01
N SER A 90 -0.03 -2.19 15.12
CA SER A 90 -1.12 -1.31 14.72
C SER A 90 -0.62 -0.30 13.68
N PHE A 91 -1.42 -0.06 12.65
CA PHE A 91 -1.07 0.95 11.65
C PHE A 91 -2.27 1.79 11.24
N SER A 92 -2.01 3.04 10.84
CA SER A 92 -3.07 3.95 10.44
C SER A 92 -3.21 4.00 8.92
N VAL A 93 -4.21 3.30 8.40
CA VAL A 93 -4.49 3.29 6.97
C VAL A 93 -4.72 4.71 6.45
N LYS A 94 -5.25 5.58 7.31
CA LYS A 94 -5.55 6.95 6.93
C LYS A 94 -4.29 7.69 6.50
N GLU A 95 -3.24 7.57 7.31
CA GLU A 95 -1.94 8.17 6.97
C GLU A 95 -1.29 7.43 5.81
N HIS A 96 -1.75 7.73 4.59
CA HIS A 96 -1.31 6.99 3.41
C HIS A 96 0.09 7.39 3.00
N ARG A 97 0.53 8.56 3.45
CA ARG A 97 1.92 8.98 3.27
C ARG A 97 2.87 7.94 3.88
N LYS A 98 2.78 7.78 5.19
CA LYS A 98 3.66 6.87 5.91
C LYS A 98 3.29 5.42 5.66
N ILE A 99 1.99 5.14 5.72
CA ILE A 99 1.50 3.76 5.68
C ILE A 99 1.87 3.08 4.37
N TYR A 100 1.88 3.86 3.28
CA TYR A 100 2.27 3.34 1.99
C TYR A 100 3.79 3.31 1.82
N THR A 101 4.46 4.30 2.43
CA THR A 101 5.91 4.32 2.46
C THR A 101 6.46 3.06 3.13
N MET A 102 5.71 2.53 4.09
CA MET A 102 6.06 1.27 4.72
C MET A 102 5.82 0.11 3.77
N ILE A 103 4.66 0.12 3.12
CA ILE A 103 4.30 -0.96 2.21
C ILE A 103 5.39 -1.18 1.15
N TYR A 104 5.99 -0.08 0.70
CA TYR A 104 6.97 -0.14 -0.38
C TYR A 104 8.37 0.20 0.12
N ARG A 105 9.26 0.54 -0.81
CA ARG A 105 10.63 0.93 -0.47
C ARG A 105 11.37 -0.21 0.22
N ASN A 106 11.84 -1.17 -0.57
CA ASN A 106 12.64 -2.28 -0.05
C ASN A 106 13.67 -2.74 -1.08
N LEU A 107 13.26 -3.63 -1.97
CA LEU A 107 14.14 -4.13 -3.02
C LEU A 107 13.37 -4.33 -4.32
N VAL A 108 12.31 -3.55 -4.50
CA VAL A 108 11.42 -3.72 -5.65
C VAL A 108 10.84 -2.37 -6.09
N VAL A 109 9.96 -2.41 -7.09
CA VAL A 109 9.35 -1.20 -7.65
C VAL A 109 10.37 -0.40 -8.47
N VAL A 110 9.93 0.06 -9.63
CA VAL A 110 10.81 0.80 -10.53
C VAL A 110 10.85 2.28 -10.15
N ASN A 111 11.97 2.70 -9.56
CA ASN A 111 12.15 4.09 -9.16
C ASN A 111 13.59 4.54 -9.36
N GLN A 112 14.52 3.72 -8.87
CA GLN A 112 15.95 4.02 -9.01
C GLN A 112 16.58 3.12 -10.06
N GLN A 113 16.53 1.81 -9.82
CA GLN A 113 17.10 0.84 -10.75
C GLN A 113 16.03 0.24 -11.64
N GLU A 114 15.96 0.69 -12.88
CA GLU A 114 14.98 0.19 -13.83
C GLU A 114 15.59 -0.87 -14.75
N SER A 115 14.72 -1.57 -15.49
CA SER A 115 15.18 -2.61 -16.40
C SER A 115 14.30 -2.66 -17.64
N SER A 116 13.45 -1.65 -17.80
CA SER A 116 12.55 -1.59 -18.95
C SER A 116 13.14 -0.71 -20.04
N ASP A 117 12.41 -0.57 -21.15
CA ASP A 117 12.85 0.23 -22.28
C ASP A 117 14.17 -0.28 -22.83
N SER A 118 14.72 0.44 -23.81
CA SER A 118 15.98 0.05 -24.43
C SER A 118 16.84 1.27 -24.73
N SER A 119 18.04 1.31 -24.16
CA SER A 119 18.95 2.43 -24.35
C SER A 119 20.38 1.93 -24.55
N MET A 1 -9.19 15.74 -26.03
CA MET A 1 -10.36 14.84 -25.85
C MET A 1 -10.19 13.56 -26.66
N CYS A 2 -8.94 13.22 -26.99
CA CYS A 2 -8.64 12.03 -27.76
C CYS A 2 -7.51 11.23 -27.12
N ASN A 3 -7.73 10.80 -25.87
CA ASN A 3 -6.73 10.04 -25.12
C ASN A 3 -5.47 10.87 -24.89
N THR A 4 -4.61 10.93 -25.89
CA THR A 4 -3.39 11.71 -25.82
C THR A 4 -3.66 13.17 -26.17
N ASN A 5 -2.70 14.05 -25.85
CA ASN A 5 -2.83 15.47 -26.15
C ASN A 5 -1.47 16.09 -26.45
N MET A 6 -1.20 16.32 -27.73
CA MET A 6 0.07 16.89 -28.15
C MET A 6 -0.02 18.41 -28.24
N SER A 7 0.00 19.08 -27.09
CA SER A 7 -0.06 20.54 -27.04
C SER A 7 0.35 21.06 -25.67
N VAL A 8 -0.29 20.55 -24.63
CA VAL A 8 0.01 20.95 -23.27
C VAL A 8 0.52 19.78 -22.44
N PRO A 9 1.85 19.71 -22.22
CA PRO A 9 2.47 18.61 -21.45
C PRO A 9 1.90 18.50 -20.05
N THR A 10 1.48 19.63 -19.49
CA THR A 10 0.90 19.66 -18.15
C THR A 10 0.15 20.95 -17.90
N ASP A 11 -0.97 20.85 -17.19
CA ASP A 11 -1.80 22.01 -16.89
C ASP A 11 -2.35 21.95 -15.47
N GLY A 12 -1.74 22.71 -14.57
CA GLY A 12 -2.18 22.72 -13.18
C GLY A 12 -1.56 21.60 -12.38
N ALA A 13 -2.39 20.91 -11.59
CA ALA A 13 -1.92 19.81 -10.76
C ALA A 13 -2.79 18.58 -10.94
N VAL A 14 -2.16 17.44 -11.16
CA VAL A 14 -2.88 16.18 -11.37
C VAL A 14 -3.61 15.75 -10.10
N THR A 15 -4.62 14.91 -10.29
CA THR A 15 -5.47 14.48 -9.18
C THR A 15 -5.14 13.04 -8.77
N THR A 16 -4.40 12.91 -7.67
CA THR A 16 -4.00 11.60 -7.18
C THR A 16 -5.05 11.03 -6.22
N SER A 17 -5.16 9.70 -6.19
CA SER A 17 -6.12 9.04 -5.32
C SER A 17 -6.01 9.55 -3.88
N GLN A 18 -4.87 9.26 -3.26
CA GLN A 18 -4.59 9.75 -1.91
C GLN A 18 -3.11 9.97 -1.73
N ILE A 19 -2.33 9.01 -2.19
CA ILE A 19 -0.98 8.86 -1.70
C ILE A 19 -0.06 9.94 -2.26
N PRO A 20 1.24 9.93 -1.89
CA PRO A 20 2.23 10.73 -2.60
C PRO A 20 2.48 10.20 -4.01
N ALA A 21 3.75 10.18 -4.42
CA ALA A 21 4.11 9.60 -5.71
C ALA A 21 3.29 10.22 -6.84
N SER A 22 3.04 9.45 -7.89
CA SER A 22 2.16 9.90 -8.97
C SER A 22 0.82 9.14 -8.91
N GLU A 23 0.74 8.03 -9.65
CA GLU A 23 -0.45 7.21 -9.67
C GLU A 23 -0.22 5.96 -10.52
N GLN A 24 -0.45 4.79 -9.92
CA GLN A 24 -0.15 3.52 -10.59
C GLN A 24 1.35 3.40 -10.89
N GLU A 25 1.80 4.13 -11.91
CA GLU A 25 3.21 4.54 -12.04
C GLU A 25 4.16 3.35 -12.13
N THR A 26 3.62 2.14 -12.02
CA THR A 26 4.45 0.95 -11.89
C THR A 26 3.77 -0.27 -12.49
N LEU A 27 4.42 -1.41 -12.34
CA LEU A 27 3.71 -2.67 -12.21
C LEU A 27 4.44 -3.55 -11.21
N VAL A 28 4.15 -3.32 -9.94
CA VAL A 28 5.09 -3.62 -8.89
C VAL A 28 5.15 -5.10 -8.58
N ARG A 29 6.32 -5.54 -8.16
CA ARG A 29 6.50 -6.90 -7.73
C ARG A 29 7.37 -6.95 -6.47
N PRO A 30 6.73 -6.90 -5.28
CA PRO A 30 7.42 -6.69 -4.01
C PRO A 30 7.94 -7.99 -3.42
N LYS A 31 8.78 -7.87 -2.40
CA LYS A 31 9.18 -9.03 -1.61
C LYS A 31 7.95 -9.75 -1.06
N PRO A 32 7.75 -11.02 -1.45
CA PRO A 32 6.50 -11.75 -1.18
C PRO A 32 6.09 -11.69 0.28
N LEU A 33 5.30 -10.67 0.63
CA LEU A 33 4.66 -10.61 1.93
C LEU A 33 3.70 -11.78 2.11
N LEU A 34 2.58 -11.72 1.40
CA LEU A 34 1.75 -12.89 1.21
C LEU A 34 1.15 -12.87 -0.19
N LEU A 35 0.36 -11.84 -0.47
CA LEU A 35 -0.37 -11.75 -1.73
C LEU A 35 -1.40 -12.86 -1.84
N LYS A 36 -1.29 -13.86 -0.97
CA LYS A 36 -2.47 -14.56 -0.47
C LYS A 36 -3.21 -13.64 0.51
N LEU A 37 -2.57 -12.52 0.81
CA LEU A 37 -3.17 -11.48 1.61
C LEU A 37 -4.01 -10.57 0.73
N LEU A 38 -3.90 -10.76 -0.59
CA LEU A 38 -4.63 -9.94 -1.55
C LEU A 38 -5.32 -10.80 -2.62
N LYS A 39 -4.54 -11.66 -3.27
CA LYS A 39 -5.10 -12.61 -4.23
C LYS A 39 -6.28 -13.37 -3.63
N SER A 40 -6.37 -13.37 -2.30
CA SER A 40 -7.52 -13.93 -1.62
C SER A 40 -8.72 -12.98 -1.65
N VAL A 41 -8.49 -11.73 -1.28
CA VAL A 41 -9.55 -10.74 -1.22
C VAL A 41 -10.05 -10.35 -2.61
N GLY A 42 -9.21 -10.59 -3.62
CA GLY A 42 -9.60 -10.26 -4.99
C GLY A 42 -8.57 -10.68 -6.02
N ALA A 43 -7.32 -10.30 -5.82
CA ALA A 43 -6.29 -10.42 -6.86
C ALA A 43 -6.20 -11.87 -7.37
N GLN A 44 -5.55 -12.03 -8.51
CA GLN A 44 -5.35 -13.36 -9.10
C GLN A 44 -4.17 -13.34 -10.07
N LYS A 45 -3.53 -12.18 -10.17
CA LYS A 45 -2.37 -12.03 -11.06
C LYS A 45 -1.11 -12.60 -10.41
N ASP A 46 -0.02 -12.61 -11.16
CA ASP A 46 1.28 -13.01 -10.62
C ASP A 46 1.99 -11.81 -10.01
N THR A 47 1.48 -10.61 -10.30
CA THR A 47 2.06 -9.39 -9.78
C THR A 47 1.00 -8.46 -9.22
N TYR A 48 1.45 -7.27 -8.81
CA TYR A 48 0.54 -6.22 -8.37
C TYR A 48 0.99 -4.88 -8.89
N THR A 49 0.32 -3.83 -8.47
CA THR A 49 0.73 -2.48 -8.81
C THR A 49 0.57 -1.54 -7.63
N MET A 50 0.95 -0.28 -7.84
CA MET A 50 0.86 0.73 -6.79
C MET A 50 -0.59 0.99 -6.40
N LYS A 51 -1.45 1.17 -7.39
CA LYS A 51 -2.85 1.48 -7.13
C LYS A 51 -3.63 0.19 -6.89
N GLU A 52 -3.19 -0.88 -7.52
CA GLU A 52 -3.67 -2.21 -7.21
C GLU A 52 -3.63 -2.44 -5.70
N VAL A 53 -2.43 -2.53 -5.16
CA VAL A 53 -2.24 -2.71 -3.71
C VAL A 53 -2.97 -1.62 -2.92
N LEU A 54 -3.07 -0.44 -3.51
CA LEU A 54 -3.74 0.68 -2.85
C LEU A 54 -5.10 0.24 -2.31
N PHE A 55 -6.08 0.11 -3.21
CA PHE A 55 -7.42 -0.26 -2.79
C PHE A 55 -7.47 -1.71 -2.31
N TYR A 56 -6.62 -2.56 -2.88
CA TYR A 56 -6.64 -3.99 -2.58
C TYR A 56 -6.24 -4.27 -1.14
N LEU A 57 -5.01 -3.91 -0.79
CA LEU A 57 -4.54 -4.09 0.57
C LEU A 57 -5.47 -3.38 1.54
N GLY A 58 -6.00 -2.23 1.11
CA GLY A 58 -7.07 -1.58 1.84
C GLY A 58 -8.21 -2.54 2.14
N GLN A 59 -8.62 -3.30 1.13
CA GLN A 59 -9.68 -4.29 1.30
C GLN A 59 -9.35 -5.23 2.46
N TYR A 60 -8.22 -5.93 2.35
CA TYR A 60 -7.94 -7.06 3.21
C TYR A 60 -7.75 -6.62 4.66
N ILE A 61 -7.09 -5.48 4.86
CA ILE A 61 -6.98 -4.89 6.20
C ILE A 61 -8.36 -4.77 6.83
N MET A 62 -9.23 -4.02 6.16
CA MET A 62 -10.59 -3.82 6.63
C MET A 62 -11.39 -5.13 6.66
N THR A 63 -11.03 -6.07 5.79
CA THR A 63 -11.88 -7.22 5.54
C THR A 63 -11.79 -8.25 6.67
N LYS A 64 -10.62 -8.34 7.31
CA LYS A 64 -10.39 -9.35 8.34
C LYS A 64 -10.57 -8.77 9.73
N ARG A 65 -11.13 -7.58 9.79
CA ARG A 65 -11.47 -6.93 11.06
C ARG A 65 -10.26 -6.91 12.00
N LEU A 66 -9.09 -6.64 11.43
CA LEU A 66 -7.87 -6.53 12.23
C LEU A 66 -7.63 -5.08 12.62
N TYR A 67 -8.59 -4.22 12.31
CA TYR A 67 -8.49 -2.79 12.61
C TYR A 67 -9.15 -2.47 13.95
N ASP A 68 -8.97 -1.25 14.42
CA ASP A 68 -9.57 -0.81 15.68
C ASP A 68 -11.09 -0.72 15.55
N GLU A 69 -11.78 -1.21 16.58
CA GLU A 69 -13.24 -1.21 16.58
C GLU A 69 -13.78 0.20 16.77
N LYS A 70 -12.88 1.16 16.91
CA LYS A 70 -13.26 2.56 17.06
C LYS A 70 -12.72 3.40 15.91
N GLN A 71 -11.42 3.68 15.96
CA GLN A 71 -10.72 4.28 14.84
C GLN A 71 -10.20 3.21 13.88
N GLN A 72 -11.03 2.80 12.94
CA GLN A 72 -10.70 1.71 12.02
C GLN A 72 -9.37 1.97 11.32
N HIS A 73 -8.95 3.23 11.31
CA HIS A 73 -7.71 3.62 10.67
C HIS A 73 -6.50 3.35 11.57
N ILE A 74 -6.72 2.58 12.63
CA ILE A 74 -5.61 2.07 13.43
C ILE A 74 -5.68 0.55 13.54
N VAL A 75 -4.90 -0.13 12.72
CA VAL A 75 -5.06 -1.57 12.54
C VAL A 75 -4.21 -2.36 13.52
N TYR A 76 -4.82 -2.74 14.64
CA TYR A 76 -4.17 -3.65 15.58
C TYR A 76 -3.99 -5.03 14.95
N CYS A 77 -2.84 -5.26 14.33
CA CYS A 77 -2.62 -6.48 13.57
C CYS A 77 -1.72 -7.45 14.35
N SER A 78 -0.79 -6.90 15.11
CA SER A 78 0.13 -7.70 15.92
C SER A 78 0.90 -8.69 15.05
N ASN A 79 0.33 -9.87 14.86
CA ASN A 79 0.98 -10.93 14.08
C ASN A 79 0.03 -11.50 13.03
N ASP A 80 -0.76 -10.62 12.42
CA ASP A 80 -1.66 -11.02 11.34
C ASP A 80 -0.89 -11.24 10.03
N LEU A 81 -1.63 -11.46 8.96
CA LEU A 81 -1.04 -11.46 7.62
C LEU A 81 -0.47 -10.08 7.32
N LEU A 82 -1.19 -9.04 7.74
CA LEU A 82 -0.63 -7.70 7.76
C LEU A 82 0.60 -7.64 8.67
N GLY A 83 0.67 -8.57 9.61
CA GLY A 83 1.84 -8.68 10.46
C GLY A 83 3.10 -8.92 9.66
N ASP A 84 3.04 -9.85 8.70
CA ASP A 84 4.15 -10.05 7.76
C ASP A 84 4.48 -8.76 7.04
N LEU A 85 3.45 -8.01 6.69
CA LEU A 85 3.62 -6.77 5.93
C LEU A 85 4.58 -5.84 6.65
N PHE A 86 4.18 -5.39 7.84
CA PHE A 86 4.98 -4.46 8.62
C PHE A 86 5.67 -5.17 9.79
N GLY A 87 4.85 -5.71 10.69
CA GLY A 87 5.35 -6.15 11.98
C GLY A 87 4.90 -5.25 13.10
N VAL A 88 3.98 -4.34 12.78
CA VAL A 88 3.50 -3.36 13.75
C VAL A 88 2.45 -3.96 14.67
N PRO A 89 2.24 -3.35 15.85
CA PRO A 89 1.05 -3.60 16.67
C PRO A 89 -0.19 -2.92 16.09
N SER A 90 0.03 -1.76 15.46
CA SER A 90 -1.05 -1.04 14.79
C SER A 90 -0.48 -0.15 13.68
N PHE A 91 -1.19 -0.05 12.56
CA PHE A 91 -0.76 0.84 11.48
C PHE A 91 -1.92 1.68 10.96
N SER A 92 -1.60 2.92 10.60
CA SER A 92 -2.63 3.88 10.19
C SER A 92 -2.83 3.86 8.68
N VAL A 93 -3.95 3.29 8.25
CA VAL A 93 -4.28 3.23 6.83
C VAL A 93 -4.65 4.61 6.30
N LYS A 94 -5.20 5.44 7.17
CA LYS A 94 -5.52 6.83 6.81
C LYS A 94 -4.29 7.54 6.29
N GLU A 95 -3.14 7.22 6.87
CA GLU A 95 -1.86 7.72 6.40
C GLU A 95 -1.34 6.84 5.26
N HIS A 96 -2.04 6.87 4.13
CA HIS A 96 -1.74 5.98 3.01
C HIS A 96 -0.30 6.18 2.53
N ARG A 97 0.19 7.41 2.65
CA ARG A 97 1.57 7.72 2.30
C ARG A 97 2.54 6.82 3.08
N LYS A 98 2.57 6.99 4.40
CA LYS A 98 3.52 6.28 5.25
C LYS A 98 3.21 4.79 5.31
N ILE A 99 1.93 4.47 5.26
CA ILE A 99 1.49 3.09 5.41
C ILE A 99 2.01 2.23 4.26
N TYR A 100 2.19 2.85 3.09
CA TYR A 100 2.81 2.18 1.96
C TYR A 100 4.29 2.48 1.89
N THR A 101 4.74 3.48 2.64
CA THR A 101 6.16 3.72 2.81
C THR A 101 6.80 2.61 3.65
N MET A 102 5.98 1.98 4.49
CA MET A 102 6.40 0.80 5.22
C MET A 102 6.17 -0.45 4.38
N ILE A 103 5.07 -0.46 3.64
CA ILE A 103 4.77 -1.57 2.73
C ILE A 103 5.92 -1.80 1.76
N TYR A 104 6.46 -0.70 1.22
CA TYR A 104 7.54 -0.79 0.22
C TYR A 104 8.85 -0.32 0.81
N ARG A 105 9.93 -0.49 0.05
CA ARG A 105 11.25 -0.04 0.47
C ARG A 105 11.98 0.66 -0.67
N ASN A 106 11.20 1.22 -1.60
CA ASN A 106 11.76 1.92 -2.75
C ASN A 106 12.66 0.99 -3.57
N LEU A 107 13.34 1.56 -4.56
CA LEU A 107 14.23 0.80 -5.43
C LEU A 107 13.46 -0.23 -6.26
N VAL A 108 13.13 -1.36 -5.64
CA VAL A 108 12.43 -2.44 -6.32
C VAL A 108 11.12 -1.95 -6.92
N VAL A 109 11.13 -1.63 -8.21
CA VAL A 109 9.92 -1.20 -8.91
C VAL A 109 9.89 -1.75 -10.33
N VAL A 110 8.96 -1.25 -11.13
CA VAL A 110 8.84 -1.67 -12.53
C VAL A 110 10.12 -1.38 -13.29
N ASN A 111 10.46 -2.25 -14.24
CA ASN A 111 11.65 -2.09 -15.05
C ASN A 111 11.48 -2.74 -16.42
N GLN A 112 11.15 -4.03 -16.42
CA GLN A 112 10.99 -4.77 -17.66
C GLN A 112 9.51 -5.06 -17.93
N GLN A 113 8.86 -4.15 -18.65
CA GLN A 113 7.45 -4.32 -19.01
C GLN A 113 7.32 -4.79 -20.46
N GLU A 114 7.92 -4.03 -21.37
CA GLU A 114 7.91 -4.38 -22.79
C GLU A 114 6.48 -4.55 -23.30
N SER A 115 5.73 -3.45 -23.31
CA SER A 115 4.36 -3.45 -23.82
C SER A 115 3.52 -4.52 -23.11
N SER A 116 3.69 -4.64 -21.80
CA SER A 116 2.95 -5.61 -21.00
C SER A 116 3.24 -7.03 -21.45
N ASP A 117 2.70 -8.00 -20.72
CA ASP A 117 2.93 -9.41 -21.03
C ASP A 117 1.63 -10.08 -21.48
N SER A 118 0.88 -9.37 -22.32
CA SER A 118 -0.38 -9.90 -22.84
C SER A 118 -0.46 -9.73 -24.35
N SER A 119 -0.62 -10.84 -25.06
CA SER A 119 -0.71 -10.82 -26.51
C SER A 119 -1.68 -11.88 -27.02
N MET A 1 4.07 40.04 9.17
CA MET A 1 3.82 40.26 10.62
C MET A 1 4.94 39.67 11.47
N CYS A 2 5.49 38.54 11.00
CA CYS A 2 6.57 37.86 11.70
C CYS A 2 7.91 38.52 11.40
N ASN A 3 8.32 38.46 10.14
CA ASN A 3 9.57 39.07 9.71
C ASN A 3 9.51 39.46 8.24
N THR A 4 8.87 40.59 7.96
CA THR A 4 8.74 41.09 6.60
C THR A 4 7.98 40.11 5.71
N ASN A 5 8.70 39.12 5.18
CA ASN A 5 8.09 38.13 4.29
C ASN A 5 7.65 36.90 5.06
N MET A 6 6.55 36.29 4.63
CA MET A 6 6.03 35.09 5.27
C MET A 6 6.56 33.84 4.59
N SER A 7 6.81 32.80 5.39
CA SER A 7 7.36 31.55 4.87
C SER A 7 6.36 30.41 5.02
N VAL A 8 5.45 30.55 5.99
CA VAL A 8 4.45 29.52 6.25
C VAL A 8 3.04 30.11 6.26
N PRO A 9 2.37 30.11 5.09
CA PRO A 9 1.00 30.62 4.97
C PRO A 9 0.03 29.88 5.89
N THR A 10 -1.09 30.54 6.20
CA THR A 10 -2.10 29.94 7.07
C THR A 10 -3.11 29.13 6.28
N ASP A 11 -2.87 27.82 6.19
CA ASP A 11 -3.76 26.93 5.44
C ASP A 11 -4.73 26.23 6.39
N GLY A 12 -5.62 25.43 5.81
CA GLY A 12 -6.61 24.72 6.60
C GLY A 12 -6.66 23.24 6.28
N ALA A 13 -5.68 22.49 6.76
CA ALA A 13 -5.62 21.06 6.52
C ALA A 13 -4.94 20.33 7.68
N VAL A 14 -5.57 19.26 8.15
CA VAL A 14 -5.04 18.50 9.28
C VAL A 14 -4.63 17.10 8.84
N THR A 15 -5.62 16.28 8.47
CA THR A 15 -5.35 14.91 8.05
C THR A 15 -6.42 14.42 7.07
N THR A 16 -5.97 13.89 5.93
CA THR A 16 -6.88 13.36 4.93
C THR A 16 -6.12 12.54 3.88
N SER A 17 -6.87 11.89 3.00
CA SER A 17 -6.27 11.08 1.94
C SER A 17 -5.37 11.94 1.05
N GLN A 18 -4.55 11.28 0.23
CA GLN A 18 -3.64 11.98 -0.65
C GLN A 18 -3.40 11.16 -1.91
N ILE A 19 -3.16 9.87 -1.70
CA ILE A 19 -2.46 9.06 -2.68
C ILE A 19 -3.26 8.92 -3.97
N PRO A 20 -2.79 9.57 -5.06
CA PRO A 20 -3.46 9.54 -6.35
C PRO A 20 -2.96 8.39 -7.23
N ALA A 21 -3.87 7.75 -7.95
CA ALA A 21 -3.52 6.69 -8.86
C ALA A 21 -2.75 7.22 -10.08
N SER A 22 -1.96 6.35 -10.70
CA SER A 22 -1.17 6.74 -11.87
C SER A 22 -0.11 7.78 -11.51
N GLU A 23 -0.01 8.09 -10.22
CA GLU A 23 1.07 8.94 -9.73
C GLU A 23 2.29 8.08 -9.40
N GLN A 24 2.21 7.36 -8.28
CA GLN A 24 3.12 6.26 -8.02
C GLN A 24 2.54 4.95 -8.56
N GLU A 25 3.40 4.05 -8.99
CA GLU A 25 2.97 2.76 -9.50
C GLU A 25 4.16 1.90 -9.88
N THR A 26 4.49 1.00 -8.98
CA THR A 26 5.47 -0.05 -9.24
C THR A 26 4.89 -1.09 -10.18
N LEU A 27 5.75 -1.79 -10.91
CA LEU A 27 5.41 -3.11 -11.41
C LEU A 27 5.93 -4.15 -10.44
N VAL A 28 5.41 -4.06 -9.23
CA VAL A 28 5.98 -4.75 -8.10
C VAL A 28 5.53 -6.20 -8.09
N ARG A 29 6.50 -7.09 -7.94
CA ARG A 29 6.25 -8.50 -8.14
C ARG A 29 6.87 -9.31 -7.00
N PRO A 30 6.37 -9.14 -5.77
CA PRO A 30 7.02 -9.64 -4.56
C PRO A 30 6.66 -11.09 -4.26
N LYS A 31 7.56 -11.78 -3.57
CA LYS A 31 7.27 -13.09 -3.01
C LYS A 31 6.13 -13.01 -2.00
N PRO A 32 5.46 -14.14 -1.70
CA PRO A 32 4.30 -14.17 -0.81
C PRO A 32 4.52 -13.35 0.46
N LEU A 33 4.03 -12.11 0.45
CA LEU A 33 4.18 -11.21 1.59
C LEU A 33 3.08 -10.16 1.59
N LEU A 34 2.48 -9.92 0.43
CA LEU A 34 1.31 -9.08 0.32
C LEU A 34 0.25 -9.77 -0.51
N LEU A 35 0.65 -10.84 -1.18
CA LEU A 35 -0.22 -11.47 -2.15
C LEU A 35 -1.11 -12.49 -1.46
N LYS A 36 -0.58 -13.13 -0.42
CA LYS A 36 -1.40 -13.78 0.57
C LYS A 36 -2.32 -12.76 1.24
N LEU A 37 -1.98 -11.48 1.04
CA LEU A 37 -2.71 -10.39 1.65
C LEU A 37 -3.66 -9.75 0.65
N LEU A 38 -3.54 -10.15 -0.61
CA LEU A 38 -4.32 -9.55 -1.69
C LEU A 38 -5.09 -10.61 -2.48
N LYS A 39 -4.38 -11.64 -2.94
CA LYS A 39 -5.02 -12.79 -3.55
C LYS A 39 -6.10 -13.36 -2.64
N SER A 40 -6.07 -12.96 -1.38
CA SER A 40 -7.17 -13.24 -0.45
C SER A 40 -8.39 -12.40 -0.78
N VAL A 41 -8.20 -11.08 -0.78
CA VAL A 41 -9.27 -10.16 -1.18
C VAL A 41 -9.90 -10.59 -2.49
N GLY A 42 -9.13 -10.44 -3.56
CA GLY A 42 -9.62 -10.79 -4.88
C GLY A 42 -8.50 -10.93 -5.88
N ALA A 43 -7.32 -10.46 -5.51
CA ALA A 43 -6.15 -10.53 -6.38
C ALA A 43 -5.85 -11.97 -6.78
N GLN A 44 -4.95 -12.14 -7.76
CA GLN A 44 -4.61 -13.47 -8.25
C GLN A 44 -3.42 -13.41 -9.21
N LYS A 45 -3.17 -12.23 -9.77
CA LYS A 45 -2.12 -12.07 -10.79
C LYS A 45 -0.77 -12.50 -10.25
N ASP A 46 0.19 -12.70 -11.16
CA ASP A 46 1.55 -13.03 -10.78
C ASP A 46 2.36 -11.76 -10.51
N THR A 47 1.87 -10.63 -11.02
CA THR A 47 2.48 -9.34 -10.74
C THR A 47 1.52 -8.42 -10.03
N TYR A 48 2.06 -7.36 -9.45
CA TYR A 48 1.23 -6.34 -8.82
C TYR A 48 1.72 -4.95 -9.17
N THR A 49 0.96 -3.95 -8.76
CA THR A 49 1.35 -2.57 -8.95
C THR A 49 0.95 -1.74 -7.74
N MET A 50 1.65 -0.63 -7.52
CA MET A 50 1.38 0.22 -6.37
C MET A 50 -0.09 0.62 -6.31
N LYS A 51 -0.76 0.60 -7.45
CA LYS A 51 -2.17 0.97 -7.52
C LYS A 51 -3.06 -0.24 -7.30
N GLU A 52 -2.64 -1.37 -7.86
CA GLU A 52 -3.30 -2.64 -7.60
C GLU A 52 -3.38 -2.92 -6.11
N VAL A 53 -2.23 -2.82 -5.46
CA VAL A 53 -2.15 -3.02 -4.02
C VAL A 53 -2.73 -1.82 -3.27
N LEU A 54 -2.73 -0.65 -3.93
CA LEU A 54 -3.33 0.54 -3.36
C LEU A 54 -4.73 0.24 -2.84
N PHE A 55 -5.67 0.03 -3.77
CA PHE A 55 -7.05 -0.21 -3.38
C PHE A 55 -7.20 -1.57 -2.70
N TYR A 56 -6.45 -2.56 -3.19
CA TYR A 56 -6.57 -3.92 -2.68
C TYR A 56 -6.20 -4.01 -1.20
N LEU A 57 -4.95 -3.69 -0.89
CA LEU A 57 -4.51 -3.68 0.50
C LEU A 57 -5.44 -2.82 1.34
N GLY A 58 -5.94 -1.74 0.75
CA GLY A 58 -6.98 -0.96 1.38
C GLY A 58 -8.18 -1.81 1.77
N GLN A 59 -8.63 -2.66 0.86
CA GLN A 59 -9.72 -3.58 1.15
C GLN A 59 -9.37 -4.48 2.33
N TYR A 60 -8.19 -5.10 2.27
CA TYR A 60 -7.77 -6.05 3.27
C TYR A 60 -7.77 -5.43 4.68
N ILE A 61 -7.41 -4.15 4.78
CA ILE A 61 -7.52 -3.42 6.04
C ILE A 61 -8.97 -3.35 6.49
N MET A 62 -9.84 -3.15 5.51
CA MET A 62 -11.28 -3.06 5.77
C MET A 62 -11.82 -4.41 6.22
N THR A 63 -11.97 -5.34 5.28
CA THR A 63 -12.38 -6.71 5.61
C THR A 63 -11.38 -7.38 6.52
N LYS A 64 -11.74 -8.55 7.04
CA LYS A 64 -10.89 -9.26 7.99
C LYS A 64 -10.62 -8.39 9.21
N ARG A 65 -11.63 -8.23 10.04
CA ARG A 65 -11.60 -7.27 11.14
C ARG A 65 -10.31 -7.39 11.96
N LEU A 66 -9.33 -6.56 11.61
CA LEU A 66 -8.17 -6.35 12.46
C LEU A 66 -8.15 -4.92 13.01
N TYR A 67 -8.96 -4.05 12.39
CA TYR A 67 -9.05 -2.67 12.82
C TYR A 67 -9.57 -2.57 14.25
N ASP A 68 -9.34 -1.42 14.89
CA ASP A 68 -9.58 -1.29 16.32
C ASP A 68 -10.96 -1.81 16.70
N GLU A 69 -11.92 -1.60 15.81
CA GLU A 69 -13.34 -1.71 16.17
C GLU A 69 -13.73 -0.57 17.11
N LYS A 70 -12.75 0.23 17.51
CA LYS A 70 -13.00 1.35 18.40
C LYS A 70 -13.21 2.63 17.60
N GLN A 71 -12.22 3.01 16.80
CA GLN A 71 -12.32 4.20 15.97
C GLN A 71 -11.84 3.91 14.54
N GLN A 72 -11.62 2.63 14.25
CA GLN A 72 -11.23 2.21 12.91
C GLN A 72 -9.86 2.77 12.54
N HIS A 73 -9.25 2.13 11.56
CA HIS A 73 -7.99 2.60 10.99
C HIS A 73 -6.80 2.26 11.89
N ILE A 74 -7.09 1.99 13.17
CA ILE A 74 -6.11 1.38 14.05
C ILE A 74 -6.13 -0.13 13.92
N VAL A 75 -5.55 -0.62 12.84
CA VAL A 75 -5.65 -2.03 12.50
C VAL A 75 -4.43 -2.79 13.00
N TYR A 76 -4.60 -3.44 14.14
CA TYR A 76 -3.50 -4.09 14.84
C TYR A 76 -3.07 -5.36 14.12
N CYS A 77 -1.76 -5.54 13.99
CA CYS A 77 -1.21 -6.68 13.24
C CYS A 77 -0.10 -7.36 14.03
N SER A 78 -0.45 -7.96 15.16
CA SER A 78 0.49 -8.75 15.95
C SER A 78 0.64 -10.15 15.36
N ASN A 79 -0.20 -10.46 14.39
CA ASN A 79 -0.15 -11.76 13.71
C ASN A 79 -0.86 -11.69 12.36
N ASP A 80 -1.13 -10.47 11.90
CA ASP A 80 -1.84 -10.26 10.64
C ASP A 80 -0.88 -10.35 9.45
N LEU A 81 -1.43 -10.52 8.25
CA LEU A 81 -0.62 -10.60 7.05
C LEU A 81 0.16 -9.31 6.82
N LEU A 82 -0.52 -8.18 6.96
CA LEU A 82 0.17 -6.90 6.96
C LEU A 82 1.29 -6.91 8.00
N GLY A 83 1.08 -7.67 9.07
CA GLY A 83 2.12 -7.84 10.07
C GLY A 83 3.37 -8.46 9.49
N ASP A 84 3.20 -9.41 8.57
CA ASP A 84 4.33 -9.98 7.83
C ASP A 84 5.17 -8.87 7.21
N LEU A 85 4.50 -7.79 6.81
CA LEU A 85 5.21 -6.60 6.34
C LEU A 85 5.95 -5.91 7.48
N PHE A 86 5.19 -5.19 8.30
CA PHE A 86 5.79 -4.37 9.36
C PHE A 86 5.89 -5.15 10.66
N GLY A 87 4.75 -5.58 11.18
CA GLY A 87 4.73 -6.34 12.42
C GLY A 87 4.32 -5.50 13.61
N VAL A 88 4.15 -4.19 13.38
CA VAL A 88 3.73 -3.28 14.43
C VAL A 88 2.57 -3.85 15.24
N PRO A 89 2.46 -3.46 16.52
CA PRO A 89 1.22 -3.57 17.27
C PRO A 89 0.02 -3.08 16.46
N SER A 90 0.17 -1.92 15.83
CA SER A 90 -0.91 -1.32 15.05
C SER A 90 -0.35 -0.61 13.82
N PHE A 91 -1.19 -0.38 12.81
CA PHE A 91 -0.85 0.58 11.77
C PHE A 91 -2.08 1.37 11.32
N SER A 92 -1.89 2.64 11.03
CA SER A 92 -2.98 3.53 10.66
C SER A 92 -3.12 3.60 9.15
N VAL A 93 -4.00 2.77 8.59
CA VAL A 93 -4.26 2.79 7.17
C VAL A 93 -4.71 4.17 6.70
N LYS A 94 -5.40 4.89 7.59
CA LYS A 94 -5.85 6.24 7.30
C LYS A 94 -4.70 7.10 6.79
N GLU A 95 -3.50 6.79 7.27
CA GLU A 95 -2.29 7.46 6.79
C GLU A 95 -1.73 6.73 5.57
N HIS A 96 -2.55 6.61 4.53
CA HIS A 96 -2.15 5.87 3.33
C HIS A 96 -0.84 6.40 2.76
N ARG A 97 -0.61 7.70 2.92
CA ARG A 97 0.61 8.31 2.44
C ARG A 97 1.84 7.61 2.99
N LYS A 98 2.00 7.67 4.32
CA LYS A 98 3.16 7.11 4.98
C LYS A 98 3.09 5.58 5.01
N ILE A 99 1.93 5.06 5.34
CA ILE A 99 1.75 3.62 5.52
C ILE A 99 2.22 2.85 4.27
N TYR A 100 2.05 3.47 3.10
CA TYR A 100 2.51 2.88 1.86
C TYR A 100 3.95 3.29 1.55
N THR A 101 4.35 4.45 2.03
CA THR A 101 5.72 4.92 1.85
C THR A 101 6.70 4.00 2.58
N MET A 102 6.23 3.34 3.63
CA MET A 102 7.07 2.41 4.37
C MET A 102 6.83 0.97 3.95
N ILE A 103 5.66 0.71 3.35
CA ILE A 103 5.43 -0.56 2.65
C ILE A 103 6.35 -0.67 1.43
N TYR A 104 6.56 0.45 0.75
CA TYR A 104 7.32 0.44 -0.51
C TYR A 104 8.66 1.15 -0.34
N ARG A 105 9.58 0.90 -1.28
CA ARG A 105 10.90 1.50 -1.24
C ARG A 105 11.37 1.89 -2.64
N ASN A 106 11.46 0.90 -3.52
CA ASN A 106 11.93 1.11 -4.88
C ASN A 106 10.85 1.77 -5.74
N LEU A 107 11.18 2.05 -6.99
CA LEU A 107 10.23 2.70 -7.90
C LEU A 107 9.58 1.69 -8.83
N VAL A 108 10.38 1.15 -9.76
CA VAL A 108 9.85 0.29 -10.82
C VAL A 108 9.54 -1.11 -10.30
N VAL A 109 10.28 -1.54 -9.28
CA VAL A 109 10.09 -2.86 -8.68
C VAL A 109 10.42 -2.86 -7.20
N VAL A 110 9.55 -2.24 -6.41
CA VAL A 110 9.66 -2.29 -4.96
C VAL A 110 9.98 -3.70 -4.48
N ASN A 111 11.24 -3.92 -4.09
CA ASN A 111 11.69 -5.24 -3.66
C ASN A 111 12.24 -5.17 -2.23
N GLN A 112 11.95 -6.20 -1.45
CA GLN A 112 12.42 -6.27 -0.07
C GLN A 112 13.44 -7.38 0.11
N GLN A 113 13.36 -8.39 -0.75
CA GLN A 113 14.28 -9.53 -0.69
C GLN A 113 14.28 -10.29 -2.00
N GLU A 114 15.31 -10.07 -2.81
CA GLU A 114 15.43 -10.72 -4.11
C GLU A 114 15.73 -12.21 -3.94
N SER A 115 15.13 -13.02 -4.80
CA SER A 115 15.33 -14.47 -4.74
C SER A 115 16.35 -14.91 -5.79
N SER A 116 17.34 -15.70 -5.36
CA SER A 116 18.38 -16.18 -6.24
C SER A 116 17.91 -17.41 -7.01
N ASP A 117 18.70 -17.83 -8.01
CA ASP A 117 18.37 -18.98 -8.83
C ASP A 117 17.05 -18.77 -9.57
N SER A 118 16.68 -19.73 -10.41
CA SER A 118 15.46 -19.65 -11.19
C SER A 118 15.11 -21.00 -11.81
N SER A 119 16.11 -21.86 -11.94
CA SER A 119 15.92 -23.19 -12.50
C SER A 119 15.66 -24.23 -11.41
N MET A 1 -12.47 -6.76 -15.16
CA MET A 1 -11.07 -6.26 -15.26
C MET A 1 -11.02 -4.75 -15.03
N CYS A 2 -12.18 -4.10 -15.11
CA CYS A 2 -12.26 -2.65 -14.93
C CYS A 2 -13.33 -2.30 -13.90
N ASN A 3 -13.45 -1.01 -13.60
CA ASN A 3 -14.44 -0.54 -12.64
C ASN A 3 -15.07 0.76 -13.11
N THR A 4 -16.32 0.67 -13.56
CA THR A 4 -17.05 1.84 -14.04
C THR A 4 -18.47 1.87 -13.50
N ASN A 5 -18.83 0.86 -12.71
CA ASN A 5 -20.16 0.76 -12.14
C ASN A 5 -20.28 1.64 -10.90
N MET A 6 -21.30 2.50 -10.89
CA MET A 6 -21.54 3.40 -9.76
C MET A 6 -20.32 4.28 -9.49
N SER A 7 -20.28 5.43 -10.16
CA SER A 7 -19.17 6.37 -9.98
C SER A 7 -19.67 7.72 -9.52
N VAL A 8 -20.94 7.78 -9.12
CA VAL A 8 -21.55 9.03 -8.67
C VAL A 8 -21.54 9.11 -7.15
N PRO A 9 -20.70 9.99 -6.58
CA PRO A 9 -20.60 10.17 -5.12
C PRO A 9 -21.84 10.82 -4.53
N THR A 10 -22.20 10.40 -3.32
CA THR A 10 -23.38 10.94 -2.65
C THR A 10 -23.13 11.08 -1.15
N ASP A 11 -22.84 9.96 -0.50
CA ASP A 11 -22.60 9.95 0.94
C ASP A 11 -21.10 9.89 1.23
N GLY A 12 -20.59 10.93 1.89
CA GLY A 12 -19.18 10.98 2.24
C GLY A 12 -18.94 11.03 3.72
N ALA A 13 -17.67 11.11 4.12
CA ALA A 13 -17.32 11.18 5.53
C ALA A 13 -16.14 12.12 5.76
N VAL A 14 -15.68 12.20 7.00
CA VAL A 14 -14.59 13.09 7.36
C VAL A 14 -13.28 12.64 6.69
N THR A 15 -12.74 11.51 7.16
CA THR A 15 -11.49 10.99 6.63
C THR A 15 -11.71 9.71 5.85
N THR A 16 -11.62 9.80 4.52
CA THR A 16 -11.81 8.64 3.65
C THR A 16 -10.77 8.63 2.53
N SER A 17 -9.66 7.93 2.77
CA SER A 17 -8.59 7.81 1.78
C SER A 17 -7.97 9.16 1.46
N GLN A 18 -6.82 9.14 0.81
CA GLN A 18 -6.13 10.36 0.41
C GLN A 18 -5.36 10.13 -0.88
N ILE A 19 -4.64 9.01 -0.91
CA ILE A 19 -3.51 8.88 -1.80
C ILE A 19 -3.96 8.52 -3.22
N PRO A 20 -3.90 9.49 -4.15
CA PRO A 20 -4.49 9.33 -5.48
C PRO A 20 -3.54 8.62 -6.45
N ALA A 21 -2.71 7.73 -5.91
CA ALA A 21 -1.76 6.98 -6.73
C ALA A 21 -0.88 7.92 -7.56
N SER A 22 -0.23 7.37 -8.58
CA SER A 22 0.64 8.14 -9.46
C SER A 22 1.97 8.47 -8.79
N GLU A 23 1.91 8.84 -7.52
CA GLU A 23 3.12 9.08 -6.73
C GLU A 23 4.00 7.83 -6.73
N GLN A 24 3.50 6.77 -6.11
CA GLN A 24 4.16 5.47 -6.17
C GLN A 24 3.22 4.43 -6.78
N GLU A 25 3.58 3.91 -7.95
CA GLU A 25 2.78 2.89 -8.62
C GLU A 25 3.52 1.56 -8.66
N THR A 26 4.42 1.41 -9.62
CA THR A 26 5.24 0.20 -9.73
C THR A 26 4.42 -0.97 -10.24
N LEU A 27 5.02 -1.78 -11.10
CA LEU A 27 4.51 -3.10 -11.38
C LEU A 27 4.95 -4.06 -10.30
N VAL A 28 4.61 -3.70 -9.08
CA VAL A 28 5.12 -4.38 -7.90
C VAL A 28 4.70 -5.84 -7.91
N ARG A 29 5.67 -6.72 -7.72
CA ARG A 29 5.45 -8.14 -7.93
C ARG A 29 6.47 -8.96 -7.12
N PRO A 30 6.48 -8.78 -5.78
CA PRO A 30 7.54 -9.28 -4.93
C PRO A 30 7.24 -10.67 -4.37
N LYS A 31 8.06 -11.10 -3.42
CA LYS A 31 7.80 -12.35 -2.70
C LYS A 31 6.41 -12.34 -2.07
N PRO A 32 5.86 -13.52 -1.74
CA PRO A 32 4.54 -13.64 -1.11
C PRO A 32 4.45 -12.86 0.20
N LEU A 33 4.17 -11.56 0.10
CA LEU A 33 4.11 -10.70 1.26
C LEU A 33 3.15 -9.54 1.02
N LEU A 34 2.76 -9.36 -0.24
CA LEU A 34 1.77 -8.35 -0.61
C LEU A 34 0.65 -9.03 -1.37
N LEU A 35 0.86 -10.31 -1.64
CA LEU A 35 -0.12 -11.11 -2.35
C LEU A 35 -0.60 -12.23 -1.44
N LYS A 36 0.23 -12.59 -0.46
CA LYS A 36 -0.28 -13.12 0.78
C LYS A 36 -1.05 -12.02 1.51
N LEU A 37 -0.89 -10.80 1.03
CA LEU A 37 -1.62 -9.66 1.55
C LEU A 37 -2.89 -9.44 0.72
N LEU A 38 -2.77 -9.50 -0.61
CA LEU A 38 -3.96 -9.55 -1.46
C LEU A 38 -3.76 -10.42 -2.69
N LYS A 39 -3.77 -11.73 -2.45
CA LYS A 39 -4.32 -12.69 -3.39
C LYS A 39 -5.49 -13.43 -2.76
N SER A 40 -5.77 -13.08 -1.50
CA SER A 40 -6.81 -13.75 -0.73
C SER A 40 -8.14 -13.02 -0.85
N VAL A 41 -8.10 -11.69 -0.75
CA VAL A 41 -9.30 -10.88 -0.92
C VAL A 41 -10.05 -11.28 -2.18
N GLY A 42 -9.36 -11.19 -3.31
CA GLY A 42 -9.91 -11.67 -4.56
C GLY A 42 -8.97 -11.45 -5.72
N ALA A 43 -7.73 -11.10 -5.40
CA ALA A 43 -6.71 -10.88 -6.43
C ALA A 43 -6.05 -12.19 -6.83
N GLN A 44 -5.56 -12.23 -8.07
CA GLN A 44 -4.88 -13.43 -8.58
C GLN A 44 -4.09 -13.10 -9.85
N LYS A 45 -2.99 -12.38 -9.68
CA LYS A 45 -2.11 -12.04 -10.79
C LYS A 45 -0.64 -12.17 -10.40
N ASP A 46 0.19 -12.50 -11.38
CA ASP A 46 1.62 -12.71 -11.14
C ASP A 46 2.29 -11.39 -10.75
N THR A 47 1.59 -10.28 -10.96
CA THR A 47 2.11 -8.96 -10.58
C THR A 47 1.01 -8.07 -10.05
N TYR A 48 1.40 -6.88 -9.60
CA TYR A 48 0.45 -5.91 -9.10
C TYR A 48 0.89 -4.50 -9.41
N THR A 49 -0.07 -3.58 -9.29
CA THR A 49 0.24 -2.16 -9.33
C THR A 49 -0.36 -1.46 -8.13
N MET A 50 0.22 -0.33 -7.77
CA MET A 50 -0.04 0.28 -6.47
C MET A 50 -1.44 0.90 -6.43
N LYS A 51 -2.20 0.73 -7.50
CA LYS A 51 -3.61 1.10 -7.50
C LYS A 51 -4.46 -0.10 -7.15
N GLU A 52 -4.16 -1.23 -7.78
CA GLU A 52 -4.59 -2.52 -7.30
C GLU A 52 -4.33 -2.64 -5.80
N VAL A 53 -3.06 -2.68 -5.44
CA VAL A 53 -2.65 -2.79 -4.04
C VAL A 53 -3.25 -1.67 -3.19
N LEU A 54 -3.45 -0.50 -3.81
CA LEU A 54 -4.10 0.61 -3.12
C LEU A 54 -5.34 0.13 -2.39
N PHE A 55 -6.37 -0.24 -3.14
CA PHE A 55 -7.64 -0.65 -2.55
C PHE A 55 -7.59 -2.11 -2.10
N TYR A 56 -6.59 -2.85 -2.56
CA TYR A 56 -6.48 -4.27 -2.24
C TYR A 56 -5.80 -4.48 -0.89
N LEU A 57 -4.58 -3.99 -0.75
CA LEU A 57 -3.93 -4.00 0.55
C LEU A 57 -4.79 -3.25 1.56
N GLY A 58 -5.44 -2.19 1.10
CA GLY A 58 -6.43 -1.51 1.93
C GLY A 58 -7.55 -2.43 2.37
N GLN A 59 -8.13 -3.16 1.42
CA GLN A 59 -9.33 -3.95 1.70
C GLN A 59 -9.01 -5.15 2.57
N TYR A 60 -7.85 -5.77 2.35
CA TYR A 60 -7.42 -6.88 3.21
C TYR A 60 -7.28 -6.44 4.66
N ILE A 61 -6.73 -5.24 4.87
CA ILE A 61 -6.65 -4.67 6.22
C ILE A 61 -8.03 -4.66 6.88
N MET A 62 -8.92 -3.87 6.31
CA MET A 62 -10.27 -3.72 6.85
C MET A 62 -10.99 -5.06 6.96
N THR A 63 -10.82 -5.92 5.96
CA THR A 63 -11.66 -7.11 5.81
C THR A 63 -11.38 -8.14 6.90
N LYS A 64 -10.15 -8.20 7.37
CA LYS A 64 -9.73 -9.23 8.31
C LYS A 64 -9.98 -8.82 9.75
N ARG A 65 -10.80 -7.79 9.92
CA ARG A 65 -11.23 -7.34 11.24
C ARG A 65 -10.05 -7.12 12.17
N LEU A 66 -8.94 -6.66 11.60
CA LEU A 66 -7.75 -6.36 12.38
C LEU A 66 -7.71 -4.88 12.77
N TYR A 67 -8.61 -4.10 12.19
CA TYR A 67 -8.66 -2.66 12.43
C TYR A 67 -9.11 -2.39 13.86
N ASP A 68 -9.32 -1.10 14.18
CA ASP A 68 -9.74 -0.71 15.52
C ASP A 68 -11.24 -0.91 15.70
N GLU A 69 -12.02 0.13 15.41
CA GLU A 69 -13.47 0.07 15.54
C GLU A 69 -14.10 1.41 15.21
N LYS A 70 -13.44 2.49 15.64
CA LYS A 70 -13.98 3.83 15.50
C LYS A 70 -14.03 4.27 14.03
N GLN A 71 -12.85 4.54 13.47
CA GLN A 71 -12.75 4.97 12.08
C GLN A 71 -11.92 3.99 11.27
N GLN A 72 -11.73 2.79 11.82
CA GLN A 72 -10.99 1.74 11.13
C GLN A 72 -9.60 2.24 10.72
N HIS A 73 -9.12 3.28 11.40
CA HIS A 73 -7.85 3.91 11.02
C HIS A 73 -6.68 3.23 11.71
N ILE A 74 -6.93 2.63 12.88
CA ILE A 74 -5.94 1.79 13.53
C ILE A 74 -6.13 0.33 13.14
N VAL A 75 -5.03 -0.43 13.16
CA VAL A 75 -5.09 -1.84 12.78
C VAL A 75 -4.22 -2.70 13.69
N TYR A 76 -4.83 -3.21 14.75
CA TYR A 76 -4.14 -4.19 15.59
C TYR A 76 -4.17 -5.58 14.96
N CYS A 77 -3.07 -5.96 14.34
CA CYS A 77 -3.01 -7.17 13.53
C CYS A 77 -2.35 -8.31 14.29
N SER A 78 -1.59 -7.97 15.32
CA SER A 78 -0.88 -8.96 16.12
C SER A 78 0.07 -9.79 15.27
N ASN A 79 -0.46 -10.86 14.67
CA ASN A 79 0.32 -11.73 13.82
C ASN A 79 -0.43 -12.08 12.54
N ASP A 80 -0.77 -11.06 11.76
CA ASP A 80 -1.47 -11.25 10.50
C ASP A 80 -0.49 -11.26 9.33
N LEU A 81 -1.01 -11.42 8.12
CA LEU A 81 -0.21 -11.20 6.92
C LEU A 81 0.29 -9.77 6.87
N LEU A 82 -0.52 -8.84 7.38
CA LEU A 82 -0.08 -7.46 7.59
C LEU A 82 1.02 -7.40 8.63
N GLY A 83 1.12 -8.45 9.44
CA GLY A 83 2.28 -8.62 10.30
C GLY A 83 3.53 -8.89 9.49
N ASP A 84 3.40 -9.68 8.43
CA ASP A 84 4.49 -9.89 7.49
C ASP A 84 4.91 -8.59 6.82
N LEU A 85 3.99 -7.62 6.80
CA LEU A 85 4.28 -6.30 6.25
C LEU A 85 5.29 -5.56 7.13
N PHE A 86 4.78 -4.97 8.20
CA PHE A 86 5.58 -4.07 9.02
C PHE A 86 6.28 -4.82 10.12
N GLY A 87 5.53 -5.68 10.81
CA GLY A 87 5.99 -6.23 12.07
C GLY A 87 5.33 -5.54 13.25
N VAL A 88 4.31 -4.73 12.96
CA VAL A 88 3.64 -3.93 13.98
C VAL A 88 2.58 -4.76 14.72
N PRO A 89 2.29 -4.37 15.97
CA PRO A 89 1.04 -4.74 16.64
C PRO A 89 -0.12 -3.88 16.15
N SER A 90 0.20 -2.69 15.65
CA SER A 90 -0.81 -1.76 15.15
C SER A 90 -0.23 -0.88 14.04
N PHE A 91 -1.05 -0.49 13.06
CA PHE A 91 -0.64 0.54 12.11
C PHE A 91 -1.83 1.43 11.73
N SER A 92 -1.52 2.67 11.34
CA SER A 92 -2.54 3.67 11.10
C SER A 92 -2.72 3.93 9.61
N VAL A 93 -3.80 3.37 9.05
CA VAL A 93 -4.17 3.66 7.67
C VAL A 93 -4.63 5.10 7.51
N LYS A 94 -4.93 5.75 8.63
CA LYS A 94 -5.31 7.16 8.61
C LYS A 94 -4.27 7.99 7.88
N GLU A 95 -3.01 7.61 8.02
CA GLU A 95 -1.92 8.23 7.27
C GLU A 95 -1.44 7.31 6.16
N HIS A 96 -2.15 7.34 5.03
CA HIS A 96 -1.89 6.42 3.92
C HIS A 96 -0.51 6.64 3.34
N ARG A 97 -0.03 7.88 3.41
CA ARG A 97 1.28 8.22 2.88
C ARG A 97 2.37 7.36 3.51
N LYS A 98 2.50 7.45 4.83
CA LYS A 98 3.55 6.72 5.54
C LYS A 98 3.27 5.22 5.58
N ILE A 99 2.00 4.87 5.74
CA ILE A 99 1.62 3.47 5.90
C ILE A 99 2.07 2.64 4.71
N TYR A 100 2.00 3.22 3.52
CA TYR A 100 2.39 2.51 2.31
C TYR A 100 3.88 2.64 2.04
N THR A 101 4.47 3.75 2.45
CA THR A 101 5.90 3.96 2.28
C THR A 101 6.69 2.99 3.16
N MET A 102 6.06 2.51 4.23
CA MET A 102 6.65 1.44 5.03
C MET A 102 6.44 0.10 4.35
N ILE A 103 5.22 -0.14 3.90
CA ILE A 103 4.89 -1.42 3.26
C ILE A 103 5.86 -1.74 2.14
N TYR A 104 6.31 -0.72 1.42
CA TYR A 104 7.21 -0.91 0.28
C TYR A 104 8.65 -0.57 0.65
N ARG A 105 9.58 -1.38 0.17
CA ARG A 105 11.01 -1.10 0.35
C ARG A 105 11.78 -1.46 -0.91
N ASN A 106 12.83 -0.69 -1.19
CA ASN A 106 13.64 -0.92 -2.38
C ASN A 106 14.22 -2.33 -2.39
N LEU A 107 13.57 -3.23 -3.13
CA LEU A 107 14.00 -4.62 -3.18
C LEU A 107 13.69 -5.23 -4.55
N VAL A 108 12.40 -5.37 -4.85
CA VAL A 108 11.98 -5.98 -6.10
C VAL A 108 11.44 -4.93 -7.08
N VAL A 109 10.23 -4.43 -6.79
CA VAL A 109 9.57 -3.45 -7.66
C VAL A 109 9.72 -3.79 -9.13
N VAL A 110 9.50 -2.81 -10.00
CA VAL A 110 9.66 -3.00 -11.44
C VAL A 110 11.03 -3.55 -11.77
N ASN A 111 11.08 -4.48 -12.72
CA ASN A 111 12.32 -5.12 -13.11
C ASN A 111 12.98 -4.39 -14.27
N GLN A 112 14.31 -4.28 -14.22
CA GLN A 112 15.06 -3.59 -15.27
C GLN A 112 16.48 -4.15 -15.37
N GLN A 113 16.68 -5.34 -14.81
CA GLN A 113 17.99 -5.98 -14.81
C GLN A 113 18.08 -7.03 -15.91
N GLU A 114 16.95 -7.66 -16.22
CA GLU A 114 16.89 -8.70 -17.24
C GLU A 114 17.23 -8.13 -18.62
N SER A 115 18.17 -8.77 -19.30
CA SER A 115 18.58 -8.34 -20.63
C SER A 115 19.27 -9.48 -21.37
N SER A 116 18.48 -10.42 -21.87
CA SER A 116 19.01 -11.56 -22.63
C SER A 116 19.96 -12.39 -21.76
N ASP A 117 20.41 -13.51 -22.30
CA ASP A 117 21.32 -14.40 -21.60
C ASP A 117 22.16 -15.22 -22.56
N SER A 118 23.42 -14.83 -22.73
CA SER A 118 24.33 -15.52 -23.63
C SER A 118 25.78 -15.40 -23.15
N SER A 119 26.06 -14.32 -22.43
CA SER A 119 27.41 -14.08 -21.91
C SER A 119 27.56 -14.63 -20.51
N MET A 1 -27.52 12.00 19.13
CA MET A 1 -27.03 11.46 17.84
C MET A 1 -27.84 12.03 16.67
N CYS A 2 -27.38 13.15 16.13
CA CYS A 2 -28.05 13.80 15.01
C CYS A 2 -27.12 14.76 14.29
N ASN A 3 -26.71 15.81 14.99
CA ASN A 3 -25.81 16.81 14.41
C ASN A 3 -24.40 16.68 14.97
N THR A 4 -24.17 15.61 15.74
CA THR A 4 -22.87 15.37 16.33
C THR A 4 -21.97 14.60 15.39
N ASN A 5 -22.58 13.89 14.44
CA ASN A 5 -21.83 13.11 13.46
C ASN A 5 -21.68 13.87 12.16
N MET A 6 -20.52 14.51 11.97
CA MET A 6 -20.25 15.28 10.77
C MET A 6 -19.65 14.40 9.67
N SER A 7 -20.40 14.22 8.59
CA SER A 7 -19.94 13.42 7.47
C SER A 7 -19.46 14.29 6.31
N VAL A 8 -18.18 14.17 5.99
CA VAL A 8 -17.59 14.96 4.90
C VAL A 8 -17.58 14.15 3.60
N PRO A 9 -18.14 14.72 2.52
CA PRO A 9 -18.28 14.02 1.23
C PRO A 9 -16.93 13.73 0.59
N THR A 10 -16.04 14.72 0.59
CA THR A 10 -14.73 14.58 -0.04
C THR A 10 -13.63 14.39 0.99
N ASP A 11 -12.64 13.57 0.64
CA ASP A 11 -11.53 13.30 1.54
C ASP A 11 -10.20 13.41 0.80
N GLY A 12 -10.19 14.20 -0.27
CA GLY A 12 -8.97 14.38 -1.05
C GLY A 12 -9.22 15.09 -2.36
N ALA A 13 -8.88 14.42 -3.45
CA ALA A 13 -9.07 14.99 -4.79
C ALA A 13 -10.46 14.67 -5.33
N VAL A 14 -10.71 15.07 -6.57
CA VAL A 14 -12.00 14.83 -7.20
C VAL A 14 -12.28 13.34 -7.35
N THR A 15 -11.50 12.68 -8.21
CA THR A 15 -11.67 11.25 -8.46
C THR A 15 -10.34 10.60 -8.81
N THR A 16 -9.66 10.07 -7.80
CA THR A 16 -8.39 9.37 -8.01
C THR A 16 -8.14 8.35 -6.91
N SER A 17 -7.70 8.85 -5.75
CA SER A 17 -7.48 8.00 -4.58
C SER A 17 -7.22 8.84 -3.34
N GLN A 18 -5.97 9.23 -3.14
CA GLN A 18 -5.59 10.12 -2.05
C GLN A 18 -4.14 10.50 -2.16
N ILE A 19 -3.30 9.49 -2.39
CA ILE A 19 -1.96 9.51 -1.89
C ILE A 19 -0.92 9.29 -3.00
N PRO A 20 -1.07 9.99 -4.15
CA PRO A 20 -0.08 9.96 -5.23
C PRO A 20 1.33 10.27 -4.75
N ALA A 21 2.08 9.24 -4.40
CA ALA A 21 3.50 9.40 -4.11
C ALA A 21 4.29 9.64 -5.38
N SER A 22 3.62 9.40 -6.50
CA SER A 22 4.17 9.72 -7.81
C SER A 22 3.05 9.83 -8.83
N GLU A 23 1.81 9.86 -8.34
CA GLU A 23 0.63 9.83 -9.19
C GLU A 23 0.69 8.65 -10.16
N GLN A 24 0.46 7.45 -9.64
CA GLN A 24 0.68 6.22 -10.40
C GLN A 24 2.15 6.09 -10.79
N GLU A 25 2.80 5.02 -10.34
CA GLU A 25 4.25 4.97 -10.29
C GLU A 25 4.80 3.63 -10.76
N THR A 26 4.24 2.55 -10.21
CA THR A 26 4.99 1.31 -10.05
C THR A 26 4.17 0.09 -10.43
N LEU A 27 4.62 -0.62 -11.46
CA LEU A 27 4.14 -1.97 -11.70
C LEU A 27 4.81 -2.93 -10.75
N VAL A 28 4.36 -2.91 -9.52
CA VAL A 28 5.12 -3.48 -8.41
C VAL A 28 4.83 -4.95 -8.26
N ARG A 29 5.88 -5.73 -8.07
CA ARG A 29 5.76 -7.17 -8.11
C ARG A 29 6.54 -7.80 -6.96
N PRO A 30 6.02 -7.68 -5.72
CA PRO A 30 6.77 -8.00 -4.50
C PRO A 30 6.80 -9.50 -4.21
N LYS A 31 7.81 -9.92 -3.45
CA LYS A 31 7.87 -11.28 -2.94
C LYS A 31 6.61 -11.62 -2.14
N PRO A 32 6.25 -12.91 -2.04
CA PRO A 32 5.04 -13.35 -1.35
C PRO A 32 4.91 -12.79 0.07
N LEU A 33 4.41 -11.57 0.18
CA LEU A 33 4.21 -10.92 1.47
C LEU A 33 3.02 -9.97 1.41
N LEU A 34 2.78 -9.41 0.23
CA LEU A 34 1.62 -8.56 0.00
C LEU A 34 0.52 -9.35 -0.68
N LEU A 35 0.94 -10.37 -1.41
CA LEU A 35 0.06 -11.00 -2.39
C LEU A 35 -0.46 -12.33 -1.87
N LYS A 36 0.27 -12.93 -0.94
CA LYS A 36 -0.31 -13.88 -0.01
C LYS A 36 -1.32 -13.17 0.88
N LEU A 37 -1.26 -11.84 0.84
CA LEU A 37 -2.12 -11.00 1.66
C LEU A 37 -3.26 -10.41 0.82
N LEU A 38 -3.06 -10.38 -0.50
CA LEU A 38 -3.99 -9.71 -1.39
C LEU A 38 -4.71 -10.70 -2.32
N LYS A 39 -3.96 -11.65 -2.86
CA LYS A 39 -4.56 -12.69 -3.69
C LYS A 39 -5.56 -13.50 -2.87
N SER A 40 -5.56 -13.29 -1.56
CA SER A 40 -6.51 -13.96 -0.67
C SER A 40 -7.80 -13.16 -0.55
N VAL A 41 -7.69 -11.85 -0.48
CA VAL A 41 -8.85 -10.99 -0.26
C VAL A 41 -9.68 -10.84 -1.55
N GLY A 42 -9.00 -10.82 -2.69
CA GLY A 42 -9.71 -10.63 -3.95
C GLY A 42 -8.90 -11.08 -5.15
N ALA A 43 -7.66 -10.61 -5.25
CA ALA A 43 -6.88 -10.74 -6.47
C ALA A 43 -6.49 -12.20 -6.72
N GLN A 44 -6.04 -12.47 -7.94
CA GLN A 44 -5.56 -13.80 -8.31
C GLN A 44 -4.41 -13.70 -9.31
N LYS A 45 -3.78 -12.53 -9.36
CA LYS A 45 -2.75 -12.26 -10.35
C LYS A 45 -1.36 -12.57 -9.79
N ASP A 46 -0.33 -12.26 -10.59
CA ASP A 46 1.04 -12.51 -10.18
C ASP A 46 1.79 -11.22 -9.90
N THR A 47 1.17 -10.10 -10.27
CA THR A 47 1.76 -8.78 -10.04
C THR A 47 0.73 -7.80 -9.51
N TYR A 48 1.21 -6.66 -9.03
CA TYR A 48 0.32 -5.58 -8.61
C TYR A 48 0.82 -4.24 -9.12
N THR A 49 0.08 -3.20 -8.77
CA THR A 49 0.43 -1.86 -9.18
C THR A 49 -0.11 -0.82 -8.22
N MET A 50 0.78 0.02 -7.70
CA MET A 50 0.41 1.32 -7.12
C MET A 50 -1.00 1.31 -6.53
N LYS A 51 -1.99 1.56 -7.38
CA LYS A 51 -3.36 1.77 -6.93
C LYS A 51 -4.08 0.44 -6.72
N GLU A 52 -3.82 -0.50 -7.62
CA GLU A 52 -4.29 -1.87 -7.48
C GLU A 52 -4.07 -2.35 -6.05
N VAL A 53 -2.80 -2.39 -5.65
CA VAL A 53 -2.44 -2.82 -4.30
C VAL A 53 -2.87 -1.79 -3.25
N LEU A 54 -3.04 -0.55 -3.68
CA LEU A 54 -3.47 0.52 -2.78
C LEU A 54 -4.77 0.14 -2.07
N PHE A 55 -5.86 0.11 -2.83
CA PHE A 55 -7.16 -0.20 -2.26
C PHE A 55 -7.25 -1.67 -1.83
N TYR A 56 -6.50 -2.52 -2.51
CA TYR A 56 -6.53 -3.95 -2.22
C TYR A 56 -6.06 -4.24 -0.80
N LEU A 57 -4.89 -3.73 -0.45
CA LEU A 57 -4.42 -3.85 0.92
C LEU A 57 -5.40 -3.19 1.87
N GLY A 58 -5.91 -2.02 1.49
CA GLY A 58 -7.00 -1.42 2.22
C GLY A 58 -8.08 -2.43 2.55
N GLN A 59 -8.41 -3.28 1.58
CA GLN A 59 -9.38 -4.35 1.81
C GLN A 59 -8.94 -5.25 2.95
N TYR A 60 -7.84 -5.98 2.74
CA TYR A 60 -7.43 -7.03 3.66
C TYR A 60 -7.36 -6.51 5.09
N ILE A 61 -6.88 -5.27 5.25
CA ILE A 61 -6.84 -4.63 6.55
C ILE A 61 -8.22 -4.63 7.19
N MET A 62 -9.15 -3.93 6.55
CA MET A 62 -10.52 -3.83 7.07
C MET A 62 -11.32 -5.10 6.78
N THR A 63 -10.64 -6.14 6.31
CA THR A 63 -11.31 -7.40 5.96
C THR A 63 -11.65 -8.21 7.21
N LYS A 64 -10.64 -8.56 7.99
CA LYS A 64 -10.79 -9.54 9.06
C LYS A 64 -11.30 -8.87 10.32
N ARG A 65 -10.37 -8.51 11.18
CA ARG A 65 -10.68 -7.88 12.46
C ARG A 65 -9.45 -7.26 13.08
N LEU A 66 -8.48 -6.91 12.24
CA LEU A 66 -7.20 -6.39 12.72
C LEU A 66 -7.25 -4.88 12.87
N TYR A 67 -8.37 -4.28 12.45
CA TYR A 67 -8.51 -2.83 12.49
C TYR A 67 -9.27 -2.39 13.75
N ASP A 68 -9.17 -1.10 14.06
CA ASP A 68 -9.64 -0.58 15.35
C ASP A 68 -11.15 -0.68 15.46
N GLU A 69 -11.81 -0.98 14.34
CA GLU A 69 -13.26 -1.17 14.32
C GLU A 69 -14.01 0.13 14.56
N LYS A 70 -13.28 1.17 14.95
CA LYS A 70 -13.87 2.48 15.19
C LYS A 70 -13.81 3.33 13.93
N GLN A 71 -12.60 3.60 13.45
CA GLN A 71 -12.41 4.36 12.23
C GLN A 71 -11.73 3.51 11.16
N GLN A 72 -11.54 2.24 11.48
CA GLN A 72 -10.97 1.28 10.54
C GLN A 72 -9.62 1.75 10.01
N HIS A 73 -8.99 2.68 10.73
CA HIS A 73 -7.70 3.23 10.30
C HIS A 73 -6.56 2.68 11.14
N ILE A 74 -6.74 2.66 12.46
CA ILE A 74 -5.71 2.14 13.36
C ILE A 74 -5.81 0.63 13.46
N VAL A 75 -4.81 -0.06 12.93
CA VAL A 75 -4.92 -1.49 12.68
C VAL A 75 -4.11 -2.30 13.69
N TYR A 76 -4.77 -2.70 14.77
CA TYR A 76 -4.17 -3.61 15.74
C TYR A 76 -4.06 -5.02 15.17
N CYS A 77 -2.90 -5.33 14.61
CA CYS A 77 -2.72 -6.56 13.86
C CYS A 77 -2.45 -7.75 14.79
N SER A 78 -1.17 -7.97 15.09
CA SER A 78 -0.76 -9.09 15.93
C SER A 78 -1.23 -10.43 15.33
N ASN A 79 -0.29 -11.17 14.75
CA ASN A 79 -0.57 -12.50 14.23
C ASN A 79 -1.51 -12.43 13.03
N ASP A 80 -0.95 -12.05 11.88
CA ASP A 80 -1.72 -11.98 10.64
C ASP A 80 -0.79 -11.80 9.44
N LEU A 81 -1.37 -11.90 8.24
CA LEU A 81 -0.59 -11.70 7.01
C LEU A 81 -0.05 -10.28 6.96
N LEU A 82 -0.88 -9.32 7.35
CA LEU A 82 -0.42 -7.95 7.54
C LEU A 82 0.76 -7.91 8.51
N GLY A 83 0.83 -8.92 9.37
CA GLY A 83 1.97 -9.06 10.26
C GLY A 83 3.24 -9.39 9.53
N ASP A 84 3.13 -10.27 8.52
CA ASP A 84 4.26 -10.56 7.64
C ASP A 84 4.76 -9.28 6.98
N LEU A 85 3.89 -8.28 6.90
CA LEU A 85 4.26 -6.98 6.37
C LEU A 85 5.04 -6.16 7.39
N PHE A 86 4.31 -5.48 8.26
CA PHE A 86 4.90 -4.48 9.13
C PHE A 86 5.47 -5.10 10.39
N GLY A 87 4.65 -5.87 11.10
CA GLY A 87 5.02 -6.33 12.43
C GLY A 87 4.55 -5.38 13.51
N VAL A 88 3.95 -4.26 13.09
CA VAL A 88 3.45 -3.26 14.02
C VAL A 88 2.41 -3.84 14.96
N PRO A 89 2.21 -3.20 16.12
CA PRO A 89 1.02 -3.41 16.93
C PRO A 89 -0.21 -2.75 16.31
N SER A 90 0.00 -1.59 15.70
CA SER A 90 -1.06 -0.87 15.00
C SER A 90 -0.49 -0.02 13.88
N PHE A 91 -1.21 0.08 12.77
CA PHE A 91 -0.82 1.00 11.70
C PHE A 91 -2.01 1.80 11.19
N SER A 92 -1.75 3.03 10.76
CA SER A 92 -2.81 3.92 10.30
C SER A 92 -2.86 3.95 8.78
N VAL A 93 -3.85 3.27 8.21
CA VAL A 93 -4.06 3.25 6.77
C VAL A 93 -4.43 4.64 6.26
N LYS A 94 -4.97 5.47 7.17
CA LYS A 94 -5.33 6.84 6.83
C LYS A 94 -4.16 7.58 6.21
N GLU A 95 -3.03 7.58 6.89
CA GLU A 95 -1.80 8.16 6.37
C GLU A 95 -1.14 7.22 5.36
N HIS A 96 -1.71 7.17 4.16
CA HIS A 96 -1.25 6.24 3.13
C HIS A 96 0.20 6.54 2.74
N ARG A 97 0.67 7.73 3.09
CA ARG A 97 2.05 8.11 2.84
C ARG A 97 3.00 7.21 3.64
N LYS A 98 2.93 7.32 4.96
CA LYS A 98 3.84 6.59 5.84
C LYS A 98 3.55 5.09 5.80
N ILE A 99 2.29 4.74 5.55
CA ILE A 99 1.86 3.34 5.61
C ILE A 99 2.36 2.58 4.37
N TYR A 100 2.50 3.28 3.26
CA TYR A 100 3.04 2.68 2.04
C TYR A 100 4.52 3.01 1.87
N THR A 101 5.06 3.80 2.77
CA THR A 101 6.50 3.97 2.87
C THR A 101 7.13 2.79 3.61
N MET A 102 6.37 2.22 4.54
CA MET A 102 6.75 0.96 5.18
C MET A 102 6.47 -0.20 4.27
N ILE A 103 5.36 -0.11 3.53
CA ILE A 103 5.00 -1.14 2.56
C ILE A 103 6.14 -1.39 1.56
N TYR A 104 6.54 -0.32 0.86
CA TYR A 104 7.57 -0.43 -0.14
C TYR A 104 8.95 -0.16 0.46
N ARG A 105 9.69 -1.24 0.74
CA ARG A 105 11.02 -1.12 1.32
C ARG A 105 12.09 -1.16 0.24
N ASN A 106 12.41 -2.37 -0.24
CA ASN A 106 13.40 -2.54 -1.28
C ASN A 106 13.48 -4.00 -1.73
N LEU A 107 13.34 -4.22 -3.03
CA LEU A 107 13.41 -5.57 -3.59
C LEU A 107 13.45 -5.53 -5.11
N VAL A 108 12.32 -5.21 -5.72
CA VAL A 108 12.22 -5.11 -7.17
C VAL A 108 10.96 -4.37 -7.60
N VAL A 109 11.10 -3.49 -8.57
CA VAL A 109 9.97 -2.73 -9.10
C VAL A 109 10.08 -2.55 -10.61
N VAL A 110 9.29 -1.64 -11.16
CA VAL A 110 9.30 -1.38 -12.59
C VAL A 110 10.65 -0.81 -13.04
N ASN A 111 11.29 -0.06 -12.16
CA ASN A 111 12.54 0.64 -12.50
C ASN A 111 13.74 -0.03 -11.85
N GLN A 112 13.97 0.27 -10.57
CA GLN A 112 15.16 -0.19 -9.87
C GLN A 112 16.42 0.33 -10.53
N GLN A 113 16.89 -0.38 -11.55
CA GLN A 113 18.11 -0.01 -12.25
C GLN A 113 18.04 -0.38 -13.72
N GLU A 114 18.56 0.50 -14.58
CA GLU A 114 18.56 0.26 -16.02
C GLU A 114 19.94 -0.23 -16.47
N SER A 115 20.00 -0.72 -17.71
CA SER A 115 21.27 -1.21 -18.27
C SER A 115 22.38 -0.18 -18.09
N SER A 116 23.61 -0.67 -17.92
CA SER A 116 24.76 0.20 -17.72
C SER A 116 25.00 1.09 -18.93
N ASP A 117 25.69 2.20 -18.70
CA ASP A 117 25.97 3.16 -19.78
C ASP A 117 24.69 3.65 -20.43
N SER A 118 24.08 4.66 -19.83
CA SER A 118 22.83 5.23 -20.34
C SER A 118 22.56 6.61 -19.75
N SER A 119 21.48 7.24 -20.18
CA SER A 119 21.12 8.56 -19.68
C SER A 119 20.16 8.46 -18.51
N MET A 1 3.90 26.68 -8.18
CA MET A 1 4.54 27.83 -7.46
C MET A 1 5.90 27.45 -6.92
N CYS A 2 6.13 26.14 -6.77
CA CYS A 2 7.41 25.65 -6.27
C CYS A 2 8.35 25.31 -7.42
N ASN A 3 7.85 25.44 -8.64
CA ASN A 3 8.64 25.14 -9.84
C ASN A 3 9.05 23.66 -9.88
N THR A 4 10.13 23.34 -9.16
CA THR A 4 10.62 21.96 -9.10
C THR A 4 10.74 21.35 -10.50
N ASN A 5 11.50 22.01 -11.36
CA ASN A 5 11.71 21.51 -12.73
C ASN A 5 10.39 21.38 -13.47
N MET A 6 10.44 20.81 -14.67
CA MET A 6 9.25 20.63 -15.49
C MET A 6 8.27 19.67 -14.83
N SER A 7 8.66 18.39 -14.78
CA SER A 7 7.81 17.37 -14.18
C SER A 7 8.65 16.28 -13.53
N VAL A 8 9.93 16.58 -13.30
CA VAL A 8 10.83 15.62 -12.67
C VAL A 8 10.96 15.89 -11.18
N PRO A 9 10.35 15.03 -10.34
CA PRO A 9 10.40 15.19 -8.88
C PRO A 9 11.78 14.94 -8.31
N THR A 10 12.54 16.03 -8.10
CA THR A 10 13.88 15.93 -7.55
C THR A 10 13.91 16.30 -6.08
N ASP A 11 15.04 16.06 -5.42
CA ASP A 11 15.20 16.38 -4.01
C ASP A 11 14.14 15.69 -3.17
N GLY A 12 13.66 14.54 -3.64
CA GLY A 12 12.66 13.79 -2.92
C GLY A 12 11.31 14.47 -2.93
N ALA A 13 10.99 15.17 -1.84
CA ALA A 13 9.70 15.85 -1.71
C ALA A 13 9.86 17.22 -1.06
N VAL A 14 9.26 18.23 -1.66
CA VAL A 14 9.33 19.59 -1.15
C VAL A 14 8.14 19.90 -0.25
N THR A 15 6.94 19.86 -0.83
CA THR A 15 5.73 20.15 -0.07
C THR A 15 4.87 18.89 0.07
N THR A 16 4.80 18.37 1.30
CA THR A 16 4.05 17.14 1.56
C THR A 16 2.57 17.43 1.71
N SER A 17 1.74 16.63 1.03
CA SER A 17 0.29 16.78 1.12
C SER A 17 -0.40 15.46 0.82
N GLN A 18 0.38 14.38 0.76
CA GLN A 18 -0.15 13.06 0.46
C GLN A 18 0.85 11.98 0.83
N ILE A 19 0.71 10.88 0.14
CA ILE A 19 1.87 10.10 -0.26
C ILE A 19 2.18 10.36 -1.75
N PRO A 20 3.46 10.52 -2.08
CA PRO A 20 3.91 10.93 -3.42
C PRO A 20 3.77 9.81 -4.44
N ALA A 21 2.92 8.84 -4.13
CA ALA A 21 2.64 7.74 -5.04
C ALA A 21 1.20 7.29 -4.90
N SER A 22 0.37 7.61 -5.89
CA SER A 22 -1.05 7.35 -5.82
C SER A 22 -1.56 6.77 -7.13
N GLU A 23 -1.72 5.45 -7.16
CA GLU A 23 -2.10 4.75 -8.38
C GLU A 23 -1.15 5.06 -9.54
N GLN A 24 -0.03 5.71 -9.21
CA GLN A 24 0.97 6.06 -10.21
C GLN A 24 2.37 6.06 -9.60
N GLU A 25 3.14 5.01 -9.89
CA GLU A 25 4.43 4.82 -9.22
C GLU A 25 5.17 3.60 -9.76
N THR A 26 4.50 2.45 -9.76
CA THR A 26 5.18 1.19 -9.54
C THR A 26 4.45 0.01 -10.19
N LEU A 27 5.15 -0.70 -11.08
CA LEU A 27 4.74 -2.06 -11.42
C LEU A 27 5.34 -3.03 -10.41
N VAL A 28 4.61 -3.23 -9.33
CA VAL A 28 5.19 -3.79 -8.12
C VAL A 28 4.91 -5.28 -8.04
N ARG A 29 5.97 -6.04 -7.81
CA ARG A 29 5.89 -7.48 -7.97
C ARG A 29 6.45 -8.18 -6.73
N PRO A 30 5.74 -8.07 -5.59
CA PRO A 30 6.25 -8.54 -4.30
C PRO A 30 6.41 -10.05 -4.23
N LYS A 31 7.47 -10.50 -3.57
CA LYS A 31 7.62 -11.91 -3.23
C LYS A 31 6.58 -12.30 -2.17
N PRO A 32 6.21 -13.59 -2.12
CA PRO A 32 5.14 -14.08 -1.25
C PRO A 32 5.23 -13.51 0.16
N LEU A 33 4.44 -12.46 0.41
CA LEU A 33 4.48 -11.76 1.69
C LEU A 33 3.20 -10.95 1.90
N LEU A 34 2.82 -10.21 0.87
CA LEU A 34 1.58 -9.45 0.92
C LEU A 34 0.62 -9.91 -0.17
N LEU A 35 1.02 -10.95 -0.91
CA LEU A 35 0.19 -11.50 -1.97
C LEU A 35 -0.70 -12.60 -1.41
N LYS A 36 -0.17 -13.37 -0.47
CA LYS A 36 -1.00 -14.15 0.44
C LYS A 36 -1.96 -13.23 1.18
N LEU A 37 -1.70 -11.94 1.08
CA LEU A 37 -2.48 -10.93 1.78
C LEU A 37 -3.52 -10.29 0.85
N LEU A 38 -3.25 -10.36 -0.45
CA LEU A 38 -4.10 -9.72 -1.44
C LEU A 38 -4.82 -10.76 -2.29
N LYS A 39 -4.08 -11.74 -2.79
CA LYS A 39 -4.68 -12.90 -3.43
C LYS A 39 -5.68 -13.59 -2.50
N SER A 40 -5.63 -13.21 -1.23
CA SER A 40 -6.60 -13.70 -0.25
C SER A 40 -7.92 -12.95 -0.35
N VAL A 41 -7.85 -11.62 -0.40
CA VAL A 41 -9.04 -10.79 -0.57
C VAL A 41 -9.85 -11.26 -1.77
N GLY A 42 -9.15 -11.60 -2.84
CA GLY A 42 -9.79 -11.88 -4.10
C GLY A 42 -8.83 -11.74 -5.27
N ALA A 43 -7.70 -11.08 -5.02
CA ALA A 43 -6.69 -10.90 -6.05
C ALA A 43 -6.21 -12.24 -6.59
N GLN A 44 -5.58 -12.22 -7.77
CA GLN A 44 -5.10 -13.43 -8.41
C GLN A 44 -4.27 -13.09 -9.64
N LYS A 45 -3.04 -12.65 -9.41
CA LYS A 45 -2.15 -12.24 -10.49
C LYS A 45 -0.75 -12.81 -10.29
N ASP A 46 0.09 -12.67 -11.32
CA ASP A 46 1.51 -13.01 -11.20
C ASP A 46 2.31 -11.83 -10.65
N THR A 47 1.76 -10.63 -10.84
CA THR A 47 2.36 -9.42 -10.28
C THR A 47 1.30 -8.51 -9.70
N TYR A 48 1.72 -7.34 -9.24
CA TYR A 48 0.80 -6.32 -8.79
C TYR A 48 1.23 -4.96 -9.30
N THR A 49 0.45 -3.94 -8.97
CA THR A 49 0.80 -2.58 -9.37
C THR A 49 0.27 -1.55 -8.38
N MET A 50 0.07 -0.35 -8.87
CA MET A 50 -0.09 0.82 -8.01
C MET A 50 -1.53 0.97 -7.54
N LYS A 51 -2.47 0.75 -8.46
CA LYS A 51 -3.88 0.90 -8.15
C LYS A 51 -4.40 -0.37 -7.51
N GLU A 52 -3.85 -1.49 -7.95
CA GLU A 52 -4.12 -2.79 -7.33
C GLU A 52 -3.81 -2.73 -5.84
N VAL A 53 -2.51 -2.63 -5.52
CA VAL A 53 -2.08 -2.58 -4.12
C VAL A 53 -2.77 -1.43 -3.39
N LEU A 54 -3.10 -0.38 -4.12
CA LEU A 54 -3.82 0.76 -3.54
C LEU A 54 -5.04 0.29 -2.76
N PHE A 55 -6.10 -0.08 -3.47
CA PHE A 55 -7.35 -0.45 -2.83
C PHE A 55 -7.25 -1.81 -2.16
N TYR A 56 -6.51 -2.73 -2.78
CA TYR A 56 -6.46 -4.12 -2.32
C TYR A 56 -5.85 -4.22 -0.93
N LEU A 57 -4.68 -3.61 -0.74
CA LEU A 57 -4.10 -3.53 0.59
C LEU A 57 -5.04 -2.78 1.51
N GLY A 58 -5.62 -1.70 0.99
CA GLY A 58 -6.70 -1.04 1.69
C GLY A 58 -7.81 -2.00 2.08
N GLN A 59 -8.03 -3.01 1.25
CA GLN A 59 -9.06 -4.01 1.53
C GLN A 59 -8.69 -4.84 2.75
N TYR A 60 -7.63 -5.63 2.64
CA TYR A 60 -7.30 -6.62 3.66
C TYR A 60 -7.16 -5.96 5.03
N ILE A 61 -6.86 -4.67 5.04
CA ILE A 61 -6.92 -3.88 6.27
C ILE A 61 -8.36 -3.77 6.75
N MET A 62 -9.18 -3.04 6.00
CA MET A 62 -10.59 -2.86 6.35
C MET A 62 -11.41 -4.10 5.99
N THR A 63 -10.74 -5.23 5.85
CA THR A 63 -11.42 -6.50 5.56
C THR A 63 -10.72 -7.65 6.28
N LYS A 64 -11.43 -8.76 6.45
CA LYS A 64 -10.85 -9.93 7.12
C LYS A 64 -10.35 -9.55 8.51
N ARG A 65 -11.14 -8.77 9.24
CA ARG A 65 -10.70 -8.23 10.52
C ARG A 65 -9.48 -7.33 10.33
N LEU A 66 -8.65 -7.23 11.36
CA LEU A 66 -7.44 -6.44 11.30
C LEU A 66 -7.75 -4.95 11.22
N TYR A 67 -8.13 -4.37 12.35
CA TYR A 67 -8.43 -2.94 12.43
C TYR A 67 -8.90 -2.56 13.84
N ASP A 68 -9.27 -1.30 14.02
CA ASP A 68 -9.79 -0.83 15.29
C ASP A 68 -11.30 -0.71 15.24
N GLU A 69 -11.97 -1.27 16.25
CA GLU A 69 -13.43 -1.24 16.29
C GLU A 69 -13.94 0.12 16.74
N LYS A 70 -13.09 1.13 16.64
CA LYS A 70 -13.50 2.50 16.92
C LYS A 70 -13.16 3.41 15.74
N GLN A 71 -11.86 3.57 15.50
CA GLN A 71 -11.39 4.19 14.27
C GLN A 71 -10.72 3.16 13.38
N GLN A 72 -11.46 2.68 12.36
CA GLN A 72 -10.97 1.61 11.51
C GLN A 72 -9.63 1.97 10.87
N HIS A 73 -9.27 3.26 10.95
CA HIS A 73 -7.97 3.72 10.49
C HIS A 73 -6.85 2.97 11.20
N ILE A 74 -7.01 2.76 12.50
CA ILE A 74 -6.04 1.99 13.27
C ILE A 74 -6.20 0.51 13.00
N VAL A 75 -5.09 -0.21 12.91
CA VAL A 75 -5.12 -1.59 12.44
C VAL A 75 -4.28 -2.49 13.34
N TYR A 76 -4.91 -3.02 14.38
CA TYR A 76 -4.26 -3.96 15.27
C TYR A 76 -3.93 -5.27 14.55
N CYS A 77 -2.66 -5.68 14.61
CA CYS A 77 -2.18 -6.83 13.87
C CYS A 77 -1.10 -7.55 14.64
N SER A 78 -1.51 -8.39 15.59
CA SER A 78 -0.58 -9.21 16.36
C SER A 78 0.43 -9.90 15.46
N ASN A 79 -0.02 -10.96 14.80
CA ASN A 79 0.75 -11.59 13.74
C ASN A 79 0.15 -11.24 12.38
N ASP A 80 -0.77 -12.08 11.91
CA ASP A 80 -1.59 -11.75 10.74
C ASP A 80 -0.73 -11.54 9.50
N LEU A 81 -1.40 -11.52 8.33
CA LEU A 81 -0.69 -11.34 7.07
C LEU A 81 -0.09 -9.94 6.98
N LEU A 82 -0.84 -8.93 7.41
CA LEU A 82 -0.31 -7.58 7.50
C LEU A 82 0.95 -7.56 8.34
N GLY A 83 1.07 -8.53 9.24
CA GLY A 83 2.23 -8.63 10.10
C GLY A 83 3.46 -9.10 9.35
N ASP A 84 3.28 -10.10 8.47
CA ASP A 84 4.36 -10.52 7.59
C ASP A 84 4.92 -9.32 6.82
N LEU A 85 4.09 -8.31 6.65
CA LEU A 85 4.55 -7.03 6.10
C LEU A 85 5.30 -6.22 7.14
N PHE A 86 4.55 -5.52 7.98
CA PHE A 86 5.12 -4.52 8.87
C PHE A 86 5.62 -5.17 10.16
N GLY A 87 4.68 -5.59 11.00
CA GLY A 87 5.01 -6.12 12.31
C GLY A 87 4.43 -5.29 13.43
N VAL A 88 3.81 -4.17 13.07
CA VAL A 88 3.21 -3.27 14.05
C VAL A 88 2.11 -3.96 14.85
N PRO A 89 1.87 -3.52 16.08
CA PRO A 89 0.65 -3.87 16.83
C PRO A 89 -0.56 -3.07 16.33
N SER A 90 -0.29 -2.03 15.56
CA SER A 90 -1.34 -1.20 14.98
C SER A 90 -0.75 -0.19 14.00
N PHE A 91 -1.46 0.06 12.90
CA PHE A 91 -1.07 1.14 11.99
C PHE A 91 -2.28 1.96 11.54
N SER A 92 -2.02 3.18 11.10
CA SER A 92 -3.09 4.11 10.73
C SER A 92 -3.11 4.34 9.22
N VAL A 93 -4.17 3.85 8.59
CA VAL A 93 -4.42 4.12 7.18
C VAL A 93 -4.97 5.52 6.98
N LYS A 94 -5.06 6.29 8.06
CA LYS A 94 -5.52 7.67 7.99
C LYS A 94 -4.38 8.61 7.66
N GLU A 95 -3.24 8.05 7.30
CA GLU A 95 -2.05 8.83 7.00
C GLU A 95 -1.63 8.67 5.55
N HIS A 96 -1.41 7.41 5.14
CA HIS A 96 -1.00 7.10 3.76
C HIS A 96 0.45 7.48 3.51
N ARG A 97 0.93 8.51 4.20
CA ARG A 97 2.32 8.93 4.08
C ARG A 97 3.26 7.83 4.56
N LYS A 98 3.30 7.64 5.87
CA LYS A 98 4.16 6.62 6.47
C LYS A 98 3.65 5.22 6.14
N ILE A 99 2.34 5.10 5.98
CA ILE A 99 1.72 3.79 5.83
C ILE A 99 2.08 3.17 4.48
N TYR A 100 2.27 4.01 3.47
CA TYR A 100 2.63 3.53 2.14
C TYR A 100 4.15 3.42 2.00
N THR A 101 4.88 4.25 2.72
CA THR A 101 6.33 4.20 2.72
C THR A 101 6.83 2.89 3.32
N MET A 102 6.02 2.31 4.21
CA MET A 102 6.32 0.99 4.76
C MET A 102 5.84 -0.11 3.83
N ILE A 103 4.66 0.10 3.23
CA ILE A 103 4.12 -0.88 2.31
C ILE A 103 5.10 -1.15 1.17
N TYR A 104 5.79 -0.12 0.72
CA TYR A 104 6.71 -0.24 -0.40
C TYR A 104 8.17 -0.21 0.07
N ARG A 105 8.94 -1.21 -0.34
CA ARG A 105 10.34 -1.31 0.05
C ARG A 105 11.25 -0.70 -1.01
N ASN A 106 12.43 -0.27 -0.58
CA ASN A 106 13.40 0.32 -1.49
C ASN A 106 14.44 -0.71 -1.92
N LEU A 107 14.08 -1.56 -2.88
CA LEU A 107 14.99 -2.58 -3.38
C LEU A 107 14.56 -3.04 -4.78
N VAL A 108 13.48 -3.80 -4.83
CA VAL A 108 12.93 -4.26 -6.10
C VAL A 108 11.75 -3.38 -6.53
N VAL A 109 11.10 -2.76 -5.55
CA VAL A 109 9.97 -1.87 -5.81
C VAL A 109 10.46 -0.51 -6.32
N VAL A 110 9.63 0.14 -7.12
CA VAL A 110 9.96 1.45 -7.68
C VAL A 110 11.29 1.41 -8.44
N ASN A 111 11.21 1.46 -9.77
CA ASN A 111 12.40 1.48 -10.60
C ASN A 111 12.42 2.74 -11.48
N GLN A 112 13.57 3.41 -11.51
CA GLN A 112 13.70 4.65 -12.29
C GLN A 112 15.16 4.89 -12.67
N GLN A 113 16.06 4.04 -12.14
CA GLN A 113 17.49 4.17 -12.43
C GLN A 113 17.86 3.37 -13.68
N GLU A 114 18.64 4.00 -14.55
CA GLU A 114 19.05 3.36 -15.81
C GLU A 114 20.52 2.97 -15.77
N SER A 115 21.01 2.62 -14.59
CA SER A 115 22.40 2.22 -14.42
C SER A 115 22.57 0.72 -14.65
N SER A 116 21.53 0.08 -15.16
CA SER A 116 21.56 -1.35 -15.42
C SER A 116 20.75 -1.70 -16.67
N ASP A 117 20.28 -0.68 -17.37
CA ASP A 117 19.50 -0.88 -18.59
C ASP A 117 19.80 0.21 -19.61
N SER A 118 20.98 0.83 -19.49
CA SER A 118 21.38 1.90 -20.40
C SER A 118 21.73 1.33 -21.77
N SER A 119 21.34 2.06 -22.81
CA SER A 119 21.62 1.64 -24.18
C SER A 119 22.98 2.10 -24.64
N MET A 1 36.58 18.50 8.38
CA MET A 1 36.98 18.94 7.02
C MET A 1 36.37 18.01 5.96
N CYS A 2 36.60 16.72 6.10
CA CYS A 2 36.08 15.73 5.17
C CYS A 2 34.70 15.24 5.60
N ASN A 3 33.75 15.28 4.67
CA ASN A 3 32.38 14.83 4.95
C ASN A 3 31.79 15.61 6.12
N THR A 4 32.30 16.81 6.34
CA THR A 4 31.81 17.68 7.42
C THR A 4 31.71 16.92 8.74
N ASN A 5 32.62 15.98 8.95
CA ASN A 5 32.64 15.19 10.18
C ASN A 5 31.34 14.40 10.33
N MET A 6 31.40 13.11 9.99
CA MET A 6 30.23 12.23 10.09
C MET A 6 29.12 12.67 9.13
N SER A 7 28.67 11.74 8.29
CA SER A 7 27.65 12.05 7.29
C SER A 7 26.25 11.83 7.87
N VAL A 8 26.13 10.89 8.80
CA VAL A 8 24.86 10.56 9.40
C VAL A 8 24.98 10.40 10.92
N PRO A 9 25.15 11.51 11.65
CA PRO A 9 25.28 11.50 13.11
C PRO A 9 23.99 11.07 13.80
N THR A 10 22.90 11.78 13.49
CA THR A 10 21.60 11.47 14.07
C THR A 10 20.48 11.84 13.10
N ASP A 11 19.37 11.11 13.19
CA ASP A 11 18.23 11.36 12.32
C ASP A 11 16.91 11.18 13.07
N GLY A 12 15.94 12.04 12.76
CA GLY A 12 14.64 11.95 13.41
C GLY A 12 13.54 11.62 12.43
N ALA A 13 13.81 11.84 11.14
CA ALA A 13 12.83 11.57 10.09
C ALA A 13 13.52 11.23 8.77
N VAL A 14 13.07 10.15 8.14
CA VAL A 14 13.66 9.71 6.88
C VAL A 14 12.71 9.97 5.72
N THR A 15 11.51 9.38 5.78
CA THR A 15 10.52 9.54 4.74
C THR A 15 9.11 9.50 5.31
N THR A 16 8.45 10.66 5.33
CA THR A 16 7.10 10.74 5.86
C THR A 16 6.07 10.94 4.74
N SER A 17 6.56 10.88 3.50
CA SER A 17 5.69 11.05 2.34
C SER A 17 6.27 10.31 1.12
N GLN A 18 5.38 9.74 0.31
CA GLN A 18 5.81 9.00 -0.87
C GLN A 18 4.77 9.15 -1.97
N ILE A 19 3.51 9.06 -1.57
CA ILE A 19 2.47 8.62 -2.48
C ILE A 19 1.96 9.74 -3.37
N PRO A 20 2.14 9.61 -4.70
CA PRO A 20 1.53 10.50 -5.67
C PRO A 20 0.11 10.06 -6.04
N ALA A 21 -0.58 9.46 -5.07
CA ALA A 21 -1.90 8.90 -5.30
C ALA A 21 -1.85 7.79 -6.34
N SER A 22 -0.80 7.00 -6.29
CA SER A 22 -0.59 5.90 -7.23
C SER A 22 -0.43 6.43 -8.65
N GLU A 23 0.64 7.19 -8.87
CA GLU A 23 0.94 7.72 -10.20
C GLU A 23 2.39 7.44 -10.59
N GLN A 24 3.24 7.16 -9.60
CA GLN A 24 4.64 6.87 -9.87
C GLN A 24 5.31 6.28 -8.63
N GLU A 25 5.56 4.97 -8.67
CA GLU A 25 6.00 4.25 -7.48
C GLU A 25 6.34 2.80 -7.78
N THR A 26 5.43 2.11 -8.45
CA THR A 26 5.21 0.70 -8.18
C THR A 26 5.55 -0.20 -9.36
N LEU A 27 4.51 -0.72 -10.02
CA LEU A 27 4.48 -2.10 -10.44
C LEU A 27 5.30 -2.96 -9.48
N VAL A 28 4.74 -3.16 -8.29
CA VAL A 28 5.39 -3.94 -7.26
C VAL A 28 5.22 -5.43 -7.54
N ARG A 29 6.30 -6.16 -7.45
CA ARG A 29 6.33 -7.54 -7.94
C ARG A 29 7.12 -8.44 -6.98
N PRO A 30 6.65 -8.59 -5.74
CA PRO A 30 7.40 -9.23 -4.66
C PRO A 30 7.09 -10.71 -4.54
N LYS A 31 7.96 -11.43 -3.83
CA LYS A 31 7.68 -12.82 -3.44
C LYS A 31 6.49 -12.88 -2.49
N PRO A 32 5.89 -14.07 -2.31
CA PRO A 32 4.72 -14.25 -1.43
C PRO A 32 4.86 -13.48 -0.12
N LEU A 33 4.20 -12.32 -0.06
CA LEU A 33 4.29 -11.43 1.09
C LEU A 33 3.33 -10.27 0.94
N LEU A 34 3.20 -9.78 -0.29
CA LEU A 34 2.19 -8.78 -0.62
C LEU A 34 1.01 -9.45 -1.30
N LEU A 35 1.22 -10.71 -1.71
CA LEU A 35 0.26 -11.40 -2.54
C LEU A 35 -0.48 -12.46 -1.72
N LYS A 36 0.24 -13.12 -0.83
CA LYS A 36 -0.39 -13.83 0.27
C LYS A 36 -1.28 -12.87 1.06
N LEU A 37 -1.11 -11.59 0.77
CA LEU A 37 -1.91 -10.54 1.36
C LEU A 37 -3.16 -10.29 0.52
N LEU A 38 -2.94 -10.00 -0.76
CA LEU A 38 -4.01 -9.51 -1.63
C LEU A 38 -4.75 -10.66 -2.30
N LYS A 39 -4.00 -11.67 -2.74
CA LYS A 39 -4.61 -12.86 -3.34
C LYS A 39 -5.53 -13.55 -2.35
N SER A 40 -5.45 -13.12 -1.08
CA SER A 40 -6.36 -13.61 -0.05
C SER A 40 -7.73 -12.97 -0.19
N VAL A 41 -7.76 -11.65 -0.37
CA VAL A 41 -9.02 -10.93 -0.56
C VAL A 41 -9.74 -11.40 -1.82
N GLY A 42 -8.99 -11.48 -2.91
CA GLY A 42 -9.57 -11.84 -4.19
C GLY A 42 -8.60 -11.65 -5.33
N ALA A 43 -7.53 -10.91 -5.08
CA ALA A 43 -6.52 -10.64 -6.10
C ALA A 43 -6.01 -11.93 -6.73
N GLN A 44 -5.71 -11.88 -8.03
CA GLN A 44 -5.25 -13.07 -8.75
C GLN A 44 -4.27 -12.68 -9.86
N LYS A 45 -3.15 -12.06 -9.47
CA LYS A 45 -2.12 -11.70 -10.43
C LYS A 45 -0.73 -11.95 -9.84
N ASP A 46 0.27 -11.99 -10.72
CA ASP A 46 1.66 -12.16 -10.29
C ASP A 46 2.36 -10.82 -10.14
N THR A 47 1.70 -9.76 -10.61
CA THR A 47 2.23 -8.41 -10.49
C THR A 47 1.16 -7.45 -10.00
N TYR A 48 1.56 -6.49 -9.18
CA TYR A 48 0.63 -5.56 -8.59
C TYR A 48 1.08 -4.12 -8.76
N THR A 49 0.25 -3.21 -8.28
CA THR A 49 0.61 -1.81 -8.23
C THR A 49 -0.05 -1.12 -7.04
N MET A 50 0.45 0.06 -6.69
CA MET A 50 0.01 0.74 -5.48
C MET A 50 -1.40 1.27 -5.62
N LYS A 51 -2.03 1.02 -6.77
CA LYS A 51 -3.44 1.35 -6.96
C LYS A 51 -4.31 0.15 -6.59
N GLU A 52 -3.96 -1.00 -7.15
CA GLU A 52 -4.46 -2.27 -6.65
C GLU A 52 -4.26 -2.34 -5.14
N VAL A 53 -3.01 -2.45 -4.73
CA VAL A 53 -2.65 -2.48 -3.31
C VAL A 53 -3.37 -1.39 -2.53
N LEU A 54 -3.54 -0.21 -3.13
CA LEU A 54 -4.27 0.88 -2.50
C LEU A 54 -5.56 0.37 -1.88
N PHE A 55 -6.55 0.09 -2.73
CA PHE A 55 -7.87 -0.28 -2.26
C PHE A 55 -7.94 -1.76 -1.87
N TYR A 56 -6.95 -2.53 -2.32
CA TYR A 56 -6.95 -3.97 -2.08
C TYR A 56 -6.39 -4.29 -0.70
N LEU A 57 -5.13 -3.90 -0.47
CA LEU A 57 -4.56 -4.00 0.87
C LEU A 57 -5.42 -3.21 1.85
N GLY A 58 -6.03 -2.13 1.37
CA GLY A 58 -7.06 -1.48 2.13
C GLY A 58 -8.14 -2.44 2.59
N GLN A 59 -8.58 -3.31 1.69
CA GLN A 59 -9.51 -4.37 2.05
C GLN A 59 -8.98 -5.20 3.20
N TYR A 60 -7.92 -5.97 2.92
CA TYR A 60 -7.48 -7.03 3.85
C TYR A 60 -7.35 -6.49 5.27
N ILE A 61 -6.91 -5.25 5.41
CA ILE A 61 -6.88 -4.58 6.70
C ILE A 61 -8.29 -4.49 7.29
N MET A 62 -9.16 -3.76 6.60
CA MET A 62 -10.54 -3.59 7.06
C MET A 62 -11.50 -4.55 6.35
N THR A 63 -11.06 -5.80 6.18
CA THR A 63 -11.95 -6.86 5.72
C THR A 63 -11.62 -8.19 6.39
N LYS A 64 -10.38 -8.31 6.86
CA LYS A 64 -9.92 -9.51 7.52
C LYS A 64 -9.65 -9.24 9.01
N ARG A 65 -10.48 -8.39 9.60
CA ARG A 65 -10.31 -8.03 11.01
C ARG A 65 -8.96 -7.37 11.25
N LEU A 66 -8.51 -7.38 12.50
CA LEU A 66 -7.24 -6.77 12.89
C LEU A 66 -7.34 -5.25 12.91
N TYR A 67 -8.41 -4.72 12.31
CA TYR A 67 -8.60 -3.28 12.20
C TYR A 67 -8.78 -2.64 13.56
N ASP A 68 -9.09 -1.35 13.57
CA ASP A 68 -9.29 -0.60 14.79
C ASP A 68 -10.69 -0.90 15.37
N GLU A 69 -11.31 0.11 15.96
CA GLU A 69 -12.75 0.06 16.24
C GLU A 69 -13.31 1.46 16.46
N LYS A 70 -12.73 2.43 15.76
CA LYS A 70 -13.20 3.81 15.85
C LYS A 70 -13.64 4.32 14.48
N GLN A 71 -12.93 3.89 13.43
CA GLN A 71 -13.26 4.28 12.07
C GLN A 71 -12.55 3.38 11.06
N GLN A 72 -12.11 2.22 11.53
CA GLN A 72 -11.39 1.26 10.69
C GLN A 72 -10.23 1.92 9.98
N HIS A 73 -9.65 2.94 10.62
CA HIS A 73 -8.47 3.61 10.08
C HIS A 73 -7.21 3.25 10.85
N ILE A 74 -7.37 2.73 12.06
CA ILE A 74 -6.28 2.02 12.72
C ILE A 74 -6.46 0.52 12.54
N VAL A 75 -5.43 -0.24 12.86
CA VAL A 75 -5.49 -1.68 12.69
C VAL A 75 -4.41 -2.38 13.51
N TYR A 76 -4.81 -2.94 14.64
CA TYR A 76 -3.90 -3.65 15.52
C TYR A 76 -3.78 -5.11 15.09
N CYS A 77 -2.64 -5.45 14.48
CA CYS A 77 -2.50 -6.72 13.78
C CYS A 77 -1.45 -7.61 14.43
N SER A 78 -1.71 -8.00 15.67
CA SER A 78 -0.84 -8.95 16.36
C SER A 78 -0.97 -10.34 15.74
N ASN A 79 0.10 -10.81 15.11
CA ASN A 79 0.11 -12.12 14.46
C ASN A 79 -0.93 -12.18 13.35
N ASP A 80 -0.67 -11.47 12.26
CA ASP A 80 -1.56 -11.48 11.11
C ASP A 80 -0.77 -11.54 9.81
N LEU A 81 -1.44 -11.85 8.71
CA LEU A 81 -0.82 -11.80 7.39
C LEU A 81 -0.41 -10.37 7.05
N LEU A 82 -1.27 -9.42 7.41
CA LEU A 82 -0.89 -8.02 7.37
C LEU A 82 0.42 -7.80 8.11
N GLY A 83 0.66 -8.66 9.10
CA GLY A 83 1.89 -8.60 9.86
C GLY A 83 3.10 -9.04 9.05
N ASP A 84 2.92 -10.06 8.21
CA ASP A 84 3.96 -10.46 7.27
C ASP A 84 4.47 -9.25 6.49
N LEU A 85 3.58 -8.30 6.25
CA LEU A 85 3.95 -7.02 5.67
C LEU A 85 4.83 -6.22 6.61
N PHE A 86 4.19 -5.57 7.58
CA PHE A 86 4.86 -4.59 8.42
C PHE A 86 5.59 -5.26 9.58
N GLY A 87 4.83 -5.92 10.43
CA GLY A 87 5.38 -6.39 11.69
C GLY A 87 4.89 -5.57 12.87
N VAL A 88 4.21 -4.47 12.57
CA VAL A 88 3.67 -3.59 13.61
C VAL A 88 2.62 -4.31 14.44
N PRO A 89 2.45 -3.88 15.70
CA PRO A 89 1.26 -4.20 16.49
C PRO A 89 0.08 -3.33 16.07
N SER A 90 0.38 -2.23 15.40
CA SER A 90 -0.65 -1.31 14.94
C SER A 90 -0.13 -0.42 13.80
N PHE A 91 -0.99 -0.14 12.83
CA PHE A 91 -0.68 0.87 11.82
C PHE A 91 -1.94 1.60 11.38
N SER A 92 -1.76 2.68 10.61
CA SER A 92 -2.85 3.59 10.29
C SER A 92 -2.99 3.81 8.79
N VAL A 93 -4.17 3.51 8.27
CA VAL A 93 -4.48 3.78 6.86
C VAL A 93 -4.91 5.23 6.66
N LYS A 94 -5.06 5.95 7.77
CA LYS A 94 -5.43 7.37 7.71
C LYS A 94 -4.31 8.18 7.05
N GLU A 95 -3.14 7.57 6.92
CA GLU A 95 -1.98 8.26 6.36
C GLU A 95 -1.24 7.37 5.36
N HIS A 96 -1.66 7.44 4.10
CA HIS A 96 -1.10 6.59 3.06
C HIS A 96 0.29 7.04 2.66
N ARG A 97 0.67 8.23 3.10
CA ARG A 97 2.03 8.72 2.88
C ARG A 97 3.04 7.77 3.52
N LYS A 98 3.05 7.72 4.85
CA LYS A 98 4.02 6.90 5.57
C LYS A 98 3.64 5.43 5.52
N ILE A 99 2.33 5.15 5.58
CA ILE A 99 1.86 3.78 5.67
C ILE A 99 2.24 2.98 4.41
N TYR A 100 2.21 3.66 3.27
CA TYR A 100 2.60 3.04 2.01
C TYR A 100 4.12 3.05 1.86
N THR A 101 4.77 4.05 2.45
CA THR A 101 6.22 4.08 2.50
C THR A 101 6.78 2.89 3.27
N MET A 102 6.08 2.50 4.33
CA MET A 102 6.47 1.32 5.09
C MET A 102 6.29 0.06 4.26
N ILE A 103 5.16 -0.01 3.55
CA ILE A 103 4.86 -1.18 2.74
C ILE A 103 5.99 -1.50 1.79
N TYR A 104 6.54 -0.47 1.16
CA TYR A 104 7.54 -0.65 0.11
C TYR A 104 8.92 -0.20 0.57
N ARG A 105 9.84 -1.14 0.69
CA ARG A 105 11.21 -0.84 1.07
C ARG A 105 12.09 -0.64 -0.16
N ASN A 106 13.40 -0.59 0.05
CA ASN A 106 14.35 -0.44 -1.05
C ASN A 106 14.68 -1.78 -1.68
N LEU A 107 13.93 -2.82 -1.28
CA LEU A 107 14.17 -4.16 -1.78
C LEU A 107 13.01 -4.62 -2.68
N VAL A 108 13.36 -5.06 -3.89
CA VAL A 108 12.35 -5.56 -4.83
C VAL A 108 11.28 -4.51 -5.09
N VAL A 109 11.62 -3.50 -5.88
CA VAL A 109 10.66 -2.46 -6.26
C VAL A 109 10.92 -1.99 -7.68
N VAL A 110 10.33 -0.84 -8.04
CA VAL A 110 10.50 -0.27 -9.37
C VAL A 110 11.96 0.06 -9.65
N ASN A 111 12.75 0.16 -8.60
CA ASN A 111 14.17 0.55 -8.72
C ASN A 111 14.90 -0.35 -9.72
N GLN A 112 16.01 0.14 -10.24
CA GLN A 112 16.81 -0.61 -11.19
C GLN A 112 18.29 -0.25 -11.06
N GLN A 113 19.15 -1.27 -11.08
CA GLN A 113 20.59 -1.06 -10.96
C GLN A 113 21.36 -2.29 -11.43
N GLU A 114 20.65 -3.22 -12.05
CA GLU A 114 21.27 -4.45 -12.55
C GLU A 114 21.54 -4.35 -14.05
N SER A 115 22.82 -4.22 -14.41
CA SER A 115 23.21 -4.11 -15.80
C SER A 115 23.74 -5.45 -16.32
N SER A 116 23.22 -6.54 -15.77
CA SER A 116 23.65 -7.88 -16.17
C SER A 116 22.44 -8.80 -16.33
N ASP A 117 21.34 -8.48 -15.65
CA ASP A 117 20.14 -9.28 -15.72
C ASP A 117 19.12 -8.66 -16.69
N SER A 118 18.27 -9.52 -17.24
CA SER A 118 17.23 -9.07 -18.19
C SER A 118 17.83 -8.17 -19.26
N SER A 119 18.44 -8.79 -20.28
CA SER A 119 19.05 -8.05 -21.38
C SER A 119 20.11 -7.08 -20.86
N MET A 1 5.91 20.12 -25.31
CA MET A 1 5.59 18.90 -24.52
C MET A 1 6.20 18.99 -23.13
N CYS A 2 5.38 19.41 -22.16
CA CYS A 2 5.84 19.53 -20.78
C CYS A 2 4.77 19.06 -19.80
N ASN A 3 5.17 18.17 -18.89
CA ASN A 3 4.24 17.63 -17.91
C ASN A 3 4.29 18.44 -16.61
N THR A 4 4.91 19.61 -16.68
CA THR A 4 5.03 20.48 -15.52
C THR A 4 4.10 21.68 -15.63
N ASN A 5 3.47 22.04 -14.51
CA ASN A 5 2.56 23.19 -14.47
C ASN A 5 1.43 23.01 -15.48
N MET A 6 0.34 22.38 -15.03
CA MET A 6 -0.84 22.18 -15.87
C MET A 6 -1.63 23.47 -16.02
N SER A 7 -2.04 24.03 -14.89
CA SER A 7 -2.80 25.28 -14.88
C SER A 7 -2.17 26.30 -13.93
N VAL A 8 -1.68 25.80 -12.80
CA VAL A 8 -1.03 26.66 -11.81
C VAL A 8 0.26 26.03 -11.30
N PRO A 9 1.35 26.82 -11.21
CA PRO A 9 2.64 26.32 -10.73
C PRO A 9 2.70 26.20 -9.21
N THR A 10 2.01 25.18 -8.69
CA THR A 10 1.98 24.96 -7.24
C THR A 10 1.73 23.49 -6.92
N ASP A 11 0.54 23.00 -7.28
CA ASP A 11 0.15 21.62 -7.00
C ASP A 11 -0.56 21.01 -8.20
N GLY A 12 -0.32 19.72 -8.44
CA GLY A 12 -0.94 19.04 -9.55
C GLY A 12 -2.06 18.12 -9.12
N ALA A 13 -1.98 17.64 -7.87
CA ALA A 13 -3.00 16.75 -7.33
C ALA A 13 -2.95 16.73 -5.81
N VAL A 14 -4.12 16.87 -5.19
CA VAL A 14 -4.23 16.88 -3.74
C VAL A 14 -5.40 16.02 -3.27
N THR A 15 -6.56 16.19 -3.91
CA THR A 15 -7.76 15.46 -3.55
C THR A 15 -7.82 14.11 -4.24
N THR A 16 -7.00 13.94 -5.27
CA THR A 16 -6.98 12.70 -6.04
C THR A 16 -6.08 11.66 -5.36
N SER A 17 -4.79 11.95 -5.30
CA SER A 17 -3.83 11.04 -4.68
C SER A 17 -3.31 11.61 -3.37
N GLN A 18 -2.48 10.84 -2.68
CA GLN A 18 -1.91 11.26 -1.41
C GLN A 18 -0.50 10.73 -1.27
N ILE A 19 -0.33 9.47 -1.63
CA ILE A 19 0.78 8.69 -1.13
C ILE A 19 2.09 9.11 -1.80
N PRO A 20 3.24 8.80 -1.17
CA PRO A 20 4.56 9.13 -1.72
C PRO A 20 4.79 8.50 -3.10
N ALA A 21 4.25 9.14 -4.13
CA ALA A 21 4.34 8.62 -5.50
C ALA A 21 3.66 9.56 -6.48
N SER A 22 3.52 9.11 -7.73
CA SER A 22 2.84 9.90 -8.76
C SER A 22 1.63 9.17 -9.30
N GLU A 23 0.85 8.58 -8.39
CA GLU A 23 -0.32 7.81 -8.77
C GLU A 23 0.04 6.73 -9.79
N GLN A 24 0.43 5.55 -9.29
CA GLN A 24 0.90 4.47 -10.16
C GLN A 24 2.18 4.87 -10.89
N GLU A 25 2.99 3.88 -11.24
CA GLU A 25 4.33 4.15 -11.79
C GLU A 25 5.00 2.86 -12.24
N THR A 26 4.37 1.74 -11.95
CA THR A 26 5.05 0.44 -12.00
C THR A 26 4.17 -0.62 -12.67
N LEU A 27 4.73 -1.81 -12.84
CA LEU A 27 3.97 -3.03 -12.70
C LEU A 27 4.71 -3.98 -11.78
N VAL A 28 4.59 -3.72 -10.48
CA VAL A 28 5.59 -4.16 -9.51
C VAL A 28 5.38 -5.61 -9.14
N ARG A 29 6.46 -6.26 -8.75
CA ARG A 29 6.41 -7.68 -8.44
C ARG A 29 7.08 -7.97 -7.10
N PRO A 30 6.32 -7.85 -5.99
CA PRO A 30 6.86 -8.00 -4.65
C PRO A 30 6.97 -9.47 -4.23
N LYS A 31 8.05 -9.80 -3.54
CA LYS A 31 8.22 -11.13 -2.97
C LYS A 31 7.06 -11.44 -2.02
N PRO A 32 6.73 -12.73 -1.83
CA PRO A 32 5.58 -13.16 -1.04
C PRO A 32 5.59 -12.54 0.36
N LEU A 33 4.91 -11.41 0.51
CA LEU A 33 4.83 -10.72 1.79
C LEU A 33 3.61 -9.81 1.84
N LEU A 34 3.23 -9.28 0.69
CA LEU A 34 1.98 -8.55 0.56
C LEU A 34 1.05 -9.27 -0.40
N LEU A 35 1.42 -10.50 -0.74
CA LEU A 35 0.65 -11.32 -1.65
C LEU A 35 0.27 -12.61 -0.95
N LYS A 36 -0.94 -13.07 -1.22
CA LYS A 36 -1.70 -13.85 -0.24
C LYS A 36 -2.13 -12.96 0.93
N LEU A 37 -1.49 -11.80 1.02
CA LEU A 37 -2.11 -10.64 1.63
C LEU A 37 -3.21 -10.11 0.73
N LEU A 38 -2.86 -9.88 -0.53
CA LEU A 38 -3.81 -9.37 -1.51
C LEU A 38 -4.49 -10.52 -2.26
N LYS A 39 -3.76 -11.60 -2.46
CA LYS A 39 -4.34 -12.81 -3.01
C LYS A 39 -5.39 -13.38 -2.07
N SER A 40 -5.35 -12.90 -0.82
CA SER A 40 -6.39 -13.24 0.16
C SER A 40 -7.72 -12.60 -0.21
N VAL A 41 -7.72 -11.27 -0.36
CA VAL A 41 -8.94 -10.54 -0.70
C VAL A 41 -9.64 -11.18 -1.90
N GLY A 42 -8.99 -11.11 -3.05
CA GLY A 42 -9.53 -11.74 -4.24
C GLY A 42 -8.73 -11.38 -5.48
N ALA A 43 -7.52 -10.89 -5.27
CA ALA A 43 -6.63 -10.56 -6.38
C ALA A 43 -6.28 -11.81 -7.19
N GLN A 44 -5.39 -12.63 -6.65
CA GLN A 44 -5.04 -13.90 -7.28
C GLN A 44 -4.53 -13.70 -8.70
N LYS A 45 -3.35 -13.09 -8.81
CA LYS A 45 -2.73 -12.87 -10.11
C LYS A 45 -1.27 -13.30 -10.10
N ASP A 46 -0.50 -12.83 -11.07
CA ASP A 46 0.92 -13.14 -11.13
C ASP A 46 1.76 -12.01 -10.52
N THR A 47 1.27 -10.78 -10.66
CA THR A 47 1.97 -9.61 -10.13
C THR A 47 0.99 -8.59 -9.58
N TYR A 48 1.52 -7.42 -9.23
CA TYR A 48 0.70 -6.34 -8.72
C TYR A 48 1.20 -4.99 -9.22
N THR A 49 0.57 -3.93 -8.76
CA THR A 49 1.01 -2.59 -9.11
C THR A 49 0.80 -1.61 -7.96
N MET A 50 1.35 -0.42 -8.13
CA MET A 50 1.17 0.66 -7.17
C MET A 50 -0.29 0.84 -6.77
N LYS A 51 -1.17 0.92 -7.76
CA LYS A 51 -2.57 1.25 -7.51
C LYS A 51 -3.33 0.01 -7.07
N GLU A 52 -2.94 -1.12 -7.62
CA GLU A 52 -3.47 -2.41 -7.20
C GLU A 52 -3.29 -2.60 -5.70
N VAL A 53 -2.04 -2.69 -5.26
CA VAL A 53 -1.73 -2.84 -3.84
C VAL A 53 -2.30 -1.68 -3.04
N LEU A 54 -2.47 -0.53 -3.69
CA LEU A 54 -3.05 0.64 -3.03
C LEU A 54 -4.37 0.28 -2.36
N PHE A 55 -5.41 0.12 -3.18
CA PHE A 55 -6.74 -0.17 -2.65
C PHE A 55 -6.79 -1.57 -2.05
N TYR A 56 -6.06 -2.50 -2.66
CA TYR A 56 -6.12 -3.91 -2.25
C TYR A 56 -5.59 -4.11 -0.84
N LEU A 57 -4.49 -3.44 -0.52
CA LEU A 57 -3.98 -3.44 0.85
C LEU A 57 -5.03 -2.83 1.78
N GLY A 58 -5.59 -1.70 1.37
CA GLY A 58 -6.74 -1.15 2.07
C GLY A 58 -7.85 -2.16 2.21
N GLN A 59 -8.00 -3.03 1.21
CA GLN A 59 -9.05 -4.05 1.23
C GLN A 59 -8.83 -5.03 2.36
N TYR A 60 -7.67 -5.70 2.35
CA TYR A 60 -7.40 -6.77 3.31
C TYR A 60 -7.54 -6.26 4.75
N ILE A 61 -7.12 -5.02 4.98
CA ILE A 61 -7.26 -4.41 6.30
C ILE A 61 -8.72 -4.38 6.73
N MET A 62 -9.52 -3.60 6.01
CA MET A 62 -10.91 -3.38 6.38
C MET A 62 -11.71 -4.68 6.36
N THR A 63 -11.36 -5.58 5.43
CA THR A 63 -12.20 -6.73 5.13
C THR A 63 -12.10 -7.80 6.21
N LYS A 64 -10.92 -7.93 6.82
CA LYS A 64 -10.66 -8.99 7.78
C LYS A 64 -10.88 -8.51 9.20
N ARG A 65 -11.48 -7.34 9.32
CA ARG A 65 -11.82 -6.77 10.63
C ARG A 65 -10.62 -6.81 11.58
N LEU A 66 -9.45 -6.51 11.05
CA LEU A 66 -8.23 -6.51 11.85
C LEU A 66 -7.97 -5.13 12.44
N TYR A 67 -8.79 -4.16 12.05
CA TYR A 67 -8.68 -2.80 12.57
C TYR A 67 -9.07 -2.76 14.05
N ASP A 68 -9.02 -1.56 14.63
CA ASP A 68 -9.40 -1.39 16.03
C ASP A 68 -10.84 -1.82 16.27
N GLU A 69 -11.77 -0.86 16.16
CA GLU A 69 -13.19 -1.15 16.35
C GLU A 69 -14.01 0.14 16.30
N LYS A 70 -13.38 1.24 16.70
CA LYS A 70 -14.02 2.54 16.68
C LYS A 70 -13.14 3.56 15.97
N GLN A 71 -11.86 3.54 16.32
CA GLN A 71 -10.83 4.18 15.49
C GLN A 71 -10.25 3.17 14.51
N GLN A 72 -11.02 2.88 13.46
CA GLN A 72 -10.66 1.82 12.52
C GLN A 72 -9.28 2.05 11.93
N HIS A 73 -8.77 3.27 12.07
CA HIS A 73 -7.43 3.59 11.57
C HIS A 73 -6.35 3.13 12.54
N ILE A 74 -6.74 2.29 13.51
CA ILE A 74 -5.76 1.63 14.37
C ILE A 74 -5.84 0.13 14.22
N VAL A 75 -5.12 -0.40 13.23
CA VAL A 75 -5.30 -1.78 12.82
C VAL A 75 -4.39 -2.72 13.60
N TYR A 76 -4.96 -3.36 14.62
CA TYR A 76 -4.23 -4.36 15.40
C TYR A 76 -3.97 -5.61 14.56
N CYS A 77 -2.70 -5.84 14.26
CA CYS A 77 -2.32 -6.94 13.38
C CYS A 77 -1.01 -7.59 13.83
N SER A 78 -1.09 -8.36 14.91
CA SER A 78 0.09 -9.06 15.44
C SER A 78 0.12 -10.50 14.93
N ASN A 79 -1.00 -10.96 14.40
CA ASN A 79 -1.11 -12.32 13.87
C ASN A 79 -1.84 -12.32 12.53
N ASP A 80 -1.43 -11.42 11.64
CA ASP A 80 -2.08 -11.28 10.35
C ASP A 80 -1.06 -11.29 9.22
N LEU A 81 -1.53 -11.55 8.00
CA LEU A 81 -0.68 -11.41 6.81
C LEU A 81 -0.16 -9.99 6.70
N LEU A 82 -1.01 -9.02 7.04
CA LEU A 82 -0.57 -7.64 7.17
C LEU A 82 0.59 -7.54 8.16
N GLY A 83 0.58 -8.42 9.16
CA GLY A 83 1.64 -8.46 10.14
C GLY A 83 2.98 -8.81 9.51
N ASP A 84 2.97 -9.78 8.59
CA ASP A 84 4.17 -10.13 7.85
C ASP A 84 4.77 -8.89 7.18
N LEU A 85 3.89 -7.97 6.76
CA LEU A 85 4.33 -6.69 6.21
C LEU A 85 5.00 -5.85 7.28
N PHE A 86 4.18 -5.21 8.10
CA PHE A 86 4.67 -4.23 9.05
C PHE A 86 5.15 -4.88 10.33
N GLY A 87 4.26 -5.61 10.99
CA GLY A 87 4.59 -6.23 12.26
C GLY A 87 4.10 -5.42 13.44
N VAL A 88 3.81 -4.14 13.20
CA VAL A 88 3.30 -3.25 14.23
C VAL A 88 2.13 -3.87 14.97
N PRO A 89 2.00 -3.58 16.27
CA PRO A 89 0.76 -3.82 17.02
C PRO A 89 -0.46 -3.21 16.33
N SER A 90 -0.25 -2.06 15.68
CA SER A 90 -1.33 -1.35 15.01
C SER A 90 -0.79 -0.32 14.02
N PHE A 91 -1.44 -0.19 12.87
CA PHE A 91 -1.01 0.78 11.87
C PHE A 91 -2.15 1.71 11.46
N SER A 92 -1.80 2.95 11.11
CA SER A 92 -2.79 3.95 10.76
C SER A 92 -3.01 4.00 9.25
N VAL A 93 -4.26 3.79 8.85
CA VAL A 93 -4.62 3.76 7.43
C VAL A 93 -5.02 5.14 6.93
N LYS A 94 -5.54 5.96 7.83
CA LYS A 94 -5.96 7.30 7.47
C LYS A 94 -4.82 8.08 6.82
N GLU A 95 -3.59 7.67 7.14
CA GLU A 95 -2.41 8.26 6.54
C GLU A 95 -1.80 7.32 5.50
N HIS A 96 -2.41 7.27 4.32
CA HIS A 96 -1.99 6.34 3.27
C HIS A 96 -0.55 6.61 2.84
N ARG A 97 -0.01 7.76 3.24
CA ARG A 97 1.37 8.11 2.93
C ARG A 97 2.33 7.16 3.61
N LYS A 98 2.25 7.08 4.94
CA LYS A 98 3.22 6.32 5.72
C LYS A 98 3.11 4.83 5.44
N ILE A 99 1.90 4.30 5.53
CA ILE A 99 1.65 2.90 5.20
C ILE A 99 2.29 2.53 3.89
N TYR A 100 1.86 3.23 2.84
CA TYR A 100 2.07 2.74 1.50
C TYR A 100 3.54 2.85 1.11
N THR A 101 4.25 3.78 1.75
CA THR A 101 5.67 3.99 1.49
C THR A 101 6.52 2.92 2.15
N MET A 102 6.09 2.44 3.31
CA MET A 102 6.79 1.37 4.01
C MET A 102 6.31 0.00 3.54
N ILE A 103 5.32 0.01 2.65
CA ILE A 103 4.96 -1.19 1.91
C ILE A 103 5.90 -1.39 0.72
N TYR A 104 6.16 -0.31 -0.01
CA TYR A 104 7.12 -0.34 -1.11
C TYR A 104 8.51 0.06 -0.64
N ARG A 105 9.35 -0.94 -0.37
CA ARG A 105 10.72 -0.69 0.08
C ARG A 105 11.64 -1.86 -0.28
N ASN A 106 11.35 -3.02 0.30
CA ASN A 106 12.15 -4.22 0.04
C ASN A 106 11.67 -4.93 -1.22
N LEU A 107 12.56 -5.01 -2.21
CA LEU A 107 12.22 -5.63 -3.49
C LEU A 107 11.00 -4.95 -4.10
N VAL A 108 11.23 -3.90 -4.89
CA VAL A 108 10.15 -3.08 -5.41
C VAL A 108 10.39 -2.71 -6.86
N VAL A 109 9.28 -2.47 -7.58
CA VAL A 109 9.32 -1.87 -8.92
C VAL A 109 10.09 -2.73 -9.92
N VAL A 110 9.79 -2.53 -11.20
CA VAL A 110 10.45 -3.29 -12.26
C VAL A 110 11.17 -2.36 -13.24
N ASN A 111 10.70 -1.11 -13.32
CA ASN A 111 11.28 -0.13 -14.23
C ASN A 111 12.33 0.71 -13.52
N GLN A 112 13.40 1.04 -14.24
CA GLN A 112 14.48 1.85 -13.69
C GLN A 112 15.09 2.75 -14.76
N GLN A 113 15.11 4.05 -14.50
CA GLN A 113 15.66 5.02 -15.44
C GLN A 113 14.97 4.94 -16.79
N GLU A 114 13.90 5.71 -16.95
CA GLU A 114 13.14 5.71 -18.20
C GLU A 114 13.63 6.81 -19.13
N SER A 115 14.09 7.92 -18.55
CA SER A 115 14.59 9.03 -19.34
C SER A 115 16.09 8.95 -19.55
N SER A 116 16.51 8.77 -20.79
CA SER A 116 17.93 8.67 -21.12
C SER A 116 18.20 9.19 -22.53
N ASP A 117 17.23 9.89 -23.09
CA ASP A 117 17.36 10.45 -24.44
C ASP A 117 17.84 11.89 -24.39
N SER A 118 17.00 12.75 -23.82
CA SER A 118 17.33 14.18 -23.70
C SER A 118 17.61 14.79 -25.07
N SER A 119 16.56 15.19 -25.76
CA SER A 119 16.70 15.79 -27.10
C SER A 119 16.83 17.31 -26.99
N MET A 1 9.56 46.69 -8.64
CA MET A 1 10.04 45.29 -8.54
C MET A 1 9.41 44.58 -7.34
N CYS A 2 8.31 45.13 -6.85
CA CYS A 2 7.62 44.56 -5.69
C CYS A 2 6.38 43.79 -6.13
N ASN A 3 5.87 44.13 -7.31
CA ASN A 3 4.67 43.48 -7.84
C ASN A 3 5.03 42.16 -8.50
N THR A 4 4.21 41.14 -8.25
CA THR A 4 4.44 39.82 -8.83
C THR A 4 3.12 39.10 -9.06
N ASN A 5 2.71 39.03 -10.33
CA ASN A 5 1.46 38.36 -10.69
C ASN A 5 1.72 36.94 -11.16
N MET A 6 1.55 35.98 -10.24
CA MET A 6 1.76 34.58 -10.56
C MET A 6 0.91 33.68 -9.67
N SER A 7 0.22 32.73 -10.28
CA SER A 7 -0.66 31.81 -9.54
C SER A 7 -0.76 30.47 -10.26
N VAL A 8 -0.41 30.46 -11.54
CA VAL A 8 -0.49 29.24 -12.35
C VAL A 8 0.89 28.82 -12.83
N PRO A 9 1.62 28.04 -12.01
CA PRO A 9 2.95 27.56 -12.37
C PRO A 9 2.92 26.45 -13.42
N THR A 10 4.04 25.76 -13.59
CA THR A 10 4.12 24.67 -14.55
C THR A 10 3.17 23.53 -14.18
N ASP A 11 3.07 23.26 -12.88
CA ASP A 11 2.20 22.19 -12.39
C ASP A 11 1.66 22.53 -11.00
N GLY A 12 0.39 22.91 -10.94
CA GLY A 12 -0.22 23.26 -9.67
C GLY A 12 -1.20 22.22 -9.20
N ALA A 13 -1.86 21.55 -10.14
CA ALA A 13 -2.84 20.51 -9.83
C ALA A 13 -3.97 21.07 -8.97
N VAL A 14 -4.86 20.17 -8.52
CA VAL A 14 -5.99 20.58 -7.69
C VAL A 14 -5.83 20.06 -6.26
N THR A 15 -5.96 18.74 -6.10
CA THR A 15 -5.83 18.13 -4.79
C THR A 15 -5.33 16.68 -4.91
N THR A 16 -4.09 16.46 -4.48
CA THR A 16 -3.49 15.14 -4.55
C THR A 16 -2.24 15.05 -3.68
N SER A 17 -2.06 13.91 -3.02
CA SER A 17 -0.92 13.69 -2.15
C SER A 17 0.18 12.93 -2.87
N GLN A 18 -0.06 11.64 -3.12
CA GLN A 18 0.89 10.80 -3.83
C GLN A 18 0.20 9.57 -4.38
N ILE A 19 -0.68 9.00 -3.57
CA ILE A 19 -1.03 7.60 -3.72
C ILE A 19 -2.06 7.36 -4.83
N PRO A 20 -2.88 8.37 -5.20
CA PRO A 20 -3.78 8.27 -6.35
C PRO A 20 -3.13 7.62 -7.55
N ALA A 21 -3.91 6.86 -8.31
CA ALA A 21 -3.39 6.13 -9.47
C ALA A 21 -2.85 7.09 -10.52
N SER A 22 -1.93 6.59 -11.34
CA SER A 22 -1.38 7.35 -12.46
C SER A 22 -0.59 8.56 -11.95
N GLU A 23 -0.34 8.60 -10.64
CA GLU A 23 0.51 9.63 -10.06
C GLU A 23 1.94 9.12 -9.91
N GLN A 24 2.17 8.34 -8.86
CA GLN A 24 3.42 7.61 -8.70
C GLN A 24 3.16 6.18 -8.27
N GLU A 25 3.02 5.28 -9.25
CA GLU A 25 2.57 3.93 -8.97
C GLU A 25 3.76 2.97 -8.91
N THR A 26 3.95 2.21 -9.97
CA THR A 26 4.83 1.04 -9.95
C THR A 26 4.48 0.05 -11.06
N LEU A 27 5.23 -1.04 -11.10
CA LEU A 27 4.69 -2.33 -11.46
C LEU A 27 5.40 -3.41 -10.68
N VAL A 28 5.08 -3.47 -9.39
CA VAL A 28 5.95 -4.09 -8.41
C VAL A 28 5.73 -5.59 -8.34
N ARG A 29 6.79 -6.31 -8.03
CA ARG A 29 6.73 -7.76 -7.96
C ARG A 29 7.31 -8.24 -6.63
N PRO A 30 6.55 -8.11 -5.53
CA PRO A 30 7.08 -8.21 -4.18
C PRO A 30 7.22 -9.64 -3.69
N LYS A 31 8.16 -9.85 -2.77
CA LYS A 31 8.29 -11.11 -2.05
C LYS A 31 6.95 -11.51 -1.43
N PRO A 32 6.65 -12.83 -1.39
CA PRO A 32 5.42 -13.35 -0.77
C PRO A 32 5.19 -12.76 0.63
N LEU A 33 4.44 -11.66 0.68
CA LEU A 33 4.09 -11.01 1.94
C LEU A 33 3.21 -9.79 1.66
N LEU A 34 3.07 -9.45 0.38
CA LEU A 34 2.03 -8.53 -0.06
C LEU A 34 0.95 -9.28 -0.83
N LEU A 35 1.25 -10.53 -1.16
CA LEU A 35 0.38 -11.31 -2.02
C LEU A 35 -0.45 -12.29 -1.20
N LYS A 36 0.17 -12.88 -0.19
CA LYS A 36 -0.57 -13.59 0.85
C LYS A 36 -1.51 -12.63 1.56
N LEU A 37 -1.40 -11.36 1.21
CA LEU A 37 -2.21 -10.31 1.80
C LEU A 37 -3.39 -9.98 0.89
N LEU A 38 -3.11 -9.92 -0.42
CA LEU A 38 -4.11 -9.48 -1.39
C LEU A 38 -4.78 -10.67 -2.07
N LYS A 39 -4.00 -11.68 -2.41
CA LYS A 39 -4.55 -12.93 -2.91
C LYS A 39 -5.48 -13.55 -1.88
N SER A 40 -5.35 -13.10 -0.63
CA SER A 40 -6.26 -13.51 0.42
C SER A 40 -7.66 -12.97 0.20
N VAL A 41 -7.74 -11.65 -0.05
CA VAL A 41 -9.04 -11.02 -0.32
C VAL A 41 -9.69 -11.63 -1.55
N GLY A 42 -8.96 -11.65 -2.65
CA GLY A 42 -9.50 -12.14 -3.90
C GLY A 42 -8.50 -12.08 -5.04
N ALA A 43 -7.45 -11.29 -4.83
CA ALA A 43 -6.41 -11.13 -5.85
C ALA A 43 -5.82 -12.46 -6.26
N GLN A 44 -5.17 -12.49 -7.42
CA GLN A 44 -4.55 -13.71 -7.93
C GLN A 44 -3.72 -13.43 -9.17
N LYS A 45 -2.53 -12.86 -8.97
CA LYS A 45 -1.61 -12.57 -10.07
C LYS A 45 -0.18 -12.84 -9.66
N ASP A 46 0.75 -12.66 -10.60
CA ASP A 46 2.17 -12.83 -10.33
C ASP A 46 2.80 -11.50 -9.90
N THR A 47 2.16 -10.40 -10.30
CA THR A 47 2.63 -9.07 -9.92
C THR A 47 1.47 -8.18 -9.53
N TYR A 48 1.79 -7.02 -8.97
CA TYR A 48 0.76 -6.06 -8.58
C TYR A 48 1.22 -4.64 -8.82
N THR A 49 0.33 -3.71 -8.52
CA THR A 49 0.64 -2.28 -8.67
C THR A 49 0.16 -1.50 -7.46
N MET A 50 0.54 -0.22 -7.40
CA MET A 50 0.24 0.61 -6.25
C MET A 50 -1.25 0.97 -6.19
N LYS A 51 -1.91 0.91 -7.33
CA LYS A 51 -3.35 1.15 -7.38
C LYS A 51 -4.11 -0.11 -6.96
N GLU A 52 -3.67 -1.25 -7.48
CA GLU A 52 -4.17 -2.53 -7.03
C GLU A 52 -4.07 -2.63 -5.52
N VAL A 53 -2.85 -2.66 -5.01
CA VAL A 53 -2.61 -2.72 -3.57
C VAL A 53 -3.32 -1.58 -2.84
N LEU A 54 -3.50 -0.46 -3.53
CA LEU A 54 -4.18 0.69 -2.94
C LEU A 54 -5.52 0.28 -2.33
N PHE A 55 -6.49 -0.01 -3.18
CA PHE A 55 -7.84 -0.33 -2.73
C PHE A 55 -7.92 -1.76 -2.20
N TYR A 56 -7.01 -2.61 -2.67
CA TYR A 56 -7.03 -4.02 -2.31
C TYR A 56 -6.54 -4.23 -0.88
N LEU A 57 -5.35 -3.74 -0.59
CA LEU A 57 -4.86 -3.72 0.79
C LEU A 57 -5.86 -3.03 1.68
N GLY A 58 -6.40 -1.91 1.21
CA GLY A 58 -7.49 -1.25 1.92
C GLY A 58 -8.56 -2.23 2.36
N GLN A 59 -8.86 -3.21 1.50
CA GLN A 59 -9.76 -4.30 1.89
C GLN A 59 -9.18 -5.06 3.08
N TYR A 60 -8.12 -5.82 2.83
CA TYR A 60 -7.62 -6.79 3.80
C TYR A 60 -7.47 -6.15 5.18
N ILE A 61 -7.06 -4.89 5.20
CA ILE A 61 -7.06 -4.11 6.43
C ILE A 61 -8.43 -4.11 7.08
N MET A 62 -9.38 -3.44 6.43
CA MET A 62 -10.73 -3.30 6.98
C MET A 62 -11.71 -4.26 6.29
N THR A 63 -11.30 -5.50 6.10
CA THR A 63 -12.20 -6.54 5.59
C THR A 63 -12.14 -7.79 6.45
N LYS A 64 -10.94 -8.18 6.85
CA LYS A 64 -10.75 -9.43 7.60
C LYS A 64 -10.74 -9.17 9.10
N ARG A 65 -11.35 -8.06 9.50
CA ARG A 65 -11.45 -7.71 10.92
C ARG A 65 -10.07 -7.64 11.56
N LEU A 66 -9.26 -6.69 11.10
CA LEU A 66 -7.91 -6.50 11.62
C LEU A 66 -7.73 -5.09 12.18
N TYR A 67 -8.69 -4.23 11.89
CA TYR A 67 -8.63 -2.83 12.35
C TYR A 67 -8.93 -2.75 13.84
N ASP A 68 -8.94 -1.52 14.36
CA ASP A 68 -9.21 -1.31 15.79
C ASP A 68 -10.66 -1.66 16.13
N GLU A 69 -11.53 -0.67 16.12
CA GLU A 69 -12.94 -0.86 16.46
C GLU A 69 -13.68 0.47 16.48
N LYS A 70 -12.96 1.53 16.83
CA LYS A 70 -13.53 2.87 16.87
C LYS A 70 -12.93 3.73 15.77
N GLN A 71 -11.64 4.01 15.89
CA GLN A 71 -10.86 4.52 14.77
C GLN A 71 -10.28 3.35 13.98
N GLN A 72 -11.01 2.91 12.96
CA GLN A 72 -10.63 1.74 12.18
C GLN A 72 -9.25 1.91 11.57
N HIS A 73 -8.75 3.15 11.59
CA HIS A 73 -7.45 3.44 11.02
C HIS A 73 -6.32 2.86 11.87
N ILE A 74 -6.66 2.34 13.04
CA ILE A 74 -5.66 1.70 13.89
C ILE A 74 -5.71 0.18 13.72
N VAL A 75 -4.85 -0.32 12.86
CA VAL A 75 -4.98 -1.69 12.39
C VAL A 75 -4.09 -2.64 13.17
N TYR A 76 -4.65 -3.23 14.22
CA TYR A 76 -3.95 -4.22 15.02
C TYR A 76 -3.63 -5.46 14.18
N CYS A 77 -2.34 -5.74 14.02
CA CYS A 77 -1.89 -6.81 13.13
C CYS A 77 -1.12 -7.88 13.92
N SER A 78 -1.81 -8.52 14.86
CA SER A 78 -1.19 -9.54 15.70
C SER A 78 -1.38 -10.94 15.12
N ASN A 79 -2.15 -11.02 14.04
CA ASN A 79 -2.42 -12.30 13.38
C ASN A 79 -2.12 -12.22 11.88
N ASP A 80 -2.81 -11.31 11.20
CA ASP A 80 -2.56 -11.07 9.78
C ASP A 80 -1.09 -10.75 9.52
N LEU A 81 -0.43 -10.19 10.53
CA LEU A 81 0.87 -9.58 10.33
C LEU A 81 0.83 -8.61 9.16
N LEU A 82 -0.38 -8.14 8.83
CA LEU A 82 -0.57 -7.23 7.72
C LEU A 82 0.18 -7.73 6.50
N GLY A 83 0.02 -9.01 6.22
CA GLY A 83 0.53 -9.56 5.00
C GLY A 83 1.70 -10.48 5.21
N ASP A 84 2.10 -10.65 6.48
CA ASP A 84 3.47 -11.04 6.79
C ASP A 84 4.42 -9.86 6.58
N LEU A 85 3.85 -8.75 6.12
CA LEU A 85 4.62 -7.74 5.42
C LEU A 85 5.08 -6.65 6.37
N PHE A 86 4.25 -6.34 7.36
CA PHE A 86 4.54 -5.26 8.29
C PHE A 86 4.57 -5.77 9.72
N GLY A 87 3.83 -6.84 9.98
CA GLY A 87 3.82 -7.44 11.30
C GLY A 87 3.43 -6.46 12.39
N VAL A 88 2.87 -5.33 11.99
CA VAL A 88 2.55 -4.25 12.91
C VAL A 88 1.87 -4.76 14.17
N PRO A 89 2.04 -4.02 15.28
CA PRO A 89 1.03 -3.98 16.34
C PRO A 89 -0.22 -3.23 15.90
N SER A 90 -0.01 -2.17 15.13
CA SER A 90 -1.11 -1.37 14.58
C SER A 90 -0.56 -0.30 13.63
N PHE A 91 -1.21 -0.13 12.49
CA PHE A 91 -0.80 0.90 11.55
C PHE A 91 -1.93 1.86 11.22
N SER A 92 -1.58 3.11 10.98
CA SER A 92 -2.57 4.13 10.61
C SER A 92 -2.74 4.19 9.10
N VAL A 93 -3.67 3.40 8.58
CA VAL A 93 -3.97 3.41 7.16
C VAL A 93 -4.37 4.82 6.70
N LYS A 94 -5.02 5.56 7.59
CA LYS A 94 -5.41 6.94 7.31
C LYS A 94 -4.20 7.75 6.85
N GLU A 95 -3.02 7.37 7.33
CA GLU A 95 -1.77 7.98 6.88
C GLU A 95 -1.21 7.21 5.69
N HIS A 96 -1.97 7.17 4.59
CA HIS A 96 -1.56 6.44 3.40
C HIS A 96 -0.21 6.92 2.90
N ARG A 97 0.11 8.18 3.18
CA ARG A 97 1.39 8.76 2.77
C ARG A 97 2.54 7.92 3.30
N LYS A 98 2.69 7.90 4.62
CA LYS A 98 3.78 7.17 5.26
C LYS A 98 3.57 5.66 5.12
N ILE A 99 2.36 5.22 5.43
CA ILE A 99 2.04 3.79 5.49
C ILE A 99 2.45 3.08 4.19
N TYR A 100 2.32 3.78 3.06
CA TYR A 100 2.67 3.21 1.77
C TYR A 100 4.14 3.46 1.43
N THR A 101 4.69 4.57 1.92
CA THR A 101 6.09 4.90 1.68
C THR A 101 7.02 4.05 2.54
N MET A 102 6.45 3.32 3.48
CA MET A 102 7.22 2.37 4.28
C MET A 102 6.91 0.93 3.88
N ILE A 103 5.74 0.72 3.28
CA ILE A 103 5.47 -0.54 2.58
C ILE A 103 6.50 -0.79 1.48
N TYR A 104 6.75 0.24 0.68
CA TYR A 104 7.71 0.15 -0.41
C TYR A 104 9.08 0.67 0.01
N ARG A 105 10.06 -0.22 0.07
CA ARG A 105 11.42 0.15 0.44
C ARG A 105 12.13 0.82 -0.73
N ASN A 106 11.52 0.72 -1.91
CA ASN A 106 12.09 1.30 -3.12
C ASN A 106 13.40 0.62 -3.48
N LEU A 107 13.34 -0.70 -3.66
CA LEU A 107 14.53 -1.48 -4.03
C LEU A 107 14.26 -2.29 -5.29
N VAL A 108 13.21 -3.10 -5.25
CA VAL A 108 12.84 -3.92 -6.41
C VAL A 108 11.59 -3.38 -7.09
N VAL A 109 11.77 -2.35 -7.92
CA VAL A 109 10.66 -1.72 -8.63
C VAL A 109 11.05 -1.41 -10.06
N VAL A 110 10.07 -0.96 -10.85
CA VAL A 110 10.30 -0.61 -12.24
C VAL A 110 10.45 0.91 -12.40
N ASN A 111 11.35 1.33 -13.29
CA ASN A 111 11.63 2.75 -13.49
C ASN A 111 11.27 3.18 -14.90
N GLN A 112 11.45 2.28 -15.86
CA GLN A 112 11.18 2.58 -17.26
C GLN A 112 11.99 3.78 -17.74
N GLN A 113 13.06 4.09 -17.02
CA GLN A 113 13.90 5.23 -17.35
C GLN A 113 15.35 4.98 -16.94
N GLU A 114 16.28 5.55 -17.70
CA GLU A 114 17.70 5.40 -17.40
C GLU A 114 18.05 6.00 -16.04
N SER A 115 18.25 5.14 -15.05
CA SER A 115 18.56 5.59 -13.70
C SER A 115 19.87 6.38 -13.67
N SER A 116 19.76 7.69 -13.50
CA SER A 116 20.93 8.56 -13.45
C SER A 116 20.84 9.51 -12.26
N ASP A 117 19.96 9.19 -11.31
CA ASP A 117 19.78 10.02 -10.13
C ASP A 117 19.96 9.20 -8.85
N SER A 118 19.86 9.87 -7.71
CA SER A 118 20.01 9.21 -6.41
C SER A 118 21.28 8.38 -6.35
N SER A 119 21.38 7.52 -5.34
CA SER A 119 22.56 6.67 -5.16
C SER A 119 22.38 5.35 -5.91
N MET A 1 23.94 20.99 -4.11
CA MET A 1 23.59 19.63 -4.61
C MET A 1 22.29 19.14 -3.98
N CYS A 2 21.18 19.29 -4.71
CA CYS A 2 19.87 18.85 -4.24
C CYS A 2 19.68 19.18 -2.76
N ASN A 3 20.10 20.38 -2.36
CA ASN A 3 19.96 20.80 -0.98
C ASN A 3 19.52 22.26 -0.89
N THR A 4 19.99 23.07 -1.84
CA THR A 4 19.65 24.48 -1.88
C THR A 4 18.42 24.72 -2.77
N ASN A 5 18.41 24.09 -3.93
CA ASN A 5 17.29 24.22 -4.86
C ASN A 5 16.13 23.32 -4.45
N MET A 6 16.45 22.16 -3.90
CA MET A 6 15.44 21.22 -3.44
C MET A 6 15.15 21.42 -1.96
N SER A 7 14.47 22.52 -1.63
CA SER A 7 14.17 22.85 -0.24
C SER A 7 12.76 22.39 0.13
N VAL A 8 12.39 21.21 -0.34
CA VAL A 8 11.08 20.65 -0.04
C VAL A 8 11.05 19.98 1.34
N PRO A 9 10.26 20.53 2.27
CA PRO A 9 10.15 20.00 3.64
C PRO A 9 9.30 18.73 3.69
N THR A 10 8.38 18.60 2.74
CA THR A 10 7.49 17.45 2.67
C THR A 10 6.80 17.19 4.01
N ASP A 11 6.14 16.04 4.12
CA ASP A 11 5.42 15.68 5.33
C ASP A 11 4.40 16.75 5.71
N GLY A 12 3.90 17.46 4.71
CA GLY A 12 2.91 18.50 4.95
C GLY A 12 1.52 18.08 4.52
N ALA A 13 0.50 18.71 5.11
CA ALA A 13 -0.88 18.39 4.78
C ALA A 13 -1.82 19.52 5.19
N VAL A 14 -2.70 19.91 4.28
CA VAL A 14 -3.68 20.95 4.55
C VAL A 14 -5.06 20.34 4.81
N THR A 15 -5.52 19.53 3.88
CA THR A 15 -6.82 18.87 4.01
C THR A 15 -6.69 17.37 3.76
N THR A 16 -6.92 16.58 4.80
CA THR A 16 -6.76 15.12 4.72
C THR A 16 -5.40 14.74 4.13
N SER A 17 -5.24 13.46 3.84
CA SER A 17 -3.97 12.97 3.29
C SER A 17 -4.14 11.56 2.71
N GLN A 18 -3.41 11.28 1.63
CA GLN A 18 -3.43 9.97 1.01
C GLN A 18 -2.23 9.77 0.14
N ILE A 19 -2.36 8.88 -0.83
CA ILE A 19 -1.44 8.82 -1.93
C ILE A 19 -2.14 8.40 -3.22
N PRO A 20 -1.69 8.95 -4.36
CA PRO A 20 -2.02 8.44 -5.69
C PRO A 20 -0.98 7.44 -6.18
N ALA A 21 -1.13 6.19 -5.75
CA ALA A 21 -0.07 5.20 -5.90
C ALA A 21 1.16 5.60 -5.08
N SER A 22 2.27 4.89 -5.28
CA SER A 22 3.46 5.09 -4.46
C SER A 22 4.18 6.39 -4.86
N GLU A 23 3.58 7.53 -4.49
CA GLU A 23 4.09 8.83 -4.92
C GLU A 23 4.21 8.89 -6.43
N GLN A 24 3.65 7.89 -7.11
CA GLN A 24 3.80 7.73 -8.56
C GLN A 24 3.04 6.51 -9.05
N GLU A 25 3.69 5.34 -8.98
CA GLU A 25 3.00 4.07 -9.17
C GLU A 25 3.93 2.89 -8.85
N THR A 26 4.76 2.51 -9.82
CA THR A 26 5.48 1.24 -9.77
C THR A 26 4.55 0.11 -10.14
N LEU A 27 5.11 -0.93 -10.74
CA LEU A 27 4.44 -2.21 -10.74
C LEU A 27 5.00 -3.08 -9.65
N VAL A 28 4.11 -3.61 -8.84
CA VAL A 28 4.50 -4.15 -7.56
C VAL A 28 4.46 -5.65 -7.56
N ARG A 29 5.51 -6.22 -7.02
CA ARG A 29 5.63 -7.66 -6.98
C ARG A 29 6.74 -8.10 -6.02
N PRO A 30 6.59 -7.75 -4.73
CA PRO A 30 7.66 -7.82 -3.75
C PRO A 30 7.70 -9.14 -2.98
N LYS A 31 7.79 -10.24 -3.72
CA LYS A 31 7.86 -11.57 -3.11
C LYS A 31 6.58 -11.88 -2.35
N PRO A 32 6.26 -13.19 -2.20
CA PRO A 32 5.02 -13.63 -1.53
C PRO A 32 4.90 -13.10 -0.10
N LEU A 33 4.40 -11.87 0.03
CA LEU A 33 4.16 -11.26 1.33
C LEU A 33 3.47 -9.91 1.18
N LEU A 34 3.34 -9.46 -0.06
CA LEU A 34 2.44 -8.36 -0.40
C LEU A 34 1.22 -8.91 -1.13
N LEU A 35 1.30 -10.18 -1.49
CA LEU A 35 0.25 -10.80 -2.29
C LEU A 35 -0.38 -11.96 -1.54
N LYS A 36 0.39 -12.57 -0.65
CA LYS A 36 -0.17 -13.30 0.47
C LYS A 36 -1.02 -12.34 1.31
N LEU A 37 -0.80 -11.06 1.06
CA LEU A 37 -1.57 -10.01 1.71
C LEU A 37 -2.87 -9.76 0.94
N LEU A 38 -2.75 -9.69 -0.39
CA LEU A 38 -3.84 -9.23 -1.24
C LEU A 38 -4.65 -10.40 -1.80
N LYS A 39 -3.96 -11.36 -2.41
CA LYS A 39 -4.61 -12.52 -3.00
C LYS A 39 -5.63 -13.14 -2.05
N SER A 40 -5.45 -12.87 -0.76
CA SER A 40 -6.39 -13.35 0.25
C SER A 40 -7.74 -12.65 0.13
N VAL A 41 -7.72 -11.32 0.11
CA VAL A 41 -8.95 -10.53 0.14
C VAL A 41 -9.73 -10.65 -1.17
N GLY A 42 -9.05 -11.10 -2.23
CA GLY A 42 -9.75 -11.35 -3.48
C GLY A 42 -8.81 -11.57 -4.66
N ALA A 43 -7.72 -10.83 -4.69
CA ALA A 43 -6.85 -10.80 -5.87
C ALA A 43 -6.26 -12.16 -6.16
N GLN A 44 -5.65 -12.31 -7.34
CA GLN A 44 -5.03 -13.57 -7.74
C GLN A 44 -4.33 -13.43 -9.09
N LYS A 45 -3.13 -12.86 -9.07
CA LYS A 45 -2.28 -12.82 -10.27
C LYS A 45 -0.82 -13.05 -9.91
N ASP A 46 0.07 -12.72 -10.83
CA ASP A 46 1.51 -12.75 -10.55
C ASP A 46 2.01 -11.37 -10.16
N THR A 47 1.54 -10.35 -10.87
CA THR A 47 1.96 -8.98 -10.61
C THR A 47 0.78 -8.08 -10.30
N TYR A 48 1.04 -7.08 -9.45
CA TYR A 48 0.05 -6.09 -9.12
C TYR A 48 0.44 -4.75 -9.72
N THR A 49 -0.38 -3.75 -9.45
CA THR A 49 0.03 -2.37 -9.67
C THR A 49 -0.47 -1.48 -8.54
N MET A 50 0.21 -0.37 -8.33
CA MET A 50 0.08 0.38 -7.10
C MET A 50 -1.36 0.86 -6.87
N LYS A 51 -2.16 0.82 -7.93
CA LYS A 51 -3.56 1.23 -7.82
C LYS A 51 -4.42 0.04 -7.40
N GLU A 52 -4.08 -1.12 -7.94
CA GLU A 52 -4.70 -2.37 -7.54
C GLU A 52 -4.42 -2.64 -6.06
N VAL A 53 -3.15 -2.74 -5.71
CA VAL A 53 -2.74 -2.96 -4.33
C VAL A 53 -3.14 -1.78 -3.45
N LEU A 54 -3.33 -0.61 -4.06
CA LEU A 54 -3.91 0.53 -3.35
C LEU A 54 -5.21 0.14 -2.66
N PHE A 55 -6.22 -0.20 -3.46
CA PHE A 55 -7.55 -0.47 -2.91
C PHE A 55 -7.63 -1.90 -2.36
N TYR A 56 -6.69 -2.75 -2.78
CA TYR A 56 -6.70 -4.15 -2.38
C TYR A 56 -6.07 -4.34 -1.01
N LEU A 57 -5.08 -3.52 -0.69
CA LEU A 57 -4.45 -3.57 0.61
C LEU A 57 -5.28 -2.79 1.62
N GLY A 58 -5.78 -1.64 1.20
CA GLY A 58 -6.73 -0.90 2.02
C GLY A 58 -7.89 -1.77 2.45
N GLN A 59 -8.40 -2.58 1.53
CA GLN A 59 -9.57 -3.42 1.82
C GLN A 59 -9.20 -4.59 2.73
N TYR A 60 -8.08 -5.25 2.43
CA TYR A 60 -7.66 -6.39 3.24
C TYR A 60 -7.45 -5.99 4.70
N ILE A 61 -6.82 -4.83 4.91
CA ILE A 61 -6.69 -4.27 6.25
C ILE A 61 -8.05 -4.17 6.93
N MET A 62 -8.90 -3.31 6.39
CA MET A 62 -10.24 -3.12 6.95
C MET A 62 -11.04 -4.41 6.95
N THR A 63 -10.54 -5.43 6.26
CA THR A 63 -11.18 -6.74 6.23
C THR A 63 -10.45 -7.72 7.15
N LYS A 64 -11.12 -8.84 7.47
CA LYS A 64 -10.50 -9.90 8.26
C LYS A 64 -10.22 -9.45 9.69
N ARG A 65 -11.12 -8.62 10.22
CA ARG A 65 -11.03 -8.14 11.60
C ARG A 65 -9.58 -7.80 11.97
N LEU A 66 -8.87 -7.16 11.05
CA LEU A 66 -7.54 -6.66 11.35
C LEU A 66 -7.59 -5.22 11.83
N TYR A 67 -8.52 -4.45 11.28
CA TYR A 67 -8.63 -3.02 11.61
C TYR A 67 -9.03 -2.83 13.07
N ASP A 68 -9.26 -1.57 13.45
CA ASP A 68 -9.62 -1.26 14.82
C ASP A 68 -11.13 -1.39 15.04
N GLU A 69 -11.84 -0.27 14.94
CA GLU A 69 -13.30 -0.27 15.09
C GLU A 69 -13.86 1.15 15.00
N LYS A 70 -13.07 2.11 15.48
CA LYS A 70 -13.51 3.50 15.52
C LYS A 70 -13.94 3.97 14.13
N GLN A 71 -12.98 4.07 13.22
CA GLN A 71 -13.28 4.38 11.83
C GLN A 71 -12.35 3.61 10.90
N GLN A 72 -11.88 2.46 11.36
CA GLN A 72 -11.06 1.57 10.55
C GLN A 72 -9.76 2.27 10.14
N HIS A 73 -9.39 3.30 10.89
CA HIS A 73 -8.15 4.04 10.61
C HIS A 73 -6.96 3.40 11.30
N ILE A 74 -7.21 2.78 12.45
CA ILE A 74 -6.20 1.95 13.10
C ILE A 74 -6.41 0.49 12.71
N VAL A 75 -5.37 -0.31 12.88
CA VAL A 75 -5.43 -1.73 12.54
C VAL A 75 -4.31 -2.50 13.20
N TYR A 76 -4.63 -3.19 14.28
CA TYR A 76 -3.66 -3.99 15.01
C TYR A 76 -3.53 -5.38 14.40
N CYS A 77 -2.28 -5.84 14.25
CA CYS A 77 -2.01 -7.07 13.53
C CYS A 77 -0.96 -7.90 14.24
N SER A 78 -1.36 -8.56 15.33
CA SER A 78 -0.51 -9.52 16.00
C SER A 78 -0.71 -10.91 15.42
N ASN A 79 0.33 -11.43 14.77
CA ASN A 79 0.25 -12.72 14.08
C ASN A 79 -0.81 -12.67 12.98
N ASP A 80 -0.53 -11.90 11.93
CA ASP A 80 -1.46 -11.73 10.83
C ASP A 80 -0.71 -11.62 9.49
N LEU A 81 -1.45 -11.78 8.40
CA LEU A 81 -0.86 -11.63 7.07
C LEU A 81 -0.42 -10.19 6.85
N LEU A 82 -1.25 -9.26 7.30
CA LEU A 82 -0.85 -7.86 7.40
C LEU A 82 0.43 -7.74 8.22
N GLY A 83 0.63 -8.69 9.13
CA GLY A 83 1.87 -8.74 9.88
C GLY A 83 3.07 -9.00 9.01
N ASP A 84 2.91 -9.89 8.02
CA ASP A 84 3.95 -10.15 7.05
C ASP A 84 4.39 -8.86 6.37
N LEU A 85 3.46 -7.91 6.24
CA LEU A 85 3.78 -6.59 5.73
C LEU A 85 4.73 -5.86 6.68
N PHE A 86 4.17 -5.34 7.76
CA PHE A 86 4.91 -4.45 8.65
C PHE A 86 5.67 -5.24 9.71
N GLY A 87 4.91 -5.88 10.59
CA GLY A 87 5.49 -6.46 11.79
C GLY A 87 4.93 -5.85 13.05
N VAL A 88 4.65 -4.54 12.99
CA VAL A 88 4.06 -3.84 14.11
C VAL A 88 2.85 -4.57 14.67
N PRO A 89 2.60 -4.41 15.99
CA PRO A 89 1.30 -4.74 16.58
C PRO A 89 0.20 -3.77 16.16
N SER A 90 0.59 -2.69 15.47
CA SER A 90 -0.38 -1.67 15.07
C SER A 90 0.15 -0.83 13.90
N PHE A 91 -0.74 -0.46 12.99
CA PHE A 91 -0.44 0.56 12.00
C PHE A 91 -1.69 1.36 11.62
N SER A 92 -1.49 2.48 10.96
CA SER A 92 -2.58 3.43 10.71
C SER A 92 -2.72 3.71 9.21
N VAL A 93 -3.93 3.51 8.71
CA VAL A 93 -4.24 3.84 7.32
C VAL A 93 -4.60 5.31 7.16
N LYS A 94 -4.97 5.94 8.27
CA LYS A 94 -5.28 7.37 8.27
C LYS A 94 -4.13 8.17 7.66
N GLU A 95 -2.91 7.72 7.91
CA GLU A 95 -1.73 8.31 7.28
C GLU A 95 -1.23 7.42 6.14
N HIS A 96 -1.77 7.65 4.94
CA HIS A 96 -1.53 6.76 3.81
C HIS A 96 -0.09 6.87 3.32
N ARG A 97 0.45 8.09 3.33
CA ARG A 97 1.80 8.34 2.87
C ARG A 97 2.79 7.49 3.66
N LYS A 98 2.68 7.54 4.99
CA LYS A 98 3.62 6.85 5.86
C LYS A 98 3.31 5.36 5.95
N ILE A 99 2.04 5.01 5.81
CA ILE A 99 1.62 3.62 5.93
C ILE A 99 2.13 2.79 4.74
N TYR A 100 2.16 3.41 3.57
CA TYR A 100 2.59 2.71 2.36
C TYR A 100 4.11 2.77 2.21
N THR A 101 4.73 3.82 2.71
CA THR A 101 6.18 3.94 2.66
C THR A 101 6.85 2.91 3.56
N MET A 102 6.14 2.50 4.61
CA MET A 102 6.57 1.37 5.42
C MET A 102 6.39 0.07 4.66
N ILE A 103 5.21 -0.12 4.09
CA ILE A 103 4.87 -1.35 3.41
C ILE A 103 5.97 -1.76 2.43
N TYR A 104 6.54 -0.76 1.75
CA TYR A 104 7.60 -1.01 0.79
C TYR A 104 8.97 -0.66 1.36
N ARG A 105 9.81 -1.68 1.57
CA ARG A 105 11.14 -1.48 2.10
C ARG A 105 12.16 -2.32 1.35
N ASN A 106 11.70 -3.43 0.78
CA ASN A 106 12.56 -4.31 0.01
C ASN A 106 12.76 -3.78 -1.41
N LEU A 107 13.81 -4.25 -2.07
CA LEU A 107 14.14 -3.80 -3.42
C LEU A 107 13.54 -4.75 -4.46
N VAL A 108 12.25 -5.04 -4.31
CA VAL A 108 11.57 -5.92 -5.25
C VAL A 108 10.30 -5.27 -5.79
N VAL A 109 10.47 -4.35 -6.74
CA VAL A 109 9.35 -3.62 -7.31
C VAL A 109 9.55 -3.40 -8.82
N VAL A 110 8.76 -2.49 -9.39
CA VAL A 110 8.83 -2.15 -10.81
C VAL A 110 9.12 -3.38 -11.69
N ASN A 111 10.39 -3.69 -11.92
CA ASN A 111 10.78 -4.81 -12.77
C ASN A 111 10.08 -4.73 -14.12
N GLN A 112 10.60 -3.88 -15.00
CA GLN A 112 10.04 -3.72 -16.34
C GLN A 112 10.99 -2.96 -17.25
N GLN A 113 10.70 -2.95 -18.54
CA GLN A 113 11.54 -2.27 -19.51
C GLN A 113 10.89 -0.96 -19.97
N GLU A 114 10.81 0.00 -19.06
CA GLU A 114 10.22 1.30 -19.36
C GLU A 114 10.60 2.33 -18.30
N SER A 115 11.65 3.09 -18.57
CA SER A 115 12.12 4.11 -17.63
C SER A 115 12.90 5.20 -18.36
N SER A 116 13.77 4.78 -19.27
CA SER A 116 14.59 5.73 -20.03
C SER A 116 14.63 5.35 -21.51
N ASP A 117 15.22 6.21 -22.33
CA ASP A 117 15.32 5.98 -23.76
C ASP A 117 16.72 6.32 -24.28
N SER A 118 17.21 5.51 -25.22
CA SER A 118 18.53 5.74 -25.79
C SER A 118 18.44 5.95 -27.30
N SER A 119 17.24 6.26 -27.77
CA SER A 119 17.02 6.48 -29.20
C SER A 119 17.09 7.98 -29.52
N MET A 1 -34.68 -5.36 -2.38
CA MET A 1 -35.67 -5.25 -3.50
C MET A 1 -36.62 -4.08 -3.26
N CYS A 2 -36.07 -2.88 -3.13
CA CYS A 2 -36.87 -1.69 -2.91
C CYS A 2 -36.56 -0.63 -3.97
N ASN A 3 -36.37 -1.08 -5.21
CA ASN A 3 -36.04 -0.18 -6.31
C ASN A 3 -34.79 0.62 -5.99
N THR A 4 -33.63 0.01 -6.23
CA THR A 4 -32.35 0.67 -5.96
C THR A 4 -31.36 0.43 -7.10
N ASN A 5 -30.29 1.22 -7.11
CA ASN A 5 -29.27 1.10 -8.14
C ASN A 5 -29.88 1.29 -9.53
N MET A 6 -29.98 2.54 -9.96
CA MET A 6 -30.54 2.86 -11.27
C MET A 6 -29.70 3.91 -11.98
N SER A 7 -28.85 4.60 -11.21
CA SER A 7 -27.99 5.64 -11.77
C SER A 7 -26.77 5.87 -10.87
N VAL A 8 -26.40 4.84 -10.12
CA VAL A 8 -25.26 4.93 -9.21
C VAL A 8 -24.07 4.17 -9.75
N PRO A 9 -23.10 4.87 -10.36
CA PRO A 9 -21.88 4.24 -10.90
C PRO A 9 -21.13 3.42 -9.87
N THR A 10 -20.69 2.23 -10.27
CA THR A 10 -19.97 1.34 -9.37
C THR A 10 -18.47 1.65 -9.39
N ASP A 11 -18.02 2.33 -10.44
CA ASP A 11 -16.62 2.70 -10.57
C ASP A 11 -16.46 3.88 -11.52
N GLY A 12 -15.82 4.94 -11.03
CA GLY A 12 -15.60 6.13 -11.83
C GLY A 12 -15.20 7.33 -11.01
N ALA A 13 -15.80 7.47 -9.84
CA ALA A 13 -15.49 8.58 -8.95
C ALA A 13 -14.24 8.31 -8.13
N VAL A 14 -13.94 9.20 -7.19
CA VAL A 14 -12.76 9.06 -6.35
C VAL A 14 -12.97 7.97 -5.30
N THR A 15 -12.21 8.04 -4.21
CA THR A 15 -12.24 7.01 -3.18
C THR A 15 -11.89 7.60 -1.82
N THR A 16 -12.10 8.90 -1.68
CA THR A 16 -11.82 9.60 -0.43
C THR A 16 -10.32 9.57 -0.12
N SER A 17 -9.86 8.47 0.46
CA SER A 17 -8.45 8.32 0.81
C SER A 17 -7.63 7.87 -0.39
N GLN A 18 -6.34 8.17 -0.36
CA GLN A 18 -5.44 7.79 -1.44
C GLN A 18 -4.01 7.76 -0.98
N ILE A 19 -3.11 8.04 -1.91
CA ILE A 19 -1.75 8.37 -1.56
C ILE A 19 -1.16 9.39 -2.53
N PRO A 20 -0.06 10.06 -2.13
CA PRO A 20 0.63 11.05 -2.97
C PRO A 20 1.18 10.42 -4.25
N ALA A 21 0.30 10.27 -5.25
CA ALA A 21 0.66 9.63 -6.50
C ALA A 21 -0.23 10.09 -7.63
N SER A 22 -0.10 9.45 -8.79
CA SER A 22 -0.86 9.83 -9.97
C SER A 22 -1.93 8.80 -10.28
N GLU A 23 -2.45 8.15 -9.23
CA GLU A 23 -3.47 7.12 -9.39
C GLU A 23 -3.01 6.03 -10.35
N GLN A 24 -2.46 4.95 -9.80
CA GLN A 24 -1.88 3.88 -10.61
C GLN A 24 -0.66 4.39 -11.38
N GLU A 25 0.35 3.53 -11.54
CA GLU A 25 1.66 3.97 -12.00
C GLU A 25 2.59 2.78 -12.24
N THR A 26 2.84 2.02 -11.19
CA THR A 26 3.91 1.03 -11.18
C THR A 26 3.36 -0.37 -11.09
N LEU A 27 3.68 -1.20 -12.07
CA LEU A 27 3.42 -2.62 -11.95
C LEU A 27 4.43 -3.23 -11.00
N VAL A 28 4.26 -2.92 -9.72
CA VAL A 28 5.18 -3.38 -8.70
C VAL A 28 4.88 -4.82 -8.34
N ARG A 29 5.92 -5.59 -8.16
CA ARG A 29 5.78 -7.03 -8.02
C ARG A 29 6.49 -7.51 -6.78
N PRO A 30 5.90 -7.26 -5.59
CA PRO A 30 6.58 -7.42 -4.31
C PRO A 30 7.01 -8.85 -4.04
N LYS A 31 8.13 -8.99 -3.33
CA LYS A 31 8.54 -10.29 -2.80
C LYS A 31 7.41 -10.92 -2.00
N PRO A 32 7.12 -12.22 -2.23
CA PRO A 32 5.97 -12.90 -1.65
C PRO A 32 5.72 -12.52 -0.19
N LEU A 33 4.89 -11.50 0.01
CA LEU A 33 4.54 -11.05 1.35
C LEU A 33 3.13 -10.47 1.36
N LEU A 34 2.85 -9.57 0.41
CA LEU A 34 1.60 -8.85 0.39
C LEU A 34 0.56 -9.65 -0.39
N LEU A 35 1.05 -10.54 -1.25
CA LEU A 35 0.19 -11.22 -2.18
C LEU A 35 -0.26 -12.55 -1.61
N LYS A 36 0.46 -13.03 -0.59
CA LYS A 36 -0.09 -14.03 0.31
C LYS A 36 -1.14 -13.39 1.23
N LEU A 37 -1.26 -12.07 1.13
CA LEU A 37 -2.23 -11.33 1.90
C LEU A 37 -3.28 -10.69 0.99
N LEU A 38 -2.97 -10.66 -0.31
CA LEU A 38 -3.81 -9.94 -1.27
C LEU A 38 -4.48 -10.92 -2.24
N LYS A 39 -3.83 -12.04 -2.51
CA LYS A 39 -4.46 -13.13 -3.22
C LYS A 39 -5.41 -13.88 -2.29
N SER A 40 -5.38 -13.49 -1.01
CA SER A 40 -6.31 -14.05 -0.03
C SER A 40 -7.69 -13.40 -0.13
N VAL A 41 -7.69 -12.06 -0.29
CA VAL A 41 -8.94 -11.33 -0.49
C VAL A 41 -9.77 -11.95 -1.60
N GLY A 42 -9.38 -11.65 -2.83
CA GLY A 42 -9.96 -12.32 -3.98
C GLY A 42 -9.05 -12.23 -5.19
N ALA A 43 -7.81 -11.82 -4.96
CA ALA A 43 -6.82 -11.72 -6.03
C ALA A 43 -6.14 -13.06 -6.27
N GLN A 44 -5.28 -13.10 -7.30
CA GLN A 44 -4.56 -14.31 -7.64
C GLN A 44 -3.28 -13.97 -8.41
N LYS A 45 -3.21 -12.73 -8.88
CA LYS A 45 -2.05 -12.27 -9.65
C LYS A 45 -0.80 -12.27 -8.78
N ASP A 46 0.34 -12.61 -9.39
CA ASP A 46 1.63 -12.51 -8.73
C ASP A 46 2.21 -11.11 -8.91
N THR A 47 1.46 -10.26 -9.60
CA THR A 47 1.91 -8.89 -9.88
C THR A 47 0.85 -7.87 -9.47
N TYR A 48 1.30 -6.73 -8.96
CA TYR A 48 0.39 -5.71 -8.49
C TYR A 48 0.82 -4.32 -8.94
N THR A 49 0.07 -3.32 -8.50
CA THR A 49 0.46 -1.95 -8.71
C THR A 49 0.24 -1.11 -7.45
N MET A 50 0.66 0.14 -7.50
CA MET A 50 0.59 1.02 -6.34
C MET A 50 -0.87 1.35 -5.98
N LYS A 51 -1.72 1.41 -7.00
CA LYS A 51 -3.13 1.73 -6.78
C LYS A 51 -3.90 0.46 -6.44
N GLU A 52 -3.52 -0.63 -7.10
CA GLU A 52 -4.05 -1.94 -6.76
C GLU A 52 -3.89 -2.20 -5.26
N VAL A 53 -2.64 -2.25 -4.80
CA VAL A 53 -2.35 -2.47 -3.40
C VAL A 53 -3.02 -1.44 -2.51
N LEU A 54 -3.18 -0.22 -3.02
CA LEU A 54 -3.88 0.82 -2.29
C LEU A 54 -5.21 0.29 -1.73
N PHE A 55 -6.15 -0.01 -2.62
CA PHE A 55 -7.46 -0.47 -2.18
C PHE A 55 -7.43 -1.94 -1.78
N TYR A 56 -6.49 -2.70 -2.35
CA TYR A 56 -6.45 -4.14 -2.16
C TYR A 56 -5.96 -4.50 -0.76
N LEU A 57 -4.87 -3.87 -0.34
CA LEU A 57 -4.44 -4.00 1.04
C LEU A 57 -5.51 -3.42 1.96
N GLY A 58 -6.03 -2.24 1.59
CA GLY A 58 -7.19 -1.71 2.26
C GLY A 58 -8.30 -2.74 2.42
N GLN A 59 -8.39 -3.67 1.46
CA GLN A 59 -9.32 -4.78 1.58
C GLN A 59 -8.95 -5.66 2.77
N TYR A 60 -7.86 -6.42 2.65
CA TYR A 60 -7.55 -7.47 3.62
C TYR A 60 -7.51 -6.89 5.04
N ILE A 61 -7.00 -5.67 5.17
CA ILE A 61 -6.95 -4.99 6.46
C ILE A 61 -8.35 -4.84 7.03
N MET A 62 -9.19 -4.07 6.34
CA MET A 62 -10.57 -3.86 6.77
C MET A 62 -11.37 -5.17 6.82
N THR A 63 -11.43 -5.85 5.67
CA THR A 63 -12.22 -7.09 5.54
C THR A 63 -12.10 -7.97 6.78
N LYS A 64 -10.87 -8.31 7.14
CA LYS A 64 -10.62 -9.33 8.16
C LYS A 64 -10.74 -8.75 9.57
N ARG A 65 -11.46 -7.64 9.68
CA ARG A 65 -11.70 -7.00 10.97
C ARG A 65 -10.39 -6.81 11.74
N LEU A 66 -9.36 -6.35 11.03
CA LEU A 66 -8.05 -6.16 11.64
C LEU A 66 -7.88 -4.72 12.12
N TYR A 67 -8.79 -3.85 11.69
CA TYR A 67 -8.71 -2.43 12.03
C TYR A 67 -8.77 -2.22 13.54
N ASP A 68 -8.72 -0.95 13.95
CA ASP A 68 -8.65 -0.63 15.37
C ASP A 68 -9.94 -1.02 16.09
N GLU A 69 -10.90 -0.11 16.12
CA GLU A 69 -12.22 -0.38 16.70
C GLU A 69 -13.08 0.88 16.70
N LYS A 70 -12.44 2.03 16.86
CA LYS A 70 -13.14 3.30 16.86
C LYS A 70 -12.47 4.27 15.89
N GLN A 71 -11.14 4.32 15.94
CA GLN A 71 -10.36 4.92 14.87
C GLN A 71 -9.97 3.85 13.85
N GLN A 72 -10.92 3.48 12.99
CA GLN A 72 -10.75 2.36 12.08
C GLN A 72 -9.56 2.58 11.14
N HIS A 73 -9.08 3.83 11.09
CA HIS A 73 -7.89 4.15 10.31
C HIS A 73 -6.63 3.61 10.99
N ILE A 74 -6.83 2.90 12.09
CA ILE A 74 -5.76 2.07 12.66
C ILE A 74 -6.11 0.61 12.48
N VAL A 75 -5.12 -0.27 12.66
CA VAL A 75 -5.34 -1.70 12.49
C VAL A 75 -4.25 -2.52 13.17
N TYR A 76 -4.64 -3.24 14.21
CA TYR A 76 -3.72 -4.11 14.92
C TYR A 76 -3.50 -5.41 14.17
N CYS A 77 -2.39 -6.08 14.47
CA CYS A 77 -2.01 -7.30 13.75
C CYS A 77 -2.69 -8.53 14.33
N SER A 78 -4.01 -8.45 14.50
CA SER A 78 -4.79 -9.59 14.96
C SER A 78 -4.86 -10.68 13.88
N ASN A 79 -3.82 -11.51 13.82
CA ASN A 79 -3.77 -12.61 12.86
C ASN A 79 -3.75 -12.08 11.43
N ASP A 80 -2.59 -11.55 11.02
CA ASP A 80 -2.42 -11.03 9.67
C ASP A 80 -0.95 -10.70 9.39
N LEU A 81 -0.17 -10.56 10.47
CA LEU A 81 1.20 -10.08 10.35
C LEU A 81 1.25 -8.90 9.39
N LEU A 82 0.21 -8.07 9.44
CA LEU A 82 -0.18 -7.18 8.34
C LEU A 82 0.77 -7.22 7.16
N GLY A 83 0.22 -7.68 6.05
CA GLY A 83 1.00 -7.88 4.86
C GLY A 83 1.97 -9.03 4.99
N ASP A 84 1.93 -9.75 6.12
CA ASP A 84 3.06 -10.60 6.51
C ASP A 84 4.34 -9.76 6.52
N LEU A 85 4.13 -8.46 6.46
CA LEU A 85 5.06 -7.57 5.77
C LEU A 85 5.80 -6.66 6.76
N PHE A 86 5.08 -6.14 7.75
CA PHE A 86 5.68 -5.19 8.69
C PHE A 86 5.95 -5.85 10.03
N GLY A 87 4.93 -6.49 10.59
CA GLY A 87 5.01 -7.00 11.95
C GLY A 87 4.50 -6.00 12.97
N VAL A 88 3.80 -4.98 12.50
CA VAL A 88 3.27 -3.94 13.38
C VAL A 88 2.34 -4.53 14.43
N PRO A 89 2.21 -3.86 15.59
CA PRO A 89 1.07 -4.07 16.48
C PRO A 89 -0.17 -3.34 16.00
N SER A 90 0.07 -2.30 15.20
CA SER A 90 -1.02 -1.45 14.68
C SER A 90 -0.44 -0.47 13.65
N PHE A 91 -1.16 -0.25 12.56
CA PHE A 91 -0.73 0.72 11.56
C PHE A 91 -1.87 1.61 11.09
N SER A 92 -1.52 2.75 10.51
CA SER A 92 -2.50 3.73 10.07
C SER A 92 -2.78 3.62 8.58
N VAL A 93 -3.77 2.81 8.24
CA VAL A 93 -4.23 2.69 6.85
C VAL A 93 -4.44 4.07 6.22
N LYS A 94 -5.48 4.76 6.67
CA LYS A 94 -5.88 6.04 6.07
C LYS A 94 -4.69 6.96 5.89
N GLU A 95 -3.68 6.78 6.74
CA GLU A 95 -2.40 7.45 6.55
C GLU A 95 -1.55 6.71 5.52
N HIS A 96 -2.13 6.47 4.35
CA HIS A 96 -1.47 5.69 3.31
C HIS A 96 -0.12 6.30 2.95
N ARG A 97 0.00 7.61 3.14
CA ARG A 97 1.23 8.32 2.81
C ARG A 97 2.43 7.63 3.45
N LYS A 98 2.42 7.53 4.78
CA LYS A 98 3.49 6.89 5.51
C LYS A 98 3.42 5.37 5.37
N ILE A 99 2.25 4.83 5.69
CA ILE A 99 2.07 3.37 5.76
C ILE A 99 2.58 2.69 4.48
N TYR A 100 2.47 3.39 3.35
CA TYR A 100 2.95 2.84 2.08
C TYR A 100 4.42 3.19 1.83
N THR A 101 4.82 4.40 2.21
CA THR A 101 6.21 4.80 2.06
C THR A 101 7.13 3.95 2.92
N MET A 102 6.54 3.25 3.89
CA MET A 102 7.28 2.25 4.66
C MET A 102 7.22 0.90 3.94
N ILE A 103 6.04 0.54 3.46
CA ILE A 103 5.88 -0.73 2.75
C ILE A 103 6.89 -0.86 1.63
N TYR A 104 7.18 0.24 0.94
CA TYR A 104 8.07 0.21 -0.22
C TYR A 104 9.43 0.80 0.12
N ARG A 105 10.47 0.02 -0.11
CA ARG A 105 11.85 0.49 0.06
C ARG A 105 12.71 0.11 -1.13
N ASN A 106 13.88 0.73 -1.25
CA ASN A 106 14.79 0.47 -2.36
C ASN A 106 14.10 0.77 -3.69
N LEU A 107 14.77 0.43 -4.79
CA LEU A 107 14.24 0.67 -6.13
C LEU A 107 13.75 -0.62 -6.76
N VAL A 108 12.48 -0.95 -6.52
CA VAL A 108 11.88 -2.15 -7.08
C VAL A 108 10.57 -1.82 -7.81
N VAL A 109 10.66 -1.58 -9.12
CA VAL A 109 9.50 -1.22 -9.92
C VAL A 109 9.53 -1.93 -11.27
N VAL A 110 8.69 -1.47 -12.20
CA VAL A 110 8.64 -2.04 -13.54
C VAL A 110 10.03 -2.07 -14.17
N ASN A 111 10.71 -0.93 -14.16
CA ASN A 111 12.04 -0.82 -14.74
C ASN A 111 13.05 -1.63 -13.94
N GLN A 112 13.69 -2.59 -14.61
CA GLN A 112 14.69 -3.43 -13.97
C GLN A 112 16.09 -2.86 -14.15
N GLN A 113 16.46 -2.60 -15.40
CA GLN A 113 17.77 -2.03 -15.72
C GLN A 113 17.67 -0.53 -15.95
N GLU A 114 18.70 0.19 -15.52
CA GLU A 114 18.73 1.65 -15.68
C GLU A 114 20.06 2.11 -16.26
N SER A 115 21.14 1.84 -15.53
CA SER A 115 22.48 2.19 -15.98
C SER A 115 22.58 3.69 -16.27
N SER A 116 22.61 4.49 -15.22
CA SER A 116 22.74 5.94 -15.35
C SER A 116 21.57 6.52 -16.14
N ASP A 117 21.70 6.52 -17.47
CA ASP A 117 20.67 7.06 -18.35
C ASP A 117 20.38 8.52 -18.02
N SER A 118 21.14 9.42 -18.66
CA SER A 118 20.98 10.85 -18.43
C SER A 118 19.70 11.36 -19.08
N SER A 119 19.39 12.63 -18.84
CA SER A 119 18.19 13.25 -19.39
C SER A 119 16.93 12.49 -18.97
N MET A 1 -1.31 26.33 8.64
CA MET A 1 -2.62 26.29 7.95
C MET A 1 -2.62 27.22 6.74
N CYS A 2 -3.13 26.72 5.61
CA CYS A 2 -3.19 27.50 4.38
C CYS A 2 -4.50 27.28 3.65
N ASN A 3 -5.18 28.37 3.31
CA ASN A 3 -6.46 28.30 2.61
C ASN A 3 -6.79 29.63 1.97
N THR A 4 -7.31 29.57 0.73
CA THR A 4 -7.69 30.77 -0.01
C THR A 4 -9.16 31.11 0.24
N ASN A 5 -9.40 32.03 1.16
CA ASN A 5 -10.76 32.44 1.51
C ASN A 5 -11.27 33.52 0.56
N MET A 6 -11.91 33.11 -0.52
CA MET A 6 -12.47 34.03 -1.49
C MET A 6 -13.88 33.63 -1.89
N SER A 7 -13.99 32.47 -2.52
CA SER A 7 -15.29 31.96 -2.95
C SER A 7 -15.25 30.43 -3.11
N VAL A 8 -14.21 29.82 -2.57
CA VAL A 8 -14.04 28.38 -2.68
C VAL A 8 -13.67 27.76 -1.32
N PRO A 9 -14.65 27.67 -0.40
CA PRO A 9 -14.42 27.10 0.93
C PRO A 9 -14.17 25.60 0.88
N THR A 10 -13.21 25.13 1.67
CA THR A 10 -12.85 23.72 1.71
C THR A 10 -13.68 22.98 2.76
N ASP A 11 -14.39 21.95 2.33
CA ASP A 11 -15.22 21.16 3.23
C ASP A 11 -15.45 19.76 2.67
N GLY A 12 -15.48 18.77 3.57
CA GLY A 12 -15.71 17.40 3.15
C GLY A 12 -14.41 16.67 2.85
N ALA A 13 -14.45 15.82 1.83
CA ALA A 13 -13.26 15.05 1.43
C ALA A 13 -13.29 14.73 -0.05
N VAL A 14 -12.16 14.96 -0.72
CA VAL A 14 -12.05 14.69 -2.15
C VAL A 14 -11.18 13.47 -2.40
N THR A 15 -9.93 13.53 -1.95
CA THR A 15 -9.00 12.42 -2.12
C THR A 15 -8.89 11.60 -0.83
N THR A 16 -8.19 10.48 -0.90
CA THR A 16 -8.02 9.61 0.25
C THR A 16 -7.40 10.36 1.43
N SER A 17 -6.21 10.89 1.23
CA SER A 17 -5.52 11.65 2.28
C SER A 17 -4.36 12.46 1.69
N GLN A 18 -3.55 11.80 0.88
CA GLN A 18 -2.41 12.45 0.23
C GLN A 18 -2.18 11.88 -1.15
N ILE A 19 -2.21 10.55 -1.22
CA ILE A 19 -1.54 9.85 -2.29
C ILE A 19 -2.34 9.90 -3.58
N PRO A 20 -1.82 10.60 -4.61
CA PRO A 20 -2.50 10.74 -5.89
C PRO A 20 -2.23 9.55 -6.81
N ALA A 21 -3.31 8.86 -7.19
CA ALA A 21 -3.21 7.68 -8.03
C ALA A 21 -2.65 8.04 -9.40
N SER A 22 -1.99 7.08 -10.04
CA SER A 22 -1.45 7.26 -11.38
C SER A 22 -0.43 8.40 -11.40
N GLU A 23 0.11 8.73 -10.24
CA GLU A 23 1.16 9.75 -10.14
C GLU A 23 2.49 9.12 -9.73
N GLN A 24 2.58 8.72 -8.47
CA GLN A 24 3.75 7.99 -8.00
C GLN A 24 3.37 6.57 -7.57
N GLU A 25 3.36 5.65 -8.53
CA GLU A 25 2.88 4.30 -8.27
C GLU A 25 4.05 3.31 -8.25
N THR A 26 4.17 2.52 -9.32
CA THR A 26 5.00 1.33 -9.31
C THR A 26 4.61 0.37 -10.42
N LEU A 27 5.32 -0.74 -10.50
CA LEU A 27 4.72 -2.01 -10.84
C LEU A 27 5.41 -3.11 -10.06
N VAL A 28 5.10 -3.16 -8.78
CA VAL A 28 5.95 -3.82 -7.80
C VAL A 28 5.75 -5.31 -7.80
N ARG A 29 6.82 -6.05 -7.60
CA ARG A 29 6.77 -7.49 -7.65
C ARG A 29 7.53 -8.07 -6.45
N PRO A 30 6.90 -8.06 -5.27
CA PRO A 30 7.61 -8.26 -4.00
C PRO A 30 7.86 -9.72 -3.70
N LYS A 31 8.94 -9.99 -2.97
CA LYS A 31 9.13 -11.28 -2.34
C LYS A 31 7.93 -11.62 -1.45
N PRO A 32 7.17 -12.66 -1.80
CA PRO A 32 5.86 -12.93 -1.22
C PRO A 32 5.86 -12.84 0.30
N LEU A 33 5.26 -11.76 0.82
CA LEU A 33 5.12 -11.61 2.26
C LEU A 33 3.69 -11.87 2.69
N LEU A 34 2.76 -11.52 1.81
CA LEU A 34 1.38 -11.92 1.95
C LEU A 34 0.59 -11.40 0.76
N LEU A 35 0.35 -12.28 -0.19
CA LEU A 35 -0.44 -11.96 -1.35
C LEU A 35 -1.71 -12.79 -1.35
N LYS A 36 -1.79 -13.73 -0.40
CA LYS A 36 -3.08 -14.15 0.13
C LYS A 36 -3.67 -13.02 0.97
N LEU A 37 -2.85 -12.00 1.20
CA LEU A 37 -3.29 -10.75 1.79
C LEU A 37 -4.13 -9.97 0.79
N LEU A 38 -3.90 -10.25 -0.50
CA LEU A 38 -4.59 -9.53 -1.57
C LEU A 38 -5.30 -10.49 -2.52
N LYS A 39 -4.54 -11.40 -3.11
CA LYS A 39 -5.11 -12.45 -3.98
C LYS A 39 -6.40 -13.01 -3.39
N SER A 40 -6.43 -13.19 -2.07
CA SER A 40 -7.58 -13.78 -1.40
C SER A 40 -8.73 -12.80 -1.33
N VAL A 41 -8.44 -11.56 -0.91
CA VAL A 41 -9.48 -10.55 -0.76
C VAL A 41 -9.98 -10.07 -2.13
N GLY A 42 -9.42 -10.63 -3.20
CA GLY A 42 -9.95 -10.38 -4.53
C GLY A 42 -8.92 -10.57 -5.62
N ALA A 43 -7.68 -10.17 -5.36
CA ALA A 43 -6.66 -10.10 -6.39
C ALA A 43 -6.39 -11.48 -7.01
N GLN A 44 -5.63 -11.49 -8.09
CA GLN A 44 -5.34 -12.74 -8.80
C GLN A 44 -3.94 -12.70 -9.42
N LYS A 45 -3.48 -11.50 -9.79
CA LYS A 45 -2.21 -11.35 -10.49
C LYS A 45 -1.05 -11.80 -9.61
N ASP A 46 0.03 -12.24 -10.24
CA ASP A 46 1.23 -12.65 -9.52
C ASP A 46 2.05 -11.43 -9.08
N THR A 47 1.68 -10.27 -9.61
CA THR A 47 2.30 -9.01 -9.21
C THR A 47 1.27 -8.03 -8.71
N TYR A 48 1.74 -6.87 -8.28
CA TYR A 48 0.86 -5.85 -7.73
C TYR A 48 1.37 -4.46 -8.02
N THR A 49 0.56 -3.46 -7.67
CA THR A 49 0.98 -2.07 -7.79
C THR A 49 0.56 -1.27 -6.56
N MET A 50 0.78 0.04 -6.61
CA MET A 50 0.52 0.89 -5.46
C MET A 50 -0.98 1.19 -5.32
N LYS A 51 -1.65 1.38 -6.45
CA LYS A 51 -3.10 1.60 -6.45
C LYS A 51 -3.82 0.27 -6.24
N GLU A 52 -3.28 -0.78 -6.82
CA GLU A 52 -3.77 -2.12 -6.60
C GLU A 52 -3.78 -2.44 -5.11
N VAL A 53 -2.62 -2.32 -4.48
CA VAL A 53 -2.50 -2.54 -3.05
C VAL A 53 -3.17 -1.42 -2.26
N LEU A 54 -3.37 -0.28 -2.90
CA LEU A 54 -4.07 0.83 -2.27
C LEU A 54 -5.41 0.37 -1.71
N PHE A 55 -6.36 0.12 -2.60
CA PHE A 55 -7.70 -0.25 -2.17
C PHE A 55 -7.73 -1.67 -1.63
N TYR A 56 -6.80 -2.51 -2.08
CA TYR A 56 -6.79 -3.92 -1.70
C TYR A 56 -6.32 -4.14 -0.27
N LEU A 57 -5.21 -3.50 0.09
CA LEU A 57 -4.77 -3.52 1.48
C LEU A 57 -5.85 -2.92 2.36
N GLY A 58 -6.48 -1.87 1.87
CA GLY A 58 -7.68 -1.36 2.52
C GLY A 58 -8.77 -2.41 2.62
N GLN A 59 -8.90 -3.25 1.59
CA GLN A 59 -9.88 -4.32 1.58
C GLN A 59 -9.62 -5.30 2.72
N TYR A 60 -8.39 -5.83 2.78
CA TYR A 60 -8.08 -6.91 3.70
C TYR A 60 -8.27 -6.47 5.14
N ILE A 61 -7.80 -5.27 5.50
CA ILE A 61 -7.90 -4.80 6.87
C ILE A 61 -9.36 -4.61 7.28
N MET A 62 -10.14 -3.94 6.44
CA MET A 62 -11.57 -3.79 6.68
C MET A 62 -12.26 -5.15 6.64
N THR A 63 -11.56 -6.16 6.12
CA THR A 63 -12.04 -7.54 6.19
C THR A 63 -11.21 -8.34 7.19
N LYS A 64 -11.53 -9.63 7.30
CA LYS A 64 -10.73 -10.56 8.11
C LYS A 64 -10.55 -10.05 9.54
N ARG A 65 -11.38 -9.08 9.92
CA ARG A 65 -11.46 -8.60 11.30
C ARG A 65 -10.08 -8.47 11.93
N LEU A 66 -9.28 -7.53 11.40
CA LEU A 66 -8.03 -7.13 12.04
C LEU A 66 -8.01 -5.62 12.27
N TYR A 67 -8.90 -4.92 11.59
CA TYR A 67 -8.92 -3.46 11.63
C TYR A 67 -9.51 -2.95 12.95
N ASP A 68 -8.94 -1.86 13.46
CA ASP A 68 -9.44 -1.24 14.68
C ASP A 68 -10.92 -0.91 14.54
N GLU A 69 -11.71 -1.28 15.54
CA GLU A 69 -13.15 -1.06 15.51
C GLU A 69 -13.49 0.41 15.78
N LYS A 70 -12.46 1.20 16.01
CA LYS A 70 -12.65 2.63 16.28
C LYS A 70 -13.16 3.35 15.04
N GLN A 71 -12.26 3.64 14.10
CA GLN A 71 -12.63 4.29 12.86
C GLN A 71 -11.96 3.64 11.66
N GLN A 72 -11.48 2.41 11.87
CA GLN A 72 -10.89 1.62 10.79
C GLN A 72 -9.62 2.25 10.24
N HIS A 73 -9.27 3.42 10.78
CA HIS A 73 -8.05 4.11 10.38
C HIS A 73 -6.82 3.41 10.96
N ILE A 74 -6.98 2.85 12.15
CA ILE A 74 -6.00 1.92 12.69
C ILE A 74 -6.36 0.49 12.33
N VAL A 75 -5.35 -0.37 12.27
CA VAL A 75 -5.58 -1.80 12.18
C VAL A 75 -4.40 -2.57 12.73
N TYR A 76 -4.64 -3.29 13.81
CA TYR A 76 -3.57 -3.94 14.56
C TYR A 76 -3.25 -5.31 13.98
N CYS A 77 -1.99 -5.49 13.57
CA CYS A 77 -1.56 -6.72 12.92
C CYS A 77 -0.10 -7.03 13.24
N SER A 78 0.14 -7.54 14.45
CA SER A 78 1.49 -7.89 14.88
C SER A 78 1.74 -9.38 14.72
N ASN A 79 0.68 -10.12 14.41
CA ASN A 79 0.80 -11.57 14.19
C ASN A 79 -0.16 -12.02 13.10
N ASP A 80 -0.58 -11.08 12.26
CA ASP A 80 -1.54 -11.36 11.21
C ASP A 80 -0.84 -11.51 9.85
N LEU A 81 -1.64 -11.73 8.81
CA LEU A 81 -1.11 -11.81 7.45
C LEU A 81 -0.39 -10.53 7.08
N LEU A 82 -1.05 -9.40 7.29
CA LEU A 82 -0.41 -8.11 7.16
C LEU A 82 0.77 -7.99 8.11
N GLY A 83 0.76 -8.83 9.14
CA GLY A 83 1.90 -8.92 10.03
C GLY A 83 3.17 -9.26 9.31
N ASP A 84 3.12 -10.26 8.43
CA ASP A 84 4.27 -10.62 7.62
C ASP A 84 4.73 -9.44 6.77
N LEU A 85 3.76 -8.63 6.32
CA LEU A 85 4.08 -7.40 5.60
C LEU A 85 4.93 -6.48 6.46
N PHE A 86 4.26 -5.79 7.38
CA PHE A 86 4.91 -4.77 8.20
C PHE A 86 5.56 -5.39 9.43
N GLY A 87 4.72 -5.94 10.31
CA GLY A 87 5.20 -6.44 11.59
C GLY A 87 4.71 -5.61 12.76
N VAL A 88 4.42 -4.34 12.49
CA VAL A 88 3.93 -3.43 13.51
C VAL A 88 2.78 -4.02 14.31
N PRO A 89 2.66 -3.65 15.58
CA PRO A 89 1.42 -3.82 16.34
C PRO A 89 0.23 -3.15 15.67
N SER A 90 0.48 -1.99 15.04
CA SER A 90 -0.58 -1.22 14.39
C SER A 90 -0.05 -0.49 13.17
N PHE A 91 -0.90 -0.32 12.15
CA PHE A 91 -0.59 0.63 11.09
C PHE A 91 -1.83 1.45 10.70
N SER A 92 -1.59 2.68 10.28
CA SER A 92 -2.66 3.63 10.01
C SER A 92 -2.82 3.87 8.51
N VAL A 93 -4.02 3.63 8.00
CA VAL A 93 -4.32 3.86 6.59
C VAL A 93 -4.40 5.35 6.29
N LYS A 94 -5.10 6.10 7.14
CA LYS A 94 -5.30 7.52 6.92
C LYS A 94 -3.97 8.22 6.62
N GLU A 95 -2.89 7.70 7.20
CA GLU A 95 -1.56 8.16 6.85
C GLU A 95 -1.03 7.40 5.63
N HIS A 96 -1.71 7.56 4.50
CA HIS A 96 -1.44 6.76 3.31
C HIS A 96 -0.01 6.97 2.81
N ARG A 97 0.40 8.24 2.72
CA ARG A 97 1.73 8.56 2.22
C ARG A 97 2.80 7.81 2.99
N LYS A 98 2.67 7.80 4.32
CA LYS A 98 3.64 7.16 5.18
C LYS A 98 3.47 5.65 5.19
N ILE A 99 2.22 5.22 5.09
CA ILE A 99 1.89 3.80 5.27
C ILE A 99 2.34 2.98 4.07
N TYR A 100 2.25 3.57 2.88
CA TYR A 100 2.68 2.90 1.66
C TYR A 100 4.18 3.10 1.41
N THR A 101 4.69 4.25 1.79
CA THR A 101 6.11 4.52 1.65
C THR A 101 6.94 3.60 2.53
N MET A 102 6.32 3.09 3.60
CA MET A 102 6.99 2.14 4.48
C MET A 102 6.67 0.70 4.10
N ILE A 103 5.62 0.52 3.29
CA ILE A 103 5.47 -0.73 2.53
C ILE A 103 6.75 -1.04 1.75
N TYR A 104 7.13 -0.10 0.88
CA TYR A 104 8.26 -0.31 -0.01
C TYR A 104 9.57 0.16 0.62
N ARG A 105 10.60 -0.66 0.50
CA ARG A 105 11.93 -0.30 1.01
C ARG A 105 12.98 -1.29 0.51
N ASN A 106 12.64 -2.04 -0.53
CA ASN A 106 13.53 -3.05 -1.06
C ASN A 106 13.83 -2.79 -2.55
N LEU A 107 14.88 -2.01 -2.79
CA LEU A 107 15.31 -1.72 -4.16
C LEU A 107 14.19 -1.08 -4.97
N VAL A 108 14.39 -0.99 -6.29
CA VAL A 108 13.39 -0.40 -7.18
C VAL A 108 12.08 -1.18 -7.12
N VAL A 109 11.00 -0.54 -7.55
CA VAL A 109 9.69 -1.17 -7.55
C VAL A 109 8.89 -0.79 -8.79
N VAL A 110 9.21 0.38 -9.36
CA VAL A 110 8.49 0.88 -10.52
C VAL A 110 9.08 0.32 -11.81
N ASN A 111 10.39 0.09 -11.81
CA ASN A 111 11.08 -0.45 -12.97
C ASN A 111 12.33 -1.22 -12.57
N GLN A 112 12.37 -2.50 -12.92
CA GLN A 112 13.51 -3.34 -12.59
C GLN A 112 14.70 -3.03 -13.49
N GLN A 113 15.79 -2.57 -12.88
CA GLN A 113 17.00 -2.23 -13.62
C GLN A 113 18.25 -2.52 -12.80
N GLU A 114 19.28 -3.03 -13.45
CA GLU A 114 20.54 -3.37 -12.78
C GLU A 114 21.64 -2.38 -13.16
N SER A 115 22.42 -1.97 -12.17
CA SER A 115 23.51 -1.03 -12.41
C SER A 115 24.85 -1.74 -12.40
N SER A 116 24.99 -2.75 -11.55
CA SER A 116 26.22 -3.52 -11.45
C SER A 116 25.99 -4.84 -10.75
N ASP A 117 25.56 -4.78 -9.50
CA ASP A 117 25.30 -5.98 -8.71
C ASP A 117 24.41 -5.66 -7.51
N SER A 118 23.66 -4.57 -7.61
CA SER A 118 22.76 -4.15 -6.54
C SER A 118 21.40 -4.83 -6.69
N SER A 119 21.09 -5.25 -7.92
CA SER A 119 19.81 -5.91 -8.19
C SER A 119 19.95 -7.43 -8.09
N MET A 1 6.74 50.24 10.67
CA MET A 1 7.85 51.08 11.20
C MET A 1 8.93 50.22 11.83
N CYS A 2 8.97 48.94 11.45
CA CYS A 2 9.97 48.01 11.97
C CYS A 2 10.57 47.16 10.85
N ASN A 3 10.08 47.39 9.63
CA ASN A 3 10.58 46.66 8.46
C ASN A 3 10.44 45.16 8.66
N THR A 4 9.38 44.76 9.36
CA THR A 4 9.14 43.34 9.64
C THR A 4 8.18 42.74 8.61
N ASN A 5 8.40 41.48 8.29
CA ASN A 5 7.55 40.78 7.33
C ASN A 5 7.51 39.28 7.63
N MET A 6 8.65 38.73 8.01
CA MET A 6 8.74 37.31 8.35
C MET A 6 8.71 37.09 9.85
N SER A 7 7.54 36.74 10.37
CA SER A 7 7.38 36.50 11.81
C SER A 7 6.73 35.15 12.06
N VAL A 8 6.09 34.59 11.03
CA VAL A 8 5.44 33.29 11.14
C VAL A 8 6.17 32.24 10.30
N PRO A 9 7.11 31.50 10.91
CA PRO A 9 7.87 30.46 10.20
C PRO A 9 7.01 29.25 9.86
N THR A 10 6.02 28.98 10.71
CA THR A 10 5.12 27.84 10.50
C THR A 10 3.67 28.29 10.50
N ASP A 11 3.02 28.18 9.34
CA ASP A 11 1.63 28.58 9.20
C ASP A 11 0.69 27.42 9.53
N GLY A 12 -0.61 27.66 9.42
CA GLY A 12 -1.59 26.62 9.69
C GLY A 12 -1.48 25.47 8.71
N ALA A 13 -1.07 24.31 9.21
CA ALA A 13 -0.90 23.12 8.37
C ALA A 13 -2.20 22.32 8.30
N VAL A 14 -2.59 21.95 7.09
CA VAL A 14 -3.79 21.16 6.88
C VAL A 14 -3.44 19.72 6.51
N THR A 15 -4.45 18.87 6.39
CA THR A 15 -4.25 17.47 6.02
C THR A 15 -3.47 17.37 4.71
N THR A 16 -2.18 17.08 4.83
CA THR A 16 -1.30 17.02 3.67
C THR A 16 -0.99 15.57 3.30
N SER A 17 -1.24 15.22 2.05
CA SER A 17 -0.92 13.88 1.54
C SER A 17 0.43 13.86 0.86
N GLN A 18 0.78 12.74 0.25
CA GLN A 18 2.04 12.59 -0.45
C GLN A 18 1.85 11.79 -1.72
N ILE A 19 1.09 10.72 -1.60
CA ILE A 19 1.22 9.60 -2.51
C ILE A 19 0.63 9.91 -3.89
N PRO A 20 1.50 10.14 -4.89
CA PRO A 20 1.08 10.48 -6.23
C PRO A 20 0.94 9.25 -7.13
N ALA A 21 -0.20 9.16 -7.82
CA ALA A 21 -0.47 8.04 -8.71
C ALA A 21 0.48 8.07 -9.91
N SER A 22 0.83 6.88 -10.41
CA SER A 22 1.69 6.76 -11.57
C SER A 22 3.06 7.37 -11.31
N GLU A 23 3.38 7.59 -10.03
CA GLU A 23 4.68 8.10 -9.64
C GLU A 23 5.56 6.98 -9.10
N GLN A 24 5.28 6.57 -7.86
CA GLN A 24 5.93 5.39 -7.29
C GLN A 24 5.12 4.14 -7.61
N GLU A 25 5.06 3.79 -8.89
CA GLU A 25 4.18 2.71 -9.34
C GLU A 25 4.83 1.35 -9.12
N THR A 26 5.68 0.94 -10.05
CA THR A 26 6.33 -0.37 -9.99
C THR A 26 5.36 -1.46 -10.40
N LEU A 27 5.77 -2.27 -11.37
CA LEU A 27 4.97 -3.41 -11.76
C LEU A 27 5.10 -4.50 -10.73
N VAL A 28 4.41 -4.31 -9.62
CA VAL A 28 4.79 -4.97 -8.37
C VAL A 28 4.74 -6.47 -8.50
N ARG A 29 5.73 -7.12 -7.93
CA ARG A 29 5.78 -8.56 -7.90
C ARG A 29 6.91 -9.06 -7.01
N PRO A 30 6.78 -8.86 -5.69
CA PRO A 30 7.84 -9.13 -4.73
C PRO A 30 7.72 -10.50 -4.08
N LYS A 31 8.47 -10.71 -3.00
CA LYS A 31 8.37 -11.93 -2.22
C LYS A 31 6.96 -12.10 -1.66
N PRO A 32 6.51 -13.35 -1.44
CA PRO A 32 5.14 -13.65 -1.03
C PRO A 32 4.83 -13.14 0.38
N LEU A 33 4.58 -11.84 0.51
CA LEU A 33 4.02 -11.29 1.74
C LEU A 33 3.29 -9.98 1.46
N LEU A 34 3.13 -9.67 0.18
CA LEU A 34 2.23 -8.62 -0.26
C LEU A 34 1.20 -9.23 -1.18
N LEU A 35 1.36 -10.51 -1.44
CA LEU A 35 0.38 -11.27 -2.17
C LEU A 35 -0.25 -12.31 -1.26
N LYS A 36 0.56 -12.88 -0.38
CA LYS A 36 0.07 -13.46 0.86
C LYS A 36 -0.70 -12.40 1.64
N LEU A 37 -0.53 -11.15 1.22
CA LEU A 37 -1.29 -10.04 1.77
C LEU A 37 -2.62 -9.90 1.04
N LEU A 38 -2.56 -9.91 -0.28
CA LEU A 38 -3.72 -9.61 -1.12
C LEU A 38 -4.50 -10.87 -1.45
N LYS A 39 -3.83 -11.85 -2.04
CA LYS A 39 -4.48 -13.08 -2.50
C LYS A 39 -5.31 -13.70 -1.38
N SER A 40 -5.13 -13.23 -0.16
CA SER A 40 -6.06 -13.54 0.94
C SER A 40 -7.41 -12.85 0.69
N VAL A 41 -7.41 -11.52 0.77
CA VAL A 41 -8.52 -10.74 0.24
C VAL A 41 -8.73 -11.06 -1.24
N GLY A 42 -9.79 -10.53 -1.84
CA GLY A 42 -10.18 -10.95 -3.18
C GLY A 42 -9.28 -10.41 -4.27
N ALA A 43 -8.00 -10.82 -4.26
CA ALA A 43 -7.05 -10.41 -5.29
C ALA A 43 -6.78 -11.55 -6.28
N GLN A 44 -6.05 -11.23 -7.34
CA GLN A 44 -5.79 -12.18 -8.42
C GLN A 44 -4.54 -11.78 -9.19
N LYS A 45 -3.38 -11.98 -8.56
CA LYS A 45 -2.11 -11.41 -9.04
C LYS A 45 -2.04 -11.35 -10.56
N ASP A 46 -1.36 -12.33 -11.16
CA ASP A 46 -0.64 -12.11 -12.40
C ASP A 46 0.27 -10.89 -12.24
N THR A 47 0.97 -10.85 -11.10
CA THR A 47 1.63 -9.62 -10.61
C THR A 47 0.61 -8.55 -10.30
N TYR A 48 1.10 -7.38 -9.93
CA TYR A 48 0.25 -6.30 -9.48
C TYR A 48 0.75 -4.97 -10.00
N THR A 49 -0.05 -3.94 -9.79
CA THR A 49 0.41 -2.57 -9.98
C THR A 49 0.03 -1.70 -8.80
N MET A 50 0.82 -0.68 -8.56
CA MET A 50 0.81 0.03 -7.29
C MET A 50 -0.59 0.56 -6.97
N LYS A 51 -1.42 0.68 -7.99
CA LYS A 51 -2.79 1.18 -7.80
C LYS A 51 -3.73 0.02 -7.49
N GLU A 52 -3.56 -1.07 -8.22
CA GLU A 52 -4.26 -2.32 -7.94
C GLU A 52 -4.08 -2.70 -6.48
N VAL A 53 -2.82 -2.84 -6.06
CA VAL A 53 -2.50 -3.22 -4.70
C VAL A 53 -2.70 -2.03 -3.74
N LEU A 54 -2.77 -0.83 -4.29
CA LEU A 54 -3.14 0.35 -3.50
C LEU A 54 -4.44 0.09 -2.74
N PHE A 55 -5.55 0.03 -3.48
CA PHE A 55 -6.86 -0.15 -2.85
C PHE A 55 -7.02 -1.56 -2.31
N TYR A 56 -6.25 -2.50 -2.87
CA TYR A 56 -6.33 -3.89 -2.44
C TYR A 56 -5.61 -4.09 -1.10
N LEU A 57 -4.68 -3.20 -0.79
CA LEU A 57 -4.09 -3.16 0.53
C LEU A 57 -5.10 -2.58 1.52
N GLY A 58 -5.73 -1.48 1.13
CA GLY A 58 -6.88 -1.00 1.86
C GLY A 58 -7.95 -2.07 2.03
N GLN A 59 -8.07 -2.93 1.02
CA GLN A 59 -9.01 -4.04 1.10
C GLN A 59 -8.69 -4.95 2.28
N TYR A 60 -7.50 -5.55 2.26
CA TYR A 60 -7.18 -6.62 3.19
C TYR A 60 -7.11 -6.12 4.63
N ILE A 61 -6.54 -4.93 4.81
CA ILE A 61 -6.56 -4.27 6.13
C ILE A 61 -7.97 -4.21 6.68
N MET A 62 -8.83 -3.46 5.98
CA MET A 62 -10.24 -3.37 6.35
C MET A 62 -10.85 -4.77 6.59
N THR A 63 -10.96 -5.55 5.52
CA THR A 63 -11.55 -6.88 5.61
C THR A 63 -10.75 -7.78 6.57
N LYS A 64 -11.25 -8.99 6.77
CA LYS A 64 -10.58 -9.96 7.64
C LYS A 64 -10.46 -9.42 9.07
N ARG A 65 -11.29 -8.43 9.38
CA ARG A 65 -11.39 -7.88 10.73
C ARG A 65 -10.03 -7.84 11.43
N LEU A 66 -9.15 -6.97 10.97
CA LEU A 66 -7.91 -6.68 11.68
C LEU A 66 -7.94 -5.27 12.27
N TYR A 67 -8.77 -4.40 11.68
CA TYR A 67 -8.85 -3.01 12.11
C TYR A 67 -9.43 -2.90 13.51
N ASP A 68 -9.35 -1.71 14.10
CA ASP A 68 -9.79 -1.49 15.48
C ASP A 68 -11.17 -2.06 15.72
N GLU A 69 -11.98 -2.04 14.67
CA GLU A 69 -13.43 -2.19 14.80
C GLU A 69 -14.02 -1.01 15.56
N LYS A 70 -13.17 -0.03 15.86
CA LYS A 70 -13.61 1.18 16.54
C LYS A 70 -13.79 2.33 15.56
N GLN A 71 -12.69 2.75 14.95
CA GLN A 71 -12.73 3.85 13.98
C GLN A 71 -12.06 3.46 12.68
N GLN A 72 -11.81 2.17 12.51
CA GLN A 72 -11.22 1.64 11.29
C GLN A 72 -9.89 2.33 10.97
N HIS A 73 -9.33 3.01 11.96
CA HIS A 73 -8.08 3.75 11.78
C HIS A 73 -6.91 2.97 12.34
N ILE A 74 -6.95 2.68 13.65
CA ILE A 74 -5.93 1.85 14.27
C ILE A 74 -6.20 0.38 13.99
N VAL A 75 -5.51 -0.16 13.00
CA VAL A 75 -5.72 -1.54 12.59
C VAL A 75 -4.65 -2.45 13.17
N TYR A 76 -5.02 -3.20 14.21
CA TYR A 76 -4.09 -4.08 14.89
C TYR A 76 -3.74 -5.28 14.02
N CYS A 77 -2.52 -5.79 14.18
CA CYS A 77 -2.06 -6.94 13.42
C CYS A 77 -0.82 -7.56 14.07
N SER A 78 -0.96 -7.96 15.33
CA SER A 78 0.13 -8.61 16.05
C SER A 78 0.30 -10.04 15.60
N ASN A 79 -0.61 -10.52 14.76
CA ASN A 79 -0.54 -11.87 14.22
C ASN A 79 -1.43 -12.00 12.98
N ASP A 80 -0.99 -11.38 11.89
CA ASP A 80 -1.77 -11.37 10.66
C ASP A 80 -0.85 -11.40 9.44
N LEU A 81 -1.43 -11.59 8.26
CA LEU A 81 -0.69 -11.48 7.02
C LEU A 81 -0.22 -10.05 6.80
N LEU A 82 -1.07 -9.10 7.18
CA LEU A 82 -0.64 -7.70 7.31
C LEU A 82 0.60 -7.62 8.19
N GLY A 83 0.71 -8.56 9.13
CA GLY A 83 1.86 -8.63 10.00
C GLY A 83 3.12 -8.99 9.24
N ASP A 84 3.01 -9.93 8.31
CA ASP A 84 4.12 -10.25 7.41
C ASP A 84 4.71 -8.98 6.80
N LEU A 85 3.85 -7.98 6.62
CA LEU A 85 4.31 -6.66 6.20
C LEU A 85 4.98 -5.92 7.34
N PHE A 86 4.16 -5.28 8.17
CA PHE A 86 4.67 -4.35 9.16
C PHE A 86 5.21 -5.08 10.38
N GLY A 87 4.35 -5.84 11.03
CA GLY A 87 4.71 -6.50 12.27
C GLY A 87 4.15 -5.77 13.49
N VAL A 88 3.92 -4.47 13.34
CA VAL A 88 3.38 -3.66 14.41
C VAL A 88 2.12 -4.28 15.01
N PRO A 89 1.92 -4.11 16.33
CA PRO A 89 0.63 -4.39 16.96
C PRO A 89 -0.50 -3.55 16.40
N SER A 90 -0.15 -2.47 15.70
CA SER A 90 -1.14 -1.57 15.11
C SER A 90 -0.50 -0.58 14.16
N PHE A 91 -1.17 -0.27 13.05
CA PHE A 91 -0.70 0.75 12.13
C PHE A 91 -1.84 1.66 11.70
N SER A 92 -1.48 2.80 11.10
CA SER A 92 -2.46 3.78 10.67
C SER A 92 -2.92 3.49 9.24
N VAL A 93 -3.68 4.42 8.67
CA VAL A 93 -4.37 4.17 7.41
C VAL A 93 -4.66 5.47 6.66
N LYS A 94 -4.83 6.56 7.43
CA LYS A 94 -5.09 7.86 6.83
C LYS A 94 -3.80 8.56 6.45
N GLU A 95 -2.71 8.20 7.12
CA GLU A 95 -1.40 8.73 6.78
C GLU A 95 -0.77 7.94 5.63
N HIS A 96 -1.55 7.76 4.57
CA HIS A 96 -1.15 6.92 3.44
C HIS A 96 0.19 7.39 2.86
N ARG A 97 0.58 8.61 3.16
CA ARG A 97 1.91 9.10 2.83
C ARG A 97 2.98 8.16 3.40
N LYS A 98 3.08 8.15 4.72
CA LYS A 98 4.04 7.27 5.41
C LYS A 98 3.58 5.81 5.31
N ILE A 99 2.37 5.55 5.76
CA ILE A 99 1.88 4.19 5.92
C ILE A 99 2.09 3.37 4.65
N TYR A 100 2.09 4.03 3.49
CA TYR A 100 2.33 3.35 2.23
C TYR A 100 3.83 3.25 1.93
N THR A 101 4.56 4.33 2.20
CA THR A 101 6.00 4.30 2.01
C THR A 101 6.68 3.34 2.98
N MET A 102 5.89 2.82 3.92
CA MET A 102 6.35 1.72 4.77
C MET A 102 5.97 0.38 4.18
N ILE A 103 4.75 0.30 3.63
CA ILE A 103 4.31 -0.92 2.98
C ILE A 103 5.37 -1.45 2.02
N TYR A 104 5.97 -0.54 1.26
CA TYR A 104 6.95 -0.92 0.24
C TYR A 104 8.37 -0.65 0.72
N ARG A 105 9.02 -1.70 1.23
CA ARG A 105 10.40 -1.61 1.70
C ARG A 105 11.18 -2.86 1.33
N ASN A 106 12.35 -2.68 0.73
CA ASN A 106 13.18 -3.79 0.31
C ASN A 106 12.41 -4.69 -0.66
N LEU A 107 12.75 -5.98 -0.67
CA LEU A 107 12.05 -6.97 -1.48
C LEU A 107 12.30 -6.71 -2.97
N VAL A 108 11.78 -7.60 -3.82
CA VAL A 108 12.02 -7.53 -5.25
C VAL A 108 10.91 -6.78 -5.97
N VAL A 109 11.13 -5.51 -6.24
CA VAL A 109 10.20 -4.71 -7.02
C VAL A 109 10.48 -4.84 -8.52
N VAL A 110 10.00 -3.88 -9.30
CA VAL A 110 10.21 -3.91 -10.75
C VAL A 110 11.69 -3.79 -11.09
N ASN A 111 12.45 -3.16 -10.20
CA ASN A 111 13.88 -2.97 -10.40
C ASN A 111 14.15 -2.09 -11.62
N GLN A 112 14.13 -2.69 -12.81
CA GLN A 112 14.35 -1.96 -14.06
C GLN A 112 15.77 -1.38 -14.10
N GLN A 113 15.94 -0.22 -13.46
CA GLN A 113 17.24 0.44 -13.44
C GLN A 113 18.30 -0.47 -12.83
N GLU A 114 19.54 -0.34 -13.31
CA GLU A 114 20.64 -1.16 -12.83
C GLU A 114 20.32 -2.65 -13.01
N SER A 115 20.57 -3.16 -14.21
CA SER A 115 20.30 -4.56 -14.51
C SER A 115 21.21 -5.06 -15.62
N SER A 116 22.48 -4.67 -15.57
CA SER A 116 23.45 -5.06 -16.59
C SER A 116 22.99 -4.65 -17.98
N ASP A 117 22.75 -3.35 -18.15
CA ASP A 117 22.32 -2.79 -19.43
C ASP A 117 21.05 -3.48 -19.92
N SER A 118 19.91 -2.96 -19.50
CA SER A 118 18.61 -3.49 -19.91
C SER A 118 18.46 -4.95 -19.48
N SER A 119 17.28 -5.52 -19.76
CA SER A 119 17.01 -6.90 -19.40
C SER A 119 17.43 -7.86 -20.51
N MET A 1 -18.90 16.32 -19.26
CA MET A 1 -18.88 14.91 -19.70
C MET A 1 -17.53 14.55 -20.32
N CYS A 2 -17.18 15.23 -21.41
CA CYS A 2 -15.92 14.98 -22.10
C CYS A 2 -15.29 16.30 -22.57
N ASN A 3 -14.41 16.85 -21.74
CA ASN A 3 -13.74 18.10 -22.07
C ASN A 3 -12.24 17.89 -22.23
N THR A 4 -11.76 17.90 -23.47
CA THR A 4 -10.35 17.71 -23.76
C THR A 4 -9.60 19.03 -23.73
N ASN A 5 -8.43 19.03 -23.11
CA ASN A 5 -7.60 20.23 -23.01
C ASN A 5 -6.53 20.24 -24.09
N MET A 6 -6.88 19.71 -25.26
CA MET A 6 -5.94 19.65 -26.39
C MET A 6 -4.68 18.87 -25.99
N SER A 7 -4.78 17.54 -26.02
CA SER A 7 -3.65 16.68 -25.67
C SER A 7 -3.15 16.98 -24.26
N VAL A 8 -3.73 16.29 -23.28
CA VAL A 8 -3.35 16.49 -21.89
C VAL A 8 -1.85 16.23 -21.68
N PRO A 9 -1.08 17.30 -21.38
CA PRO A 9 0.36 17.18 -21.17
C PRO A 9 0.69 16.36 -19.93
N THR A 10 0.10 16.74 -18.80
CA THR A 10 0.32 16.05 -17.54
C THR A 10 -0.72 16.43 -16.50
N ASP A 11 -1.27 17.64 -16.63
CA ASP A 11 -2.27 18.14 -15.69
C ASP A 11 -3.67 17.92 -16.24
N GLY A 12 -4.57 17.44 -15.39
CA GLY A 12 -5.94 17.20 -15.81
C GLY A 12 -6.95 17.84 -14.88
N ALA A 13 -7.36 17.11 -13.84
CA ALA A 13 -8.32 17.63 -12.88
C ALA A 13 -7.87 17.34 -11.45
N VAL A 14 -8.73 17.68 -10.49
CA VAL A 14 -8.42 17.48 -9.08
C VAL A 14 -8.95 16.12 -8.60
N THR A 15 -9.49 16.08 -7.39
CA THR A 15 -9.98 14.84 -6.78
C THR A 15 -9.09 13.65 -7.14
N THR A 16 -7.83 13.70 -6.73
CA THR A 16 -6.89 12.61 -6.95
C THR A 16 -6.77 11.72 -5.72
N SER A 17 -7.89 11.09 -5.35
CA SER A 17 -7.94 10.22 -4.17
C SER A 17 -7.34 10.91 -2.95
N GLN A 18 -6.03 10.75 -2.75
CA GLN A 18 -5.34 11.39 -1.64
C GLN A 18 -3.88 11.50 -1.96
N ILE A 19 -3.25 10.35 -2.10
CA ILE A 19 -1.85 10.21 -1.77
C ILE A 19 -1.02 9.90 -3.01
N PRO A 20 0.12 10.58 -3.17
CA PRO A 20 0.92 10.55 -4.38
C PRO A 20 2.06 9.55 -4.32
N ALA A 21 1.71 8.28 -4.08
CA ALA A 21 2.70 7.21 -3.99
C ALA A 21 2.04 5.85 -4.06
N SER A 22 0.83 5.83 -4.60
CA SER A 22 0.07 4.59 -4.75
C SER A 22 -0.85 4.67 -5.97
N GLU A 23 -1.27 5.88 -6.31
CA GLU A 23 -2.11 6.10 -7.48
C GLU A 23 -1.41 5.63 -8.75
N GLN A 24 -0.37 6.35 -9.14
CA GLN A 24 0.37 6.03 -10.37
C GLN A 24 1.87 6.21 -10.16
N GLU A 25 2.64 5.23 -10.62
CA GLU A 25 4.09 5.26 -10.45
C GLU A 25 4.75 4.03 -11.06
N THR A 26 4.20 2.86 -10.77
CA THR A 26 4.90 1.61 -10.96
C THR A 26 3.93 0.52 -11.42
N LEU A 27 4.47 -0.62 -11.82
CA LEU A 27 3.78 -1.87 -11.63
C LEU A 27 4.72 -2.86 -10.98
N VAL A 28 4.28 -3.40 -9.86
CA VAL A 28 5.19 -3.92 -8.86
C VAL A 28 5.19 -5.43 -8.85
N ARG A 29 6.35 -5.99 -8.57
CA ARG A 29 6.53 -7.42 -8.68
C ARG A 29 7.30 -7.96 -7.49
N PRO A 30 6.61 -8.20 -6.36
CA PRO A 30 7.24 -8.48 -5.08
C PRO A 30 7.36 -9.98 -4.80
N LYS A 31 7.93 -10.31 -3.65
CA LYS A 31 7.96 -11.69 -3.17
C LYS A 31 6.77 -11.97 -2.26
N PRO A 32 6.44 -13.27 -2.04
CA PRO A 32 5.32 -13.65 -1.17
C PRO A 32 5.33 -12.92 0.16
N LEU A 33 4.54 -11.86 0.26
CA LEU A 33 4.54 -11.00 1.43
C LEU A 33 3.42 -9.98 1.36
N LEU A 34 2.89 -9.77 0.16
CA LEU A 34 1.78 -8.86 -0.05
C LEU A 34 0.69 -9.57 -0.83
N LEU A 35 0.98 -10.79 -1.25
CA LEU A 35 0.10 -11.53 -2.14
C LEU A 35 -0.72 -12.54 -1.35
N LYS A 36 -0.08 -13.18 -0.38
CA LYS A 36 -0.81 -13.89 0.65
C LYS A 36 -1.72 -12.93 1.42
N LEU A 37 -1.58 -11.65 1.12
CA LEU A 37 -2.31 -10.60 1.80
C LEU A 37 -3.41 -10.05 0.90
N LEU A 38 -3.27 -10.28 -0.40
CA LEU A 38 -4.20 -9.72 -1.39
C LEU A 38 -4.95 -10.83 -2.12
N LYS A 39 -4.22 -11.84 -2.57
CA LYS A 39 -4.84 -13.03 -3.13
C LYS A 39 -5.84 -13.63 -2.16
N SER A 40 -5.72 -13.25 -0.88
CA SER A 40 -6.69 -13.63 0.13
C SER A 40 -8.01 -12.87 -0.06
N VAL A 41 -7.92 -11.54 -0.14
CA VAL A 41 -9.11 -10.72 -0.36
C VAL A 41 -9.89 -11.20 -1.57
N GLY A 42 -9.16 -11.59 -2.61
CA GLY A 42 -9.77 -11.97 -3.86
C GLY A 42 -8.98 -11.46 -5.05
N ALA A 43 -7.73 -11.07 -4.80
CA ALA A 43 -6.85 -10.60 -5.86
C ALA A 43 -6.62 -11.69 -6.92
N GLN A 44 -5.59 -11.48 -7.75
CA GLN A 44 -5.35 -12.32 -8.90
C GLN A 44 -4.08 -11.88 -9.61
N LYS A 45 -2.94 -12.30 -9.07
CA LYS A 45 -1.65 -11.66 -9.32
C LYS A 45 -1.51 -11.15 -10.75
N ASP A 46 -0.80 -11.90 -11.58
CA ASP A 46 -0.11 -11.32 -12.72
C ASP A 46 0.72 -10.12 -12.26
N THR A 47 1.48 -10.33 -11.19
CA THR A 47 2.07 -9.24 -10.41
C THR A 47 0.99 -8.33 -9.86
N TYR A 48 1.41 -7.19 -9.34
CA TYR A 48 0.50 -6.28 -8.67
C TYR A 48 0.96 -4.84 -8.82
N THR A 49 0.03 -3.94 -9.01
CA THR A 49 0.38 -2.55 -9.19
C THR A 49 0.32 -1.80 -7.88
N MET A 50 0.49 -0.48 -7.95
CA MET A 50 0.39 0.36 -6.78
C MET A 50 -1.06 0.75 -6.51
N LYS A 51 -1.88 0.72 -7.55
CA LYS A 51 -3.30 0.99 -7.42
C LYS A 51 -4.06 -0.27 -7.06
N GLU A 52 -3.61 -1.39 -7.61
CA GLU A 52 -4.11 -2.69 -7.22
C GLU A 52 -3.94 -2.90 -5.72
N VAL A 53 -2.70 -2.75 -5.24
CA VAL A 53 -2.42 -2.85 -3.83
C VAL A 53 -3.02 -1.69 -3.05
N LEU A 54 -3.25 -0.57 -3.73
CA LEU A 54 -3.87 0.59 -3.10
C LEU A 54 -5.17 0.19 -2.41
N PHE A 55 -6.20 -0.12 -3.19
CA PHE A 55 -7.50 -0.43 -2.63
C PHE A 55 -7.49 -1.79 -1.93
N TYR A 56 -6.74 -2.73 -2.49
CA TYR A 56 -6.70 -4.09 -1.95
C TYR A 56 -6.11 -4.11 -0.55
N LEU A 57 -4.95 -3.50 -0.38
CA LEU A 57 -4.37 -3.35 0.94
C LEU A 57 -5.39 -2.73 1.88
N GLY A 58 -6.01 -1.64 1.44
CA GLY A 58 -7.13 -1.07 2.17
C GLY A 58 -8.17 -2.11 2.55
N GLN A 59 -8.44 -3.04 1.62
CA GLN A 59 -9.40 -4.10 1.87
C GLN A 59 -8.95 -4.98 3.05
N TYR A 60 -7.79 -5.61 2.89
CA TYR A 60 -7.33 -6.57 3.88
C TYR A 60 -7.23 -5.95 5.27
N ILE A 61 -6.86 -4.67 5.33
CA ILE A 61 -6.87 -3.93 6.60
C ILE A 61 -8.25 -3.93 7.20
N MET A 62 -9.26 -3.72 6.35
CA MET A 62 -10.64 -3.69 6.79
C MET A 62 -11.32 -5.04 6.60
N THR A 63 -10.51 -6.07 6.34
CA THR A 63 -11.03 -7.43 6.19
C THR A 63 -10.31 -8.38 7.14
N LYS A 64 -10.87 -9.58 7.32
CA LYS A 64 -10.25 -10.61 8.16
C LYS A 64 -10.30 -10.20 9.63
N ARG A 65 -11.26 -9.35 9.97
CA ARG A 65 -11.43 -8.90 11.35
C ARG A 65 -10.17 -8.22 11.87
N LEU A 66 -9.84 -7.07 11.28
CA LEU A 66 -8.64 -6.34 11.64
C LEU A 66 -8.99 -4.92 12.11
N TYR A 67 -8.09 -3.98 11.85
CA TYR A 67 -8.30 -2.56 12.18
C TYR A 67 -8.82 -2.37 13.61
N ASP A 68 -9.07 -1.12 13.98
CA ASP A 68 -9.55 -0.80 15.32
C ASP A 68 -10.98 -1.33 15.52
N GLU A 69 -11.96 -0.44 15.41
CA GLU A 69 -13.36 -0.83 15.52
C GLU A 69 -14.28 0.39 15.48
N LYS A 70 -13.79 1.50 16.03
CA LYS A 70 -14.57 2.74 16.05
C LYS A 70 -14.30 3.55 14.79
N GLN A 71 -13.03 3.71 14.46
CA GLN A 71 -12.62 4.15 13.14
C GLN A 71 -11.57 3.19 12.58
N GLN A 72 -11.79 2.71 11.37
CA GLN A 72 -10.97 1.66 10.79
C GLN A 72 -9.66 2.23 10.26
N HIS A 73 -8.86 2.80 11.15
CA HIS A 73 -7.60 3.43 10.76
C HIS A 73 -6.47 3.07 11.72
N ILE A 74 -6.84 2.58 12.91
CA ILE A 74 -5.84 2.02 13.83
C ILE A 74 -5.89 0.50 13.81
N VAL A 75 -4.95 -0.09 13.09
CA VAL A 75 -5.08 -1.49 12.71
C VAL A 75 -4.31 -2.40 13.65
N TYR A 76 -4.99 -2.94 14.64
CA TYR A 76 -4.41 -3.93 15.53
C TYR A 76 -4.22 -5.26 14.80
N CYS A 77 -3.06 -5.40 14.16
CA CYS A 77 -2.84 -6.52 13.24
C CYS A 77 -2.01 -7.61 13.90
N SER A 78 -2.41 -8.02 15.10
CA SER A 78 -1.77 -9.13 15.79
C SER A 78 -2.00 -10.43 15.05
N ASN A 79 -0.91 -11.12 14.72
CA ASN A 79 -0.99 -12.33 13.90
C ASN A 79 -1.70 -12.05 12.58
N ASP A 80 -1.07 -11.22 11.75
CA ASP A 80 -1.68 -10.77 10.51
C ASP A 80 -0.70 -10.85 9.35
N LEU A 81 -1.22 -10.94 8.14
CA LEU A 81 -0.37 -10.90 6.95
C LEU A 81 0.34 -9.55 6.85
N LEU A 82 -0.41 -8.48 7.14
CA LEU A 82 0.19 -7.16 7.29
C LEU A 82 1.28 -7.20 8.35
N GLY A 83 1.19 -8.19 9.24
CA GLY A 83 2.25 -8.42 10.21
C GLY A 83 3.52 -8.90 9.55
N ASP A 84 3.39 -9.79 8.56
CA ASP A 84 4.53 -10.20 7.76
C ASP A 84 5.25 -9.00 7.18
N LEU A 85 4.51 -7.91 6.99
CA LEU A 85 5.11 -6.64 6.60
C LEU A 85 5.89 -6.03 7.75
N PHE A 86 5.18 -5.33 8.63
CA PHE A 86 5.81 -4.50 9.64
C PHE A 86 5.95 -5.23 10.96
N GLY A 87 4.88 -5.90 11.36
CA GLY A 87 4.88 -6.60 12.65
C GLY A 87 4.35 -5.73 13.77
N VAL A 88 3.87 -4.54 13.41
CA VAL A 88 3.34 -3.60 14.40
C VAL A 88 2.21 -4.23 15.21
N PRO A 89 1.93 -3.67 16.40
CA PRO A 89 0.67 -3.92 17.09
C PRO A 89 -0.49 -3.19 16.41
N SER A 90 -0.23 -1.96 15.97
CA SER A 90 -1.23 -1.18 15.25
C SER A 90 -0.55 -0.25 14.23
N PHE A 91 -1.16 -0.10 13.06
CA PHE A 91 -0.64 0.83 12.06
C PHE A 91 -1.74 1.74 11.52
N SER A 92 -1.33 2.85 10.91
CA SER A 92 -2.27 3.88 10.47
C SER A 92 -2.48 3.80 8.96
N VAL A 93 -3.63 3.25 8.57
CA VAL A 93 -4.03 3.25 7.17
C VAL A 93 -4.63 4.60 6.78
N LYS A 94 -4.69 5.52 7.74
CA LYS A 94 -5.27 6.83 7.50
C LYS A 94 -4.24 7.77 6.87
N GLU A 95 -2.97 7.55 7.19
CA GLU A 95 -1.90 8.40 6.68
C GLU A 95 -1.59 8.07 5.22
N HIS A 96 -1.55 6.77 4.91
CA HIS A 96 -1.36 6.30 3.53
C HIS A 96 0.06 6.56 3.04
N ARG A 97 0.41 7.83 2.87
CA ARG A 97 1.74 8.20 2.37
C ARG A 97 2.83 7.44 3.11
N LYS A 98 2.80 7.49 4.43
CA LYS A 98 3.83 6.87 5.25
C LYS A 98 3.64 5.36 5.32
N ILE A 99 2.38 4.93 5.41
CA ILE A 99 2.07 3.52 5.61
C ILE A 99 2.50 2.69 4.39
N TYR A 100 2.37 3.26 3.20
CA TYR A 100 2.72 2.57 1.98
C TYR A 100 4.20 2.70 1.66
N THR A 101 4.78 3.85 1.96
CA THR A 101 6.19 4.10 1.68
C THR A 101 7.09 3.20 2.51
N MET A 102 6.59 2.74 3.65
CA MET A 102 7.32 1.81 4.49
C MET A 102 6.94 0.36 4.18
N ILE A 103 5.76 0.16 3.58
CA ILE A 103 5.45 -1.12 2.96
C ILE A 103 6.54 -1.53 1.98
N TYR A 104 6.99 -0.58 1.16
CA TYR A 104 8.04 -0.85 0.18
C TYR A 104 9.40 -0.39 0.69
N ARG A 105 10.35 -1.32 0.78
CA ARG A 105 11.69 -1.00 1.23
C ARG A 105 12.74 -1.75 0.41
N ASN A 106 12.33 -2.89 -0.14
CA ASN A 106 13.24 -3.70 -0.95
C ASN A 106 13.15 -3.30 -2.42
N LEU A 107 14.09 -3.79 -3.23
CA LEU A 107 14.14 -3.45 -4.65
C LEU A 107 13.11 -4.25 -5.43
N VAL A 108 11.87 -3.79 -5.42
CA VAL A 108 10.80 -4.44 -6.16
C VAL A 108 9.91 -3.41 -6.86
N VAL A 109 10.49 -2.25 -7.15
CA VAL A 109 9.75 -1.16 -7.77
C VAL A 109 10.53 -0.59 -8.97
N VAL A 110 9.80 -0.03 -9.93
CA VAL A 110 10.41 0.51 -11.14
C VAL A 110 11.48 1.54 -10.79
N ASN A 111 12.60 1.50 -11.51
CA ASN A 111 13.71 2.41 -11.25
C ASN A 111 13.61 3.65 -12.14
N GLN A 112 14.20 4.74 -11.67
CA GLN A 112 14.18 6.00 -12.41
C GLN A 112 15.17 5.96 -13.57
N GLN A 113 14.72 6.38 -14.75
CA GLN A 113 15.56 6.38 -15.95
C GLN A 113 16.02 4.96 -16.28
N GLU A 114 16.81 4.84 -17.35
CA GLU A 114 17.28 3.54 -17.80
C GLU A 114 18.63 3.20 -17.17
N SER A 115 18.81 3.62 -15.92
CA SER A 115 20.04 3.34 -15.19
C SER A 115 19.91 2.05 -14.38
N SER A 116 20.58 1.00 -14.84
CA SER A 116 20.53 -0.29 -14.16
C SER A 116 21.58 -0.39 -13.06
N ASP A 117 22.85 -0.46 -13.47
CA ASP A 117 23.96 -0.54 -12.52
C ASP A 117 23.76 -1.71 -11.55
N SER A 118 23.43 -2.87 -12.10
CA SER A 118 23.20 -4.07 -11.29
C SER A 118 24.51 -4.83 -11.07
N SER A 119 25.51 -4.52 -11.89
CA SER A 119 26.81 -5.18 -11.80
C SER A 119 27.94 -4.20 -12.10
N MET A 1 -17.88 7.34 20.62
CA MET A 1 -18.06 6.02 19.96
C MET A 1 -18.70 5.02 20.92
N CYS A 2 -18.45 5.19 22.21
CA CYS A 2 -19.00 4.31 23.23
C CYS A 2 -20.47 4.62 23.48
N ASN A 3 -20.77 5.91 23.72
CA ASN A 3 -22.14 6.34 23.97
C ASN A 3 -22.86 6.66 22.67
N THR A 4 -23.96 5.95 22.41
CA THR A 4 -24.74 6.14 21.20
C THR A 4 -23.88 6.11 19.95
N ASN A 5 -24.46 6.51 18.82
CA ASN A 5 -23.73 6.52 17.55
C ASN A 5 -23.58 7.94 17.03
N MET A 6 -24.50 8.81 17.42
CA MET A 6 -24.47 10.22 17.01
C MET A 6 -24.61 10.36 15.50
N SER A 7 -23.50 10.20 14.78
CA SER A 7 -23.50 10.31 13.32
C SER A 7 -24.06 11.67 12.88
N VAL A 8 -23.67 12.72 13.59
CA VAL A 8 -24.11 14.06 13.27
C VAL A 8 -23.20 14.71 12.24
N PRO A 9 -23.76 15.18 11.11
CA PRO A 9 -22.98 15.81 10.04
C PRO A 9 -22.15 16.98 10.54
N THR A 10 -20.86 16.73 10.76
CA THR A 10 -19.95 17.76 11.23
C THR A 10 -18.67 17.79 10.41
N ASP A 11 -18.33 18.96 9.87
CA ASP A 11 -17.14 19.11 9.05
C ASP A 11 -15.93 19.45 9.91
N GLY A 12 -14.75 19.06 9.45
CA GLY A 12 -13.53 19.32 10.18
C GLY A 12 -12.36 18.49 9.70
N ALA A 13 -11.77 18.89 8.57
CA ALA A 13 -10.64 18.18 8.00
C ALA A 13 -9.32 18.85 8.35
N VAL A 14 -8.31 18.05 8.66
CA VAL A 14 -6.99 18.56 9.02
C VAL A 14 -5.95 18.17 7.98
N THR A 15 -6.05 16.94 7.49
CA THR A 15 -5.11 16.44 6.49
C THR A 15 -5.79 15.48 5.53
N THR A 16 -6.27 14.36 6.07
CA THR A 16 -6.94 13.34 5.28
C THR A 16 -6.06 12.85 4.13
N SER A 17 -5.36 11.74 4.37
CA SER A 17 -4.47 11.16 3.37
C SER A 17 -3.50 12.19 2.81
N GLN A 18 -2.78 11.81 1.76
CA GLN A 18 -1.79 12.69 1.15
C GLN A 18 -1.66 12.37 -0.33
N ILE A 19 -1.63 11.09 -0.64
CA ILE A 19 -1.01 10.62 -1.86
C ILE A 19 -1.89 10.91 -3.08
N PRO A 20 -1.36 11.66 -4.07
CA PRO A 20 -2.12 12.06 -5.24
C PRO A 20 -2.12 11.01 -6.34
N ALA A 21 -1.52 9.86 -6.03
CA ALA A 21 -1.41 8.76 -6.99
C ALA A 21 -0.75 9.22 -8.29
N SER A 22 -0.59 8.28 -9.22
CA SER A 22 -0.09 8.59 -10.56
C SER A 22 1.24 9.34 -10.48
N GLU A 23 1.94 9.19 -9.37
CA GLU A 23 3.24 9.83 -9.17
C GLU A 23 4.28 8.82 -8.74
N GLN A 24 4.10 8.29 -7.52
CA GLN A 24 4.98 7.25 -7.00
C GLN A 24 4.26 5.91 -6.94
N GLU A 25 3.55 5.58 -8.01
CA GLU A 25 2.76 4.35 -8.06
C GLU A 25 3.64 3.14 -7.86
N THR A 26 4.53 2.89 -8.82
CA THR A 26 5.45 1.76 -8.76
C THR A 26 4.74 0.46 -9.09
N LEU A 27 5.12 -0.15 -10.20
CA LEU A 27 4.53 -1.41 -10.58
C LEU A 27 5.06 -2.50 -9.67
N VAL A 28 4.49 -2.54 -8.48
CA VAL A 28 5.10 -3.24 -7.37
C VAL A 28 5.10 -4.74 -7.61
N ARG A 29 6.21 -5.36 -7.29
CA ARG A 29 6.37 -6.77 -7.61
C ARG A 29 6.96 -7.54 -6.42
N PRO A 30 6.14 -7.81 -5.39
CA PRO A 30 6.50 -8.68 -4.30
C PRO A 30 6.05 -10.12 -4.54
N LYS A 31 6.12 -10.95 -3.51
CA LYS A 31 5.64 -12.32 -3.62
C LYS A 31 4.92 -12.76 -2.34
N PRO A 32 5.59 -12.71 -1.17
CA PRO A 32 5.04 -13.22 0.08
C PRO A 32 4.34 -12.14 0.92
N LEU A 33 4.81 -10.90 0.78
CA LEU A 33 4.53 -9.87 1.78
C LEU A 33 3.62 -8.77 1.23
N LEU A 34 2.57 -9.17 0.50
CA LEU A 34 1.53 -8.25 0.09
C LEU A 34 0.47 -9.00 -0.71
N LEU A 35 0.68 -10.29 -0.86
CA LEU A 35 -0.03 -11.07 -1.85
C LEU A 35 -0.57 -12.36 -1.24
N LYS A 36 -0.08 -12.68 -0.04
CA LYS A 36 -0.79 -13.59 0.85
C LYS A 36 -1.97 -12.87 1.48
N LEU A 37 -2.06 -11.58 1.23
CA LEU A 37 -3.27 -10.82 1.53
C LEU A 37 -4.15 -10.72 0.31
N LEU A 38 -3.64 -9.99 -0.68
CA LEU A 38 -4.45 -9.54 -1.80
C LEU A 38 -5.05 -10.71 -2.56
N LYS A 39 -4.19 -11.62 -3.02
CA LYS A 39 -4.67 -12.83 -3.68
C LYS A 39 -5.73 -13.53 -2.84
N SER A 40 -5.69 -13.29 -1.53
CA SER A 40 -6.64 -13.91 -0.61
C SER A 40 -7.93 -13.12 -0.51
N VAL A 41 -7.83 -11.79 -0.56
CA VAL A 41 -8.99 -10.93 -0.38
C VAL A 41 -9.73 -10.72 -1.71
N GLY A 42 -9.07 -11.02 -2.82
CA GLY A 42 -9.74 -10.98 -4.11
C GLY A 42 -8.78 -11.00 -5.29
N ALA A 43 -7.55 -10.59 -5.04
CA ALA A 43 -6.57 -10.41 -6.11
C ALA A 43 -6.10 -11.75 -6.66
N GLN A 44 -5.20 -11.71 -7.64
CA GLN A 44 -4.72 -12.92 -8.29
C GLN A 44 -3.47 -12.64 -9.14
N LYS A 45 -3.33 -11.39 -9.59
CA LYS A 45 -2.23 -11.01 -10.48
C LYS A 45 -0.89 -11.27 -9.83
N ASP A 46 0.07 -11.75 -10.61
CA ASP A 46 1.42 -12.04 -10.11
C ASP A 46 2.12 -10.76 -9.67
N THR A 47 1.60 -9.62 -10.13
CA THR A 47 2.12 -8.33 -9.71
C THR A 47 1.01 -7.38 -9.33
N TYR A 48 1.39 -6.21 -8.85
CA TYR A 48 0.43 -5.23 -8.36
C TYR A 48 0.95 -3.82 -8.55
N THR A 49 0.14 -2.87 -8.13
CA THR A 49 0.58 -1.48 -8.05
C THR A 49 0.07 -0.83 -6.77
N MET A 50 0.64 0.32 -6.43
CA MET A 50 0.32 0.98 -5.16
C MET A 50 -1.13 1.44 -5.13
N LYS A 51 -1.78 1.46 -6.29
CA LYS A 51 -3.19 1.84 -6.37
C LYS A 51 -4.08 0.61 -6.21
N GLU A 52 -3.67 -0.48 -6.87
CA GLU A 52 -4.28 -1.77 -6.63
C GLU A 52 -4.20 -2.15 -5.16
N VAL A 53 -2.97 -2.24 -4.66
CA VAL A 53 -2.74 -2.52 -3.25
C VAL A 53 -3.47 -1.51 -2.36
N LEU A 54 -3.58 -0.28 -2.83
CA LEU A 54 -4.30 0.76 -2.10
C LEU A 54 -5.66 0.23 -1.65
N PHE A 55 -6.58 0.07 -2.60
CA PHE A 55 -7.93 -0.36 -2.27
C PHE A 55 -7.94 -1.80 -1.78
N TYR A 56 -7.03 -2.61 -2.32
CA TYR A 56 -7.05 -4.04 -2.07
C TYR A 56 -6.64 -4.36 -0.63
N LEU A 57 -5.41 -4.02 -0.27
CA LEU A 57 -4.95 -4.20 1.10
C LEU A 57 -5.86 -3.47 2.07
N GLY A 58 -6.50 -2.42 1.59
CA GLY A 58 -7.59 -1.80 2.33
C GLY A 58 -8.71 -2.78 2.62
N GLN A 59 -9.15 -3.51 1.60
CA GLN A 59 -10.16 -4.55 1.77
C GLN A 59 -9.71 -5.55 2.83
N TYR A 60 -8.47 -6.01 2.71
CA TYR A 60 -7.94 -7.05 3.58
C TYR A 60 -8.10 -6.67 5.05
N ILE A 61 -7.63 -5.49 5.42
CA ILE A 61 -7.69 -5.06 6.82
C ILE A 61 -9.12 -4.86 7.28
N MET A 62 -9.91 -4.15 6.48
CA MET A 62 -11.33 -3.97 6.78
C MET A 62 -12.01 -5.32 6.99
N THR A 63 -11.42 -6.36 6.43
CA THR A 63 -11.92 -7.72 6.62
C THR A 63 -11.00 -8.53 7.53
N LYS A 64 -11.38 -9.79 7.77
CA LYS A 64 -10.57 -10.68 8.59
C LYS A 64 -10.36 -10.13 9.99
N ARG A 65 -11.16 -9.12 10.34
CA ARG A 65 -11.12 -8.52 11.68
C ARG A 65 -9.73 -7.99 12.01
N LEU A 66 -8.94 -7.72 10.96
CA LEU A 66 -7.67 -7.03 11.14
C LEU A 66 -7.81 -5.53 10.91
N TYR A 67 -8.48 -4.86 11.85
CA TYR A 67 -8.74 -3.43 11.73
C TYR A 67 -9.48 -2.91 12.96
N ASP A 68 -9.13 -1.70 13.38
CA ASP A 68 -9.77 -1.08 14.54
C ASP A 68 -11.26 -0.89 14.29
N GLU A 69 -12.08 -1.29 15.26
CA GLU A 69 -13.52 -1.18 15.14
C GLU A 69 -14.00 0.24 15.47
N LYS A 70 -13.17 1.24 15.15
CA LYS A 70 -13.52 2.62 15.42
C LYS A 70 -13.64 3.42 14.13
N GLN A 71 -12.52 3.58 13.42
CA GLN A 71 -12.50 4.36 12.18
C GLN A 71 -11.78 3.62 11.07
N GLN A 72 -11.54 2.33 11.29
CA GLN A 72 -10.99 1.46 10.26
C GLN A 72 -9.74 2.06 9.62
N HIS A 73 -9.06 2.94 10.35
CA HIS A 73 -7.86 3.60 9.82
C HIS A 73 -6.61 3.13 10.57
N ILE A 74 -6.80 2.64 11.79
CA ILE A 74 -5.72 1.97 12.50
C ILE A 74 -5.94 0.45 12.48
N VAL A 75 -4.85 -0.30 12.43
CA VAL A 75 -4.94 -1.74 12.20
C VAL A 75 -4.16 -2.52 13.25
N TYR A 76 -4.84 -2.84 14.35
CA TYR A 76 -4.28 -3.75 15.34
C TYR A 76 -4.15 -5.16 14.77
N CYS A 77 -2.93 -5.67 14.73
CA CYS A 77 -2.64 -6.93 14.07
C CYS A 77 -1.51 -7.68 14.77
N SER A 78 -1.85 -8.35 15.86
CA SER A 78 -0.90 -9.23 16.56
C SER A 78 -0.89 -10.61 15.91
N ASN A 79 0.27 -11.02 15.40
CA ASN A 79 0.39 -12.28 14.67
C ASN A 79 -0.53 -12.29 13.46
N ASP A 80 -0.23 -11.46 12.47
CA ASP A 80 -1.07 -11.33 11.29
C ASP A 80 -0.24 -11.41 10.01
N LEU A 81 -0.92 -11.58 8.88
CA LEU A 81 -0.25 -11.52 7.59
C LEU A 81 0.40 -10.16 7.37
N LEU A 82 -0.21 -9.12 7.95
CA LEU A 82 0.41 -7.81 8.01
C LEU A 82 1.69 -7.88 8.84
N GLY A 83 1.67 -8.72 9.87
CA GLY A 83 2.88 -8.96 10.65
C GLY A 83 4.03 -9.41 9.77
N ASP A 84 3.73 -10.23 8.77
CA ASP A 84 4.71 -10.58 7.76
C ASP A 84 5.20 -9.34 7.01
N LEU A 85 4.28 -8.40 6.80
CA LEU A 85 4.60 -7.16 6.10
C LEU A 85 5.53 -6.28 6.95
N PHE A 86 4.93 -5.61 7.94
CA PHE A 86 5.67 -4.67 8.78
C PHE A 86 5.98 -5.29 10.14
N GLY A 87 4.97 -5.90 10.75
CA GLY A 87 5.12 -6.43 12.08
C GLY A 87 4.56 -5.51 13.15
N VAL A 88 3.80 -4.51 12.71
CA VAL A 88 3.27 -3.50 13.62
C VAL A 88 2.18 -4.09 14.52
N PRO A 89 2.03 -3.54 15.73
CA PRO A 89 0.83 -3.77 16.56
C PRO A 89 -0.37 -2.99 16.03
N SER A 90 -0.09 -1.99 15.19
CA SER A 90 -1.12 -1.20 14.53
C SER A 90 -0.52 -0.36 13.41
N PHE A 91 -1.24 -0.24 12.29
CA PHE A 91 -0.78 0.68 11.24
C PHE A 91 -1.92 1.56 10.74
N SER A 92 -1.56 2.78 10.36
CA SER A 92 -2.54 3.79 9.96
C SER A 92 -2.59 3.94 8.45
N VAL A 93 -3.71 3.52 7.86
CA VAL A 93 -3.92 3.66 6.42
C VAL A 93 -4.10 5.12 6.02
N LYS A 94 -4.52 5.94 6.98
CA LYS A 94 -4.73 7.36 6.71
C LYS A 94 -3.52 8.00 6.05
N GLU A 95 -2.37 7.90 6.71
CA GLU A 95 -1.12 8.40 6.14
C GLU A 95 -0.58 7.42 5.10
N HIS A 96 -1.19 7.44 3.92
CA HIS A 96 -0.82 6.50 2.85
C HIS A 96 0.61 6.72 2.42
N ARG A 97 1.07 7.97 2.47
CA ARG A 97 2.40 8.32 1.99
C ARG A 97 3.46 7.43 2.63
N LYS A 98 3.57 7.50 3.95
CA LYS A 98 4.57 6.72 4.67
C LYS A 98 4.17 5.25 4.73
N ILE A 99 2.91 5.00 5.05
CA ILE A 99 2.43 3.63 5.23
C ILE A 99 2.73 2.77 4.00
N TYR A 100 2.75 3.40 2.83
CA TYR A 100 3.09 2.70 1.60
C TYR A 100 4.60 2.63 1.41
N THR A 101 5.30 3.70 1.80
CA THR A 101 6.75 3.72 1.72
C THR A 101 7.38 2.82 2.78
N MET A 102 6.53 2.29 3.66
CA MET A 102 6.93 1.17 4.50
C MET A 102 6.65 -0.14 3.78
N ILE A 103 5.56 -0.15 3.01
CA ILE A 103 5.27 -1.29 2.15
C ILE A 103 6.44 -1.58 1.22
N TYR A 104 7.07 -0.52 0.70
CA TYR A 104 8.12 -0.67 -0.29
C TYR A 104 9.40 0.03 0.15
N ARG A 105 10.54 -0.54 -0.22
CA ARG A 105 11.84 0.02 0.16
C ARG A 105 12.73 0.19 -1.07
N ASN A 106 13.06 -0.93 -1.71
CA ASN A 106 13.91 -0.90 -2.90
C ASN A 106 13.92 -2.26 -3.59
N LEU A 107 13.69 -3.31 -2.82
CA LEU A 107 13.74 -4.67 -3.34
C LEU A 107 12.35 -5.13 -3.80
N VAL A 108 11.41 -4.18 -3.84
CA VAL A 108 10.04 -4.49 -4.26
C VAL A 108 9.47 -3.35 -5.10
N VAL A 109 10.32 -2.73 -5.90
CA VAL A 109 9.89 -1.61 -6.74
C VAL A 109 10.11 -1.92 -8.22
N VAL A 110 9.86 -0.92 -9.07
CA VAL A 110 10.02 -1.07 -10.51
C VAL A 110 11.49 -1.27 -10.88
N ASN A 111 11.73 -1.93 -12.01
CA ASN A 111 13.08 -2.18 -12.48
C ASN A 111 13.83 -0.87 -12.70
N GLN A 112 15.13 -0.89 -12.44
CA GLN A 112 15.97 0.29 -12.61
C GLN A 112 17.38 -0.10 -13.04
N GLN A 113 17.86 0.50 -14.12
CA GLN A 113 19.19 0.23 -14.64
C GLN A 113 20.21 1.20 -14.07
N GLU A 114 21.33 0.67 -13.59
CA GLU A 114 22.40 1.49 -13.02
C GLU A 114 23.76 0.83 -13.21
N SER A 115 24.66 1.53 -13.90
CA SER A 115 26.00 1.01 -14.14
C SER A 115 25.97 -0.34 -14.84
N SER A 116 25.84 -0.32 -16.16
CA SER A 116 25.79 -1.55 -16.94
C SER A 116 27.00 -1.67 -17.84
N ASP A 117 27.83 -2.68 -17.59
CA ASP A 117 29.04 -2.90 -18.37
C ASP A 117 29.37 -4.39 -18.46
N SER A 118 28.85 -5.16 -17.51
CA SER A 118 29.08 -6.60 -17.48
C SER A 118 28.25 -7.31 -18.54
N SER A 119 28.62 -8.55 -18.85
CA SER A 119 27.91 -9.35 -19.84
C SER A 119 27.88 -8.63 -21.19
#